data_6FML
#
_entry.id   6FML
#
_cell.length_a   1.00
_cell.length_b   1.00
_cell.length_c   1.00
_cell.angle_alpha   90.00
_cell.angle_beta   90.00
_cell.angle_gamma   90.00
#
_symmetry.space_group_name_H-M   'P 1'
#
loop_
_entity.id
_entity.type
_entity.pdbx_description
1 polymer 'RuvB-like helicase'
2 polymer 'RuvB-like helicase'
3 polymer Ino80
4 polymer les2
5 polymer Ies6
6 polymer 'Actin related protein 5'
7 polymer 'Nucleosomal DNA Strand 1'
8 polymer 'Nucleosomal DNA Strand 2'
9 polymer 'Histone H3.2'
10 polymer 'Histone H4'
11 polymer 'Histone H2A type 1'
12 polymer 'Histone H2B type 1-C/E/F/G/I'
13 non-polymer "ADENOSINE-5'-DIPHOSPHATE"
14 non-polymer "ADENOSINE-5'-TRIPHOSPHATE"
#
loop_
_entity_poly.entity_id
_entity_poly.type
_entity_poly.pdbx_seq_one_letter_code
_entity_poly.pdbx_strand_id
1 'polypeptide(L)'
;MVQISEVRGNTRDHRTAAHTHIKGLGLNSSGIAEKQAAGFVGQCAAREACGVVVDLIKAHKMAGRGVLLAGGPGTGKTAL
ALAISQELGTKIPFCPITGSEIYSTEVKKTEVLMENFRRAIGLRVRETKDVYEGEVTEMTPEEAENPLGGYGKTISTLLI
GLKSARGQKKLRLDPSIYEAIQKERVQVGDVIYIETNTGACKRVGRSDAYATEFDLEAEEYVPIPKGEVHKKKEIVQDVT
LHDLDVANARPQGGQDIISMMGQLMKPKMTEITDKLRMEINKVVQKYINQGVAELIPGVLFIDEAHMLDIECFTYLNKAL
ESPIAPIVVLASNRGIATIRGADDLKAAHGIPPDFLQRLLIIPTHPYEPDEIRRIVRIRAQTEGVQLTDAAVDRVAEHGV
RISLRYCLQLLAPASILARVNGRTQVDVQDIAEAEELFLDARRSANILTSTGESGGLHGFIS
;
A,B,C
2 'polypeptide(L)'
;MAAPLVTSVTETKELRGLNLIAAHSHIRGLGVDADTLEPRPSSQGLVGQEKARKAAAVVLEMIKQGKIAGRAVLIAGPPS
TGKTAIAMGMAQSLGQDVPFTTLAASEIFSLEMSKTEALTQAFRKSIGVRIKEESEIMEGEVVEIQIDRSVTGGAKQGKL
TIKTTDMEAIYDMGSKMIDAMTKERVMAGDIISIDKSSGKITKLGRSYARSRDYDAMGVDTKFLQCPEGELQKRKEVVHT
VSLHEIDVINSRTQGFLALFSGDTGEIRSEIRDQINTKVAEWKEEGKAEIVPGVLFIDEVHMLDIECFSYINRALESDLA
PIVIMASNRGVSRIRGTDYKSPHGLPLDFLDRVVIINTHPYTPDELRQILSIRAQEEEVDLTPDALALLTKIGQEAGLRY
ASNLITTSQLIAAKRRAKQVGVEDVQRSFKLFYDPARSVRFVQESEKRLIGNDGVVDFSYQGAAEAAAPTLPAAAPVDPV
GGEKMDMS
;
D,E,F
3 'polypeptide(L)'
;MDHFPTVLQRPPHFDEDGSAGTGRMRSNVVGNGSSNGARDDRGLRGGLRDILNPVGSASQTMPSASHGGTHSTPGTPGAP
APPRPHSSFSLRSPTQTGNHHASPYSAPTSSAAATSSQQPAGACSMLNNPFVTASTPFPPPPLQAPPSLASSRTSPSGLQ
HPPRSPLHAPPVYYPSDVRDRDLVRDQQTSLSFYDPTTDSKRDRDRERDRERERTGSDPESGAWSTSTQNSPPKIRDSYN
YSRSPSFNNSGNYPSATGSYPPRSPVVRPHPAPPAGSMSPSAGSRTVTSPSLRHLAMPSTHSSQSASTVLPPLARTETPA
PSARATPASNTPSRASGVMSFSNILSSSEPISKPRPTSPISLDNNPAMVARTEPAERPDKGEKDKKQSRKIIKTRVSDIK
SAESTPKMTRKSAVKPETPTMLRIPTKRTANGSMKHKAFSADKEKTIRDIMDQFDYESIDETEFEDELLAWKERARRRRQ
EMNRRDFIHRQSRRSDFAETEALKLQIHANLGKARYSDLHYDEALQEVREQELWAEKERKKDMQRKRRREKSMAATLEQQ
AAALQKASQAEDEAERLKYIREAERANKKVQQTKYILQKGIKGPARNLPPIEPNLEGGTMATFSAENMEPGKVKGKGRGG
RLKKSKEQKQAEKEQAELAQAAIDAGEEPPSKEETKIRIKLSKAKASAKEEAEKDKENKEPKQPKEPEKPVEEPKDPLEL
KFQSKGYNQIYDQIWRDLARKDVSKVFRLATDSYATKASNLKKTAILASKEAKRWQLRTNKGTKDLQARAKRVMRDMMGF
WKRNEREERDLRKAAERLELENARKEEADREAARQRRKLNFLISQTELYSHFISKKIKTHEVERSTDHPDVATDEKDKIP
EPTLNINVPEPTGPIAPKVTDFNSLDFDNEDESALQAAAMANAQNAIAEAQKKAREFNKDETKLDEDGEMNFQHPELTEF
EVAQPKLLNCQLKEYQLKGLNWLVNLYEQGINGILADEMGLGKTVQSISVMAYLAERYDIWGPFLVVAPASTLHNWQQEV
SKFVPDFKVLPYWGTAADRKVLRKFWDRKHTTYKKDSPFHVMITSYQLVVSDVAYFQKMKWQYMILDEAQAIKSSQSSRW
KCLLGFHCRNRLLLTGTPIQNNMQELWALLHFIMPSLFDSHDEFSEWFSKDIESHAQSNTKLNEDQLKRLHMILKPFMLR
RVKKHVQKELGDKIEIDVFCELSYRQRAMYQSLRNQISIMDLIEKATVGDNEDSATLMNLVMQFRKVCNHPDLFERADTS
SPFFCGHFAETGSFLREGTNVALGYSTRSLVEYRLPRLIWCDGGRLDKPGPGNLVAGFRSKYLNHMMNIWTPENIRSSLE
GIENFTWLRFVDTSLQEAYRASHTDVFARAVDLASKQNRLGHMQIVYDEPEDKKWTPVHALFQICERENPKAVAEITTEG
VLRDLMNIARVKYRELGLCRLEKAARPRASAPPIEVVCDSRSAVIERENIMFHPAMRKALFGPTPSEIKEASFGPRPVTL
YPPRALLPAPDHDKQRFTNITVPSMARFVTDSGKLAKLDELLRELKEGGHRVLLYFQMTRMIDLMEEYLTYRNYKYCRLD
GSTKLEDRRDTVADFQTRPEIFIFLLSTRAGGLGINLTTADTVIFYDSDWNPTIDSQAMDRAHRLGQTKQVTVYRLITRG
TIEERIRKRALQKEEVQRVVITGTGSVDFSGRRPPENRNRDIAMWLADDEQAEMIERREKELIESGEYDKIMQQRRKGGK
RKRGAANGDTVPSLEDMYHEGEGHFDDNKGSGAATPVDADSLGRGGKRKKAGGSKKAKTTKQRLAIADGEIDDGEIDIDY
KDDDDKGTDYKDDDDK
;
G
4 'polypeptide(L)'
;MSTRPRRHAAQRASQAITDLADRDRESDHSHGPISSRMSSFNSSSRSRLPGKGIASVSRSEAGGASDPEHIHLTVKLPSS
KLRQATSSSGIKKAGSVGSSSSSSGGGKAAVKRARGGKRSRVLESSEEEEEENEVEVLGDEDEEEEEEEDEIEVREGEGY
DEDEEDVEDEDEEMQDLGEEDADGEDDEMDVDAEGEEDADGDVNMDAGVVGARATTVRAVPPAIKVTKPPKESPSNGKAA
TASKANDNAVPVKRPAPDSDDESLSSLESEPEEEVNVAGGEDAEGEDDDAEGEVDAEGEEEEEEEEIEVADEDAEGEDVE
QDEDEDEEEEDDDDEMISRAQTPDMSRLTARQRARLGEASGEYLKLSDEVQSKKHFTAEELS(UNK)(UNK)(UNK)
(UNK)(UNK)(UNK)(UNK)(UNK)(UNK)(UNK)(UNK)(UNK)(UNK)(UNK)(UNK)(UNK)(UNK)(UNK)(UNK)
(UNK)(UNK)(UNK)(UNK)(UNK)(UNK)(UNK)(UNK)(UNK)(UNK)(UNK)KQAPRTTRRAAQAAAAAEEAEEAAK
QPKRPDPMMIRWVNNKMGSVVAVPEELLGTHAGVVFGAGPGKGLPAGKMVEEVS
;
H
5 'polypeptide(L)'
;MSNPDAQSAQAAHQALVEQLDLHSIHKTFRNPNWRPNQRRNKTIKAILGESQRKEASSTSAVATPRADDNGGGSGADTPA
NNDNNDGLSTSGTSTPANGNGSGAGTPASNGQPNLAQASRSLQKLVLEKSLASAQAPDKKAANGFASSAPTATYTNIESA
PSLAPMKHYCDVTGLPAPYLDPKTRLRYHNKEIFAMIRNLPQGMGEQFLEARGAHTVLK
;
I
6 'polypeptide(L)'
;MAPSAVAEPPPIPQRDEPWKRLPPPTVYPVKEARFEKYIPPQLDGRERALAQPPGQVAIVIDNGSHSVRAGWNFEDKPRL
AIPPIMSKYRDRKMGKTFSFAGSDCYADTTARSHIRNAFEAGTGIVSNWDVMEHVLDYVFVKLGMNECDGAIDMPIVMTE
AVANLPYSRKSMSEIIFECYGAPSLVYGIDSLFSFRHNQGQTGLVVSSSYSATHVIPVYNRKALLSQAIRLNWGGWHMAE
YMLKLLKLKYYTGFPGKLNSSQTEHMVRDFCYVSLDYDRELAGYLDWTGLEDRERIVQYPYTEEVVVQKTEEELARIAER
KKESGRRLQEQAAKMRLERLMKKEQELEYYKDIQRRMQGESKKEIKRLLDEAELKDEAALERVIRDLERSIKRARQKDLG
EPEEEEVPDFSLLDVPDDQLDEAGLRQKRQQRLLKSNWEARQRAKAEKEAEKARLAEEARLDEERRKNDL(UNK)(UNK)
(UNK)(UNK)(UNK)(UNK)(UNK)(UNK)(UNK)(UNK)(UNK)(UNK)(UNK)(UNK)(UNK)(UNK)(UNK)(UNK)
(UNK)(UNK)(UNK)(UNK)(UNK)(UNK)(UNK)(UNK)(UNK)(UNK)GNRKS(UNK)(UNK)(UNK)(UNK)(UNK)
(UNK)(UNK)(UNK)(UNK)(UNK)(UNK)(UNK)(UNK)(UNK)(UNK)(UNK)(UNK)NPTGSGSRKRRRGGAGADQD
DDFGADDADWGVYRSVAIGANKGDDSDDEEG(UNK)(UNK)(UNK)(UNK)(UNK)(UNK)(UNK)(UNK)(UNK)
(UNK)(UNK)(UNK)(UNK)(UNK)(UNK)LRYDKTFSYDMTLDAQRDWSKSLLHAFRYGPRPFDPSSQAETHRVHLNVE
RIRVPEVLFQPAAIAGVDQAGLVEIAGDILCQRLPSLPGIQDAPDAFLRDVFLTGGNTLFQNFDERLRQGLMALLPVGAP
LRVRRAQDAILDAWRGAAGWACTEEAKAAWITREEYLEKGGEYIKEHDLGNAFA
;
J
7 'polydeoxyribonucleotide'
;(DC)(DT)(DC)(DG)(DG)(DA)(DA)(DC)(DA)(DC)(DT)(DA)(DT)(DC)(DC)(DG)(DA)(DC)(DT)(DG)
(DG)(DC)(DA)(DC)(DC)(DG)(DG)(DC)(DA)(DA)(DG)(DG)(DT)(DC)(DG)(DC)(DT)(DG)(DT)(DT)
(DC)(DA)(DA)(DT)(DA)(DC)(DA)(DT)(DG)(DC)(DA)(DC)(DA)(DG)(DG)(DA)(DT)(DG)(DT)(DA)
(DT)(DA)(DT)(DA)(DT)(DC)(DT)(DG)(DA)(DC)(DA)(DC)(DG)(DT)(DG)(DC)(DC)(DT)(DG)(DG)
(DA)(DG)(DA)(DC)(DT)(DA)(DG)(DG)(DG)(DA)(DG)(DT)(DA)(DA)(DT)(DC)(DC)(DC)(DC)(DT)
(DT)(DG)(DG)(DC)(DG)(DG)(DT)(DT)(DA)(DA)(DA)(DA)(DC)(DG)(DC)(DG)(DG)(DG)(DG)(DG)
(DA)(DC)(DA)(DG)(DC)(DG)(DC)(DG)(DT)(DA)(DC)(DG)(DT)(DG)(DC)(DG)(DT)(DT)(DT)(DA)
(DA)(DG)(DC)(DG)(DG)(DT)(DG)(DC)(DT)(DA)(DG)(DA)(DG)(DC)(DT)(DT)(DG)(DC)(DT)(DA)
(DC)(DG)(DA)(DC)(DC)(DA)(DA)(DT)(DT)(DG)(DA)(DG)(DC)(DG)(DG)(DC)(DC)(DT)(DC)(DG)
(DG)(DC)(DA)(DC)(DC)(DG)(DG)(DG)(DA)(DT)(DT)(DC)(DT)(DC)(DC)(DA)
;
K
8 'polydeoxyribonucleotide'
;(DT)(DG)(DG)(DA)(DG)(DA)(DA)(DT)(DC)(DC)(DC)(DG)(DG)(DT)(DG)(DC)(DC)(DG)(DA)(DG)
(DG)(DC)(DC)(DG)(DC)(DT)(DC)(DA)(DA)(DT)(DT)(DG)(DG)(DT)(DC)(DG)(DT)(DA)(DG)(DC)
(DA)(DA)(DG)(DC)(DT)(DC)(DT)(DA)(DG)(DC)(DA)(DC)(DC)(DG)(DC)(DT)(DT)(DA)(DA)(DA)
(DC)(DG)(DC)(DA)(DC)(DG)(DT)(DA)(DC)(DG)(DC)(DG)(DC)(DT)(DG)(DT)(DC)(DC)(DC)(DC)
(DC)(DG)(DC)(DG)(DT)(DT)(DT)(DT)(DA)(DA)(DC)(DC)(DG)(DC)(DC)(DA)(DA)(DG)(DG)(DG)
(DG)(DA)(DT)(DT)(DA)(DC)(DT)(DC)(DC)(DC)(DT)(DA)(DG)(DT)(DC)(DT)(DC)(DC)(DA)(DG)
(DG)(DC)(DA)(DC)(DG)(DT)(DG)(DT)(DC)(DA)(DG)(DA)(DT)(DA)(DT)(DA)(DT)(DA)(DC)(DA)
(DT)(DC)(DC)(DT)(DG)(DT)(DG)(DC)(DA)(DT)(DG)(DT)(DA)(DT)(DT)(DG)(DA)(DA)(DC)(DA)
(DG)(DC)(DG)(DA)(DC)(DC)(DT)(DT)(DG)(DC)(DC)(DG)(DG)(DT)(DG)(DC)(DC)(DA)(DG)(DT)
(DC)(DG)(DG)(DA)(DT)(DA)(DG)(DT)(DG)(DT)(DT)(DC)(DC)(DG)(DA)(DG)
;
L
9 'polypeptide(L)'
;ARTKQTARKSTGGKAPRKQLATKAARKSAPATGGVKKPHRYRPGTVALREIRRYQKSTELLIRKLPFQRLVREIAQDFKT
DLRFQSSAVMALQEASEAYLVGLFEDTNLCAIHAKRVTIMPKDIQLARRIRGERA
;
M,Q
10 'polypeptide(L)'
;SGRGKGGKGLGKGGAKRHRKVLRDNIQGITKPAIRRLARRGGVKRISGLIYEETRGVLKVFLENVIRDAVTYTEHAKRKT
VTAMDVVYALKRQGRTLYGFGG
;
N,R
11 'polypeptide(L)'
;SGRGKQGGKARAKAKTRSSRAGLQFPVGRVHRLLRKGNYAERVGAGAPVYLAAVLEYLTAEILELAGNAARDNKKTRIIP
RHLQLAIRNDEELNKLLGKVTIAQGGVLPNIQAVLLPKKTESHHKAKGK
;
O,S
12 'polypeptide(L)'
;PEPAKSAPAPKKGSKKAVTKAQKKDGKKRKRSRKESYSVYVYKVLKQVHPDTGISSKAMGIMNSFVNDIFERIAGEASRL
AHYNKRSTITSREIQTAVRLLLPGELAKHAVSEGTKAVTKYTSSK
;
P,T
#
# COMPACT_ATOMS: atom_id res chain seq x y z
N HIS A 14 -23.68 -28.20 24.21
CA HIS A 14 -24.32 -29.32 24.87
C HIS A 14 -25.61 -29.66 24.11
N ARG A 15 -25.46 -30.11 22.87
CA ARG A 15 -26.59 -30.57 22.08
C ARG A 15 -26.18 -31.84 21.38
N THR A 16 -26.90 -32.92 21.62
CA THR A 16 -26.56 -34.19 21.00
C THR A 16 -27.04 -34.19 19.56
N ALA A 17 -26.11 -34.05 18.62
CA ALA A 17 -26.44 -34.10 17.21
C ALA A 17 -26.48 -35.56 16.76
N ALA A 18 -26.53 -35.77 15.46
CA ALA A 18 -26.53 -37.13 14.94
C ALA A 18 -25.16 -37.76 15.08
N HIS A 19 -24.11 -36.95 15.13
CA HIS A 19 -22.73 -37.42 15.23
C HIS A 19 -22.11 -36.77 16.46
N THR A 20 -22.30 -37.39 17.59
CA THR A 20 -21.71 -36.93 18.84
C THR A 20 -20.87 -37.99 19.50
N HIS A 21 -21.29 -39.25 19.40
CA HIS A 21 -20.54 -40.36 19.96
C HIS A 21 -19.22 -40.63 19.23
N ILE A 22 -19.08 -40.18 17.98
CA ILE A 22 -17.84 -40.41 17.27
C ILE A 22 -16.76 -39.51 17.84
N LYS A 23 -15.70 -40.12 18.37
CA LYS A 23 -14.60 -39.37 18.93
C LYS A 23 -13.27 -39.71 18.27
N GLY A 24 -13.30 -40.40 17.13
CA GLY A 24 -12.08 -40.80 16.46
C GLY A 24 -12.20 -42.16 15.84
N LEU A 25 -11.15 -42.61 15.15
CA LEU A 25 -11.23 -43.91 14.51
C LEU A 25 -11.08 -45.06 15.51
N GLY A 26 -10.34 -44.84 16.59
CA GLY A 26 -10.06 -45.89 17.54
C GLY A 26 -9.13 -46.95 16.97
N LEU A 27 -7.89 -46.57 16.73
CA LEU A 27 -6.90 -47.44 16.14
C LEU A 27 -5.86 -47.85 17.16
N ASN A 28 -5.24 -48.99 16.92
CA ASN A 28 -4.17 -49.45 17.79
C ASN A 28 -2.86 -48.77 17.38
N SER A 29 -1.78 -49.15 18.05
CA SER A 29 -0.48 -48.60 17.71
C SER A 29 0.02 -49.12 16.38
N SER A 30 -0.35 -50.35 16.04
CA SER A 30 0.07 -50.95 14.78
C SER A 30 -0.92 -50.68 13.65
N GLY A 31 -1.81 -49.71 13.83
CA GLY A 31 -2.71 -49.35 12.76
C GLY A 31 -3.81 -50.36 12.49
N ILE A 32 -4.12 -51.22 13.46
CA ILE A 32 -5.14 -52.23 13.28
C ILE A 32 -6.39 -51.76 14.01
N ALA A 33 -7.52 -51.75 13.31
CA ALA A 33 -8.76 -51.27 13.89
C ALA A 33 -9.33 -52.32 14.84
N GLU A 34 -9.50 -51.93 16.09
CA GLU A 34 -10.13 -52.77 17.09
C GLU A 34 -11.59 -52.36 17.19
N LYS A 35 -12.49 -53.33 17.03
CA LYS A 35 -13.92 -53.01 16.94
C LYS A 35 -14.50 -52.65 18.30
N GLN A 36 -15.54 -51.81 18.25
CA GLN A 36 -16.20 -51.21 19.41
C GLN A 36 -15.19 -50.45 20.28
N ALA A 37 -14.67 -49.38 19.67
CA ALA A 37 -13.73 -48.52 20.35
C ALA A 37 -13.87 -47.10 19.83
N ALA A 38 -14.00 -46.15 20.76
CA ALA A 38 -14.08 -44.72 20.49
C ALA A 38 -15.25 -44.36 19.57
N GLY A 39 -16.38 -45.01 19.78
CA GLY A 39 -17.60 -44.59 19.11
C GLY A 39 -18.07 -45.53 18.03
N PHE A 40 -17.18 -46.02 17.18
CA PHE A 40 -17.58 -46.90 16.11
C PHE A 40 -17.92 -48.30 16.62
N VAL A 41 -18.62 -49.05 15.79
CA VAL A 41 -18.89 -50.45 16.04
C VAL A 41 -18.55 -51.22 14.77
N GLY A 42 -17.56 -52.10 14.87
CA GLY A 42 -17.14 -52.87 13.71
C GLY A 42 -16.47 -51.98 12.69
N GLN A 43 -16.75 -52.28 11.42
CA GLN A 43 -16.33 -51.50 10.26
C GLN A 43 -14.80 -51.40 10.22
N CYS A 44 -14.18 -52.56 10.02
CA CYS A 44 -12.74 -52.68 10.13
C CYS A 44 -12.02 -52.15 8.90
N ALA A 45 -12.38 -52.67 7.73
CA ALA A 45 -11.69 -52.38 6.48
C ALA A 45 -11.89 -50.94 6.03
N ALA A 46 -12.88 -50.25 6.57
CA ALA A 46 -12.98 -48.84 6.28
C ALA A 46 -12.15 -48.00 7.24
N ARG A 47 -12.11 -48.35 8.52
CA ARG A 47 -11.38 -47.54 9.47
C ARG A 47 -9.87 -47.71 9.35
N GLU A 48 -9.39 -48.87 8.93
CA GLU A 48 -7.96 -48.99 8.66
C GLU A 48 -7.52 -48.15 7.47
N ALA A 49 -8.34 -48.12 6.43
CA ALA A 49 -8.02 -47.30 5.27
C ALA A 49 -8.12 -45.82 5.59
N CYS A 50 -9.06 -45.44 6.47
CA CYS A 50 -9.12 -44.05 6.89
C CYS A 50 -7.93 -43.67 7.76
N GLY A 51 -7.40 -44.60 8.55
CA GLY A 51 -6.18 -44.30 9.28
C GLY A 51 -4.98 -44.12 8.36
N VAL A 52 -4.92 -44.90 7.28
CA VAL A 52 -3.90 -44.72 6.26
C VAL A 52 -4.04 -43.36 5.58
N VAL A 53 -5.27 -42.94 5.33
CA VAL A 53 -5.49 -41.62 4.74
C VAL A 53 -5.06 -40.52 5.71
N VAL A 54 -5.32 -40.68 7.00
CA VAL A 54 -4.95 -39.67 7.99
C VAL A 54 -3.43 -39.53 8.08
N ASP A 55 -2.73 -40.66 8.10
CA ASP A 55 -1.28 -40.53 8.08
C ASP A 55 -0.72 -40.13 6.72
N LEU A 56 -1.50 -40.24 5.65
CA LEU A 56 -1.08 -39.63 4.39
C LEU A 56 -1.20 -38.13 4.44
N ILE A 57 -2.20 -37.63 5.16
CA ILE A 57 -2.35 -36.20 5.34
C ILE A 57 -1.24 -35.64 6.22
N LYS A 58 -0.90 -36.34 7.30
CA LYS A 58 0.07 -35.82 8.26
C LYS A 58 1.53 -36.11 7.88
N ALA A 59 1.82 -36.33 6.61
CA ALA A 59 3.18 -36.57 6.16
C ALA A 59 3.65 -35.61 5.08
N HIS A 60 2.73 -34.86 4.46
CA HIS A 60 3.02 -33.73 3.57
C HIS A 60 3.75 -34.15 2.31
N LYS A 61 3.58 -35.39 1.87
CA LYS A 61 4.01 -35.80 0.54
C LYS A 61 2.84 -35.85 -0.44
N MET A 62 1.85 -35.02 -0.19
CA MET A 62 0.55 -35.08 -0.86
C MET A 62 0.34 -33.81 -1.66
N ALA A 63 0.04 -33.97 -2.93
CA ALA A 63 -0.34 -32.86 -3.78
C ALA A 63 -1.53 -33.26 -4.62
N GLY A 64 -2.52 -33.85 -3.96
CA GLY A 64 -3.71 -34.25 -4.67
C GLY A 64 -3.85 -35.74 -4.83
N ARG A 65 -4.64 -36.35 -3.96
CA ARG A 65 -4.93 -37.77 -3.99
C ARG A 65 -6.42 -37.92 -3.85
N GLY A 66 -6.99 -38.90 -4.56
CA GLY A 66 -8.42 -39.11 -4.54
C GLY A 66 -8.81 -40.30 -3.69
N VAL A 67 -9.69 -40.06 -2.73
CA VAL A 67 -10.15 -41.08 -1.79
C VAL A 67 -11.67 -41.09 -1.84
N LEU A 68 -12.23 -42.15 -2.38
CA LEU A 68 -13.67 -42.29 -2.50
C LEU A 68 -14.24 -43.15 -1.39
N LEU A 69 -15.38 -42.75 -0.85
CA LEU A 69 -16.04 -43.49 0.21
C LEU A 69 -17.37 -43.99 -0.36
N ALA A 70 -17.37 -45.20 -0.88
CA ALA A 70 -18.57 -45.80 -1.48
C ALA A 70 -19.45 -46.38 -0.39
N GLY A 71 -20.44 -47.16 -0.78
CA GLY A 71 -21.30 -47.75 0.22
C GLY A 71 -22.67 -47.11 0.24
N GLY A 72 -23.67 -47.93 0.61
CA GLY A 72 -25.03 -47.51 0.60
C GLY A 72 -25.37 -46.51 1.67
N PRO A 73 -26.56 -45.91 1.59
CA PRO A 73 -26.94 -44.93 2.59
C PRO A 73 -27.27 -45.58 3.92
N GLY A 74 -26.88 -44.91 4.99
CA GLY A 74 -27.06 -45.50 6.30
C GLY A 74 -25.96 -46.44 6.73
N THR A 75 -24.77 -46.31 6.17
CA THR A 75 -23.67 -47.18 6.53
C THR A 75 -22.51 -46.44 7.15
N GLY A 76 -22.63 -45.15 7.38
CA GLY A 76 -21.56 -44.42 8.04
C GLY A 76 -20.45 -43.99 7.13
N LYS A 77 -20.78 -43.20 6.12
CA LYS A 77 -19.74 -42.60 5.31
C LYS A 77 -19.23 -41.31 5.92
N THR A 78 -20.13 -40.52 6.47
CA THR A 78 -19.72 -39.26 7.06
C THR A 78 -19.30 -39.40 8.50
N ALA A 79 -19.64 -40.50 9.15
CA ALA A 79 -19.06 -40.80 10.44
C ALA A 79 -17.55 -40.99 10.34
N LEU A 80 -17.10 -41.62 9.26
CA LEU A 80 -15.68 -41.69 8.99
C LEU A 80 -15.07 -40.33 8.73
N ALA A 81 -15.85 -39.43 8.13
CA ALA A 81 -15.34 -38.10 7.84
C ALA A 81 -15.18 -37.28 9.13
N LEU A 82 -16.13 -37.38 10.05
CA LEU A 82 -15.94 -36.71 11.33
C LEU A 82 -14.86 -37.38 12.16
N ALA A 83 -14.65 -38.68 11.97
CA ALA A 83 -13.54 -39.35 12.63
C ALA A 83 -12.21 -38.84 12.12
N ILE A 84 -12.09 -38.63 10.82
CA ILE A 84 -10.88 -38.05 10.26
C ILE A 84 -10.69 -36.62 10.76
N SER A 85 -11.76 -35.84 10.77
CA SER A 85 -11.64 -34.45 11.18
C SER A 85 -11.36 -34.29 12.67
N GLN A 86 -11.67 -35.29 13.48
CA GLN A 86 -11.27 -35.25 14.88
C GLN A 86 -9.97 -35.99 15.13
N GLU A 87 -9.47 -36.72 14.15
CA GLU A 87 -8.17 -37.35 14.29
C GLU A 87 -7.05 -36.46 13.80
N LEU A 88 -7.31 -35.58 12.84
CA LEU A 88 -6.26 -34.68 12.37
C LEU A 88 -5.92 -33.65 13.42
N GLY A 89 -6.91 -33.00 13.97
CA GLY A 89 -6.64 -32.02 15.00
C GLY A 89 -7.27 -30.71 14.67
N THR A 90 -6.99 -29.72 15.50
CA THR A 90 -7.55 -28.41 15.28
C THR A 90 -6.75 -27.60 14.27
N LYS A 91 -5.43 -27.75 14.30
CA LYS A 91 -4.54 -26.93 13.50
C LYS A 91 -4.26 -27.46 12.10
N ILE A 92 -5.13 -28.31 11.56
CA ILE A 92 -5.03 -28.75 10.17
C ILE A 92 -6.33 -28.41 9.49
N PRO A 93 -6.32 -27.77 8.32
CA PRO A 93 -7.56 -27.35 7.68
C PRO A 93 -8.37 -28.53 7.17
N PHE A 94 -9.68 -28.41 7.34
CA PHE A 94 -10.63 -29.43 6.94
C PHE A 94 -11.85 -28.68 6.43
N CYS A 95 -12.12 -28.78 5.14
CA CYS A 95 -13.23 -28.05 4.54
C CYS A 95 -14.31 -29.02 4.11
N PRO A 96 -15.38 -29.17 4.85
CA PRO A 96 -16.48 -29.99 4.37
C PRO A 96 -17.50 -29.24 3.54
N ILE A 97 -17.82 -29.70 2.35
CA ILE A 97 -18.86 -29.08 1.54
C ILE A 97 -19.80 -30.17 1.07
N THR A 98 -20.76 -29.80 0.24
CA THR A 98 -21.63 -30.74 -0.44
C THR A 98 -21.51 -30.55 -1.94
N GLY A 99 -22.33 -31.27 -2.67
CA GLY A 99 -22.34 -31.21 -4.12
C GLY A 99 -23.34 -30.24 -4.63
N SER A 100 -24.23 -29.80 -3.76
CA SER A 100 -25.21 -28.81 -4.14
C SER A 100 -24.77 -27.41 -3.74
N GLU A 101 -23.69 -27.29 -2.99
CA GLU A 101 -23.30 -25.98 -2.49
C GLU A 101 -22.64 -25.14 -3.59
N ILE A 102 -22.06 -25.78 -4.60
CA ILE A 102 -21.26 -25.02 -5.57
C ILE A 102 -22.07 -24.40 -6.69
N TYR A 103 -23.36 -24.68 -6.81
CA TYR A 103 -24.15 -24.05 -7.87
C TYR A 103 -24.52 -22.66 -7.40
N SER A 104 -23.70 -21.68 -7.75
CA SER A 104 -23.92 -20.31 -7.31
C SER A 104 -24.55 -19.48 -8.42
N THR A 105 -24.78 -18.21 -8.11
CA THR A 105 -25.37 -17.30 -9.08
C THR A 105 -24.46 -16.13 -9.41
N GLU A 106 -23.38 -15.91 -8.68
CA GLU A 106 -22.44 -14.87 -9.04
C GLU A 106 -21.30 -15.35 -9.91
N VAL A 107 -20.72 -16.48 -9.58
CA VAL A 107 -19.53 -16.94 -10.25
C VAL A 107 -19.82 -18.29 -10.84
N LYS A 108 -18.96 -18.70 -11.75
CA LYS A 108 -19.01 -20.05 -12.23
C LYS A 108 -18.60 -21.01 -11.13
N LYS A 109 -19.09 -22.23 -11.22
CA LYS A 109 -18.92 -23.20 -10.15
C LYS A 109 -17.50 -23.71 -10.00
N THR A 110 -16.69 -23.62 -11.06
CA THR A 110 -15.28 -23.96 -10.94
C THR A 110 -14.52 -22.97 -10.08
N GLU A 111 -14.99 -21.73 -10.03
CA GLU A 111 -14.44 -20.78 -9.10
C GLU A 111 -14.74 -21.18 -7.67
N VAL A 112 -15.94 -21.71 -7.41
CA VAL A 112 -16.28 -22.15 -6.07
C VAL A 112 -15.46 -23.39 -5.68
N LEU A 113 -15.19 -24.25 -6.66
CA LEU A 113 -14.31 -25.40 -6.41
C LEU A 113 -12.92 -24.95 -6.03
N MET A 114 -12.35 -24.01 -6.79
CA MET A 114 -11.00 -23.54 -6.45
C MET A 114 -10.97 -22.76 -5.16
N GLU A 115 -12.05 -22.04 -4.84
CA GLU A 115 -12.10 -21.38 -3.55
C GLU A 115 -12.16 -22.39 -2.42
N ASN A 116 -12.80 -23.54 -2.62
CA ASN A 116 -12.75 -24.55 -1.57
C ASN A 116 -11.40 -25.22 -1.49
N PHE A 117 -10.76 -25.45 -2.64
CA PHE A 117 -9.41 -26.02 -2.65
C PHE A 117 -8.41 -25.13 -1.95
N ARG A 118 -8.58 -23.83 -2.04
CA ARG A 118 -7.66 -22.97 -1.33
C ARG A 118 -8.20 -22.54 0.02
N ARG A 119 -9.42 -22.91 0.37
CA ARG A 119 -9.76 -22.92 1.79
C ARG A 119 -9.07 -24.06 2.50
N ALA A 120 -8.80 -25.15 1.81
CA ALA A 120 -8.25 -26.33 2.44
C ALA A 120 -6.73 -26.33 2.50
N ILE A 121 -6.09 -25.18 2.47
CA ILE A 121 -4.64 -25.13 2.61
C ILE A 121 -4.33 -24.01 3.58
N GLY A 122 -3.66 -24.33 4.67
CA GLY A 122 -3.42 -23.35 5.69
C GLY A 122 -1.98 -22.88 5.82
N LEU A 123 -1.79 -21.76 6.51
CA LEU A 123 -0.47 -21.16 6.63
C LEU A 123 -0.40 -20.49 7.99
N ARG A 124 0.72 -20.66 8.68
CA ARG A 124 0.94 -20.13 10.02
C ARG A 124 2.07 -19.13 9.94
N VAL A 125 1.76 -17.85 10.14
CA VAL A 125 2.67 -16.75 9.83
C VAL A 125 2.94 -15.94 11.08
N ARG A 126 4.21 -15.59 11.31
CA ARG A 126 4.57 -14.63 12.33
C ARG A 126 4.56 -13.24 11.72
N GLU A 127 4.05 -12.27 12.46
CA GLU A 127 3.99 -10.89 12.01
C GLU A 127 4.49 -9.96 13.09
N THR A 128 5.07 -8.85 12.66
CA THR A 128 5.60 -7.84 13.58
C THR A 128 4.83 -6.55 13.35
N LYS A 129 3.81 -6.31 14.16
CA LYS A 129 3.05 -5.08 14.11
C LYS A 129 3.80 -3.97 14.81
N ASP A 130 3.66 -2.75 14.28
CA ASP A 130 4.35 -1.55 14.76
C ASP A 130 3.32 -0.54 15.23
N VAL A 131 2.89 -0.64 16.45
CA VAL A 131 1.88 0.27 16.93
C VAL A 131 2.55 1.52 17.47
N TYR A 132 1.84 2.64 17.38
CA TYR A 132 2.22 3.85 18.09
C TYR A 132 1.09 4.10 19.08
N GLU A 133 1.26 3.72 20.32
CA GLU A 133 0.16 3.71 21.28
C GLU A 133 0.30 4.85 22.26
N GLY A 134 -0.44 5.93 22.02
CA GLY A 134 -0.26 7.15 22.78
C GLY A 134 -1.58 7.83 23.10
N GLU A 135 -1.46 8.95 23.79
CA GLU A 135 -2.56 9.83 24.13
C GLU A 135 -2.34 11.17 23.44
N VAL A 136 -3.33 11.60 22.67
CA VAL A 136 -3.16 12.76 21.79
C VAL A 136 -3.14 14.05 22.60
N THR A 137 -2.05 14.80 22.47
CA THR A 137 -1.84 16.01 23.24
C THR A 137 -2.17 17.27 22.44
N GLU A 138 -1.53 17.45 21.30
CA GLU A 138 -1.76 18.60 20.43
C GLU A 138 -2.01 18.12 19.01
N MET A 139 -3.18 18.45 18.48
CA MET A 139 -3.58 18.09 17.13
C MET A 139 -3.76 19.37 16.33
N THR A 140 -2.86 19.61 15.38
CA THR A 140 -2.90 20.84 14.61
C THR A 140 -2.55 20.59 13.15
N PRO A 141 -3.48 20.84 12.23
CA PRO A 141 -3.20 20.64 10.82
C PRO A 141 -2.36 21.77 10.25
N GLU A 142 -1.64 21.44 9.18
CA GLU A 142 -0.74 22.39 8.51
C GLU A 142 -0.97 22.19 7.01
N GLU A 143 -1.86 23.00 6.44
CA GLU A 143 -2.17 22.88 5.02
C GLU A 143 -1.02 23.43 4.17
N ALA A 144 -1.00 23.03 2.91
CA ALA A 144 0.03 23.42 1.97
C ALA A 144 -0.55 24.39 0.97
N GLU A 145 0.23 24.71 -0.06
CA GLU A 145 -0.26 25.55 -1.14
C GLU A 145 -1.32 24.82 -1.94
N ASN A 146 -2.34 25.56 -2.36
CA ASN A 146 -3.48 25.00 -3.08
C ASN A 146 -3.95 26.03 -4.09
N PRO A 147 -3.44 25.97 -5.30
CA PRO A 147 -3.89 26.95 -6.32
C PRO A 147 -5.26 26.60 -6.88
N LEU A 148 -5.69 27.36 -7.88
CA LEU A 148 -7.02 27.24 -8.44
C LEU A 148 -7.11 25.94 -9.23
N GLY A 149 -7.69 24.92 -8.62
CA GLY A 149 -7.85 23.64 -9.26
C GLY A 149 -9.18 23.00 -8.95
N GLY A 150 -10.12 23.79 -8.46
CA GLY A 150 -11.47 23.31 -8.18
C GLY A 150 -11.78 22.84 -6.77
N TYR A 151 -10.95 21.96 -6.23
CA TYR A 151 -11.25 21.37 -4.94
C TYR A 151 -10.96 22.29 -3.76
N GLY A 152 -10.06 23.25 -3.91
CA GLY A 152 -9.78 24.18 -2.84
C GLY A 152 -8.56 23.81 -2.02
N LYS A 153 -8.59 24.10 -0.73
CA LYS A 153 -7.47 23.78 0.15
C LYS A 153 -7.40 22.28 0.41
N THR A 154 -6.23 21.83 0.88
CA THR A 154 -6.01 20.43 1.20
C THR A 154 -4.99 20.31 2.30
N ILE A 155 -5.37 19.67 3.41
CA ILE A 155 -4.47 19.46 4.52
C ILE A 155 -3.40 18.46 4.12
N SER A 156 -2.13 18.80 4.38
CA SER A 156 -1.04 17.99 3.89
C SER A 156 -0.04 17.56 4.95
N THR A 157 -0.10 18.07 6.17
CA THR A 157 0.92 17.81 7.18
C THR A 157 0.30 18.06 8.55
N LEU A 158 0.57 17.17 9.52
CA LEU A 158 0.12 17.41 10.89
C LEU A 158 1.25 17.37 11.90
N LEU A 159 0.88 17.59 13.16
CA LEU A 159 1.83 17.67 14.26
C LEU A 159 1.25 17.01 15.51
N ILE A 160 0.73 15.79 15.37
CA ILE A 160 0.06 15.13 16.49
C ILE A 160 1.10 14.69 17.51
N GLY A 161 0.89 15.09 18.77
CA GLY A 161 1.77 14.71 19.85
C GLY A 161 1.19 13.61 20.71
N LEU A 162 1.86 12.46 20.69
CA LEU A 162 1.45 11.32 21.51
C LEU A 162 2.21 11.30 22.83
N LYS A 163 1.48 10.97 23.89
CA LYS A 163 1.98 11.05 25.26
C LYS A 163 1.70 9.73 25.96
N SER A 164 2.69 8.86 26.00
CA SER A 164 2.60 7.61 26.74
C SER A 164 3.06 7.86 28.17
N ALA A 165 3.29 6.78 28.92
CA ALA A 165 3.65 6.94 30.32
C ALA A 165 5.11 7.30 30.50
N ARG A 166 5.99 6.82 29.63
CA ARG A 166 7.43 7.02 29.77
C ARG A 166 7.99 7.53 28.46
N GLY A 167 8.00 8.85 28.30
CA GLY A 167 8.61 9.45 27.13
C GLY A 167 7.63 9.78 26.04
N GLN A 168 7.33 11.05 25.85
CA GLN A 168 6.38 11.44 24.81
C GLN A 168 7.09 11.57 23.47
N LYS A 169 6.29 11.77 22.43
CA LYS A 169 6.83 11.90 21.09
C LYS A 169 5.90 12.81 20.31
N LYS A 170 6.47 13.53 19.34
CA LYS A 170 5.78 14.59 18.63
C LYS A 170 5.97 14.39 17.13
N LEU A 171 5.06 13.69 16.49
CA LEU A 171 5.26 13.17 15.15
C LEU A 171 4.41 13.87 14.11
N ARG A 172 4.78 13.64 12.85
CA ARG A 172 4.32 14.37 11.68
C ARG A 172 3.71 13.38 10.70
N LEU A 173 2.58 13.73 10.10
CA LEU A 173 1.78 12.75 9.39
C LEU A 173 1.55 13.10 7.93
N ASP A 174 1.22 12.07 7.16
CA ASP A 174 0.83 12.22 5.77
C ASP A 174 -0.61 12.70 5.69
N PRO A 175 -1.10 13.06 4.50
CA PRO A 175 -2.54 13.32 4.38
C PRO A 175 -3.42 12.10 4.61
N SER A 176 -2.96 10.94 4.18
CA SER A 176 -3.82 9.75 4.23
C SER A 176 -4.02 9.26 5.65
N ILE A 177 -2.96 9.33 6.47
CA ILE A 177 -3.11 8.93 7.86
C ILE A 177 -3.91 9.98 8.62
N TYR A 178 -3.87 11.22 8.17
CA TYR A 178 -4.78 12.21 8.71
C TYR A 178 -6.23 11.89 8.38
N GLU A 179 -6.49 11.38 7.19
CA GLU A 179 -7.87 11.01 6.88
C GLU A 179 -8.29 9.78 7.66
N ALA A 180 -7.35 8.89 7.96
CA ALA A 180 -7.62 7.78 8.86
C ALA A 180 -7.98 8.26 10.26
N ILE A 181 -7.27 9.28 10.76
CA ILE A 181 -7.65 9.93 12.01
C ILE A 181 -9.03 10.54 11.90
N GLN A 182 -9.29 11.22 10.78
CA GLN A 182 -10.46 12.07 10.67
C GLN A 182 -11.72 11.25 10.55
N LYS A 183 -11.63 10.04 9.98
CA LYS A 183 -12.78 9.15 9.95
C LYS A 183 -12.90 8.32 11.21
N GLU A 184 -12.19 8.70 12.26
CA GLU A 184 -12.31 8.07 13.56
C GLU A 184 -12.77 9.06 14.61
N ARG A 185 -12.81 10.36 14.28
CA ARG A 185 -13.22 11.46 15.15
C ARG A 185 -12.35 11.50 16.41
N VAL A 186 -11.08 11.76 16.18
CA VAL A 186 -10.12 11.85 17.27
C VAL A 186 -10.01 13.30 17.72
N GLN A 187 -10.45 13.58 18.92
CA GLN A 187 -10.30 14.90 19.49
C GLN A 187 -8.99 14.94 20.28
N VAL A 188 -8.82 15.98 21.08
CA VAL A 188 -7.68 16.11 21.97
C VAL A 188 -8.01 15.39 23.27
N GLY A 189 -7.23 14.38 23.60
CA GLY A 189 -7.45 13.56 24.78
C GLY A 189 -7.72 12.11 24.48
N ASP A 190 -8.05 11.78 23.24
CA ASP A 190 -8.38 10.42 22.87
C ASP A 190 -7.10 9.60 22.76
N VAL A 191 -7.03 8.50 23.48
CA VAL A 191 -5.91 7.60 23.25
C VAL A 191 -6.18 6.84 21.96
N ILE A 192 -5.14 6.63 21.17
CA ILE A 192 -5.25 5.87 19.93
C ILE A 192 -4.04 4.97 19.84
N TYR A 193 -4.06 4.04 18.89
CA TYR A 193 -2.79 3.49 18.44
C TYR A 193 -2.77 3.38 16.94
N ILE A 194 -1.92 4.20 16.34
CA ILE A 194 -1.69 4.23 14.90
C ILE A 194 -0.95 2.97 14.50
N GLU A 195 -1.57 2.19 13.62
CA GLU A 195 -1.03 0.94 13.11
C GLU A 195 -0.26 1.24 11.84
N THR A 196 1.07 1.24 11.92
CA THR A 196 1.85 1.58 10.73
C THR A 196 2.18 0.34 9.92
N ASN A 197 1.13 -0.41 9.61
CA ASN A 197 1.19 -1.40 8.55
C ASN A 197 0.18 -1.08 7.47
N THR A 198 -1.08 -0.92 7.83
CA THR A 198 -2.04 -0.31 6.94
C THR A 198 -1.98 1.20 7.04
N GLY A 199 -2.27 1.72 8.22
CA GLY A 199 -2.43 3.13 8.40
C GLY A 199 -3.63 3.36 9.28
N ALA A 200 -4.30 2.28 9.65
CA ALA A 200 -5.51 2.38 10.45
C ALA A 200 -5.18 2.82 11.88
N CYS A 201 -6.20 3.36 12.56
CA CYS A 201 -5.98 3.94 13.87
C CYS A 201 -7.30 3.96 14.63
N LYS A 202 -7.45 3.03 15.56
CA LYS A 202 -8.68 2.90 16.32
C LYS A 202 -8.64 3.71 17.60
N ARG A 203 -9.56 4.66 17.72
CA ARG A 203 -9.76 5.36 18.98
C ARG A 203 -10.21 4.39 20.05
N VAL A 204 -9.60 4.46 21.22
CA VAL A 204 -9.96 3.58 22.33
C VAL A 204 -10.86 4.29 23.31
N GLY A 205 -10.49 5.49 23.73
CA GLY A 205 -11.37 6.25 24.62
C GLY A 205 -10.69 7.48 25.16
N ARG A 206 -11.46 8.23 25.93
CA ARG A 206 -10.93 9.37 26.66
C ARG A 206 -9.96 8.91 27.74
N SER A 207 -8.83 9.61 27.85
CA SER A 207 -7.88 9.28 28.90
C SER A 207 -8.41 9.68 30.26
N ASP A 208 -7.95 8.97 31.29
CA ASP A 208 -8.51 9.15 32.63
C ASP A 208 -8.06 10.45 33.30
N ALA A 209 -7.16 11.21 32.67
CA ALA A 209 -6.85 12.53 33.16
C ALA A 209 -7.96 13.51 32.88
N TYR A 210 -8.85 13.20 31.94
CA TYR A 210 -10.04 13.99 31.68
C TYR A 210 -11.29 13.33 32.23
N ALA A 211 -11.15 12.48 33.24
CA ALA A 211 -12.28 11.74 33.75
C ALA A 211 -13.24 12.62 34.54
N THR A 212 -14.53 12.41 34.32
CA THR A 212 -15.57 13.11 35.03
C THR A 212 -16.79 12.21 35.08
N GLU A 213 -17.31 11.96 36.28
CA GLU A 213 -18.49 11.11 36.40
C GLU A 213 -19.74 11.79 35.88
N PHE A 214 -19.73 13.11 35.80
CA PHE A 214 -20.81 13.87 35.18
C PHE A 214 -20.60 13.88 33.68
N ASP A 215 -20.99 12.79 33.03
CA ASP A 215 -20.77 12.62 31.61
C ASP A 215 -22.00 11.95 31.00
N LEU A 216 -22.14 12.09 29.69
CA LEU A 216 -23.31 11.61 28.97
C LEU A 216 -22.98 10.83 27.72
N GLU A 217 -21.79 10.99 27.13
CA GLU A 217 -21.46 10.33 25.88
C GLU A 217 -21.28 8.83 26.00
N ALA A 218 -21.25 8.28 27.23
CA ALA A 218 -20.99 6.87 27.50
C ALA A 218 -19.65 6.43 26.90
N GLU A 219 -18.63 7.23 27.15
CA GLU A 219 -17.31 6.90 26.68
C GLU A 219 -16.66 5.85 27.56
N GLU A 220 -15.68 5.18 27.00
CA GLU A 220 -14.93 4.16 27.69
C GLU A 220 -13.60 4.77 28.15
N TYR A 221 -13.49 5.03 29.44
CA TYR A 221 -12.28 5.64 30.00
C TYR A 221 -11.22 4.58 30.26
N VAL A 222 -10.08 4.73 29.60
CA VAL A 222 -8.98 3.80 29.82
C VAL A 222 -7.78 4.62 30.32
N PRO A 223 -6.88 4.03 31.08
CA PRO A 223 -5.72 4.79 31.55
C PRO A 223 -4.69 4.97 30.44
N ILE A 224 -3.65 5.72 30.76
CA ILE A 224 -2.56 6.00 29.81
C ILE A 224 -1.82 4.70 29.53
N PRO A 225 -1.56 4.37 28.27
CA PRO A 225 -0.86 3.12 27.95
C PRO A 225 0.58 3.16 28.44
N LYS A 226 0.92 2.22 29.31
CA LYS A 226 2.25 2.15 29.88
C LYS A 226 3.25 1.65 28.84
N GLY A 227 4.51 1.93 29.09
CA GLY A 227 5.58 1.55 28.18
C GLY A 227 5.97 2.65 27.21
N GLU A 228 6.82 2.27 26.28
CA GLU A 228 7.27 3.20 25.26
C GLU A 228 6.13 3.48 24.30
N VAL A 229 6.12 4.70 23.74
CA VAL A 229 5.07 5.06 22.81
C VAL A 229 5.24 4.38 21.47
N HIS A 230 6.45 3.99 21.11
CA HIS A 230 6.69 3.25 19.89
C HIS A 230 6.95 1.79 20.26
N LYS A 231 5.88 1.02 20.41
CA LYS A 231 6.02 -0.38 20.74
C LYS A 231 6.26 -1.18 19.48
N LYS A 232 6.52 -2.49 19.65
CA LYS A 232 6.69 -3.38 18.52
C LYS A 232 6.44 -4.79 19.03
N LYS A 233 5.41 -5.44 18.51
CA LYS A 233 4.97 -6.71 19.07
C LYS A 233 4.75 -7.76 18.01
N GLU A 234 5.15 -8.99 18.31
CA GLU A 234 4.97 -10.09 17.37
C GLU A 234 3.83 -11.01 17.78
N ILE A 235 3.09 -11.47 16.78
CA ILE A 235 1.96 -12.37 16.95
C ILE A 235 2.07 -13.50 15.94
N VAL A 236 1.29 -14.55 16.17
CA VAL A 236 1.20 -15.69 15.26
C VAL A 236 -0.22 -15.69 14.69
N GLN A 237 -0.34 -15.93 13.39
CA GLN A 237 -1.62 -15.86 12.70
C GLN A 237 -1.83 -17.10 11.84
N ASP A 238 -3.07 -17.56 11.78
CA ASP A 238 -3.44 -18.73 10.99
C ASP A 238 -4.31 -18.29 9.81
N VAL A 239 -3.70 -18.28 8.63
CA VAL A 239 -4.29 -17.72 7.42
C VAL A 239 -4.28 -18.77 6.33
N THR A 240 -5.42 -18.99 5.68
CA THR A 240 -5.47 -19.88 4.54
C THR A 240 -5.12 -19.12 3.27
N LEU A 241 -4.87 -19.85 2.19
CA LEU A 241 -4.50 -19.17 0.95
C LEU A 241 -5.70 -18.48 0.32
N HIS A 242 -6.90 -18.98 0.60
CA HIS A 242 -8.09 -18.31 0.08
C HIS A 242 -8.32 -16.97 0.75
N ASP A 243 -7.88 -16.83 1.99
CA ASP A 243 -7.93 -15.54 2.65
C ASP A 243 -7.02 -14.53 1.96
N LEU A 244 -5.84 -14.98 1.52
CA LEU A 244 -4.96 -14.09 0.78
C LEU A 244 -5.54 -13.78 -0.59
N ASP A 245 -6.22 -14.74 -1.20
CA ASP A 245 -6.89 -14.50 -2.48
C ASP A 245 -7.96 -13.42 -2.35
N VAL A 246 -8.78 -13.51 -1.31
CA VAL A 246 -9.83 -12.52 -1.11
C VAL A 246 -9.23 -11.18 -0.73
N ALA A 247 -8.12 -11.18 0.01
CA ALA A 247 -7.49 -9.94 0.41
C ALA A 247 -6.89 -9.20 -0.78
N ASN A 248 -6.20 -9.91 -1.66
CA ASN A 248 -5.67 -9.22 -2.84
C ASN A 248 -6.71 -8.99 -3.91
N ALA A 249 -7.86 -9.68 -3.85
CA ALA A 249 -8.88 -9.47 -4.87
C ALA A 249 -9.69 -8.21 -4.60
N ARG A 250 -10.40 -8.17 -3.48
CA ARG A 250 -11.11 -6.96 -3.07
C ARG A 250 -10.32 -6.29 -1.96
N PRO A 251 -9.62 -5.19 -2.22
CA PRO A 251 -8.75 -4.60 -1.20
C PRO A 251 -9.55 -3.84 -0.17
N GLN A 252 -9.27 -4.11 1.09
CA GLN A 252 -9.92 -3.40 2.18
C GLN A 252 -8.90 -2.96 3.21
N GLY A 253 -7.68 -2.69 2.76
CA GLY A 253 -6.64 -2.21 3.65
C GLY A 253 -5.84 -1.11 3.01
N GLY A 254 -5.43 -0.16 3.80
CA GLY A 254 -4.79 1.04 3.31
C GLY A 254 -5.72 2.23 3.46
N GLN A 255 -5.24 3.38 3.03
CA GLN A 255 -6.00 4.62 3.22
C GLN A 255 -6.20 5.38 1.92
N ASP A 256 -6.17 4.69 0.81
CA ASP A 256 -6.43 5.30 -0.49
C ASP A 256 -7.92 5.15 -0.81
N ILE A 257 -8.30 5.40 -2.06
CA ILE A 257 -9.72 5.47 -2.41
C ILE A 257 -10.29 4.14 -2.86
N ILE A 258 -9.50 3.31 -3.54
CA ILE A 258 -9.99 2.00 -3.94
C ILE A 258 -10.26 1.14 -2.72
N SER A 259 -9.40 1.23 -1.71
CA SER A 259 -9.59 0.47 -0.49
C SER A 259 -10.42 1.19 0.54
N MET A 260 -11.10 2.26 0.18
CA MET A 260 -12.07 2.84 1.10
C MET A 260 -13.46 2.82 0.50
N MET A 261 -13.60 3.22 -0.76
CA MET A 261 -14.85 3.01 -1.48
C MET A 261 -15.10 1.54 -1.81
N GLY A 262 -14.16 0.65 -1.54
CA GLY A 262 -14.36 -0.77 -1.70
C GLY A 262 -14.86 -1.49 -0.47
N GLN A 263 -15.09 -0.77 0.63
CA GLN A 263 -15.72 -1.37 1.79
C GLN A 263 -17.04 -0.70 2.14
N LEU A 264 -17.52 0.20 1.31
CA LEU A 264 -18.88 0.70 1.42
C LEU A 264 -19.87 0.00 0.50
N MET A 265 -19.39 -0.63 -0.56
CA MET A 265 -20.22 -1.34 -1.51
C MET A 265 -20.67 -2.67 -0.92
N LYS A 266 -21.54 -3.37 -1.64
CA LYS A 266 -21.86 -4.69 -1.10
C LYS A 266 -20.80 -5.68 -1.58
N PRO A 267 -20.42 -6.64 -0.74
CA PRO A 267 -19.37 -7.59 -1.14
C PRO A 267 -19.91 -8.63 -2.10
N LYS A 268 -19.17 -8.86 -3.17
CA LYS A 268 -19.59 -9.85 -4.15
C LYS A 268 -18.45 -10.84 -4.36
N MET A 269 -18.80 -12.12 -4.38
CA MET A 269 -17.88 -13.16 -4.82
C MET A 269 -17.52 -12.94 -6.27
N THR A 270 -16.22 -12.85 -6.55
CA THR A 270 -15.71 -12.64 -7.89
C THR A 270 -14.82 -13.80 -8.30
N GLU A 271 -14.34 -13.77 -9.54
CA GLU A 271 -13.59 -14.86 -10.13
C GLU A 271 -12.11 -14.56 -10.02
N ILE A 272 -11.49 -15.03 -8.94
CA ILE A 272 -10.05 -14.86 -8.76
C ILE A 272 -9.33 -15.71 -9.80
N THR A 273 -8.59 -15.05 -10.69
CA THR A 273 -8.07 -15.71 -11.89
C THR A 273 -6.82 -16.52 -11.60
N ASP A 274 -6.21 -17.04 -12.66
CA ASP A 274 -5.04 -17.89 -12.53
C ASP A 274 -3.81 -17.08 -12.12
N LYS A 275 -3.72 -15.84 -12.58
CA LYS A 275 -2.51 -15.06 -12.35
C LYS A 275 -2.38 -14.65 -10.89
N LEU A 276 -3.49 -14.32 -10.25
CA LEU A 276 -3.44 -14.00 -8.82
C LEU A 276 -3.15 -15.25 -8.00
N ARG A 277 -3.69 -16.38 -8.40
CA ARG A 277 -3.46 -17.62 -7.68
C ARG A 277 -2.04 -18.16 -7.89
N MET A 278 -1.32 -17.66 -8.88
CA MET A 278 0.08 -18.00 -9.00
C MET A 278 0.97 -17.00 -8.29
N GLU A 279 0.61 -15.73 -8.33
CA GLU A 279 1.41 -14.72 -7.66
C GLU A 279 1.35 -14.85 -6.15
N ILE A 280 0.21 -15.24 -5.60
CA ILE A 280 0.14 -15.47 -4.17
C ILE A 280 0.93 -16.72 -3.78
N ASN A 281 1.02 -17.70 -4.67
CA ASN A 281 1.91 -18.83 -4.42
C ASN A 281 3.37 -18.39 -4.36
N LYS A 282 3.78 -17.49 -5.25
CA LYS A 282 5.16 -17.01 -5.16
C LYS A 282 5.41 -16.16 -3.93
N VAL A 283 4.41 -15.38 -3.49
CA VAL A 283 4.57 -14.59 -2.26
C VAL A 283 4.68 -15.49 -1.04
N VAL A 284 3.89 -16.57 -0.99
CA VAL A 284 3.97 -17.49 0.13
C VAL A 284 5.30 -18.24 0.13
N GLN A 285 5.82 -18.55 -1.06
CA GLN A 285 7.15 -19.15 -1.10
C GLN A 285 8.22 -18.18 -0.64
N LYS A 286 8.04 -16.89 -0.91
CA LYS A 286 8.96 -15.91 -0.34
C LYS A 286 8.86 -15.84 1.19
N TYR A 287 7.65 -15.99 1.74
CA TYR A 287 7.53 -16.07 3.21
C TYR A 287 8.22 -17.29 3.78
N ILE A 288 8.08 -18.44 3.13
CA ILE A 288 8.65 -19.66 3.67
C ILE A 288 10.17 -19.61 3.59
N ASN A 289 10.71 -19.02 2.52
CA ASN A 289 12.15 -18.91 2.38
C ASN A 289 12.76 -17.92 3.35
N GLN A 290 11.97 -17.08 3.98
CA GLN A 290 12.49 -16.19 5.02
C GLN A 290 12.41 -16.81 6.39
N GLY A 291 11.98 -18.07 6.49
CA GLY A 291 11.90 -18.73 7.77
C GLY A 291 10.83 -18.20 8.69
N VAL A 292 9.72 -17.75 8.15
CA VAL A 292 8.66 -17.14 8.94
C VAL A 292 7.41 -18.01 8.94
N ALA A 293 6.91 -18.35 7.76
CA ALA A 293 5.64 -19.05 7.63
C ALA A 293 5.85 -20.55 7.49
N GLU A 294 4.85 -21.32 7.94
CA GLU A 294 4.84 -22.77 7.83
C GLU A 294 3.59 -23.22 7.09
N LEU A 295 3.77 -24.07 6.09
CA LEU A 295 2.65 -24.55 5.28
C LEU A 295 2.07 -25.83 5.85
N ILE A 296 0.75 -25.89 5.93
CA ILE A 296 0.04 -27.07 6.42
C ILE A 296 -1.15 -27.41 5.52
N PRO A 297 -1.01 -28.36 4.61
CA PRO A 297 -2.10 -28.70 3.71
C PRO A 297 -3.17 -29.51 4.43
N GLY A 298 -4.35 -29.56 3.80
CA GLY A 298 -5.51 -30.16 4.45
C GLY A 298 -6.39 -31.02 3.58
N VAL A 299 -7.68 -31.08 3.93
CA VAL A 299 -8.64 -32.00 3.32
C VAL A 299 -9.80 -31.21 2.74
N LEU A 300 -10.21 -31.55 1.53
CA LEU A 300 -11.49 -31.12 1.00
C LEU A 300 -12.42 -32.32 1.03
N PHE A 301 -13.43 -32.31 1.90
CA PHE A 301 -14.38 -33.41 1.96
C PHE A 301 -15.62 -33.03 1.17
N ILE A 302 -15.75 -33.57 -0.04
CA ILE A 302 -16.93 -33.33 -0.88
C ILE A 302 -17.89 -34.46 -0.61
N ASP A 303 -18.88 -34.20 0.24
CA ASP A 303 -19.98 -35.13 0.41
C ASP A 303 -20.94 -35.03 -0.75
N GLU A 304 -21.60 -36.16 -1.06
CA GLU A 304 -22.59 -36.29 -2.12
C GLU A 304 -22.01 -35.85 -3.46
N ALA A 305 -20.94 -36.52 -3.86
CA ALA A 305 -20.24 -36.15 -5.07
C ALA A 305 -21.01 -36.45 -6.34
N HIS A 306 -22.03 -37.29 -6.27
CA HIS A 306 -22.80 -37.57 -7.47
C HIS A 306 -23.69 -36.41 -7.88
N MET A 307 -23.90 -35.43 -7.02
CA MET A 307 -24.61 -34.23 -7.46
C MET A 307 -23.76 -33.32 -8.32
N LEU A 308 -22.44 -33.50 -8.31
CA LEU A 308 -21.62 -32.72 -9.21
C LEU A 308 -21.82 -33.22 -10.64
N ASP A 309 -21.95 -32.30 -11.57
CA ASP A 309 -22.11 -32.68 -12.95
C ASP A 309 -20.75 -32.80 -13.65
N ILE A 310 -20.79 -33.12 -14.95
CA ILE A 310 -19.58 -33.49 -15.67
C ILE A 310 -18.66 -32.30 -15.88
N GLU A 311 -19.19 -31.09 -15.85
CA GLU A 311 -18.38 -29.89 -15.95
C GLU A 311 -17.53 -29.64 -14.71
N CYS A 312 -17.76 -30.36 -13.62
CA CYS A 312 -16.96 -30.27 -12.41
C CYS A 312 -15.92 -31.38 -12.33
N PHE A 313 -16.27 -32.57 -12.78
CA PHE A 313 -15.28 -33.64 -12.85
C PHE A 313 -14.29 -33.42 -13.97
N THR A 314 -14.65 -32.61 -14.96
CA THR A 314 -13.64 -32.20 -15.92
C THR A 314 -12.61 -31.28 -15.27
N TYR A 315 -13.06 -30.34 -14.44
CA TYR A 315 -12.14 -29.38 -13.88
C TYR A 315 -11.35 -29.90 -12.69
N LEU A 316 -11.85 -30.96 -12.02
CA LEU A 316 -11.07 -31.55 -10.95
C LEU A 316 -9.77 -32.18 -11.43
N ASN A 317 -9.69 -32.60 -12.69
CA ASN A 317 -8.42 -33.09 -13.23
C ASN A 317 -7.34 -32.03 -13.20
N LYS A 318 -7.62 -30.85 -13.73
CA LYS A 318 -6.60 -29.80 -13.71
C LYS A 318 -6.43 -29.22 -12.31
N ALA A 319 -7.45 -29.26 -11.47
CA ALA A 319 -7.29 -28.81 -10.09
C ALA A 319 -6.43 -29.74 -9.24
N LEU A 320 -6.37 -31.02 -9.59
CA LEU A 320 -5.51 -31.95 -8.88
C LEU A 320 -4.12 -32.09 -9.48
N GLU A 321 -3.91 -31.65 -10.70
CA GLU A 321 -2.59 -31.67 -11.29
C GLU A 321 -1.68 -30.56 -10.80
N SER A 322 -2.17 -29.69 -9.92
CA SER A 322 -1.37 -28.58 -9.41
C SER A 322 -0.28 -29.10 -8.49
N PRO A 323 0.85 -28.39 -8.41
CA PRO A 323 1.89 -28.81 -7.47
C PRO A 323 1.50 -28.59 -6.04
N ILE A 324 0.50 -27.76 -5.78
CA ILE A 324 -0.04 -27.61 -4.45
C ILE A 324 -1.56 -27.79 -4.52
N ALA A 325 -2.04 -28.86 -3.93
CA ALA A 325 -3.45 -29.21 -3.95
C ALA A 325 -3.77 -30.16 -2.80
N PRO A 326 -4.80 -29.88 -2.04
CA PRO A 326 -5.15 -30.74 -0.90
C PRO A 326 -5.73 -32.06 -1.36
N ILE A 327 -5.78 -32.99 -0.42
CA ILE A 327 -6.32 -34.33 -0.67
C ILE A 327 -7.84 -34.25 -0.67
N VAL A 328 -8.45 -34.92 -1.64
CA VAL A 328 -9.89 -34.90 -1.83
C VAL A 328 -10.47 -36.18 -1.28
N VAL A 329 -11.54 -36.08 -0.51
CA VAL A 329 -12.26 -37.24 -0.01
C VAL A 329 -13.69 -37.14 -0.48
N LEU A 330 -14.06 -37.99 -1.44
CA LEU A 330 -15.38 -37.98 -2.04
C LEU A 330 -16.28 -39.01 -1.37
N ALA A 331 -17.55 -38.69 -1.21
CA ALA A 331 -18.56 -39.61 -0.72
C ALA A 331 -19.65 -39.73 -1.76
N SER A 332 -20.09 -40.96 -2.06
CA SER A 332 -21.10 -41.16 -3.09
C SER A 332 -21.88 -42.42 -2.81
N ASN A 333 -23.14 -42.26 -2.41
CA ASN A 333 -24.00 -43.39 -2.14
C ASN A 333 -24.87 -43.76 -3.34
N ARG A 334 -24.27 -43.97 -4.49
CA ARG A 334 -25.01 -44.34 -5.68
C ARG A 334 -24.47 -45.59 -6.32
N GLY A 335 -25.37 -46.35 -6.93
CA GLY A 335 -24.94 -47.51 -7.67
C GLY A 335 -24.63 -47.16 -9.10
N ILE A 336 -25.10 -47.97 -10.05
CA ILE A 336 -25.01 -47.60 -11.44
C ILE A 336 -26.01 -46.49 -11.69
N ALA A 337 -25.52 -45.30 -12.02
CA ALA A 337 -26.40 -44.15 -12.15
C ALA A 337 -25.95 -43.31 -13.32
N THR A 338 -26.77 -42.31 -13.63
CA THR A 338 -26.52 -41.42 -14.76
C THR A 338 -25.89 -40.14 -14.24
N ILE A 339 -24.81 -39.71 -14.89
CA ILE A 339 -24.11 -38.50 -14.52
C ILE A 339 -24.99 -37.30 -14.85
N ARG A 340 -24.94 -36.27 -13.99
CA ARG A 340 -25.85 -35.14 -14.09
C ARG A 340 -25.63 -34.31 -15.34
N GLY A 341 -24.40 -34.16 -15.79
CA GLY A 341 -24.13 -33.31 -16.92
C GLY A 341 -24.63 -33.84 -18.25
N ALA A 342 -24.02 -34.93 -18.73
CA ALA A 342 -24.45 -35.59 -19.95
C ALA A 342 -25.26 -36.82 -19.58
N ASP A 343 -26.49 -36.89 -20.09
CA ASP A 343 -27.43 -37.92 -19.69
C ASP A 343 -27.37 -39.16 -20.56
N ASP A 344 -26.24 -39.44 -21.21
CA ASP A 344 -26.18 -40.58 -22.11
C ASP A 344 -25.04 -41.54 -21.80
N LEU A 345 -24.30 -41.32 -20.72
CA LEU A 345 -23.34 -42.32 -20.26
C LEU A 345 -23.61 -42.61 -18.79
N LYS A 346 -23.84 -43.87 -18.49
CA LYS A 346 -24.05 -44.34 -17.13
C LYS A 346 -22.76 -44.90 -16.57
N ALA A 347 -22.60 -44.76 -15.27
CA ALA A 347 -21.38 -45.23 -14.64
C ALA A 347 -21.67 -45.54 -13.19
N ALA A 348 -20.68 -46.17 -12.56
CA ALA A 348 -20.76 -46.42 -11.14
C ALA A 348 -20.61 -45.12 -10.38
N HIS A 349 -21.39 -44.98 -9.32
CA HIS A 349 -21.31 -43.93 -8.30
C HIS A 349 -21.67 -42.54 -8.80
N GLY A 350 -21.98 -42.36 -10.08
CA GLY A 350 -22.06 -41.05 -10.67
C GLY A 350 -20.74 -40.48 -11.11
N ILE A 351 -19.64 -41.03 -10.64
CA ILE A 351 -18.31 -40.60 -11.09
C ILE A 351 -18.12 -41.00 -12.53
N PRO A 352 -17.57 -40.15 -13.39
CA PRO A 352 -17.31 -40.56 -14.75
C PRO A 352 -16.22 -41.61 -14.79
N PRO A 353 -16.21 -42.48 -15.81
CA PRO A 353 -15.23 -43.57 -15.85
C PRO A 353 -13.81 -43.12 -16.11
N ASP A 354 -13.58 -41.86 -16.46
CA ASP A 354 -12.23 -41.35 -16.59
C ASP A 354 -11.70 -40.79 -15.28
N PHE A 355 -12.56 -40.07 -14.55
CA PHE A 355 -12.14 -39.52 -13.27
C PHE A 355 -12.03 -40.60 -12.20
N LEU A 356 -12.67 -41.75 -12.40
CA LEU A 356 -12.71 -42.76 -11.35
C LEU A 356 -11.36 -43.42 -11.15
N GLN A 357 -10.46 -43.34 -12.13
CA GLN A 357 -9.17 -43.99 -11.98
C GLN A 357 -8.23 -43.27 -11.04
N ARG A 358 -8.45 -41.98 -10.77
CA ARG A 358 -7.63 -41.30 -9.78
C ARG A 358 -7.90 -41.80 -8.39
N LEU A 359 -9.10 -42.31 -8.15
CA LEU A 359 -9.59 -42.52 -6.81
C LEU A 359 -9.08 -43.82 -6.21
N LEU A 360 -8.72 -43.76 -4.93
CA LEU A 360 -8.47 -44.94 -4.12
C LEU A 360 -9.76 -45.31 -3.42
N ILE A 361 -10.51 -46.23 -4.02
CA ILE A 361 -11.88 -46.46 -3.61
C ILE A 361 -11.93 -47.31 -2.35
N ILE A 362 -12.54 -46.77 -1.30
CA ILE A 362 -12.76 -47.48 -0.04
C ILE A 362 -14.22 -47.94 -0.01
N PRO A 363 -14.48 -49.23 0.12
CA PRO A 363 -15.86 -49.69 0.25
C PRO A 363 -16.36 -49.47 1.67
N THR A 364 -17.66 -49.73 1.86
CA THR A 364 -18.30 -49.67 3.17
C THR A 364 -19.44 -50.67 3.20
N HIS A 365 -19.37 -51.59 4.09
CA HIS A 365 -20.31 -52.70 4.06
C HIS A 365 -21.45 -52.48 5.06
N PRO A 366 -22.61 -53.10 4.83
CA PRO A 366 -23.72 -52.97 5.77
C PRO A 366 -23.47 -53.65 7.10
N TYR A 367 -24.42 -53.55 8.01
CA TYR A 367 -24.21 -53.98 9.38
C TYR A 367 -24.85 -55.33 9.67
N GLU A 368 -24.82 -55.72 10.94
CA GLU A 368 -25.20 -57.02 11.44
C GLU A 368 -26.19 -56.83 12.57
N PRO A 369 -27.00 -57.85 12.90
CA PRO A 369 -27.97 -57.68 13.99
C PRO A 369 -27.39 -57.55 15.39
N ASP A 370 -26.08 -57.71 15.57
CA ASP A 370 -25.49 -57.40 16.87
C ASP A 370 -24.79 -56.05 16.88
N GLU A 371 -24.24 -55.65 15.74
CA GLU A 371 -23.64 -54.34 15.61
C GLU A 371 -24.68 -53.24 15.74
N ILE A 372 -25.90 -53.51 15.28
CA ILE A 372 -27.00 -52.58 15.48
C ILE A 372 -27.32 -52.45 16.97
N ARG A 373 -27.24 -53.56 17.70
CA ARG A 373 -27.47 -53.50 19.15
C ARG A 373 -26.42 -52.69 19.87
N ARG A 374 -25.16 -52.80 19.44
CA ARG A 374 -24.09 -52.02 20.05
C ARG A 374 -24.23 -50.53 19.72
N ILE A 375 -24.64 -50.21 18.49
CA ILE A 375 -24.80 -48.82 18.11
C ILE A 375 -25.98 -48.21 18.85
N VAL A 376 -27.04 -48.98 19.05
CA VAL A 376 -28.18 -48.50 19.83
C VAL A 376 -27.79 -48.26 21.28
N ARG A 377 -26.97 -49.14 21.84
CA ARG A 377 -26.52 -48.95 23.21
C ARG A 377 -25.63 -47.73 23.37
N ILE A 378 -24.72 -47.51 22.42
CA ILE A 378 -23.84 -46.33 22.47
C ILE A 378 -24.63 -45.04 22.29
N ARG A 379 -25.58 -45.04 21.35
CA ARG A 379 -26.40 -43.87 21.12
C ARG A 379 -27.31 -43.56 22.30
N ALA A 380 -27.78 -44.60 23.01
CA ALA A 380 -28.61 -44.36 24.17
C ALA A 380 -27.81 -43.83 25.34
N GLN A 381 -26.60 -44.34 25.53
CA GLN A 381 -25.78 -43.79 26.61
C GLN A 381 -25.10 -42.50 26.22
N THR A 382 -25.20 -42.09 24.95
CA THR A 382 -24.69 -40.81 24.52
C THR A 382 -25.74 -39.73 24.71
N GLU A 383 -26.98 -39.99 24.28
CA GLU A 383 -28.02 -38.99 24.44
C GLU A 383 -28.38 -38.80 25.89
N GLY A 384 -28.30 -39.86 26.70
CA GLY A 384 -28.72 -39.79 28.08
C GLY A 384 -30.03 -40.51 28.37
N VAL A 385 -30.35 -41.51 27.57
CA VAL A 385 -31.59 -42.27 27.73
C VAL A 385 -31.20 -43.68 28.15
N GLN A 386 -31.45 -44.02 29.41
CA GLN A 386 -31.22 -45.37 29.89
C GLN A 386 -32.50 -46.20 29.76
N LEU A 387 -32.32 -47.49 29.55
CA LEU A 387 -33.43 -48.36 29.18
C LEU A 387 -33.05 -49.80 29.51
N THR A 388 -33.99 -50.72 29.28
CA THR A 388 -33.82 -52.12 29.62
C THR A 388 -33.43 -52.92 28.40
N ASP A 389 -33.00 -54.17 28.65
CA ASP A 389 -32.43 -54.98 27.58
C ASP A 389 -33.50 -55.51 26.63
N ALA A 390 -34.72 -55.71 27.12
CA ALA A 390 -35.81 -56.10 26.23
C ALA A 390 -36.15 -54.96 25.28
N ALA A 391 -36.07 -53.73 25.77
CA ALA A 391 -36.29 -52.57 24.91
C ALA A 391 -35.16 -52.41 23.89
N VAL A 392 -33.93 -52.75 24.30
CA VAL A 392 -32.81 -52.75 23.37
C VAL A 392 -33.00 -53.79 22.28
N ASP A 393 -33.51 -54.97 22.66
CA ASP A 393 -33.81 -56.00 21.67
C ASP A 393 -34.94 -55.59 20.74
N ARG A 394 -35.93 -54.85 21.25
CA ARG A 394 -37.01 -54.37 20.41
C ARG A 394 -36.52 -53.34 19.39
N VAL A 395 -35.69 -52.40 19.84
CA VAL A 395 -35.14 -51.41 18.93
C VAL A 395 -34.19 -52.05 17.92
N ALA A 396 -33.45 -53.07 18.33
CA ALA A 396 -32.61 -53.78 17.38
C ALA A 396 -33.44 -54.59 16.38
N GLU A 397 -34.61 -55.07 16.80
CA GLU A 397 -35.51 -55.74 15.86
C GLU A 397 -36.04 -54.77 14.81
N HIS A 398 -36.40 -53.56 15.24
CA HIS A 398 -36.75 -52.51 14.29
C HIS A 398 -35.57 -52.12 13.41
N GLY A 399 -34.37 -52.21 13.95
CA GLY A 399 -33.19 -51.87 13.17
C GLY A 399 -32.89 -52.89 12.09
N VAL A 400 -33.11 -54.17 12.41
CA VAL A 400 -32.93 -55.19 11.40
C VAL A 400 -34.03 -55.12 10.35
N ARG A 401 -35.27 -54.90 10.78
CA ARG A 401 -36.39 -54.95 9.83
C ARG A 401 -36.48 -53.69 8.99
N ILE A 402 -36.39 -52.51 9.61
CA ILE A 402 -36.77 -51.29 8.91
C ILE A 402 -35.57 -50.55 8.35
N SER A 403 -34.69 -50.06 9.23
CA SER A 403 -33.56 -49.24 8.84
C SER A 403 -32.64 -49.07 10.04
N LEU A 404 -31.45 -48.56 9.77
CA LEU A 404 -30.53 -48.27 10.86
C LEU A 404 -30.82 -46.93 11.51
N ARG A 405 -30.94 -45.88 10.70
CA ARG A 405 -31.16 -44.56 11.27
C ARG A 405 -32.63 -44.24 11.40
N TYR A 406 -33.48 -45.26 11.35
CA TYR A 406 -34.83 -45.10 11.85
C TYR A 406 -34.95 -45.52 13.30
N CYS A 407 -34.32 -46.63 13.67
CA CYS A 407 -34.45 -47.13 15.03
C CYS A 407 -33.68 -46.31 16.05
N LEU A 408 -32.68 -45.55 15.61
CA LEU A 408 -32.02 -44.63 16.53
C LEU A 408 -32.93 -43.48 16.92
N GLN A 409 -33.83 -43.10 16.04
CA GLN A 409 -34.70 -41.97 16.27
C GLN A 409 -35.95 -42.32 17.05
N LEU A 410 -36.14 -43.58 17.40
CA LEU A 410 -37.23 -43.96 18.28
C LEU A 410 -36.84 -43.95 19.75
N LEU A 411 -35.71 -43.32 20.08
CA LEU A 411 -35.29 -43.20 21.47
C LEU A 411 -35.62 -41.86 22.07
N ALA A 412 -35.73 -40.84 21.25
CA ALA A 412 -36.02 -39.50 21.72
C ALA A 412 -37.49 -39.29 22.05
N PRO A 413 -38.48 -39.79 21.28
CA PRO A 413 -39.84 -39.75 21.85
C PRO A 413 -40.04 -40.70 23.02
N ALA A 414 -39.44 -41.88 22.98
CA ALA A 414 -39.68 -42.88 24.02
C ALA A 414 -39.12 -42.49 25.37
N SER A 415 -38.16 -41.57 25.40
CA SER A 415 -37.78 -40.95 26.66
C SER A 415 -38.89 -40.05 27.17
N ILE A 416 -39.41 -39.21 26.29
CA ILE A 416 -40.36 -38.19 26.70
C ILE A 416 -41.63 -38.87 27.20
N LEU A 417 -42.09 -39.86 26.43
CA LEU A 417 -43.22 -40.68 26.84
C LEU A 417 -42.96 -41.43 28.14
N ALA A 418 -41.71 -41.87 28.36
CA ALA A 418 -41.38 -42.45 29.66
C ALA A 418 -41.56 -41.43 30.78
N ARG A 419 -41.13 -40.19 30.55
CA ARG A 419 -41.32 -39.13 31.52
C ARG A 419 -42.78 -38.70 31.66
N VAL A 420 -43.62 -39.05 30.68
CA VAL A 420 -45.05 -38.89 30.86
C VAL A 420 -45.56 -39.82 31.95
N ASN A 421 -45.12 -41.06 31.95
CA ASN A 421 -45.68 -42.08 32.83
C ASN A 421 -44.89 -42.20 34.13
N GLY A 422 -44.12 -41.17 34.49
CA GLY A 422 -43.40 -41.16 35.75
C GLY A 422 -42.20 -42.08 35.81
N ARG A 423 -41.84 -42.72 34.70
CA ARG A 423 -40.72 -43.63 34.69
C ARG A 423 -39.41 -42.87 34.51
N THR A 424 -38.31 -43.60 34.68
CA THR A 424 -36.98 -43.11 34.36
C THR A 424 -36.36 -43.90 33.22
N GLN A 425 -36.35 -45.21 33.32
CA GLN A 425 -35.88 -46.06 32.25
C GLN A 425 -37.02 -46.36 31.28
N VAL A 426 -36.64 -46.66 30.05
CA VAL A 426 -37.59 -46.88 28.97
C VAL A 426 -37.88 -48.38 28.87
N ASP A 427 -39.15 -48.74 28.98
CA ASP A 427 -39.59 -50.12 28.92
C ASP A 427 -40.16 -50.43 27.54
N VAL A 428 -40.79 -51.60 27.43
CA VAL A 428 -41.30 -52.08 26.15
C VAL A 428 -42.54 -51.29 25.74
N GLN A 429 -43.32 -50.82 26.72
CA GLN A 429 -44.58 -50.14 26.42
C GLN A 429 -44.36 -48.79 25.75
N ASP A 430 -43.31 -48.08 26.17
CA ASP A 430 -43.05 -46.76 25.61
C ASP A 430 -42.60 -46.86 24.15
N ILE A 431 -41.78 -47.86 23.83
CA ILE A 431 -41.37 -48.03 22.44
C ILE A 431 -42.52 -48.62 21.63
N ALA A 432 -43.36 -49.43 22.26
CA ALA A 432 -44.54 -49.95 21.57
C ALA A 432 -45.58 -48.88 21.31
N GLU A 433 -45.55 -47.78 22.06
CA GLU A 433 -46.42 -46.66 21.73
C GLU A 433 -45.79 -45.68 20.74
N ALA A 434 -44.48 -45.46 20.85
CA ALA A 434 -43.80 -44.56 19.95
C ALA A 434 -43.64 -45.15 18.56
N GLU A 435 -43.71 -46.47 18.43
CA GLU A 435 -43.72 -47.07 17.10
C GLU A 435 -45.08 -46.92 16.44
N GLU A 436 -46.11 -46.56 17.20
CA GLU A 436 -47.42 -46.30 16.64
C GLU A 436 -47.68 -44.82 16.41
N LEU A 437 -47.14 -43.95 17.24
CA LEU A 437 -47.29 -42.52 17.00
C LEU A 437 -46.44 -42.07 15.82
N PHE A 438 -45.18 -42.47 15.79
CA PHE A 438 -44.23 -42.01 14.80
C PHE A 438 -43.91 -43.14 13.84
N LEU A 439 -44.10 -42.91 12.56
CA LEU A 439 -43.95 -43.96 11.56
C LEU A 439 -42.69 -43.75 10.73
N ASP A 440 -42.34 -44.80 10.02
CA ASP A 440 -41.21 -44.82 9.11
C ASP A 440 -41.69 -44.43 7.71
N ALA A 441 -40.84 -44.64 6.71
CA ALA A 441 -41.22 -44.34 5.34
C ALA A 441 -41.93 -45.48 4.65
N ARG A 442 -41.60 -46.72 4.99
CA ARG A 442 -42.15 -47.86 4.28
C ARG A 442 -43.62 -48.09 4.60
N ARG A 443 -43.98 -48.10 5.88
CA ARG A 443 -45.38 -48.27 6.24
C ARG A 443 -46.21 -47.06 5.86
N SER A 444 -45.62 -45.87 5.83
CA SER A 444 -46.33 -44.69 5.35
C SER A 444 -46.63 -44.78 3.86
N ALA A 445 -45.69 -45.31 3.07
CA ALA A 445 -45.95 -45.52 1.66
C ALA A 445 -46.98 -46.62 1.44
N ASN A 446 -47.01 -47.62 2.33
CA ASN A 446 -48.02 -48.66 2.24
C ASN A 446 -49.42 -48.11 2.52
N ILE A 447 -49.53 -47.26 3.56
CA ILE A 447 -50.80 -46.59 3.85
C ILE A 447 -51.18 -45.67 2.69
N LEU A 448 -50.18 -45.03 2.09
CA LEU A 448 -50.40 -44.16 0.94
C LEU A 448 -51.00 -44.92 -0.24
N THR A 449 -50.39 -46.05 -0.60
CA THR A 449 -50.87 -46.83 -1.73
C THR A 449 -52.22 -47.48 -1.44
N SER A 450 -52.42 -47.94 -0.21
CA SER A 450 -53.66 -48.62 0.12
C SER A 450 -54.83 -47.67 0.23
N THR A 451 -54.70 -46.64 1.08
CA THR A 451 -55.80 -45.71 1.32
C THR A 451 -56.00 -44.79 0.12
N GLY A 452 -54.92 -44.28 -0.45
CA GLY A 452 -55.03 -43.42 -1.60
C GLY A 452 -55.35 -44.18 -2.88
N GLU A 453 -56.58 -44.72 -2.95
CA GLU A 453 -56.99 -45.51 -4.10
C GLU A 453 -57.34 -44.62 -5.29
N SER A 454 -58.21 -43.64 -5.08
CA SER A 454 -58.67 -42.76 -6.14
C SER A 454 -58.48 -41.32 -5.72
N GLY A 455 -58.16 -40.46 -6.68
CA GLY A 455 -58.11 -39.04 -6.41
C GLY A 455 -59.50 -38.46 -6.26
N GLY A 456 -59.64 -37.50 -5.34
CA GLY A 456 -60.93 -36.90 -5.07
C GLY A 456 -60.93 -36.04 -3.83
N LEU A 457 -61.90 -36.25 -2.96
CA LEU A 457 -61.99 -35.44 -1.75
C LEU A 457 -61.06 -35.98 -0.67
N HIS A 458 -61.13 -37.28 -0.39
CA HIS A 458 -60.31 -37.91 0.63
C HIS A 458 -59.13 -38.66 0.04
N GLY A 459 -58.61 -38.20 -1.09
CA GLY A 459 -57.49 -38.84 -1.74
C GLY A 459 -56.24 -37.98 -1.67
N PHE A 460 -55.22 -38.44 -2.37
CA PHE A 460 -53.95 -37.75 -2.47
C PHE A 460 -53.80 -37.22 -3.87
N ILE A 461 -53.12 -36.09 -3.98
CA ILE A 461 -52.83 -35.52 -5.28
C ILE A 461 -51.72 -36.34 -5.91
N SER A 462 -52.04 -37.07 -6.96
CA SER A 462 -51.06 -37.94 -7.58
C SER A 462 -50.20 -37.15 -8.54
N HIS B 14 6.20 -10.89 -41.08
CA HIS B 14 5.70 -11.78 -42.11
C HIS B 14 5.56 -13.21 -41.60
N ARG B 15 4.40 -13.54 -41.03
CA ARG B 15 4.13 -14.89 -40.58
C ARG B 15 2.93 -15.46 -41.33
N THR B 16 2.98 -16.76 -41.58
CA THR B 16 2.00 -17.39 -42.45
C THR B 16 0.73 -17.69 -41.69
N ALA B 17 -0.39 -17.24 -42.23
CA ALA B 17 -1.70 -17.64 -41.76
C ALA B 17 -2.37 -18.60 -42.74
N ALA B 18 -3.63 -18.94 -42.47
CA ALA B 18 -4.36 -19.79 -43.38
C ALA B 18 -4.79 -19.06 -44.65
N HIS B 19 -4.70 -17.73 -44.68
CA HIS B 19 -5.04 -16.94 -45.86
C HIS B 19 -3.98 -15.89 -46.10
N THR B 20 -2.73 -16.30 -46.05
CA THR B 20 -1.68 -15.36 -46.40
C THR B 20 -1.57 -15.14 -47.90
N HIS B 21 -1.76 -16.20 -48.69
CA HIS B 21 -1.58 -16.12 -50.14
C HIS B 21 -2.73 -15.47 -50.88
N ILE B 22 -3.79 -15.09 -50.19
CA ILE B 22 -4.89 -14.36 -50.81
C ILE B 22 -4.49 -12.89 -50.85
N LYS B 23 -4.30 -12.36 -52.05
CA LYS B 23 -4.02 -10.94 -52.22
C LYS B 23 -5.18 -10.15 -52.77
N GLY B 24 -5.88 -10.68 -53.77
CA GLY B 24 -7.03 -10.00 -54.32
C GLY B 24 -7.84 -10.98 -55.12
N LEU B 25 -8.94 -10.50 -55.70
CA LEU B 25 -9.78 -11.38 -56.50
C LEU B 25 -9.12 -11.78 -57.81
N GLY B 26 -8.24 -10.94 -58.35
CA GLY B 26 -7.58 -11.29 -59.59
C GLY B 26 -8.52 -11.26 -60.77
N LEU B 27 -8.99 -10.07 -61.12
CA LEU B 27 -9.95 -9.90 -62.19
C LEU B 27 -9.29 -9.19 -63.37
N ASN B 28 -10.02 -9.16 -64.48
CA ASN B 28 -9.58 -8.41 -65.64
C ASN B 28 -9.99 -6.95 -65.50
N SER B 29 -9.89 -6.19 -66.58
CA SER B 29 -10.46 -4.87 -66.60
C SER B 29 -11.95 -4.90 -66.92
N SER B 30 -12.41 -5.96 -67.58
CA SER B 30 -13.80 -6.12 -67.95
C SER B 30 -14.58 -6.99 -66.97
N GLY B 31 -14.04 -7.20 -65.78
CA GLY B 31 -14.75 -7.93 -64.75
C GLY B 31 -14.89 -9.42 -65.00
N ILE B 32 -13.89 -10.04 -65.60
CA ILE B 32 -13.89 -11.48 -65.86
C ILE B 32 -12.72 -12.09 -65.12
N ALA B 33 -13.00 -13.11 -64.32
CA ALA B 33 -11.96 -13.78 -63.55
C ALA B 33 -11.06 -14.62 -64.45
N GLU B 34 -9.79 -14.66 -64.10
CA GLU B 34 -8.80 -15.40 -64.85
C GLU B 34 -8.18 -16.44 -63.92
N LYS B 35 -7.93 -17.63 -64.44
CA LYS B 35 -7.51 -18.74 -63.59
C LYS B 35 -6.05 -18.58 -63.15
N GLN B 36 -5.79 -18.96 -61.90
CA GLN B 36 -4.50 -18.83 -61.22
C GLN B 36 -4.03 -17.38 -61.25
N ALA B 37 -4.80 -16.55 -60.56
CA ALA B 37 -4.51 -15.13 -60.46
C ALA B 37 -4.63 -14.69 -59.02
N ALA B 38 -3.62 -13.97 -58.55
CA ALA B 38 -3.59 -13.28 -57.25
C ALA B 38 -3.75 -14.22 -56.07
N GLY B 39 -3.46 -15.51 -56.24
CA GLY B 39 -3.52 -16.48 -55.17
C GLY B 39 -4.61 -17.52 -55.31
N PHE B 40 -5.71 -17.17 -55.97
CA PHE B 40 -6.78 -18.13 -56.19
C PHE B 40 -6.41 -19.09 -57.31
N VAL B 41 -7.05 -20.26 -57.27
CA VAL B 41 -6.92 -21.25 -58.34
C VAL B 41 -8.32 -21.65 -58.76
N GLY B 42 -8.68 -21.33 -60.01
CA GLY B 42 -10.01 -21.65 -60.47
C GLY B 42 -11.03 -20.78 -59.77
N GLN B 43 -12.20 -21.36 -59.53
CA GLN B 43 -13.33 -20.75 -58.82
C GLN B 43 -13.75 -19.46 -59.51
N CYS B 44 -14.25 -19.61 -60.73
CA CYS B 44 -14.41 -18.48 -61.62
C CYS B 44 -15.63 -17.64 -61.26
N ALA B 45 -16.81 -18.27 -61.26
CA ALA B 45 -18.06 -17.54 -61.12
C ALA B 45 -18.22 -16.90 -59.74
N ALA B 46 -17.69 -17.55 -58.71
CA ALA B 46 -17.73 -16.96 -57.38
C ALA B 46 -16.85 -15.73 -57.27
N ARG B 47 -15.70 -15.73 -57.93
CA ARG B 47 -14.87 -14.53 -57.91
C ARG B 47 -15.46 -13.42 -58.77
N GLU B 48 -16.15 -13.78 -59.86
CA GLU B 48 -16.84 -12.77 -60.65
C GLU B 48 -17.97 -12.13 -59.86
N ALA B 49 -18.72 -12.94 -59.11
CA ALA B 49 -19.80 -12.41 -58.30
C ALA B 49 -19.29 -11.57 -57.16
N CYS B 50 -18.18 -11.97 -56.54
CA CYS B 50 -17.61 -11.14 -55.49
C CYS B 50 -17.01 -9.86 -56.04
N GLY B 51 -16.55 -9.86 -57.29
CA GLY B 51 -16.13 -8.62 -57.91
C GLY B 51 -17.28 -7.67 -58.14
N VAL B 52 -18.43 -8.21 -58.54
CA VAL B 52 -19.64 -7.40 -58.65
C VAL B 52 -20.06 -6.85 -57.28
N VAL B 53 -19.86 -7.65 -56.23
CA VAL B 53 -20.18 -7.18 -54.88
C VAL B 53 -19.27 -6.04 -54.46
N VAL B 54 -17.96 -6.15 -54.76
CA VAL B 54 -17.01 -5.08 -54.44
C VAL B 54 -17.35 -3.80 -55.17
N ASP B 55 -17.74 -3.92 -56.43
CA ASP B 55 -18.16 -2.72 -57.16
C ASP B 55 -19.44 -2.12 -56.61
N LEU B 56 -20.34 -2.96 -56.08
CA LEU B 56 -21.55 -2.44 -55.47
C LEU B 56 -21.26 -1.70 -54.18
N ILE B 57 -20.28 -2.17 -53.43
CA ILE B 57 -19.91 -1.49 -52.20
C ILE B 57 -19.25 -0.17 -52.50
N LYS B 58 -18.42 -0.12 -53.54
CA LYS B 58 -17.77 1.13 -53.89
C LYS B 58 -18.71 2.09 -54.61
N ALA B 59 -19.82 1.62 -55.16
CA ALA B 59 -20.69 2.50 -55.92
C ALA B 59 -21.50 3.45 -55.05
N HIS B 60 -21.65 3.13 -53.76
CA HIS B 60 -22.41 3.92 -52.78
C HIS B 60 -23.86 4.12 -53.20
N LYS B 61 -24.52 3.01 -53.54
CA LYS B 61 -25.95 2.98 -53.83
C LYS B 61 -26.60 1.82 -53.09
N MET B 62 -26.29 1.74 -51.81
CA MET B 62 -26.54 0.53 -51.05
C MET B 62 -26.97 0.91 -49.65
N ALA B 63 -28.15 0.47 -49.24
CA ALA B 63 -28.66 0.70 -47.91
C ALA B 63 -29.15 -0.59 -47.32
N GLY B 64 -28.35 -1.63 -47.46
CA GLY B 64 -28.73 -2.93 -46.97
C GLY B 64 -28.96 -3.93 -48.08
N ARG B 65 -27.96 -4.74 -48.35
CA ARG B 65 -28.03 -5.84 -49.29
C ARG B 65 -27.44 -7.06 -48.60
N GLY B 66 -28.02 -8.22 -48.86
CA GLY B 66 -27.57 -9.45 -48.26
C GLY B 66 -27.01 -10.39 -49.31
N VAL B 67 -25.85 -10.97 -49.00
CA VAL B 67 -25.17 -11.88 -49.91
C VAL B 67 -24.82 -13.13 -49.13
N LEU B 68 -25.37 -14.25 -49.56
CA LEU B 68 -25.10 -15.55 -48.94
C LEU B 68 -24.13 -16.35 -49.79
N LEU B 69 -23.28 -17.12 -49.13
CA LEU B 69 -22.31 -17.95 -49.83
C LEU B 69 -22.57 -19.40 -49.48
N ALA B 70 -23.00 -20.18 -50.46
CA ALA B 70 -23.29 -21.60 -50.28
C ALA B 70 -21.99 -22.37 -50.41
N GLY B 71 -22.09 -23.69 -50.50
CA GLY B 71 -20.91 -24.52 -50.66
C GLY B 71 -20.46 -25.14 -49.36
N GLY B 72 -19.95 -26.36 -49.43
CA GLY B 72 -19.60 -27.08 -48.24
C GLY B 72 -18.31 -26.62 -47.62
N PRO B 73 -17.95 -27.27 -46.52
CA PRO B 73 -16.65 -27.01 -45.92
C PRO B 73 -15.55 -27.59 -46.77
N GLY B 74 -14.40 -26.92 -46.73
CA GLY B 74 -13.27 -27.23 -47.56
C GLY B 74 -13.18 -26.38 -48.80
N THR B 75 -14.29 -25.85 -49.26
CA THR B 75 -14.24 -24.94 -50.40
C THR B 75 -13.89 -23.55 -49.89
N GLY B 76 -13.58 -22.67 -50.83
CA GLY B 76 -13.09 -21.35 -50.49
C GLY B 76 -14.14 -20.30 -50.28
N LYS B 77 -14.84 -20.38 -49.16
CA LYS B 77 -15.81 -19.34 -48.87
C LYS B 77 -15.17 -18.13 -48.22
N THR B 78 -14.42 -18.33 -47.15
CA THR B 78 -13.85 -17.20 -46.46
C THR B 78 -12.64 -16.61 -47.18
N ALA B 79 -12.03 -17.38 -48.08
CA ALA B 79 -11.00 -16.81 -48.94
C ALA B 79 -11.58 -15.74 -49.86
N LEU B 80 -12.82 -15.92 -50.30
CA LEU B 80 -13.49 -14.87 -51.06
C LEU B 80 -13.72 -13.64 -50.20
N ALA B 81 -14.01 -13.84 -48.92
CA ALA B 81 -14.27 -12.70 -48.04
C ALA B 81 -13.00 -11.92 -47.75
N LEU B 82 -11.89 -12.61 -47.52
CA LEU B 82 -10.64 -11.87 -47.34
C LEU B 82 -10.14 -11.26 -48.64
N ALA B 83 -10.51 -11.86 -49.77
CA ALA B 83 -10.23 -11.22 -51.04
C ALA B 83 -11.00 -9.92 -51.19
N ILE B 84 -12.27 -9.90 -50.79
CA ILE B 84 -13.03 -8.66 -50.77
C ILE B 84 -12.43 -7.65 -49.81
N SER B 85 -11.99 -8.11 -48.64
CA SER B 85 -11.45 -7.21 -47.63
C SER B 85 -10.14 -6.58 -48.04
N GLN B 86 -9.34 -7.30 -48.82
CA GLN B 86 -8.14 -6.68 -49.36
C GLN B 86 -8.36 -6.02 -50.70
N GLU B 87 -9.52 -6.23 -51.31
CA GLU B 87 -9.84 -5.53 -52.54
C GLU B 87 -10.38 -4.15 -52.26
N LEU B 88 -11.15 -4.00 -51.17
CA LEU B 88 -11.61 -2.67 -50.78
C LEU B 88 -10.46 -1.81 -50.29
N GLY B 89 -9.59 -2.38 -49.49
CA GLY B 89 -8.46 -1.68 -48.93
C GLY B 89 -8.65 -1.37 -47.46
N THR B 90 -7.76 -0.54 -46.96
CA THR B 90 -7.79 -0.13 -45.57
C THR B 90 -8.84 0.95 -45.35
N LYS B 91 -9.30 1.59 -46.42
CA LYS B 91 -10.18 2.73 -46.28
C LYS B 91 -11.56 2.29 -45.80
N ILE B 92 -12.25 1.48 -46.60
CA ILE B 92 -13.63 1.13 -46.29
C ILE B 92 -13.63 0.08 -45.16
N PRO B 93 -14.40 0.27 -44.10
CA PRO B 93 -14.34 -0.65 -42.97
C PRO B 93 -14.94 -2.01 -43.28
N PHE B 94 -14.36 -3.02 -42.65
CA PHE B 94 -14.75 -4.40 -42.83
C PHE B 94 -14.78 -5.06 -41.47
N CYS B 95 -15.94 -5.54 -41.05
CA CYS B 95 -16.11 -6.15 -39.73
C CYS B 95 -16.44 -7.62 -39.84
N PRO B 96 -15.48 -8.51 -39.67
CA PRO B 96 -15.80 -9.94 -39.63
C PRO B 96 -16.19 -10.46 -38.27
N ILE B 97 -17.41 -10.98 -38.11
CA ILE B 97 -17.82 -11.62 -36.88
C ILE B 97 -18.43 -12.97 -37.22
N THR B 98 -18.18 -13.95 -36.37
CA THR B 98 -18.83 -15.24 -36.45
C THR B 98 -20.23 -15.13 -35.86
N GLY B 99 -21.03 -16.17 -36.08
CA GLY B 99 -22.38 -16.14 -35.55
C GLY B 99 -22.39 -16.23 -34.04
N SER B 100 -21.51 -17.04 -33.48
CA SER B 100 -21.50 -17.30 -32.04
C SER B 100 -21.13 -16.09 -31.20
N GLU B 101 -20.57 -15.04 -31.79
CA GLU B 101 -20.31 -13.85 -31.00
C GLU B 101 -21.54 -13.04 -30.67
N ILE B 102 -22.72 -13.35 -31.21
CA ILE B 102 -23.87 -12.51 -30.91
C ILE B 102 -24.44 -12.75 -29.53
N TYR B 103 -24.02 -13.79 -28.83
CA TYR B 103 -24.62 -14.09 -27.54
C TYR B 103 -23.82 -13.42 -26.44
N SER B 104 -24.51 -12.69 -25.58
CA SER B 104 -23.86 -12.07 -24.44
C SER B 104 -24.66 -12.37 -23.20
N THR B 105 -24.16 -11.89 -22.06
CA THR B 105 -24.85 -11.98 -20.79
C THR B 105 -25.12 -10.62 -20.17
N GLU B 106 -25.02 -9.56 -20.95
CA GLU B 106 -25.23 -8.20 -20.47
C GLU B 106 -26.21 -7.43 -21.32
N VAL B 107 -26.35 -7.81 -22.58
CA VAL B 107 -27.27 -7.19 -23.51
C VAL B 107 -28.04 -8.30 -24.21
N LYS B 108 -29.13 -7.91 -24.83
CA LYS B 108 -29.90 -8.80 -25.66
C LYS B 108 -29.17 -9.04 -26.98
N LYS B 109 -29.55 -10.09 -27.68
CA LYS B 109 -28.80 -10.47 -28.86
C LYS B 109 -29.34 -9.81 -30.11
N THR B 110 -30.36 -8.98 -29.99
CA THR B 110 -30.76 -8.12 -31.08
C THR B 110 -30.19 -6.74 -30.96
N GLU B 111 -29.28 -6.53 -30.03
CA GLU B 111 -28.59 -5.25 -29.90
C GLU B 111 -27.13 -5.35 -30.31
N VAL B 112 -26.53 -6.53 -30.19
CA VAL B 112 -25.17 -6.75 -30.68
C VAL B 112 -25.14 -6.75 -32.20
N LEU B 113 -26.24 -7.14 -32.85
CA LEU B 113 -26.33 -7.00 -34.28
C LEU B 113 -26.26 -5.55 -34.71
N MET B 114 -27.01 -4.67 -34.04
CA MET B 114 -26.94 -3.26 -34.39
C MET B 114 -25.61 -2.66 -34.00
N GLU B 115 -24.95 -3.17 -32.96
CA GLU B 115 -23.59 -2.73 -32.69
C GLU B 115 -22.64 -3.12 -33.81
N ASN B 116 -22.83 -4.28 -34.44
CA ASN B 116 -21.96 -4.60 -35.57
C ASN B 116 -22.30 -3.77 -36.81
N PHE B 117 -23.56 -3.45 -37.02
CA PHE B 117 -23.92 -2.56 -38.12
C PHE B 117 -23.34 -1.17 -37.92
N ARG B 118 -23.31 -0.71 -36.70
CA ARG B 118 -22.72 0.59 -36.46
C ARG B 118 -21.20 0.54 -36.36
N ARG B 119 -20.61 -0.64 -36.22
CA ARG B 119 -19.18 -0.71 -36.46
C ARG B 119 -18.87 -0.79 -37.92
N ALA B 120 -19.84 -1.13 -38.76
CA ALA B 120 -19.52 -1.23 -40.17
C ALA B 120 -19.40 0.12 -40.87
N ILE B 121 -20.20 1.10 -40.50
CA ILE B 121 -20.20 2.36 -41.23
C ILE B 121 -19.03 3.20 -40.77
N GLY B 122 -18.33 3.83 -41.71
CA GLY B 122 -17.12 4.57 -41.42
C GLY B 122 -17.28 6.07 -41.65
N LEU B 123 -16.57 6.85 -40.86
CA LEU B 123 -16.67 8.30 -40.94
C LEU B 123 -15.25 8.85 -40.90
N ARG B 124 -14.77 9.35 -42.03
CA ARG B 124 -13.38 9.78 -42.20
C ARG B 124 -13.30 11.28 -42.00
N VAL B 125 -12.43 11.72 -41.09
CA VAL B 125 -12.20 13.12 -40.78
C VAL B 125 -10.74 13.44 -41.05
N ARG B 126 -10.50 14.58 -41.70
CA ARG B 126 -9.15 15.07 -41.91
C ARG B 126 -8.81 16.14 -40.87
N GLU B 127 -7.60 16.03 -40.30
CA GLU B 127 -7.10 16.97 -39.31
C GLU B 127 -5.69 17.42 -39.67
N THR B 128 -5.33 18.60 -39.19
CA THR B 128 -4.01 19.20 -39.35
C THR B 128 -3.46 19.47 -37.95
N LYS B 129 -2.83 18.46 -37.35
CA LYS B 129 -2.35 18.60 -35.99
C LYS B 129 -1.06 19.41 -35.90
N ASP B 130 -1.09 20.45 -35.07
CA ASP B 130 0.02 21.37 -34.85
C ASP B 130 0.64 21.05 -33.49
N VAL B 131 1.66 20.26 -33.48
CA VAL B 131 2.22 19.80 -32.23
C VAL B 131 3.34 20.73 -31.78
N TYR B 132 3.54 20.81 -30.47
CA TYR B 132 4.54 21.68 -29.85
C TYR B 132 5.38 20.89 -28.87
N GLU B 133 6.53 20.42 -29.32
CA GLU B 133 7.54 19.86 -28.45
C GLU B 133 8.47 20.96 -27.97
N GLY B 134 8.86 20.92 -26.72
CA GLY B 134 9.96 21.79 -26.33
C GLY B 134 9.97 22.07 -24.86
N GLU B 135 11.05 22.70 -24.44
CA GLU B 135 11.27 23.00 -23.04
C GLU B 135 10.57 24.30 -22.67
N VAL B 136 9.85 24.29 -21.56
CA VAL B 136 9.23 25.51 -21.05
C VAL B 136 10.28 26.50 -20.61
N THR B 137 10.20 27.72 -21.14
CA THR B 137 11.14 28.74 -20.71
C THR B 137 10.57 29.58 -19.57
N GLU B 138 9.34 30.06 -19.67
CA GLU B 138 8.71 30.76 -18.57
C GLU B 138 7.22 30.46 -18.52
N MET B 139 6.64 30.69 -17.35
CA MET B 139 5.22 30.51 -17.06
C MET B 139 4.69 31.82 -16.53
N THR B 140 4.33 32.73 -17.42
CA THR B 140 4.02 34.10 -17.03
C THR B 140 2.53 34.36 -17.17
N PRO B 141 1.79 34.45 -16.06
CA PRO B 141 0.38 34.87 -16.16
C PRO B 141 0.25 36.34 -16.52
N GLU B 142 -0.32 36.60 -17.69
CA GLU B 142 -0.36 37.96 -18.22
C GLU B 142 -1.42 38.79 -17.53
N GLU B 143 -2.67 38.39 -17.68
CA GLU B 143 -3.80 39.19 -17.24
C GLU B 143 -4.29 38.77 -15.87
N ALA B 144 -5.04 39.66 -15.23
CA ALA B 144 -5.58 39.38 -13.92
C ALA B 144 -6.97 40.00 -13.84
N SER B 156 -5.99 33.70 -16.01
CA SER B 156 -6.25 34.20 -17.36
C SER B 156 -5.20 33.74 -18.35
N THR B 157 -4.90 34.59 -19.33
CA THR B 157 -3.96 34.26 -20.38
C THR B 157 -2.54 34.18 -19.82
N LEU B 158 -1.85 33.09 -20.14
CA LEU B 158 -0.53 32.82 -19.61
C LEU B 158 0.41 32.45 -20.76
N LEU B 159 1.41 33.29 -21.01
CA LEU B 159 2.38 32.98 -22.05
C LEU B 159 3.31 31.86 -21.63
N ILE B 160 3.73 31.06 -22.61
CA ILE B 160 4.69 29.99 -22.40
C ILE B 160 5.73 30.05 -23.51
N GLY B 161 7.00 30.17 -23.13
CA GLY B 161 8.03 30.06 -24.12
C GLY B 161 8.51 28.63 -24.28
N LEU B 162 8.42 28.08 -25.48
CA LEU B 162 8.78 26.69 -25.73
C LEU B 162 10.13 26.67 -26.42
N LYS B 163 11.18 26.42 -25.66
CA LYS B 163 12.52 26.40 -26.22
C LYS B 163 12.82 25.03 -26.83
N SER B 164 13.19 25.03 -28.10
CA SER B 164 13.67 23.83 -28.76
C SER B 164 15.18 23.90 -28.88
N ALA B 165 15.77 22.99 -29.65
CA ALA B 165 17.16 23.10 -30.05
C ALA B 165 17.34 23.88 -31.33
N ARG B 166 16.26 24.43 -31.87
CA ARG B 166 16.31 25.29 -33.05
C ARG B 166 15.87 26.71 -32.74
N GLY B 167 15.15 26.92 -31.64
CA GLY B 167 14.79 28.25 -31.21
C GLY B 167 13.55 28.28 -30.35
N GLN B 168 13.47 29.25 -29.45
CA GLN B 168 12.28 29.34 -28.63
C GLN B 168 11.17 30.08 -29.37
N LYS B 169 9.98 30.05 -28.80
CA LYS B 169 8.80 30.60 -29.47
C LYS B 169 7.75 30.91 -28.43
N LYS B 170 7.21 32.12 -28.47
CA LYS B 170 6.15 32.50 -27.56
C LYS B 170 4.85 31.83 -27.95
N LEU B 171 3.95 31.71 -26.96
CA LEU B 171 2.70 30.99 -27.17
C LEU B 171 1.65 31.47 -26.18
N ARG B 172 0.54 31.97 -26.69
CA ARG B 172 -0.54 32.45 -25.84
C ARG B 172 -1.58 31.37 -25.62
N LEU B 173 -1.89 31.09 -24.35
CA LEU B 173 -2.78 30.01 -23.98
C LEU B 173 -4.15 30.51 -23.54
N ASP B 174 -5.15 29.71 -23.88
CA ASP B 174 -6.50 29.89 -23.37
C ASP B 174 -6.52 29.65 -21.86
N PRO B 175 -7.44 30.28 -21.15
CA PRO B 175 -7.55 29.99 -19.71
C PRO B 175 -8.20 28.66 -19.36
N SER B 176 -8.45 27.79 -20.32
CA SER B 176 -8.88 26.44 -20.01
C SER B 176 -7.84 25.39 -20.32
N ILE B 177 -6.98 25.63 -21.29
CA ILE B 177 -5.86 24.73 -21.51
C ILE B 177 -4.80 24.90 -20.44
N TYR B 178 -4.74 26.07 -19.81
CA TYR B 178 -3.80 26.26 -18.72
C TYR B 178 -4.23 25.48 -17.49
N GLU B 179 -5.52 25.27 -17.30
CA GLU B 179 -5.96 24.40 -16.22
C GLU B 179 -5.81 22.92 -16.53
N ALA B 180 -5.41 22.56 -17.75
CA ALA B 180 -4.94 21.21 -18.06
C ALA B 180 -3.43 21.09 -17.97
N ILE B 181 -2.70 22.18 -18.24
CA ILE B 181 -1.27 22.20 -17.95
C ILE B 181 -1.06 22.12 -16.45
N GLN B 182 -1.86 22.84 -15.68
CA GLN B 182 -1.62 22.98 -14.25
C GLN B 182 -1.97 21.72 -13.49
N LYS B 183 -2.89 20.90 -14.02
CA LYS B 183 -3.16 19.62 -13.40
C LYS B 183 -1.97 18.68 -13.55
N GLU B 184 -1.33 18.71 -14.70
CA GLU B 184 -0.02 18.11 -14.84
C GLU B 184 0.97 18.93 -14.03
N ARG B 185 2.06 18.30 -13.61
CA ARG B 185 2.99 18.98 -12.72
C ARG B 185 4.14 19.54 -13.55
N VAL B 186 3.86 20.67 -14.18
CA VAL B 186 4.80 21.39 -15.02
C VAL B 186 5.18 22.66 -14.30
N GLN B 187 6.47 22.83 -13.99
CA GLN B 187 6.87 23.95 -13.14
C GLN B 187 7.74 24.98 -13.83
N VAL B 188 8.93 24.62 -14.28
CA VAL B 188 9.87 25.63 -14.76
C VAL B 188 10.41 25.25 -16.12
N GLY B 189 11.04 24.08 -16.18
CA GLY B 189 11.77 23.68 -17.36
C GLY B 189 11.48 22.27 -17.81
N ASP B 190 10.24 21.85 -17.63
CA ASP B 190 9.81 20.54 -18.09
C ASP B 190 9.53 20.60 -19.59
N VAL B 191 10.02 19.63 -20.34
CA VAL B 191 9.62 19.57 -21.75
C VAL B 191 8.19 19.05 -21.82
N ILE B 192 7.38 19.69 -22.67
CA ILE B 192 5.98 19.34 -22.79
C ILE B 192 5.64 19.15 -24.25
N TYR B 193 4.43 18.64 -24.47
CA TYR B 193 3.95 18.27 -25.80
C TYR B 193 2.51 18.77 -25.88
N ILE B 194 2.34 20.01 -26.33
CA ILE B 194 1.02 20.62 -26.45
C ILE B 194 0.47 20.37 -27.85
N GLU B 195 -0.71 19.77 -27.91
CA GLU B 195 -1.50 19.80 -29.12
C GLU B 195 -2.18 21.15 -29.19
N THR B 196 -2.05 21.83 -30.33
CA THR B 196 -2.70 23.12 -30.47
C THR B 196 -4.19 22.94 -30.74
N ASN B 197 -4.54 22.03 -31.64
CA ASN B 197 -5.93 21.88 -32.04
C ASN B 197 -6.75 21.21 -30.95
N THR B 198 -6.42 19.98 -30.60
CA THR B 198 -7.25 19.25 -29.67
C THR B 198 -7.00 19.62 -28.22
N GLY B 199 -5.95 20.39 -27.94
CA GLY B 199 -5.68 20.80 -26.58
C GLY B 199 -5.27 19.68 -25.65
N ALA B 200 -4.42 18.79 -26.10
CA ALA B 200 -3.97 17.64 -25.33
C ALA B 200 -2.52 17.84 -24.92
N CYS B 201 -2.21 17.63 -23.65
CA CYS B 201 -0.88 17.94 -23.17
C CYS B 201 -0.29 16.76 -22.40
N LYS B 202 0.99 16.54 -22.57
CA LYS B 202 1.75 15.51 -21.87
C LYS B 202 3.08 16.06 -21.42
N ARG B 203 3.46 15.79 -20.17
CA ARG B 203 4.78 16.13 -19.67
C ARG B 203 5.74 15.00 -20.00
N VAL B 204 6.68 15.26 -20.90
CA VAL B 204 7.60 14.19 -21.29
C VAL B 204 8.65 13.97 -20.22
N GLY B 205 9.27 15.03 -19.73
CA GLY B 205 10.24 14.89 -18.67
C GLY B 205 10.88 16.22 -18.32
N ARG B 206 11.94 16.16 -17.53
CA ARG B 206 12.73 17.32 -17.18
C ARG B 206 13.95 17.39 -18.10
N SER B 207 14.26 18.58 -18.57
CA SER B 207 15.33 18.71 -19.56
C SER B 207 16.69 18.52 -18.93
N ASP B 208 17.63 18.01 -19.71
CA ASP B 208 18.93 17.64 -19.15
C ASP B 208 19.84 18.82 -18.88
N ALA B 209 19.46 20.03 -19.28
CA ALA B 209 20.23 21.18 -18.82
C ALA B 209 20.01 21.45 -17.35
N TYR B 210 18.81 21.19 -16.85
CA TYR B 210 18.53 21.29 -15.43
C TYR B 210 18.63 19.94 -14.75
N ALA B 211 19.47 19.05 -15.28
CA ALA B 211 19.54 17.70 -14.76
C ALA B 211 20.24 17.66 -13.41
N THR B 212 21.47 18.11 -13.35
CA THR B 212 22.25 18.09 -12.12
C THR B 212 22.10 19.37 -11.32
N GLU B 213 20.85 19.78 -11.11
CA GLU B 213 20.59 20.86 -10.15
C GLU B 213 20.80 20.36 -8.73
N PHE B 214 20.02 19.40 -8.33
CA PHE B 214 20.35 18.59 -7.18
C PHE B 214 21.03 17.35 -7.72
N ASP B 215 21.27 16.38 -6.86
CA ASP B 215 22.06 15.24 -7.28
C ASP B 215 21.31 13.91 -7.26
N LEU B 216 20.29 13.76 -6.42
CA LEU B 216 19.40 12.61 -6.46
C LEU B 216 17.95 13.03 -6.51
N GLU B 217 17.62 13.94 -7.41
CA GLU B 217 16.22 14.12 -7.76
C GLU B 217 15.72 12.91 -8.54
N ALA B 218 14.41 12.75 -8.58
CA ALA B 218 13.80 11.63 -9.26
C ALA B 218 12.87 12.15 -10.35
N GLU B 219 13.44 12.40 -11.53
CA GLU B 219 12.67 12.66 -12.73
C GLU B 219 13.27 11.88 -13.88
N GLU B 220 12.63 11.97 -15.02
CA GLU B 220 13.08 11.34 -16.25
C GLU B 220 13.79 12.39 -17.09
N TYR B 221 15.12 12.40 -17.02
CA TYR B 221 15.91 13.42 -17.70
C TYR B 221 16.06 13.08 -19.17
N VAL B 222 15.44 13.89 -20.03
CA VAL B 222 15.44 13.68 -21.48
C VAL B 222 16.07 14.87 -22.16
N PRO B 223 16.70 14.70 -23.32
CA PRO B 223 17.33 15.83 -24.00
C PRO B 223 16.30 16.68 -24.72
N ILE B 224 16.71 17.91 -24.99
CA ILE B 224 15.90 18.89 -25.72
C ILE B 224 15.74 18.41 -27.15
N PRO B 225 14.54 18.46 -27.73
CA PRO B 225 14.34 17.91 -29.08
C PRO B 225 15.07 18.73 -30.13
N LYS B 226 15.85 18.05 -30.97
CA LYS B 226 16.66 18.69 -32.00
C LYS B 226 15.93 18.82 -33.33
N GLY B 227 14.72 19.32 -33.27
CA GLY B 227 13.92 19.57 -34.44
C GLY B 227 13.29 20.94 -34.36
N GLU B 228 12.14 21.06 -35.00
CA GLU B 228 11.38 22.29 -34.93
C GLU B 228 10.71 22.40 -33.58
N VAL B 229 10.07 23.54 -33.34
CA VAL B 229 9.20 23.62 -32.18
C VAL B 229 7.76 23.49 -32.65
N HIS B 230 7.48 23.88 -33.90
CA HIS B 230 6.14 23.88 -34.48
C HIS B 230 6.16 22.89 -35.64
N LYS B 231 5.79 21.65 -35.39
CA LYS B 231 5.70 20.65 -36.44
C LYS B 231 4.25 20.58 -36.91
N LYS B 232 4.04 20.80 -38.20
CA LYS B 232 2.72 20.79 -38.79
C LYS B 232 2.58 19.60 -39.73
N LYS B 233 1.73 18.65 -39.36
CA LYS B 233 1.46 17.46 -40.13
C LYS B 233 -0.04 17.23 -40.15
N GLU B 234 -0.51 16.56 -41.21
CA GLU B 234 -1.91 16.26 -41.37
C GLU B 234 -2.14 14.76 -41.30
N ILE B 235 -3.29 14.38 -40.75
CA ILE B 235 -3.63 12.97 -40.51
C ILE B 235 -5.05 12.72 -40.97
N VAL B 236 -5.23 11.74 -41.85
CA VAL B 236 -6.55 11.21 -42.15
C VAL B 236 -6.82 10.06 -41.18
N GLN B 237 -8.01 10.02 -40.61
CA GLN B 237 -8.29 9.09 -39.54
C GLN B 237 -9.78 8.79 -39.47
N ASP B 238 -10.10 7.54 -39.18
CA ASP B 238 -11.47 7.04 -39.28
C ASP B 238 -12.12 6.91 -37.92
N VAL B 239 -13.44 7.05 -37.90
CA VAL B 239 -14.26 6.80 -36.74
C VAL B 239 -15.47 5.99 -37.19
N THR B 240 -15.75 4.89 -36.51
CA THR B 240 -16.97 4.14 -36.73
C THR B 240 -18.12 4.73 -35.92
N LEU B 241 -19.34 4.59 -36.43
CA LEU B 241 -20.50 5.19 -35.78
C LEU B 241 -20.83 4.55 -34.44
N HIS B 242 -20.42 3.31 -34.25
CA HIS B 242 -20.62 2.67 -32.96
C HIS B 242 -19.78 3.33 -31.88
N ASP B 243 -18.61 3.85 -32.27
CA ASP B 243 -17.81 4.58 -31.33
C ASP B 243 -18.46 5.91 -30.97
N LEU B 244 -19.15 6.54 -31.92
CA LEU B 244 -19.97 7.70 -31.61
C LEU B 244 -21.11 7.36 -30.66
N ASP B 245 -21.72 6.19 -30.85
CA ASP B 245 -22.83 5.77 -29.99
C ASP B 245 -22.35 5.55 -28.56
N VAL B 246 -21.21 4.91 -28.41
CA VAL B 246 -20.70 4.63 -27.08
C VAL B 246 -20.21 5.91 -26.43
N ALA B 247 -19.56 6.79 -27.20
CA ALA B 247 -19.06 8.03 -26.61
C ALA B 247 -20.16 9.02 -26.29
N ASN B 248 -21.32 8.89 -26.90
CA ASN B 248 -22.44 9.75 -26.53
C ASN B 248 -23.33 9.15 -25.47
N ALA B 249 -23.30 7.84 -25.28
CA ALA B 249 -24.14 7.27 -24.23
C ALA B 249 -23.51 7.44 -22.86
N ARG B 250 -22.33 6.87 -22.67
CA ARG B 250 -21.70 6.85 -21.37
C ARG B 250 -20.37 7.60 -21.44
N PRO B 251 -19.97 8.28 -20.37
CA PRO B 251 -18.63 8.87 -20.34
C PRO B 251 -17.56 7.79 -20.38
N GLN B 252 -16.57 7.97 -21.24
CA GLN B 252 -15.60 6.93 -21.56
C GLN B 252 -14.18 7.41 -21.28
N GLY B 253 -13.45 6.61 -20.50
CA GLY B 253 -12.01 6.72 -20.46
C GLY B 253 -11.43 7.89 -19.71
N GLY B 254 -11.70 9.10 -20.21
CA GLY B 254 -11.05 10.29 -19.68
C GLY B 254 -11.45 10.65 -18.26
N GLN B 255 -12.67 11.09 -18.07
CA GLN B 255 -13.19 11.37 -16.74
C GLN B 255 -14.29 10.35 -16.47
N ASP B 256 -13.87 9.16 -16.06
CA ASP B 256 -14.75 8.07 -15.66
C ASP B 256 -14.10 7.35 -14.49
N ILE B 257 -13.62 8.13 -13.52
CA ILE B 257 -12.71 7.61 -12.49
C ILE B 257 -13.40 6.69 -11.49
N ILE B 258 -14.73 6.72 -11.40
CA ILE B 258 -15.41 5.82 -10.49
C ILE B 258 -15.46 4.40 -11.02
N SER B 259 -15.02 4.16 -12.25
CA SER B 259 -15.00 2.80 -12.78
C SER B 259 -13.90 1.92 -12.19
N MET B 260 -13.03 2.45 -11.36
CA MET B 260 -12.03 1.58 -10.78
C MET B 260 -12.57 0.69 -9.67
N MET B 261 -13.83 0.87 -9.25
CA MET B 261 -14.42 -0.10 -8.34
C MET B 261 -14.66 -1.41 -9.05
N GLY B 262 -15.46 -1.40 -10.10
CA GLY B 262 -15.49 -2.57 -10.94
C GLY B 262 -16.78 -3.36 -10.96
N GLN B 263 -17.46 -3.47 -9.81
CA GLN B 263 -18.56 -4.41 -9.70
C GLN B 263 -19.80 -3.94 -10.47
N LEU B 264 -20.38 -2.83 -10.05
CA LEU B 264 -21.56 -2.29 -10.71
C LEU B 264 -21.22 -1.10 -11.60
N MET B 265 -20.08 -0.49 -11.37
CA MET B 265 -19.75 0.79 -11.97
C MET B 265 -18.83 0.63 -13.16
N LYS B 266 -18.63 -0.58 -13.64
CA LYS B 266 -17.78 -0.74 -14.79
C LYS B 266 -18.55 -0.35 -16.05
N PRO B 267 -17.85 -0.05 -17.15
CA PRO B 267 -18.54 0.25 -18.41
C PRO B 267 -19.20 -0.95 -19.05
N LYS B 268 -20.31 -1.35 -18.46
CA LYS B 268 -21.12 -2.45 -18.97
C LYS B 268 -21.86 -2.01 -20.22
N MET B 269 -21.93 -2.91 -21.20
CA MET B 269 -22.65 -2.61 -22.43
C MET B 269 -24.13 -2.43 -22.14
N THR B 270 -24.69 -1.33 -22.58
CA THR B 270 -26.06 -0.99 -22.25
C THR B 270 -26.91 -0.90 -23.51
N GLU B 271 -28.22 -0.98 -23.31
CA GLU B 271 -29.20 -1.08 -24.38
C GLU B 271 -29.37 0.26 -25.07
N ILE B 272 -28.59 0.50 -26.12
CA ILE B 272 -28.60 1.77 -26.83
C ILE B 272 -29.94 1.90 -27.55
N THR B 273 -30.76 2.84 -27.13
CA THR B 273 -32.10 2.95 -27.66
C THR B 273 -32.09 3.55 -29.07
N ASP B 274 -33.23 3.45 -29.75
CA ASP B 274 -33.33 3.92 -31.12
C ASP B 274 -33.30 5.44 -31.19
N LYS B 275 -33.66 6.11 -30.11
CA LYS B 275 -33.66 7.55 -30.09
C LYS B 275 -32.25 8.13 -30.14
N LEU B 276 -31.32 7.46 -29.49
CA LEU B 276 -29.94 7.92 -29.51
C LEU B 276 -29.33 7.79 -30.90
N ARG B 277 -29.57 6.68 -31.59
CA ARG B 277 -29.07 6.51 -32.94
C ARG B 277 -29.74 7.48 -33.90
N MET B 278 -31.02 7.74 -33.68
CA MET B 278 -31.76 8.67 -34.53
C MET B 278 -31.28 10.10 -34.34
N GLU B 279 -30.71 10.42 -33.18
CA GLU B 279 -30.12 11.76 -33.07
C GLU B 279 -28.68 11.82 -33.57
N ILE B 280 -27.91 10.76 -33.38
CA ILE B 280 -26.54 10.75 -33.87
C ILE B 280 -26.51 10.78 -35.39
N ASN B 281 -27.53 10.25 -36.05
CA ASN B 281 -27.64 10.45 -37.50
C ASN B 281 -27.82 11.92 -37.86
N LYS B 282 -28.59 12.66 -37.06
CA LYS B 282 -28.78 14.08 -37.32
C LYS B 282 -27.48 14.85 -37.17
N VAL B 283 -26.72 14.56 -36.12
CA VAL B 283 -25.49 15.31 -35.86
C VAL B 283 -24.43 14.98 -36.90
N VAL B 284 -24.29 13.71 -37.28
CA VAL B 284 -23.31 13.35 -38.29
C VAL B 284 -23.70 13.91 -39.66
N GLN B 285 -25.00 13.98 -39.97
CA GLN B 285 -25.38 14.61 -41.23
C GLN B 285 -25.15 16.11 -41.22
N LYS B 286 -25.23 16.72 -40.03
CA LYS B 286 -24.86 18.12 -39.90
C LYS B 286 -23.38 18.34 -40.18
N TYR B 287 -22.52 17.49 -39.62
CA TYR B 287 -21.09 17.66 -39.87
C TYR B 287 -20.64 17.13 -41.23
N ILE B 288 -21.49 16.42 -41.95
CA ILE B 288 -21.18 16.13 -43.34
C ILE B 288 -21.59 17.29 -44.23
N ASN B 289 -22.70 17.96 -43.89
CA ASN B 289 -23.14 19.09 -44.69
C ASN B 289 -22.20 20.29 -44.59
N GLN B 290 -21.42 20.40 -43.51
CA GLN B 290 -20.39 21.44 -43.44
C GLN B 290 -19.13 21.07 -44.21
N GLY B 291 -19.08 19.90 -44.83
CA GLY B 291 -17.89 19.51 -45.54
C GLY B 291 -16.73 19.12 -44.68
N VAL B 292 -16.96 18.87 -43.39
CA VAL B 292 -15.87 18.47 -42.50
C VAL B 292 -15.52 17.01 -42.72
N ALA B 293 -16.49 16.13 -42.53
CA ALA B 293 -16.26 14.69 -42.58
C ALA B 293 -16.70 14.10 -43.91
N GLU B 294 -16.31 12.85 -44.13
CA GLU B 294 -16.76 12.09 -45.28
C GLU B 294 -17.39 10.81 -44.76
N LEU B 295 -18.34 10.29 -45.53
CA LEU B 295 -19.05 9.07 -45.16
C LEU B 295 -18.64 7.93 -46.06
N ILE B 296 -18.37 6.77 -45.47
CA ILE B 296 -18.05 5.56 -46.22
C ILE B 296 -18.83 4.36 -45.69
N PRO B 297 -19.69 3.74 -46.48
CA PRO B 297 -20.45 2.59 -46.00
C PRO B 297 -19.62 1.31 -46.09
N GLY B 298 -19.71 0.50 -45.05
CA GLY B 298 -18.82 -0.63 -44.86
C GLY B 298 -19.46 -1.97 -45.20
N VAL B 299 -18.81 -3.03 -44.74
CA VAL B 299 -19.22 -4.40 -45.00
C VAL B 299 -19.26 -5.13 -43.68
N LEU B 300 -20.33 -5.86 -43.44
CA LEU B 300 -20.43 -6.74 -42.28
C LEU B 300 -20.39 -8.17 -42.76
N PHE B 301 -19.34 -8.89 -42.40
CA PHE B 301 -19.21 -10.29 -42.79
C PHE B 301 -19.57 -11.17 -41.62
N ILE B 302 -20.77 -11.74 -41.66
CA ILE B 302 -21.23 -12.67 -40.64
C ILE B 302 -20.93 -14.07 -41.14
N ASP B 303 -20.03 -14.75 -40.46
CA ASP B 303 -19.58 -16.07 -40.88
C ASP B 303 -20.26 -17.14 -40.05
N GLU B 304 -20.57 -18.25 -40.72
CA GLU B 304 -21.26 -19.41 -40.17
C GLU B 304 -22.61 -18.99 -39.60
N ALA B 305 -23.46 -18.55 -40.50
CA ALA B 305 -24.75 -17.97 -40.19
C ALA B 305 -25.77 -18.96 -39.68
N HIS B 306 -25.46 -20.25 -39.63
CA HIS B 306 -26.39 -21.18 -39.00
C HIS B 306 -26.44 -20.98 -37.49
N MET B 307 -25.37 -20.45 -36.90
CA MET B 307 -25.40 -20.18 -35.48
C MET B 307 -26.32 -19.02 -35.13
N LEU B 308 -26.62 -18.14 -36.06
CA LEU B 308 -27.71 -17.20 -35.88
C LEU B 308 -29.03 -17.95 -35.80
N ASP B 309 -29.78 -17.73 -34.75
CA ASP B 309 -31.06 -18.40 -34.59
C ASP B 309 -32.20 -17.53 -35.10
N ILE B 310 -33.44 -17.99 -34.91
CA ILE B 310 -34.60 -17.33 -35.50
C ILE B 310 -35.01 -16.06 -34.77
N GLU B 311 -34.49 -15.81 -33.60
CA GLU B 311 -34.69 -14.53 -32.95
C GLU B 311 -33.73 -13.46 -33.43
N CYS B 312 -32.97 -13.73 -34.49
CA CYS B 312 -32.14 -12.72 -35.13
C CYS B 312 -32.37 -12.62 -36.61
N PHE B 313 -32.87 -13.65 -37.28
CA PHE B 313 -33.33 -13.46 -38.64
C PHE B 313 -34.66 -12.73 -38.70
N THR B 314 -35.34 -12.62 -37.58
CA THR B 314 -36.47 -11.72 -37.51
C THR B 314 -35.97 -10.28 -37.45
N TYR B 315 -34.93 -10.04 -36.67
CA TYR B 315 -34.49 -8.66 -36.50
C TYR B 315 -33.65 -8.18 -37.67
N LEU B 316 -32.96 -9.07 -38.38
CA LEU B 316 -32.25 -8.64 -39.59
C LEU B 316 -33.21 -8.21 -40.67
N ASN B 317 -34.36 -8.88 -40.77
CA ASN B 317 -35.34 -8.53 -41.78
C ASN B 317 -35.93 -7.15 -41.55
N LYS B 318 -35.84 -6.62 -40.35
CA LYS B 318 -36.16 -5.22 -40.17
C LYS B 318 -34.94 -4.33 -40.34
N ALA B 319 -33.82 -4.69 -39.71
CA ALA B 319 -32.67 -3.79 -39.64
C ALA B 319 -31.95 -3.61 -40.97
N LEU B 320 -32.17 -4.48 -41.94
CA LEU B 320 -31.59 -4.22 -43.23
C LEU B 320 -32.41 -3.23 -44.05
N GLU B 321 -33.61 -2.92 -43.62
CA GLU B 321 -34.46 -2.02 -44.38
C GLU B 321 -34.31 -0.56 -43.99
N SER B 322 -33.37 -0.25 -43.10
CA SER B 322 -33.05 1.14 -42.82
C SER B 322 -32.33 1.76 -44.03
N PRO B 323 -32.38 3.08 -44.18
CA PRO B 323 -31.67 3.71 -45.30
C PRO B 323 -30.19 3.95 -45.03
N ILE B 324 -29.65 3.30 -44.00
CA ILE B 324 -28.30 3.56 -43.52
C ILE B 324 -27.53 2.26 -43.38
N ALA B 325 -28.22 1.15 -43.60
CA ALA B 325 -27.69 -0.17 -43.31
C ALA B 325 -26.56 -0.54 -44.27
N PRO B 326 -25.52 -1.20 -43.79
CA PRO B 326 -24.44 -1.64 -44.68
C PRO B 326 -24.76 -2.99 -45.30
N ILE B 327 -23.92 -3.36 -46.27
CA ILE B 327 -24.04 -4.66 -46.94
C ILE B 327 -23.60 -5.76 -45.99
N VAL B 328 -24.29 -6.90 -46.06
CA VAL B 328 -24.05 -8.03 -45.19
C VAL B 328 -23.69 -9.24 -46.05
N VAL B 329 -22.45 -9.71 -45.94
CA VAL B 329 -22.07 -10.95 -46.60
C VAL B 329 -22.20 -12.06 -45.56
N LEU B 330 -23.19 -12.93 -45.74
CA LEU B 330 -23.38 -14.09 -44.90
C LEU B 330 -22.66 -15.29 -45.51
N ALA B 331 -22.15 -16.15 -44.65
CA ALA B 331 -21.52 -17.39 -45.10
C ALA B 331 -22.16 -18.56 -44.37
N SER B 332 -22.51 -19.62 -45.11
CA SER B 332 -23.15 -20.79 -44.52
C SER B 332 -22.82 -22.03 -45.31
N ASN B 333 -22.49 -23.10 -44.62
CA ASN B 333 -22.03 -24.31 -45.25
C ASN B 333 -22.99 -25.49 -45.13
N ARG B 334 -24.09 -25.35 -44.42
CA ARG B 334 -24.91 -26.51 -44.11
C ARG B 334 -25.93 -26.79 -45.20
N GLY B 335 -26.47 -28.00 -45.18
CA GLY B 335 -27.54 -28.36 -46.08
C GLY B 335 -28.89 -28.08 -45.47
N ILE B 336 -29.86 -28.95 -45.71
CA ILE B 336 -31.19 -28.78 -45.13
C ILE B 336 -31.08 -29.19 -43.67
N ALA B 337 -30.99 -28.20 -42.79
CA ALA B 337 -30.81 -28.42 -41.37
C ALA B 337 -31.94 -27.78 -40.59
N THR B 338 -31.85 -27.94 -39.28
CA THR B 338 -32.86 -27.43 -38.35
C THR B 338 -32.47 -26.03 -37.93
N ILE B 339 -33.38 -25.09 -38.12
CA ILE B 339 -33.15 -23.72 -37.66
C ILE B 339 -33.14 -23.71 -36.15
N ARG B 340 -32.08 -23.14 -35.58
CA ARG B 340 -31.91 -23.13 -34.13
C ARG B 340 -32.98 -22.26 -33.49
N GLY B 341 -33.44 -22.67 -32.31
CA GLY B 341 -34.46 -21.92 -31.60
C GLY B 341 -35.89 -22.21 -32.02
N ALA B 342 -36.10 -22.94 -33.11
CA ALA B 342 -37.44 -23.32 -33.52
C ALA B 342 -37.30 -24.67 -34.19
N ASP B 343 -37.55 -25.73 -33.44
CA ASP B 343 -37.13 -27.07 -33.87
C ASP B 343 -38.07 -27.72 -34.86
N ASP B 344 -39.19 -27.10 -35.21
CA ASP B 344 -40.19 -27.75 -36.03
C ASP B 344 -40.26 -27.18 -37.45
N LEU B 345 -39.15 -26.70 -37.98
CA LEU B 345 -39.07 -26.39 -39.39
C LEU B 345 -37.66 -26.63 -39.90
N LYS B 346 -37.56 -27.24 -41.07
CA LYS B 346 -36.30 -27.40 -41.76
C LYS B 346 -36.22 -26.44 -42.94
N ALA B 347 -35.02 -25.96 -43.22
CA ALA B 347 -34.82 -25.04 -44.32
C ALA B 347 -33.43 -25.23 -44.88
N ALA B 348 -33.25 -24.78 -46.12
CA ALA B 348 -31.95 -24.79 -46.73
C ALA B 348 -31.03 -23.80 -46.03
N HIS B 349 -29.77 -24.18 -45.90
CA HIS B 349 -28.65 -23.36 -45.42
C HIS B 349 -28.78 -22.95 -43.96
N GLY B 350 -29.76 -23.46 -43.23
CA GLY B 350 -30.06 -22.95 -41.91
C GLY B 350 -30.64 -21.57 -41.91
N ILE B 351 -31.17 -21.12 -43.03
CA ILE B 351 -31.69 -19.78 -43.21
C ILE B 351 -33.19 -19.89 -43.44
N PRO B 352 -34.02 -19.15 -42.72
CA PRO B 352 -35.46 -19.24 -42.93
C PRO B 352 -35.85 -18.65 -44.28
N PRO B 353 -36.81 -19.26 -44.98
CA PRO B 353 -37.22 -18.74 -46.30
C PRO B 353 -37.93 -17.42 -46.23
N ASP B 354 -38.34 -16.99 -45.03
CA ASP B 354 -38.75 -15.61 -44.84
C ASP B 354 -37.60 -14.66 -45.11
N PHE B 355 -36.38 -15.07 -44.78
CA PHE B 355 -35.21 -14.24 -44.98
C PHE B 355 -34.43 -14.62 -46.21
N LEU B 356 -34.57 -15.87 -46.66
CA LEU B 356 -33.74 -16.36 -47.75
C LEU B 356 -34.08 -15.73 -49.09
N GLN B 357 -35.28 -15.18 -49.25
CA GLN B 357 -35.60 -14.52 -50.51
C GLN B 357 -34.90 -13.17 -50.67
N ARG B 358 -34.48 -12.54 -49.59
CA ARG B 358 -33.73 -11.31 -49.69
C ARG B 358 -32.35 -11.53 -50.29
N LEU B 359 -31.74 -12.65 -49.93
CA LEU B 359 -30.32 -12.83 -50.14
C LEU B 359 -29.98 -13.10 -51.60
N LEU B 360 -28.84 -12.59 -52.04
CA LEU B 360 -28.21 -13.00 -53.28
C LEU B 360 -27.27 -14.15 -52.96
N ILE B 361 -27.59 -15.33 -53.45
CA ILE B 361 -26.89 -16.55 -53.11
C ILE B 361 -25.86 -16.87 -54.17
N ILE B 362 -24.61 -17.06 -53.77
CA ILE B 362 -23.52 -17.35 -54.68
C ILE B 362 -23.04 -18.77 -54.42
N PRO B 363 -22.97 -19.63 -55.43
CA PRO B 363 -22.49 -20.98 -55.22
C PRO B 363 -20.98 -21.05 -55.08
N THR B 364 -20.51 -22.14 -54.50
CA THR B 364 -19.07 -22.38 -54.34
C THR B 364 -18.81 -23.88 -54.55
N HIS B 365 -18.41 -24.24 -55.75
CA HIS B 365 -18.27 -25.63 -56.15
C HIS B 365 -16.97 -26.24 -55.64
N PRO B 366 -16.87 -27.57 -55.58
CA PRO B 366 -15.60 -28.19 -55.14
C PRO B 366 -14.47 -28.10 -56.15
N TYR B 367 -13.36 -28.76 -55.85
CA TYR B 367 -12.13 -28.62 -56.63
C TYR B 367 -11.80 -29.89 -57.41
N GLU B 368 -11.44 -29.71 -58.67
CA GLU B 368 -10.97 -30.81 -59.51
C GLU B 368 -9.55 -31.22 -59.09
N PRO B 369 -9.14 -32.44 -59.44
CA PRO B 369 -7.77 -32.87 -59.05
C PRO B 369 -6.64 -32.14 -59.73
N ASP B 370 -6.88 -31.52 -60.88
CA ASP B 370 -5.84 -30.71 -61.51
C ASP B 370 -5.82 -29.27 -61.02
N GLU B 371 -6.70 -28.91 -60.08
CA GLU B 371 -6.71 -27.58 -59.50
C GLU B 371 -6.32 -27.61 -58.04
N ILE B 372 -5.75 -28.71 -57.56
CA ILE B 372 -5.31 -28.81 -56.19
C ILE B 372 -3.80 -28.65 -56.18
N ARG B 373 -3.15 -29.11 -57.25
CA ARG B 373 -1.70 -29.03 -57.38
C ARG B 373 -1.22 -27.59 -57.36
N ARG B 374 -1.96 -26.70 -58.00
CA ARG B 374 -1.57 -25.30 -58.03
C ARG B 374 -1.75 -24.65 -56.66
N ILE B 375 -2.74 -25.10 -55.91
CA ILE B 375 -2.91 -24.63 -54.54
C ILE B 375 -1.75 -25.12 -53.69
N VAL B 376 -1.27 -26.33 -53.95
CA VAL B 376 -0.11 -26.87 -53.23
C VAL B 376 1.14 -26.07 -53.56
N ARG B 377 1.32 -25.71 -54.83
CA ARG B 377 2.49 -24.92 -55.20
C ARG B 377 2.46 -23.52 -54.62
N ILE B 378 1.29 -22.88 -54.62
CA ILE B 378 1.18 -21.53 -54.08
C ILE B 378 1.34 -21.53 -52.57
N ARG B 379 0.74 -22.50 -51.89
CA ARG B 379 0.89 -22.62 -50.45
C ARG B 379 2.30 -23.01 -50.07
N ALA B 380 3.01 -23.70 -50.94
CA ALA B 380 4.39 -24.06 -50.66
C ALA B 380 5.32 -22.89 -50.83
N GLN B 381 5.12 -22.09 -51.87
CA GLN B 381 5.95 -20.91 -52.05
C GLN B 381 5.47 -19.71 -51.25
N THR B 382 4.40 -19.86 -50.48
CA THR B 382 4.07 -18.85 -49.49
C THR B 382 4.88 -19.06 -48.22
N GLU B 383 4.95 -20.30 -47.75
CA GLU B 383 5.71 -20.62 -46.55
C GLU B 383 7.21 -20.71 -46.79
N GLY B 384 7.67 -20.61 -48.03
CA GLY B 384 9.06 -20.79 -48.35
C GLY B 384 9.50 -22.24 -48.46
N VAL B 385 8.60 -23.19 -48.24
CA VAL B 385 8.95 -24.61 -48.28
C VAL B 385 9.02 -25.03 -49.74
N GLN B 386 10.24 -25.27 -50.22
CA GLN B 386 10.45 -25.75 -51.57
C GLN B 386 10.54 -27.28 -51.56
N LEU B 387 10.07 -27.89 -52.65
CA LEU B 387 9.94 -29.34 -52.71
C LEU B 387 9.93 -29.79 -54.16
N THR B 388 10.29 -31.05 -54.36
CA THR B 388 10.39 -31.60 -55.70
C THR B 388 9.01 -31.92 -56.26
N ASP B 389 8.97 -32.18 -57.57
CA ASP B 389 7.72 -32.48 -58.25
C ASP B 389 7.21 -33.89 -57.98
N ALA B 390 8.03 -34.76 -57.42
CA ALA B 390 7.58 -36.08 -57.03
C ALA B 390 6.83 -36.07 -55.72
N ALA B 391 6.90 -34.98 -54.97
CA ALA B 391 6.19 -34.85 -53.70
C ALA B 391 4.94 -34.01 -53.83
N VAL B 392 4.90 -33.12 -54.83
CA VAL B 392 3.69 -32.36 -55.12
C VAL B 392 2.56 -33.29 -55.56
N ASP B 393 2.91 -34.34 -56.30
CA ASP B 393 1.92 -35.34 -56.66
C ASP B 393 1.41 -36.12 -55.46
N ARG B 394 2.25 -36.35 -54.46
CA ARG B 394 1.79 -37.07 -53.28
C ARG B 394 0.91 -36.22 -52.39
N VAL B 395 1.25 -34.94 -52.27
CA VAL B 395 0.39 -34.02 -51.53
C VAL B 395 -0.94 -33.84 -52.25
N ALA B 396 -0.92 -33.86 -53.58
CA ALA B 396 -2.17 -33.81 -54.34
C ALA B 396 -2.96 -35.11 -54.22
N GLU B 397 -2.28 -36.23 -54.04
CA GLU B 397 -2.97 -37.49 -53.78
C GLU B 397 -3.70 -37.47 -52.45
N HIS B 398 -3.04 -36.94 -51.42
CA HIS B 398 -3.72 -36.77 -50.14
C HIS B 398 -4.78 -35.68 -50.19
N GLY B 399 -4.65 -34.73 -51.11
CA GLY B 399 -5.68 -33.71 -51.24
C GLY B 399 -6.92 -34.24 -51.92
N VAL B 400 -6.75 -35.14 -52.88
CA VAL B 400 -7.91 -35.73 -53.54
C VAL B 400 -8.57 -36.76 -52.62
N ARG B 401 -7.77 -37.65 -52.06
CA ARG B 401 -8.36 -38.79 -51.38
C ARG B 401 -8.83 -38.49 -49.97
N ILE B 402 -8.34 -37.42 -49.33
CA ILE B 402 -8.79 -37.16 -47.98
C ILE B 402 -9.54 -35.84 -47.89
N SER B 403 -8.83 -34.74 -48.10
CA SER B 403 -9.37 -33.40 -47.85
C SER B 403 -8.35 -32.36 -48.31
N LEU B 404 -8.81 -31.12 -48.39
CA LEU B 404 -7.95 -30.04 -48.80
C LEU B 404 -7.29 -29.35 -47.62
N ARG B 405 -7.99 -29.25 -46.50
CA ARG B 405 -7.41 -28.65 -45.31
C ARG B 405 -6.31 -29.51 -44.70
N TYR B 406 -6.34 -30.81 -44.95
CA TYR B 406 -5.34 -31.69 -44.37
C TYR B 406 -4.07 -31.74 -45.19
N CYS B 407 -4.17 -31.72 -46.51
CA CYS B 407 -2.98 -31.81 -47.33
C CYS B 407 -2.15 -30.54 -47.24
N LEU B 408 -2.79 -29.40 -47.01
CA LEU B 408 -2.05 -28.17 -46.84
C LEU B 408 -1.39 -28.04 -45.48
N GLN B 409 -1.76 -28.89 -44.52
CA GLN B 409 -1.16 -28.91 -43.20
C GLN B 409 -0.13 -30.02 -43.05
N LEU B 410 0.46 -30.45 -44.16
CA LEU B 410 1.63 -31.29 -44.13
C LEU B 410 2.84 -30.64 -44.77
N LEU B 411 2.68 -29.47 -45.35
CA LEU B 411 3.81 -28.78 -45.94
C LEU B 411 4.72 -28.16 -44.89
N ALA B 412 4.16 -27.72 -43.78
CA ALA B 412 4.95 -27.14 -42.72
C ALA B 412 5.63 -28.14 -41.77
N PRO B 413 5.01 -29.26 -41.34
CA PRO B 413 5.79 -30.22 -40.55
C PRO B 413 6.85 -30.94 -41.35
N ALA B 414 6.60 -31.23 -42.62
CA ALA B 414 7.60 -31.98 -43.38
C ALA B 414 8.87 -31.18 -43.61
N SER B 415 8.77 -29.86 -43.72
CA SER B 415 9.98 -29.05 -43.76
C SER B 415 10.78 -29.16 -42.47
N ILE B 416 10.08 -29.30 -41.34
CA ILE B 416 10.75 -29.57 -40.07
C ILE B 416 11.39 -30.95 -40.08
N LEU B 417 10.81 -31.89 -40.83
CA LEU B 417 11.49 -33.17 -41.01
C LEU B 417 12.48 -33.14 -42.16
N ALA B 418 12.68 -31.98 -42.77
CA ALA B 418 13.60 -31.84 -43.87
C ALA B 418 14.92 -31.21 -43.44
N ARG B 419 14.86 -30.10 -42.71
CA ARG B 419 16.10 -29.44 -42.31
C ARG B 419 16.78 -30.13 -41.13
N VAL B 420 16.07 -31.00 -40.42
CA VAL B 420 16.69 -31.79 -39.36
C VAL B 420 17.55 -32.90 -39.93
N ASN B 421 17.07 -33.58 -40.98
CA ASN B 421 17.79 -34.70 -41.55
C ASN B 421 18.83 -34.29 -42.59
N GLY B 422 19.31 -33.05 -42.52
CA GLY B 422 20.40 -32.64 -43.39
C GLY B 422 20.00 -32.30 -44.80
N ARG B 423 18.76 -31.88 -45.01
CA ARG B 423 18.28 -31.54 -46.33
C ARG B 423 17.78 -30.11 -46.33
N THR B 424 17.42 -29.63 -47.52
CA THR B 424 16.79 -28.33 -47.69
C THR B 424 15.42 -28.41 -48.32
N GLN B 425 15.25 -29.24 -49.33
CA GLN B 425 13.97 -29.40 -50.00
C GLN B 425 13.28 -30.67 -49.53
N VAL B 426 11.97 -30.68 -49.66
CA VAL B 426 11.15 -31.76 -49.13
C VAL B 426 10.98 -32.83 -50.20
N ASP B 427 11.33 -34.06 -49.86
CA ASP B 427 11.19 -35.18 -50.77
C ASP B 427 9.97 -36.01 -50.39
N VAL B 428 9.83 -37.17 -51.02
CA VAL B 428 8.69 -38.05 -50.76
C VAL B 428 8.82 -38.70 -49.39
N GLN B 429 10.05 -38.91 -48.92
CA GLN B 429 10.27 -39.64 -47.68
C GLN B 429 9.80 -38.87 -46.46
N ASP B 430 9.99 -37.55 -46.46
CA ASP B 430 9.55 -36.74 -45.33
C ASP B 430 8.03 -36.70 -45.23
N ILE B 431 7.34 -36.69 -46.36
CA ILE B 431 5.89 -36.69 -46.33
C ILE B 431 5.36 -38.08 -46.00
N ALA B 432 6.07 -39.13 -46.43
CA ALA B 432 5.71 -40.48 -46.03
C ALA B 432 5.95 -40.71 -44.53
N GLU B 433 6.86 -39.96 -43.93
CA GLU B 433 7.00 -40.02 -42.48
C GLU B 433 5.94 -39.17 -41.77
N ALA B 434 5.61 -38.01 -42.35
CA ALA B 434 4.64 -37.12 -41.74
C ALA B 434 3.22 -37.65 -41.83
N GLU B 435 2.93 -38.51 -42.81
CA GLU B 435 1.60 -39.11 -42.88
C GLU B 435 1.41 -40.14 -41.79
N GLU B 436 2.49 -40.65 -41.21
CA GLU B 436 2.40 -41.57 -40.09
C GLU B 436 2.53 -40.87 -38.75
N LEU B 437 3.27 -39.77 -38.70
CA LEU B 437 3.35 -39.01 -37.47
C LEU B 437 2.10 -38.17 -37.23
N PHE B 438 1.40 -37.81 -38.29
CA PHE B 438 0.29 -36.86 -38.23
C PHE B 438 -0.93 -37.45 -38.94
N LEU B 439 -1.73 -38.21 -38.22
CA LEU B 439 -2.90 -38.85 -38.80
C LEU B 439 -4.05 -37.85 -38.92
N ASP B 440 -4.83 -38.03 -39.97
CA ASP B 440 -5.99 -37.19 -40.24
C ASP B 440 -7.19 -37.60 -39.39
N ALA B 441 -8.38 -37.11 -39.75
CA ALA B 441 -9.56 -37.50 -38.99
C ALA B 441 -10.12 -38.85 -39.42
N ARG B 442 -9.93 -39.23 -40.67
CA ARG B 442 -10.55 -40.44 -41.18
C ARG B 442 -9.87 -41.69 -40.65
N ARG B 443 -8.54 -41.73 -40.74
CA ARG B 443 -7.82 -42.88 -40.21
C ARG B 443 -7.88 -42.93 -38.70
N SER B 444 -7.99 -41.78 -38.04
CA SER B 444 -8.22 -41.78 -36.60
C SER B 444 -9.60 -42.31 -36.26
N ALA B 445 -10.59 -42.07 -37.11
CA ALA B 445 -11.90 -42.66 -36.88
C ALA B 445 -11.87 -44.17 -37.09
N ASN B 446 -11.09 -44.63 -38.07
CA ASN B 446 -10.96 -46.06 -38.28
C ASN B 446 -10.23 -46.75 -37.14
N ILE B 447 -9.19 -46.12 -36.58
CA ILE B 447 -8.54 -46.68 -35.41
C ILE B 447 -9.44 -46.63 -34.19
N LEU B 448 -10.26 -45.58 -34.09
CA LEU B 448 -11.16 -45.38 -32.97
C LEU B 448 -12.28 -46.41 -32.95
N THR B 449 -12.74 -46.81 -34.13
CA THR B 449 -13.82 -47.79 -34.20
C THR B 449 -13.24 -49.21 -34.18
N SER B 450 -12.41 -49.53 -35.15
CA SER B 450 -12.01 -50.91 -35.34
C SER B 450 -10.96 -51.34 -34.32
N THR B 451 -9.88 -50.56 -34.17
CA THR B 451 -8.84 -50.95 -33.22
C THR B 451 -9.30 -50.80 -31.78
N GLY B 452 -9.94 -49.69 -31.46
CA GLY B 452 -10.55 -49.54 -30.15
C GLY B 452 -11.87 -50.26 -30.07
N GLU B 453 -11.81 -51.58 -30.01
CA GLU B 453 -13.02 -52.39 -30.14
C GLU B 453 -13.77 -52.49 -28.81
N SER B 454 -13.13 -53.06 -27.79
CA SER B 454 -13.80 -53.34 -26.53
C SER B 454 -13.68 -52.12 -25.60
N GLY B 455 -14.78 -51.78 -24.96
CA GLY B 455 -14.75 -50.72 -23.98
C GLY B 455 -14.43 -51.27 -22.61
N GLY B 456 -13.16 -51.19 -22.22
CA GLY B 456 -12.75 -51.73 -20.94
C GLY B 456 -11.77 -50.83 -20.22
N LEU B 457 -10.64 -51.39 -19.79
CA LEU B 457 -9.66 -50.59 -19.08
C LEU B 457 -8.82 -49.78 -20.05
N HIS B 458 -8.40 -50.39 -21.15
CA HIS B 458 -7.55 -49.75 -22.14
C HIS B 458 -8.32 -49.43 -23.41
N GLY B 459 -9.58 -49.01 -23.26
CA GLY B 459 -10.40 -48.65 -24.39
C GLY B 459 -10.96 -47.24 -24.23
N PHE B 460 -11.45 -46.72 -25.35
CA PHE B 460 -12.06 -45.41 -25.34
C PHE B 460 -13.40 -45.46 -24.66
N ILE B 461 -13.83 -44.32 -24.11
CA ILE B 461 -15.08 -44.27 -23.36
C ILE B 461 -16.13 -43.49 -24.12
N SER B 462 -16.93 -44.20 -24.90
CA SER B 462 -17.98 -43.57 -25.68
C SER B 462 -19.13 -43.15 -24.78
N ILE C 4 -47.17 30.73 -18.97
CA ILE C 4 -46.34 30.27 -20.07
C ILE C 4 -47.12 29.35 -20.99
N SER C 5 -47.63 28.25 -20.44
CA SER C 5 -48.24 27.22 -21.26
C SER C 5 -49.62 27.66 -21.74
N GLU C 6 -49.80 27.69 -23.06
CA GLU C 6 -51.02 28.19 -23.66
C GLU C 6 -52.13 27.15 -23.60
N VAL C 7 -53.29 27.56 -23.10
CA VAL C 7 -54.41 26.66 -22.87
C VAL C 7 -55.26 26.60 -24.14
N ARG C 8 -55.58 25.39 -24.58
CA ARG C 8 -56.41 25.21 -25.76
C ARG C 8 -57.87 25.06 -25.36
N GLY C 9 -58.75 25.81 -26.04
CA GLY C 9 -60.17 25.74 -25.78
C GLY C 9 -60.92 24.80 -26.69
N ASN C 10 -60.60 23.51 -26.62
CA ASN C 10 -61.21 22.48 -27.44
C ASN C 10 -62.24 21.69 -26.63
N THR C 11 -62.74 20.60 -27.21
CA THR C 11 -63.74 19.76 -26.57
C THR C 11 -63.06 18.72 -25.69
N ARG C 12 -63.54 18.58 -24.46
CA ARG C 12 -62.96 17.68 -23.48
C ARG C 12 -63.77 16.39 -23.47
N ASP C 13 -63.57 15.57 -24.50
CA ASP C 13 -64.25 14.28 -24.62
C ASP C 13 -63.39 13.18 -24.01
N HIS C 14 -63.76 11.93 -24.26
CA HIS C 14 -62.99 10.79 -23.77
C HIS C 14 -62.92 9.74 -24.86
N ARG C 15 -62.15 8.70 -24.60
CA ARG C 15 -61.90 7.68 -25.61
C ARG C 15 -62.68 6.42 -25.29
N THR C 16 -63.04 5.69 -26.34
CA THR C 16 -63.87 4.49 -26.20
C THR C 16 -62.96 3.26 -26.11
N ALA C 17 -62.96 2.63 -24.96
CA ALA C 17 -62.27 1.38 -24.78
C ALA C 17 -63.27 0.24 -24.97
N ALA C 18 -62.82 -0.98 -24.74
CA ALA C 18 -63.70 -2.13 -24.86
C ALA C 18 -64.64 -2.26 -23.68
N HIS C 19 -64.33 -1.67 -22.55
CA HIS C 19 -65.18 -1.71 -21.37
C HIS C 19 -65.61 -0.32 -20.93
N THR C 20 -65.96 0.51 -21.90
CA THR C 20 -66.41 1.86 -21.58
C THR C 20 -67.84 1.86 -21.06
N HIS C 21 -68.71 1.07 -21.69
CA HIS C 21 -70.13 1.07 -21.35
C HIS C 21 -70.44 0.49 -20.00
N ILE C 22 -69.53 -0.29 -19.42
CA ILE C 22 -69.75 -0.85 -18.10
C ILE C 22 -69.70 0.27 -17.07
N LYS C 23 -70.76 0.40 -16.28
CA LYS C 23 -70.85 1.43 -15.25
C LYS C 23 -71.17 0.87 -13.87
N GLY C 24 -71.22 -0.43 -13.71
CA GLY C 24 -71.57 -1.02 -12.44
C GLY C 24 -72.29 -2.34 -12.65
N LEU C 25 -72.66 -2.94 -11.53
CA LEU C 25 -73.32 -4.25 -11.60
C LEU C 25 -74.78 -4.12 -11.98
N GLY C 26 -75.46 -3.13 -11.41
CA GLY C 26 -76.86 -2.94 -11.71
C GLY C 26 -77.73 -3.94 -10.98
N LEU C 27 -77.71 -3.89 -9.65
CA LEU C 27 -78.47 -4.81 -8.83
C LEU C 27 -79.72 -4.14 -8.31
N ASN C 28 -80.50 -4.89 -7.55
CA ASN C 28 -81.64 -4.33 -6.83
C ASN C 28 -81.17 -3.91 -5.44
N SER C 29 -82.11 -3.61 -4.56
CA SER C 29 -81.82 -3.40 -3.16
C SER C 29 -81.84 -4.71 -2.37
N SER C 30 -82.11 -5.83 -3.05
CA SER C 30 -82.12 -7.13 -2.40
C SER C 30 -81.07 -8.06 -2.96
N GLY C 31 -80.34 -7.65 -4.00
CA GLY C 31 -79.29 -8.48 -4.54
C GLY C 31 -79.67 -9.22 -5.80
N ILE C 32 -80.95 -9.26 -6.14
CA ILE C 32 -81.37 -9.93 -7.36
C ILE C 32 -80.99 -9.08 -8.56
N ALA C 33 -80.28 -9.67 -9.51
CA ALA C 33 -79.84 -8.95 -10.68
C ALA C 33 -81.02 -8.65 -11.59
N GLU C 34 -80.83 -7.67 -12.47
CA GLU C 34 -81.87 -7.28 -13.41
C GLU C 34 -81.20 -7.08 -14.75
N LYS C 35 -81.79 -7.64 -15.79
CA LYS C 35 -81.16 -7.64 -17.11
C LYS C 35 -81.31 -6.28 -17.78
N GLN C 36 -80.31 -5.94 -18.60
CA GLN C 36 -80.18 -4.66 -19.29
C GLN C 36 -80.22 -3.49 -18.31
N ALA C 37 -79.17 -3.45 -17.49
CA ALA C 37 -79.04 -2.37 -16.52
C ALA C 37 -77.56 -2.10 -16.29
N ALA C 38 -77.18 -0.82 -16.39
CA ALA C 38 -75.82 -0.33 -16.15
C ALA C 38 -74.80 -1.02 -17.05
N GLY C 39 -75.17 -1.23 -18.30
CA GLY C 39 -74.23 -1.73 -19.27
C GLY C 39 -74.33 -3.22 -19.56
N PHE C 40 -74.56 -4.04 -18.54
CA PHE C 40 -74.64 -5.47 -18.76
C PHE C 40 -75.91 -5.85 -19.50
N VAL C 41 -75.85 -7.01 -20.16
CA VAL C 41 -77.03 -7.63 -20.74
C VAL C 41 -77.06 -9.07 -20.27
N GLY C 42 -78.07 -9.41 -19.48
CA GLY C 42 -78.19 -10.76 -18.94
C GLY C 42 -77.13 -11.02 -17.89
N GLN C 43 -76.65 -12.27 -17.88
CA GLN C 43 -75.60 -12.77 -16.99
C GLN C 43 -75.99 -12.56 -15.52
N CYS C 44 -77.07 -13.24 -15.13
CA CYS C 44 -77.74 -12.93 -13.87
C CYS C 44 -77.00 -13.46 -12.65
N ALA C 45 -76.68 -14.75 -12.66
CA ALA C 45 -76.12 -15.37 -11.47
C ALA C 45 -74.70 -14.89 -11.20
N ALA C 46 -73.95 -14.60 -12.26
CA ALA C 46 -72.61 -14.09 -12.08
C ALA C 46 -72.64 -12.68 -11.49
N ARG C 47 -73.59 -11.86 -11.90
CA ARG C 47 -73.66 -10.52 -11.32
C ARG C 47 -74.18 -10.57 -9.89
N GLU C 48 -75.05 -11.52 -9.57
CA GLU C 48 -75.47 -11.67 -8.18
C GLU C 48 -74.33 -12.13 -7.30
N ALA C 49 -73.53 -13.08 -7.78
CA ALA C 49 -72.39 -13.55 -7.00
C ALA C 49 -71.33 -12.46 -6.86
N CYS C 50 -71.11 -11.66 -7.90
CA CYS C 50 -70.17 -10.56 -7.77
C CYS C 50 -70.70 -9.47 -6.85
N GLY C 51 -72.02 -9.31 -6.77
CA GLY C 51 -72.57 -8.39 -5.78
C GLY C 51 -72.34 -8.88 -4.37
N VAL C 52 -72.43 -10.20 -4.17
CA VAL C 52 -72.08 -10.77 -2.86
C VAL C 52 -70.60 -10.56 -2.55
N VAL C 53 -69.74 -10.65 -3.58
CA VAL C 53 -68.31 -10.40 -3.37
C VAL C 53 -68.06 -8.94 -3.01
N VAL C 54 -68.74 -8.03 -3.68
CA VAL C 54 -68.63 -6.60 -3.38
C VAL C 54 -69.10 -6.31 -1.96
N ASP C 55 -70.16 -6.97 -1.54
CA ASP C 55 -70.62 -6.82 -0.17
C ASP C 55 -69.62 -7.40 0.83
N LEU C 56 -68.96 -8.49 0.46
CA LEU C 56 -67.93 -9.06 1.32
C LEU C 56 -66.74 -8.13 1.47
N ILE C 57 -66.40 -7.42 0.40
CA ILE C 57 -65.27 -6.50 0.44
C ILE C 57 -65.61 -5.26 1.25
N LYS C 58 -66.80 -4.71 1.05
CA LYS C 58 -67.14 -3.51 1.81
C LYS C 58 -67.52 -3.80 3.25
N ALA C 59 -67.75 -5.06 3.61
CA ALA C 59 -68.11 -5.38 5.00
C ALA C 59 -66.90 -5.63 5.87
N HIS C 60 -65.69 -5.66 5.30
CA HIS C 60 -64.42 -5.89 6.02
C HIS C 60 -64.39 -7.21 6.77
N LYS C 61 -65.10 -8.22 6.27
CA LYS C 61 -65.00 -9.57 6.80
C LYS C 61 -64.09 -10.46 5.99
N MET C 62 -63.80 -10.10 4.74
CA MET C 62 -62.81 -10.79 3.93
C MET C 62 -61.43 -10.59 4.53
N ALA C 63 -60.74 -11.68 4.79
CA ALA C 63 -59.38 -11.60 5.31
C ALA C 63 -58.50 -12.66 4.65
N GLY C 64 -58.59 -12.80 3.33
CA GLY C 64 -57.81 -13.81 2.66
C GLY C 64 -58.61 -14.86 1.94
N ARG C 65 -59.75 -14.46 1.37
CA ARG C 65 -60.56 -15.34 0.56
C ARG C 65 -59.98 -15.44 -0.86
N GLY C 66 -60.70 -16.14 -1.72
CA GLY C 66 -60.27 -16.27 -3.09
C GLY C 66 -61.42 -16.63 -3.99
N VAL C 67 -61.55 -15.94 -5.13
CA VAL C 67 -62.70 -16.06 -6.00
C VAL C 67 -62.20 -16.37 -7.40
N LEU C 68 -62.72 -17.43 -8.00
CA LEU C 68 -62.36 -17.81 -9.36
C LEU C 68 -63.46 -17.39 -10.33
N LEU C 69 -63.06 -16.95 -11.51
CA LEU C 69 -64.01 -16.65 -12.56
C LEU C 69 -63.76 -17.60 -13.72
N ALA C 70 -64.60 -18.61 -13.85
CA ALA C 70 -64.46 -19.56 -14.93
C ALA C 70 -65.16 -19.02 -16.17
N GLY C 71 -65.34 -19.87 -17.17
CA GLY C 71 -66.06 -19.49 -18.36
C GLY C 71 -65.13 -19.24 -19.53
N GLY C 72 -65.68 -19.35 -20.74
CA GLY C 72 -64.87 -19.30 -21.93
C GLY C 72 -64.43 -17.90 -22.27
N PRO C 73 -63.66 -17.79 -23.35
CA PRO C 73 -63.15 -16.48 -23.74
C PRO C 73 -64.24 -15.64 -24.39
N GLY C 74 -64.23 -14.36 -24.08
CA GLY C 74 -65.22 -13.47 -24.64
C GLY C 74 -66.59 -13.66 -24.03
N THR C 75 -66.67 -13.87 -22.72
CA THR C 75 -67.94 -14.02 -22.05
C THR C 75 -68.16 -13.04 -20.91
N GLY C 76 -67.13 -12.35 -20.44
CA GLY C 76 -67.37 -11.24 -19.55
C GLY C 76 -66.72 -11.25 -18.18
N LYS C 77 -65.59 -11.96 -18.07
CA LYS C 77 -64.91 -12.03 -16.78
C LYS C 77 -64.26 -10.70 -16.45
N THR C 78 -63.51 -10.13 -17.39
CA THR C 78 -62.92 -8.83 -17.17
C THR C 78 -63.98 -7.75 -17.07
N ALA C 79 -65.13 -7.96 -17.70
CA ALA C 79 -66.24 -7.03 -17.54
C ALA C 79 -66.75 -7.05 -16.10
N LEU C 80 -66.87 -8.23 -15.50
CA LEU C 80 -67.25 -8.28 -14.10
C LEU C 80 -66.19 -7.72 -13.19
N ALA C 81 -64.92 -7.84 -13.58
CA ALA C 81 -63.84 -7.27 -12.77
C ALA C 81 -63.89 -5.75 -12.77
N LEU C 82 -64.06 -5.15 -13.93
CA LEU C 82 -64.18 -3.70 -13.98
C LEU C 82 -65.48 -3.21 -13.36
N ALA C 83 -66.51 -4.05 -13.39
CA ALA C 83 -67.74 -3.71 -12.71
C ALA C 83 -67.53 -3.69 -11.20
N ILE C 84 -66.79 -4.66 -10.66
CA ILE C 84 -66.47 -4.64 -9.24
C ILE C 84 -65.60 -3.44 -8.88
N SER C 85 -64.63 -3.11 -9.75
CA SER C 85 -63.74 -2.00 -9.45
C SER C 85 -64.44 -0.65 -9.51
N GLN C 86 -65.44 -0.52 -10.36
CA GLN C 86 -66.22 0.70 -10.39
C GLN C 86 -67.35 0.67 -9.37
N GLU C 87 -67.68 -0.50 -8.85
CA GLU C 87 -68.69 -0.55 -7.81
C GLU C 87 -68.10 -0.23 -6.45
N LEU C 88 -66.87 -0.65 -6.21
CA LEU C 88 -66.22 -0.34 -4.93
C LEU C 88 -65.86 1.13 -4.84
N GLY C 89 -65.55 1.76 -5.95
CA GLY C 89 -65.26 3.18 -5.93
C GLY C 89 -63.82 3.50 -6.30
N THR C 90 -63.21 4.42 -5.55
CA THR C 90 -61.85 4.81 -5.84
C THR C 90 -61.02 4.76 -4.56
N LYS C 91 -61.68 4.93 -3.43
CA LYS C 91 -60.97 4.95 -2.16
C LYS C 91 -60.67 3.58 -1.61
N ILE C 92 -60.94 2.50 -2.36
CA ILE C 92 -60.53 1.16 -2.00
C ILE C 92 -59.66 0.65 -3.13
N PRO C 93 -58.47 0.13 -2.86
CA PRO C 93 -57.50 -0.16 -3.92
C PRO C 93 -57.91 -1.30 -4.82
N PHE C 94 -57.26 -1.33 -5.99
CA PHE C 94 -57.59 -2.31 -7.02
C PHE C 94 -56.36 -2.41 -7.92
N CYS C 95 -55.70 -3.56 -7.90
CA CYS C 95 -54.44 -3.77 -8.60
C CYS C 95 -54.59 -4.87 -9.63
N PRO C 96 -54.91 -4.53 -10.85
CA PRO C 96 -55.19 -5.56 -11.88
C PRO C 96 -53.98 -6.09 -12.64
N ILE C 97 -53.18 -6.91 -11.97
CA ILE C 97 -52.02 -7.49 -12.63
C ILE C 97 -52.48 -8.63 -13.50
N THR C 98 -51.60 -9.13 -14.35
CA THR C 98 -51.86 -10.32 -15.16
C THR C 98 -50.97 -11.45 -14.68
N GLY C 99 -51.18 -12.61 -15.27
CA GLY C 99 -50.32 -13.74 -14.94
C GLY C 99 -48.92 -13.61 -15.47
N SER C 100 -48.75 -13.00 -16.63
CA SER C 100 -47.43 -12.80 -17.21
C SER C 100 -46.84 -11.46 -16.80
N GLU C 101 -46.86 -11.18 -15.52
CA GLU C 101 -46.28 -9.96 -14.99
C GLU C 101 -45.58 -10.26 -13.69
N ILE C 102 -45.57 -11.52 -13.27
CA ILE C 102 -44.76 -11.88 -12.13
C ILE C 102 -43.36 -12.28 -12.55
N TYR C 103 -43.17 -12.66 -13.80
CA TYR C 103 -41.86 -13.03 -14.29
C TYR C 103 -40.98 -11.80 -14.41
N SER C 104 -40.02 -11.66 -13.51
CA SER C 104 -39.06 -10.56 -13.53
C SER C 104 -37.65 -11.08 -13.75
N THR C 105 -36.71 -10.16 -13.87
CA THR C 105 -35.30 -10.52 -14.01
C THR C 105 -34.44 -9.91 -12.94
N GLU C 106 -35.03 -9.26 -11.94
CA GLU C 106 -34.31 -8.78 -10.77
C GLU C 106 -34.65 -9.51 -9.50
N VAL C 107 -35.85 -10.06 -9.39
CA VAL C 107 -36.26 -10.76 -8.20
C VAL C 107 -36.85 -12.09 -8.60
N LYS C 108 -37.01 -12.95 -7.61
CA LYS C 108 -37.73 -14.20 -7.78
C LYS C 108 -39.19 -13.92 -8.04
N LYS C 109 -39.83 -14.83 -8.76
CA LYS C 109 -41.20 -14.61 -9.18
C LYS C 109 -42.21 -14.88 -8.10
N THR C 110 -41.80 -15.37 -6.93
CA THR C 110 -42.68 -15.46 -5.78
C THR C 110 -42.49 -14.27 -4.88
N GLU C 111 -42.12 -13.13 -5.45
CA GLU C 111 -41.92 -11.94 -4.65
C GLU C 111 -42.73 -10.80 -5.25
N VAL C 112 -42.86 -10.80 -6.58
CA VAL C 112 -43.70 -9.81 -7.23
C VAL C 112 -45.16 -10.03 -6.85
N LEU C 113 -45.54 -11.28 -6.59
CA LEU C 113 -46.85 -11.59 -6.03
C LEU C 113 -47.06 -10.91 -4.67
N MET C 114 -46.06 -11.00 -3.80
CA MET C 114 -46.22 -10.42 -2.48
C MET C 114 -46.23 -8.90 -2.54
N GLU C 115 -45.44 -8.32 -3.44
CA GLU C 115 -45.50 -6.88 -3.62
C GLU C 115 -46.84 -6.43 -4.20
N ASN C 116 -47.47 -7.27 -5.02
CA ASN C 116 -48.80 -6.91 -5.50
C ASN C 116 -49.87 -7.07 -4.43
N PHE C 117 -49.69 -8.03 -3.52
CA PHE C 117 -50.55 -8.05 -2.33
C PHE C 117 -50.43 -6.76 -1.56
N ARG C 118 -49.21 -6.28 -1.38
CA ARG C 118 -49.02 -5.06 -0.62
C ARG C 118 -49.49 -3.83 -1.39
N ARG C 119 -49.50 -3.90 -2.72
CA ARG C 119 -50.14 -2.85 -3.49
C ARG C 119 -51.64 -2.91 -3.33
N ALA C 120 -52.19 -4.09 -3.09
CA ALA C 120 -53.63 -4.19 -3.01
C ALA C 120 -54.21 -3.77 -1.68
N ILE C 121 -53.39 -3.53 -0.66
CA ILE C 121 -53.89 -3.15 0.66
C ILE C 121 -53.65 -1.67 0.86
N GLY C 122 -54.68 -0.97 1.30
CA GLY C 122 -54.55 0.44 1.60
C GLY C 122 -54.58 0.74 3.08
N LEU C 123 -54.06 1.89 3.44
CA LEU C 123 -54.02 2.35 4.82
C LEU C 123 -54.36 3.82 4.84
N ARG C 124 -55.40 4.19 5.57
CA ARG C 124 -55.87 5.56 5.63
C ARG C 124 -55.48 6.13 6.97
N VAL C 125 -54.80 7.27 6.93
CA VAL C 125 -54.26 7.92 8.12
C VAL C 125 -54.82 9.33 8.20
N ARG C 126 -55.41 9.67 9.34
CA ARG C 126 -55.97 11.01 9.56
C ARG C 126 -55.10 11.78 10.54
N GLU C 127 -54.54 12.89 10.09
CA GLU C 127 -53.65 13.69 10.92
C GLU C 127 -53.92 15.17 10.74
N THR C 128 -53.11 15.98 11.42
CA THR C 128 -53.21 17.42 11.43
C THR C 128 -51.93 18.05 10.87
N LYS C 129 -52.04 19.30 10.47
CA LYS C 129 -50.96 20.05 9.84
C LYS C 129 -51.02 21.48 10.36
N ASP C 130 -50.04 21.86 11.16
CA ASP C 130 -49.98 23.19 11.76
C ASP C 130 -48.75 23.91 11.22
N VAL C 131 -48.93 24.83 10.28
CA VAL C 131 -47.83 25.58 9.71
C VAL C 131 -48.15 27.06 9.66
N TYR C 132 -47.13 27.86 9.95
CA TYR C 132 -47.09 29.27 9.60
C TYR C 132 -46.64 29.38 8.17
N GLU C 133 -47.17 30.35 7.44
CA GLU C 133 -47.05 30.32 5.99
C GLU C 133 -46.95 31.73 5.44
N GLY C 134 -46.10 31.92 4.44
CA GLY C 134 -46.24 33.06 3.58
C GLY C 134 -44.93 33.76 3.34
N GLU C 135 -45.04 34.96 2.77
CA GLU C 135 -43.90 35.78 2.38
C GLU C 135 -43.39 36.60 3.55
N VAL C 136 -42.07 36.65 3.70
CA VAL C 136 -41.46 37.38 4.80
C VAL C 136 -41.41 38.86 4.46
N THR C 137 -41.88 39.70 5.39
CA THR C 137 -41.81 41.14 5.27
C THR C 137 -40.70 41.75 6.13
N GLU C 138 -40.63 41.37 7.41
CA GLU C 138 -39.57 41.84 8.29
C GLU C 138 -38.84 40.66 8.93
N MET C 139 -37.57 40.90 9.24
CA MET C 139 -36.79 40.05 10.14
C MET C 139 -36.13 40.98 11.14
N THR C 140 -36.87 41.33 12.18
CA THR C 140 -36.41 42.32 13.13
C THR C 140 -36.17 41.68 14.48
N PRO C 141 -34.95 41.73 15.00
CA PRO C 141 -34.67 41.13 16.31
C PRO C 141 -35.12 42.04 17.43
N GLU C 142 -34.92 41.57 18.66
CA GLU C 142 -35.26 42.33 19.86
C GLU C 142 -34.21 42.05 20.93
N GLU C 143 -33.66 43.10 21.51
CA GLU C 143 -32.58 42.95 22.47
C GLU C 143 -33.12 42.39 23.78
N ALA C 144 -32.35 41.53 24.41
CA ALA C 144 -32.76 40.89 25.64
C ALA C 144 -32.70 41.87 26.82
N GLU C 145 -33.36 41.50 27.90
CA GLU C 145 -33.38 42.33 29.10
C GLU C 145 -32.07 42.22 29.86
N ASN C 146 -31.48 41.03 29.91
CA ASN C 146 -30.23 40.79 30.62
C ASN C 146 -29.23 40.18 29.66
N PRO C 147 -28.35 40.98 29.05
CA PRO C 147 -27.37 40.43 28.13
C PRO C 147 -26.30 39.61 28.85
N LEU C 148 -25.83 38.57 28.18
CA LEU C 148 -24.79 37.73 28.75
C LEU C 148 -23.45 38.45 28.68
N GLY C 149 -22.73 38.43 29.79
CA GLY C 149 -21.47 39.14 29.87
C GLY C 149 -20.39 38.42 29.10
N GLY C 150 -19.62 39.17 28.32
CA GLY C 150 -18.58 38.62 27.50
C GLY C 150 -18.94 38.48 26.04
N TYR C 151 -20.17 38.82 25.66
CA TYR C 151 -20.62 38.72 24.29
C TYR C 151 -21.09 40.07 23.80
N GLY C 152 -21.48 40.12 22.54
CA GLY C 152 -21.96 41.34 21.93
C GLY C 152 -23.46 41.43 22.02
N LYS C 153 -24.14 41.18 20.91
CA LYS C 153 -25.59 41.22 20.88
C LYS C 153 -26.17 40.06 21.67
N THR C 154 -27.33 40.30 22.26
CA THR C 154 -28.05 39.27 23.01
C THR C 154 -29.53 39.47 22.72
N ILE C 155 -30.10 38.57 21.93
CA ILE C 155 -31.42 38.74 21.34
C ILE C 155 -32.35 37.70 21.91
N SER C 156 -33.46 38.16 22.49
CA SER C 156 -34.36 37.30 23.25
C SER C 156 -35.56 36.83 22.45
N THR C 157 -36.00 37.59 21.45
CA THR C 157 -37.18 37.21 20.67
C THR C 157 -37.05 37.78 19.27
N LEU C 158 -37.15 36.92 18.26
CA LEU C 158 -36.98 37.34 16.88
C LEU C 158 -38.35 37.50 16.23
N LEU C 159 -38.58 38.64 15.61
CA LEU C 159 -39.89 38.97 15.04
C LEU C 159 -39.88 38.78 13.54
N ILE C 160 -40.90 38.11 13.03
CA ILE C 160 -41.08 37.86 11.60
C ILE C 160 -42.48 38.29 11.20
N GLY C 161 -42.57 39.12 10.17
CA GLY C 161 -43.86 39.51 9.64
C GLY C 161 -44.24 38.72 8.39
N LEU C 162 -45.16 37.79 8.54
CA LEU C 162 -45.56 36.91 7.46
C LEU C 162 -46.84 37.41 6.82
N LYS C 163 -46.82 37.56 5.51
CA LYS C 163 -47.93 38.12 4.76
C LYS C 163 -48.40 37.08 3.75
N SER C 164 -49.59 36.54 3.97
CA SER C 164 -50.21 35.64 3.01
C SER C 164 -50.95 36.46 1.96
N ALA C 165 -51.75 35.79 1.13
CA ALA C 165 -52.54 36.51 0.15
C ALA C 165 -53.87 36.96 0.69
N ARG C 166 -54.19 36.63 1.94
CA ARG C 166 -55.44 37.08 2.53
C ARG C 166 -55.21 38.07 3.65
N GLY C 167 -54.29 37.79 4.57
CA GLY C 167 -53.98 38.70 5.65
C GLY C 167 -52.58 38.48 6.17
N GLN C 168 -51.98 39.54 6.69
CA GLN C 168 -50.64 39.48 7.24
C GLN C 168 -50.71 39.38 8.76
N LYS C 169 -49.57 39.02 9.36
CA LYS C 169 -49.50 38.76 10.79
C LYS C 169 -48.07 38.88 11.27
N LYS C 170 -47.89 39.56 12.40
CA LYS C 170 -46.61 39.59 13.07
C LYS C 170 -46.44 38.35 13.93
N LEU C 171 -45.21 37.86 14.02
CA LEU C 171 -44.92 36.62 14.72
C LEU C 171 -43.69 36.77 15.59
N ARG C 172 -43.85 36.49 16.88
CA ARG C 172 -42.73 36.39 17.80
C ARG C 172 -42.26 34.95 17.85
N LEU C 173 -40.97 34.75 17.74
CA LEU C 173 -40.41 33.40 17.73
C LEU C 173 -39.21 33.30 18.66
N ASP C 174 -38.98 32.06 19.10
CA ASP C 174 -37.74 31.67 19.75
C ASP C 174 -36.57 32.01 18.85
N PRO C 175 -35.46 32.50 19.40
CA PRO C 175 -34.36 32.99 18.56
C PRO C 175 -33.64 31.91 17.80
N SER C 176 -33.77 30.65 18.18
CA SER C 176 -33.13 29.58 17.42
C SER C 176 -33.93 29.19 16.19
N ILE C 177 -34.38 30.21 15.44
CA ILE C 177 -34.72 30.12 14.03
C ILE C 177 -33.57 30.65 13.18
N TYR C 178 -32.57 31.28 13.80
CA TYR C 178 -31.47 31.90 13.07
C TYR C 178 -30.68 30.88 12.26
N GLU C 179 -30.50 29.68 12.81
CA GLU C 179 -29.76 28.64 12.10
C GLU C 179 -30.49 28.15 10.85
N ALA C 180 -31.81 28.30 10.80
CA ALA C 180 -32.49 28.11 9.53
C ALA C 180 -32.14 29.24 8.57
N ILE C 181 -32.27 30.47 9.03
CA ILE C 181 -32.27 31.64 8.15
C ILE C 181 -30.89 31.86 7.54
N GLN C 182 -29.83 31.56 8.28
CA GLN C 182 -28.50 31.66 7.71
C GLN C 182 -28.19 30.52 6.75
N LYS C 183 -28.73 29.34 7.01
CA LYS C 183 -28.36 28.18 6.22
C LYS C 183 -29.15 28.12 4.93
N GLU C 184 -30.39 28.60 4.97
CA GLU C 184 -31.30 28.58 3.84
C GLU C 184 -31.32 29.88 3.05
N ARG C 185 -30.69 30.94 3.58
CA ARG C 185 -30.62 32.27 2.98
C ARG C 185 -32.02 32.86 2.74
N VAL C 186 -32.73 33.08 3.82
CA VAL C 186 -34.04 33.69 3.79
C VAL C 186 -33.90 35.19 3.90
N GLN C 187 -34.51 35.91 2.97
CA GLN C 187 -34.47 37.37 2.99
C GLN C 187 -35.88 37.96 2.95
N VAL C 188 -35.98 39.27 2.80
CA VAL C 188 -37.27 39.93 2.66
C VAL C 188 -37.83 39.66 1.26
N GLY C 189 -38.99 39.04 1.18
CA GLY C 189 -39.58 38.70 -0.09
C GLY C 189 -39.43 37.25 -0.50
N ASP C 190 -39.37 36.34 0.46
CA ASP C 190 -39.18 34.92 0.18
C ASP C 190 -40.23 34.15 0.97
N VAL C 191 -41.05 33.36 0.29
CA VAL C 191 -42.08 32.63 1.01
C VAL C 191 -41.44 31.47 1.76
N ILE C 192 -41.84 31.30 3.01
CA ILE C 192 -41.35 30.24 3.86
C ILE C 192 -42.54 29.57 4.53
N TYR C 193 -42.27 28.42 5.13
CA TYR C 193 -43.23 27.81 6.01
C TYR C 193 -42.53 27.42 7.29
N ILE C 194 -43.16 27.72 8.41
CA ILE C 194 -42.66 27.37 9.73
C ILE C 194 -43.54 26.30 10.32
N GLU C 195 -42.96 25.15 10.63
CA GLU C 195 -43.75 24.07 11.22
C GLU C 195 -43.88 24.31 12.72
N THR C 196 -44.48 23.35 13.42
CA THR C 196 -44.79 23.50 14.83
C THR C 196 -44.05 22.52 15.72
N ASN C 197 -43.82 21.29 15.25
CA ASN C 197 -43.17 20.29 16.07
C ASN C 197 -41.69 20.59 16.29
N THR C 198 -41.02 21.15 15.29
CA THR C 198 -39.63 21.56 15.45
C THR C 198 -39.46 23.06 15.33
N GLY C 199 -40.00 23.67 14.28
CA GLY C 199 -39.85 25.09 14.11
C GLY C 199 -38.57 25.50 13.42
N ALA C 200 -38.38 25.03 12.19
CA ALA C 200 -37.22 25.39 11.38
C ALA C 200 -37.74 25.76 9.99
N CYS C 201 -37.68 27.04 9.65
CA CYS C 201 -38.27 27.50 8.41
C CYS C 201 -37.43 27.08 7.21
N LYS C 202 -38.11 26.76 6.10
CA LYS C 202 -37.48 26.35 4.86
C LYS C 202 -38.04 27.17 3.72
N ARG C 203 -37.17 27.88 3.02
CA ARG C 203 -37.58 28.77 1.95
C ARG C 203 -38.10 28.01 0.75
N VAL C 204 -39.24 28.44 0.22
CA VAL C 204 -39.73 27.92 -1.04
C VAL C 204 -39.20 28.71 -2.22
N GLY C 205 -39.33 30.03 -2.19
CA GLY C 205 -38.76 30.80 -3.28
C GLY C 205 -39.03 32.28 -3.15
N ARG C 206 -38.40 33.03 -4.05
CA ARG C 206 -38.65 34.46 -4.18
C ARG C 206 -40.08 34.71 -4.66
N SER C 207 -40.72 35.74 -4.12
CA SER C 207 -42.10 35.99 -4.48
C SER C 207 -42.20 36.64 -5.85
N ASP C 208 -43.42 36.73 -6.35
CA ASP C 208 -43.65 37.26 -7.69
C ASP C 208 -43.77 38.78 -7.72
N ALA C 209 -44.03 39.41 -6.57
CA ALA C 209 -44.09 40.87 -6.54
C ALA C 209 -42.72 41.49 -6.71
N TYR C 210 -41.67 40.78 -6.30
CA TYR C 210 -40.31 41.27 -6.46
C TYR C 210 -39.63 40.65 -7.67
N ALA C 211 -40.38 40.38 -8.72
CA ALA C 211 -39.85 39.76 -9.92
C ALA C 211 -39.32 40.77 -10.92
N THR C 212 -39.26 42.04 -10.55
CA THR C 212 -38.79 43.06 -11.47
C THR C 212 -37.90 44.10 -10.80
N GLU C 213 -37.52 43.90 -9.54
CA GLU C 213 -36.59 44.83 -8.90
C GLU C 213 -35.21 44.75 -9.55
N PHE C 214 -34.81 43.56 -9.93
CA PHE C 214 -33.63 43.36 -10.73
C PHE C 214 -34.07 43.14 -12.16
N ASP C 215 -33.14 42.82 -13.04
CA ASP C 215 -33.50 42.50 -14.41
C ASP C 215 -33.11 41.09 -14.79
N LEU C 216 -31.86 40.70 -14.58
CA LEU C 216 -31.41 39.40 -15.04
C LEU C 216 -31.33 38.34 -13.95
N GLU C 217 -31.17 38.74 -12.70
CA GLU C 217 -30.93 37.74 -11.66
C GLU C 217 -32.23 37.03 -11.33
N ALA C 218 -32.39 35.86 -11.91
CA ALA C 218 -33.65 35.15 -11.87
C ALA C 218 -33.48 33.78 -11.24
N GLU C 219 -34.53 33.37 -10.56
CA GLU C 219 -34.71 32.00 -10.11
C GLU C 219 -36.18 31.69 -10.34
N GLU C 220 -36.69 30.66 -9.68
CA GLU C 220 -38.13 30.49 -9.64
C GLU C 220 -38.80 31.66 -8.93
N TYR C 221 -39.89 32.13 -9.52
CA TYR C 221 -40.66 33.21 -8.93
C TYR C 221 -42.04 32.66 -8.60
N VAL C 222 -42.13 32.07 -7.42
CA VAL C 222 -43.36 31.44 -6.96
C VAL C 222 -44.32 32.52 -6.50
N PRO C 223 -45.62 32.33 -6.63
CA PRO C 223 -46.55 33.38 -6.22
C PRO C 223 -46.75 33.37 -4.71
N ILE C 224 -47.51 34.35 -4.24
CA ILE C 224 -47.93 34.46 -2.85
C ILE C 224 -48.85 33.30 -2.51
N PRO C 225 -48.74 32.68 -1.32
CA PRO C 225 -49.62 31.57 -0.99
C PRO C 225 -51.07 31.99 -0.83
N LYS C 226 -51.90 31.63 -1.81
CA LYS C 226 -53.28 32.10 -1.85
C LYS C 226 -54.11 31.19 -0.96
N GLY C 227 -54.08 31.49 0.33
CA GLY C 227 -54.73 30.67 1.31
C GLY C 227 -54.69 31.31 2.68
N GLU C 228 -54.33 30.54 3.69
CA GLU C 228 -54.30 31.03 5.06
C GLU C 228 -52.90 31.48 5.43
N VAL C 229 -52.77 32.01 6.64
CA VAL C 229 -51.46 32.30 7.20
C VAL C 229 -51.17 31.39 8.39
N HIS C 230 -52.20 30.75 8.96
CA HIS C 230 -52.06 29.83 10.08
C HIS C 230 -52.92 28.62 9.74
N LYS C 231 -52.34 27.65 9.05
CA LYS C 231 -53.07 26.46 8.68
C LYS C 231 -53.20 25.52 9.87
N LYS C 232 -54.42 25.18 10.22
CA LYS C 232 -54.69 24.16 11.23
C LYS C 232 -55.52 23.07 10.54
N LYS C 233 -55.06 22.64 9.37
CA LYS C 233 -55.87 21.84 8.46
C LYS C 233 -55.61 20.36 8.68
N GLU C 234 -56.67 19.57 8.68
CA GLU C 234 -56.55 18.13 8.84
C GLU C 234 -56.47 17.44 7.48
N ILE C 235 -55.75 16.32 7.46
CA ILE C 235 -55.40 15.62 6.23
C ILE C 235 -55.75 14.15 6.34
N VAL C 236 -56.52 13.64 5.38
CA VAL C 236 -56.62 12.20 5.15
C VAL C 236 -55.53 11.82 4.15
N GLN C 237 -54.89 10.69 4.38
CA GLN C 237 -53.71 10.32 3.61
C GLN C 237 -53.71 8.82 3.38
N ASP C 238 -53.72 8.42 2.13
CA ASP C 238 -53.81 7.01 1.76
C ASP C 238 -52.45 6.51 1.30
N VAL C 239 -51.91 5.53 2.03
CA VAL C 239 -50.64 4.92 1.71
C VAL C 239 -50.85 3.42 1.61
N THR C 240 -50.43 2.83 0.49
CA THR C 240 -50.46 1.39 0.39
C THR C 240 -49.30 0.79 1.14
N LEU C 241 -49.45 -0.46 1.57
CA LEU C 241 -48.40 -1.08 2.35
C LEU C 241 -47.18 -1.40 1.51
N HIS C 242 -47.34 -1.46 0.20
CA HIS C 242 -46.20 -1.56 -0.70
C HIS C 242 -45.31 -0.34 -0.56
N ASP C 243 -45.92 0.83 -0.37
CA ASP C 243 -45.16 2.06 -0.23
C ASP C 243 -44.39 2.05 1.09
N LEU C 244 -44.98 1.49 2.15
CA LEU C 244 -44.26 1.38 3.40
C LEU C 244 -43.12 0.39 3.30
N ASP C 245 -43.32 -0.71 2.57
CA ASP C 245 -42.24 -1.68 2.38
C ASP C 245 -41.08 -1.08 1.61
N VAL C 246 -41.38 -0.30 0.58
CA VAL C 246 -40.32 0.31 -0.20
C VAL C 246 -39.60 1.39 0.60
N ALA C 247 -40.33 2.24 1.30
CA ALA C 247 -39.70 3.30 2.06
C ALA C 247 -38.93 2.81 3.27
N ASN C 248 -39.26 1.65 3.80
CA ASN C 248 -38.42 1.08 4.85
C ASN C 248 -37.26 0.28 4.30
N ALA C 249 -37.42 -0.37 3.16
CA ALA C 249 -36.34 -1.14 2.57
C ALA C 249 -35.29 -0.25 1.93
N ARG C 250 -35.69 0.55 0.97
CA ARG C 250 -34.80 1.47 0.28
C ARG C 250 -35.15 2.87 0.69
N PRO C 251 -34.39 3.50 1.57
CA PRO C 251 -34.73 4.87 1.98
C PRO C 251 -34.55 5.86 0.86
N GLN C 252 -35.46 6.82 0.81
CA GLN C 252 -35.51 7.73 -0.31
C GLN C 252 -34.43 8.80 -0.24
N GLY C 253 -34.46 9.62 0.81
CA GLY C 253 -33.56 10.76 0.86
C GLY C 253 -32.54 10.68 1.98
N GLY C 254 -31.27 10.52 1.61
CA GLY C 254 -30.19 10.52 2.57
C GLY C 254 -29.18 11.61 2.25
N GLN C 255 -28.23 11.76 3.15
CA GLN C 255 -27.18 12.78 3.04
C GLN C 255 -25.82 12.10 3.21
N ASP C 256 -25.33 11.53 2.12
CA ASP C 256 -24.02 10.91 2.04
C ASP C 256 -23.69 10.73 0.57
N ILE C 257 -22.66 9.96 0.27
CA ILE C 257 -22.34 9.71 -1.11
C ILE C 257 -23.14 8.54 -1.65
N ILE C 258 -23.22 7.46 -0.88
CA ILE C 258 -23.71 6.22 -1.46
C ILE C 258 -25.23 6.18 -1.54
N SER C 259 -25.94 6.88 -0.68
CA SER C 259 -27.37 7.00 -0.92
C SER C 259 -27.66 8.08 -1.95
N MET C 260 -26.72 8.96 -2.22
CA MET C 260 -26.82 9.86 -3.35
C MET C 260 -26.26 9.27 -4.61
N MET C 261 -25.81 8.03 -4.55
CA MET C 261 -25.64 7.25 -5.75
C MET C 261 -26.77 6.26 -5.92
N GLY C 262 -27.41 5.85 -4.83
CA GLY C 262 -28.50 4.91 -4.92
C GLY C 262 -29.73 5.50 -5.59
N GLN C 263 -30.06 6.74 -5.24
CA GLN C 263 -31.13 7.38 -6.00
C GLN C 263 -30.65 7.91 -7.33
N LEU C 264 -29.35 7.97 -7.54
CA LEU C 264 -28.81 8.43 -8.80
C LEU C 264 -28.60 7.29 -9.78
N MET C 265 -28.23 6.11 -9.29
CA MET C 265 -28.30 4.92 -10.13
C MET C 265 -29.72 4.41 -10.17
N LYS C 266 -29.93 3.38 -10.98
CA LYS C 266 -31.28 2.88 -11.21
C LYS C 266 -31.82 2.19 -9.96
N PRO C 267 -33.09 2.36 -9.64
CA PRO C 267 -33.66 1.64 -8.51
C PRO C 267 -33.91 0.20 -8.91
N LYS C 268 -33.38 -0.71 -8.11
CA LYS C 268 -33.52 -2.12 -8.41
C LYS C 268 -34.56 -2.69 -7.47
N MET C 269 -35.51 -3.44 -8.02
CA MET C 269 -36.36 -4.26 -7.18
C MET C 269 -35.53 -5.27 -6.43
N THR C 270 -35.67 -5.28 -5.12
CA THR C 270 -35.01 -6.24 -4.29
C THR C 270 -36.02 -7.04 -3.49
N GLU C 271 -35.65 -8.28 -3.20
CA GLU C 271 -36.51 -9.13 -2.41
C GLU C 271 -36.50 -8.65 -0.97
N ILE C 272 -37.64 -8.79 -0.32
CA ILE C 272 -37.84 -8.21 1.00
C ILE C 272 -37.91 -9.34 2.00
N THR C 273 -37.12 -9.25 3.06
CA THR C 273 -37.11 -10.28 4.06
C THR C 273 -38.40 -10.24 4.87
N ASP C 274 -38.77 -11.39 5.41
CA ASP C 274 -40.08 -11.53 5.99
C ASP C 274 -40.16 -10.92 7.37
N LYS C 275 -39.01 -10.67 8.01
CA LYS C 275 -39.03 -10.00 9.29
C LYS C 275 -39.51 -8.56 9.16
N LEU C 276 -39.18 -7.92 8.04
CA LEU C 276 -39.65 -6.56 7.80
C LEU C 276 -41.16 -6.52 7.64
N ARG C 277 -41.73 -7.46 6.90
CA ARG C 277 -43.17 -7.49 6.72
C ARG C 277 -43.90 -7.85 8.01
N MET C 278 -43.32 -8.75 8.80
CA MET C 278 -43.90 -9.11 10.08
C MET C 278 -43.89 -7.92 11.03
N GLU C 279 -42.81 -7.14 11.02
CA GLU C 279 -42.74 -5.98 11.88
C GLU C 279 -43.72 -4.90 11.45
N ILE C 280 -43.86 -4.68 10.15
CA ILE C 280 -44.79 -3.67 9.67
C ILE C 280 -46.22 -4.07 9.95
N ASN C 281 -46.54 -5.36 9.84
CA ASN C 281 -47.89 -5.81 10.23
C ASN C 281 -48.13 -5.66 11.72
N LYS C 282 -47.10 -5.94 12.54
CA LYS C 282 -47.25 -5.84 13.98
C LYS C 282 -47.39 -4.40 14.44
N VAL C 283 -46.90 -3.45 13.67
CA VAL C 283 -47.02 -2.06 14.08
C VAL C 283 -48.26 -1.40 13.49
N VAL C 284 -48.67 -1.82 12.30
CA VAL C 284 -49.95 -1.36 11.76
C VAL C 284 -51.11 -1.86 12.60
N GLN C 285 -51.05 -3.11 13.07
CA GLN C 285 -52.09 -3.62 13.95
C GLN C 285 -52.08 -3.01 15.34
N LYS C 286 -51.02 -2.27 15.69
CA LYS C 286 -50.95 -1.52 16.92
C LYS C 286 -51.54 -0.12 16.74
N TYR C 287 -51.23 0.49 15.60
CA TYR C 287 -51.81 1.81 15.33
C TYR C 287 -53.29 1.73 14.98
N ILE C 288 -53.77 0.57 14.55
CA ILE C 288 -55.22 0.43 14.45
C ILE C 288 -55.84 0.36 15.83
N ASN C 289 -55.20 -0.33 16.77
CA ASN C 289 -55.74 -0.46 18.12
C ASN C 289 -55.66 0.86 18.89
N GLN C 290 -54.71 1.72 18.55
CA GLN C 290 -54.76 3.07 19.10
C GLN C 290 -55.90 3.89 18.53
N GLY C 291 -56.41 3.53 17.36
CA GLY C 291 -57.52 4.26 16.78
C GLY C 291 -57.11 5.46 15.98
N VAL C 292 -56.07 5.30 15.17
CA VAL C 292 -55.56 6.36 14.30
C VAL C 292 -55.70 5.99 12.83
N ALA C 293 -55.22 4.82 12.46
CA ALA C 293 -55.20 4.39 11.08
C ALA C 293 -56.26 3.32 10.83
N GLU C 294 -56.86 3.36 9.65
CA GLU C 294 -57.83 2.37 9.23
C GLU C 294 -57.22 1.49 8.17
N LEU C 295 -57.39 0.19 8.31
CA LEU C 295 -56.95 -0.75 7.29
C LEU C 295 -58.06 -0.96 6.28
N ILE C 296 -57.74 -0.84 5.01
CA ILE C 296 -58.74 -1.11 3.97
C ILE C 296 -58.20 -2.12 2.96
N PRO C 297 -58.75 -3.33 2.95
CA PRO C 297 -58.31 -4.33 1.99
C PRO C 297 -58.92 -4.11 0.62
N GLY C 298 -58.19 -4.54 -0.40
CA GLY C 298 -58.65 -4.29 -1.75
C GLY C 298 -58.79 -5.55 -2.57
N VAL C 299 -58.63 -5.44 -3.88
CA VAL C 299 -58.80 -6.56 -4.79
C VAL C 299 -57.51 -6.72 -5.59
N LEU C 300 -57.01 -7.94 -5.65
CA LEU C 300 -55.90 -8.28 -6.53
C LEU C 300 -56.45 -9.13 -7.66
N PHE C 301 -56.93 -8.48 -8.71
CA PHE C 301 -57.51 -9.22 -9.82
C PHE C 301 -56.40 -9.79 -10.69
N ILE C 302 -56.00 -11.02 -10.43
CA ILE C 302 -54.96 -11.65 -11.24
C ILE C 302 -55.61 -12.21 -12.50
N ASP C 303 -55.61 -11.42 -13.56
CA ASP C 303 -56.16 -11.86 -14.84
C ASP C 303 -55.26 -12.91 -15.46
N GLU C 304 -55.89 -13.80 -16.24
CA GLU C 304 -55.26 -14.93 -16.90
C GLU C 304 -54.47 -15.78 -15.92
N ALA C 305 -55.19 -16.37 -14.99
CA ALA C 305 -54.59 -17.11 -13.88
C ALA C 305 -53.98 -18.42 -14.29
N HIS C 306 -54.09 -18.83 -15.53
CA HIS C 306 -53.45 -20.04 -15.99
C HIS C 306 -52.04 -19.80 -16.47
N MET C 307 -51.57 -18.57 -16.41
CA MET C 307 -50.17 -18.32 -16.71
C MET C 307 -49.28 -18.45 -15.47
N LEU C 308 -49.84 -18.36 -14.27
CA LEU C 308 -49.10 -18.69 -13.07
C LEU C 308 -48.77 -20.17 -13.05
N ASP C 309 -47.49 -20.50 -12.87
CA ASP C 309 -47.09 -21.90 -12.81
C ASP C 309 -47.22 -22.44 -11.39
N ILE C 310 -46.85 -23.72 -11.21
CA ILE C 310 -47.09 -24.40 -9.94
C ILE C 310 -46.19 -23.89 -8.83
N GLU C 311 -45.12 -23.21 -9.14
CA GLU C 311 -44.31 -22.59 -8.10
C GLU C 311 -44.93 -21.33 -7.52
N CYS C 312 -45.97 -20.80 -8.12
CA CYS C 312 -46.59 -19.60 -7.60
C CYS C 312 -47.77 -19.89 -6.69
N PHE C 313 -48.53 -20.94 -6.96
CA PHE C 313 -49.67 -21.24 -6.10
C PHE C 313 -49.22 -21.73 -4.73
N THR C 314 -48.04 -22.35 -4.68
CA THR C 314 -47.47 -22.73 -3.40
C THR C 314 -47.18 -21.50 -2.55
N TYR C 315 -46.68 -20.44 -3.17
CA TYR C 315 -46.48 -19.22 -2.40
C TYR C 315 -47.81 -18.54 -2.11
N LEU C 316 -48.79 -18.69 -2.99
CA LEU C 316 -50.10 -18.10 -2.73
C LEU C 316 -50.80 -18.73 -1.55
N ASN C 317 -50.57 -20.02 -1.29
CA ASN C 317 -51.16 -20.64 -0.11
C ASN C 317 -50.63 -20.01 1.16
N LYS C 318 -49.31 -19.81 1.24
CA LYS C 318 -48.73 -19.11 2.38
C LYS C 318 -49.24 -17.68 2.49
N ALA C 319 -49.28 -16.95 1.37
CA ALA C 319 -49.67 -15.55 1.41
C ALA C 319 -51.13 -15.35 1.73
N LEU C 320 -51.99 -16.28 1.34
CA LEU C 320 -53.38 -16.17 1.71
C LEU C 320 -53.64 -16.60 3.14
N GLU C 321 -52.77 -17.40 3.74
CA GLU C 321 -52.95 -17.71 5.14
C GLU C 321 -52.46 -16.60 6.07
N SER C 322 -51.96 -15.50 5.54
CA SER C 322 -51.53 -14.40 6.37
C SER C 322 -52.74 -13.71 6.98
N PRO C 323 -52.60 -13.12 8.16
CA PRO C 323 -53.75 -12.44 8.78
C PRO C 323 -54.12 -11.12 8.12
N ILE C 324 -53.29 -10.58 7.24
CA ILE C 324 -53.56 -9.32 6.56
C ILE C 324 -53.34 -9.56 5.07
N ALA C 325 -54.43 -9.70 4.32
CA ALA C 325 -54.38 -10.08 2.93
C ALA C 325 -55.64 -9.62 2.23
N PRO C 326 -55.58 -9.23 0.99
CA PRO C 326 -56.77 -8.84 0.26
C PRO C 326 -57.44 -10.03 -0.39
N ILE C 327 -58.50 -9.79 -1.12
CA ILE C 327 -59.16 -10.85 -1.86
C ILE C 327 -58.39 -11.08 -3.15
N VAL C 328 -58.43 -12.30 -3.66
CA VAL C 328 -57.72 -12.67 -4.87
C VAL C 328 -58.76 -13.13 -5.88
N VAL C 329 -59.13 -12.24 -6.79
CA VAL C 329 -60.08 -12.60 -7.83
C VAL C 329 -59.30 -13.10 -9.03
N LEU C 330 -59.26 -14.41 -9.20
CA LEU C 330 -58.57 -14.99 -10.34
C LEU C 330 -59.46 -14.89 -11.58
N ALA C 331 -58.92 -15.31 -12.72
CA ALA C 331 -59.69 -15.25 -13.96
C ALA C 331 -59.11 -16.30 -14.90
N SER C 332 -59.79 -17.43 -15.03
CA SER C 332 -59.29 -18.53 -15.81
C SER C 332 -60.28 -18.92 -16.88
N ASN C 333 -59.78 -19.15 -18.09
CA ASN C 333 -60.63 -19.49 -19.21
C ASN C 333 -60.14 -20.73 -19.91
N ARG C 334 -59.70 -21.71 -19.15
CA ARG C 334 -59.26 -22.96 -19.75
C ARG C 334 -60.01 -24.12 -19.12
N GLY C 335 -60.09 -25.23 -19.86
CA GLY C 335 -60.75 -26.41 -19.33
C GLY C 335 -59.77 -27.35 -18.66
N ILE C 336 -59.57 -28.54 -19.22
CA ILE C 336 -58.50 -29.40 -18.76
C ILE C 336 -57.20 -28.94 -19.41
N ALA C 337 -56.29 -28.42 -18.60
CA ALA C 337 -55.05 -27.83 -19.08
C ALA C 337 -53.88 -28.39 -18.31
N THR C 338 -52.72 -28.35 -18.94
CA THR C 338 -51.48 -28.73 -18.29
C THR C 338 -50.94 -27.53 -17.53
N ILE C 339 -50.69 -27.70 -16.23
CA ILE C 339 -50.12 -26.65 -15.40
C ILE C 339 -48.70 -26.38 -15.88
N ARG C 340 -48.33 -25.10 -15.89
CA ARG C 340 -47.12 -24.66 -16.60
C ARG C 340 -45.84 -25.17 -15.96
N GLY C 341 -45.79 -25.19 -14.63
CA GLY C 341 -44.58 -25.64 -13.96
C GLY C 341 -44.30 -27.13 -14.05
N ALA C 342 -45.16 -27.91 -13.40
CA ALA C 342 -45.04 -29.36 -13.40
C ALA C 342 -45.83 -29.89 -14.59
N ASP C 343 -45.13 -30.43 -15.58
CA ASP C 343 -45.79 -30.97 -16.76
C ASP C 343 -46.23 -32.41 -16.58
N ASP C 344 -46.95 -32.64 -15.48
CA ASP C 344 -47.39 -33.98 -15.11
C ASP C 344 -48.91 -34.10 -15.04
N LEU C 345 -49.55 -33.23 -14.28
CA LEU C 345 -50.95 -33.38 -13.94
C LEU C 345 -51.79 -32.47 -14.82
N LYS C 346 -52.83 -33.03 -15.42
CA LYS C 346 -53.79 -32.25 -16.18
C LYS C 346 -54.95 -31.89 -15.27
N ALA C 347 -55.00 -30.64 -14.86
CA ALA C 347 -55.97 -30.22 -13.86
C ALA C 347 -56.99 -29.29 -14.50
N ALA C 348 -58.08 -29.10 -13.79
CA ALA C 348 -59.11 -28.19 -14.26
C ALA C 348 -58.65 -26.75 -14.11
N HIS C 349 -58.92 -25.96 -15.15
CA HIS C 349 -58.70 -24.51 -15.21
C HIS C 349 -57.25 -24.09 -15.19
N GLY C 350 -56.31 -25.01 -15.24
CA GLY C 350 -54.93 -24.64 -14.98
C GLY C 350 -54.59 -24.44 -13.53
N ILE C 351 -55.53 -24.68 -12.63
CA ILE C 351 -55.34 -24.47 -11.21
C ILE C 351 -55.01 -25.83 -10.59
N PRO C 352 -54.05 -25.93 -9.68
CA PRO C 352 -53.79 -27.21 -9.04
C PRO C 352 -54.96 -27.60 -8.16
N PRO C 353 -55.19 -28.90 -7.97
CA PRO C 353 -56.35 -29.33 -7.18
C PRO C 353 -56.22 -29.01 -5.71
N ASP C 354 -55.02 -28.75 -5.22
CA ASP C 354 -54.86 -28.33 -3.84
C ASP C 354 -55.29 -26.89 -3.65
N PHE C 355 -54.97 -26.04 -4.60
CA PHE C 355 -55.31 -24.64 -4.48
C PHE C 355 -56.75 -24.39 -4.83
N LEU C 356 -57.36 -25.27 -5.62
CA LEU C 356 -58.70 -25.00 -6.13
C LEU C 356 -59.75 -25.09 -5.04
N GLN C 357 -59.47 -25.78 -3.94
CA GLN C 357 -60.46 -25.88 -2.87
C GLN C 357 -60.64 -24.57 -2.12
N ARG C 358 -59.66 -23.67 -2.17
CA ARG C 358 -59.84 -22.40 -1.50
C ARG C 358 -60.81 -21.49 -2.23
N LEU C 359 -61.06 -21.75 -3.51
CA LEU C 359 -61.67 -20.76 -4.38
C LEU C 359 -63.18 -20.91 -4.45
N LEU C 360 -63.89 -19.81 -4.23
CA LEU C 360 -65.30 -19.69 -4.58
C LEU C 360 -65.44 -19.57 -6.09
N ILE C 361 -65.78 -20.68 -6.75
CA ILE C 361 -65.81 -20.70 -8.22
C ILE C 361 -67.13 -20.12 -8.72
N ILE C 362 -67.06 -18.99 -9.41
CA ILE C 362 -68.21 -18.37 -10.05
C ILE C 362 -68.20 -18.74 -11.52
N PRO C 363 -69.27 -19.29 -12.06
CA PRO C 363 -69.30 -19.65 -13.49
C PRO C 363 -69.53 -18.42 -14.35
N THR C 364 -69.43 -18.63 -15.66
CA THR C 364 -69.82 -17.62 -16.64
C THR C 364 -70.28 -18.32 -17.91
N HIS C 365 -71.50 -18.07 -18.31
CA HIS C 365 -72.17 -18.81 -19.36
C HIS C 365 -72.09 -18.08 -20.68
N PRO C 366 -72.22 -18.79 -21.80
CA PRO C 366 -72.30 -18.11 -23.10
C PRO C 366 -73.59 -17.33 -23.23
N TYR C 367 -73.63 -16.48 -24.25
CA TYR C 367 -74.72 -15.55 -24.43
C TYR C 367 -75.75 -16.08 -25.41
N GLU C 368 -77.01 -15.76 -25.13
CA GLU C 368 -78.12 -16.17 -25.97
C GLU C 368 -78.08 -15.40 -27.30
N PRO C 369 -78.65 -15.97 -28.36
CA PRO C 369 -78.67 -15.26 -29.65
C PRO C 369 -79.68 -14.13 -29.76
N ASP C 370 -80.32 -13.70 -28.67
CA ASP C 370 -81.10 -12.47 -28.67
C ASP C 370 -80.59 -11.48 -27.65
N GLU C 371 -79.43 -11.75 -27.06
CA GLU C 371 -78.78 -10.80 -26.19
C GLU C 371 -77.58 -10.14 -26.83
N ILE C 372 -77.00 -10.77 -27.86
CA ILE C 372 -75.91 -10.15 -28.61
C ILE C 372 -76.37 -8.86 -29.28
N ARG C 373 -77.61 -8.83 -29.76
CA ARG C 373 -78.11 -7.60 -30.37
C ARG C 373 -78.36 -6.50 -29.34
N ARG C 374 -78.68 -6.84 -28.09
CA ARG C 374 -78.79 -5.81 -27.07
C ARG C 374 -77.43 -5.24 -26.70
N ILE C 375 -76.41 -6.10 -26.66
CA ILE C 375 -75.05 -5.63 -26.44
C ILE C 375 -74.60 -4.75 -27.59
N VAL C 376 -75.03 -5.09 -28.81
CA VAL C 376 -74.72 -4.26 -29.96
C VAL C 376 -75.39 -2.91 -29.88
N ARG C 377 -76.64 -2.86 -29.41
CA ARG C 377 -77.32 -1.58 -29.24
C ARG C 377 -76.66 -0.72 -28.17
N ILE C 378 -76.25 -1.33 -27.05
CA ILE C 378 -75.61 -0.56 -26.00
C ILE C 378 -74.23 -0.08 -26.42
N ARG C 379 -73.47 -0.92 -27.12
CA ARG C 379 -72.16 -0.52 -27.61
C ARG C 379 -72.27 0.57 -28.68
N ALA C 380 -73.33 0.52 -29.48
CA ALA C 380 -73.51 1.51 -30.52
C ALA C 380 -73.95 2.84 -29.95
N GLN C 381 -74.80 2.82 -28.94
CA GLN C 381 -75.13 4.11 -28.36
C GLN C 381 -74.06 4.58 -27.39
N THR C 382 -73.09 3.72 -27.06
CA THR C 382 -71.94 4.18 -26.29
C THR C 382 -70.98 4.95 -27.18
N GLU C 383 -70.63 4.38 -28.33
CA GLU C 383 -69.72 5.09 -29.22
C GLU C 383 -70.37 6.30 -29.87
N GLY C 384 -71.69 6.33 -29.96
CA GLY C 384 -72.38 7.36 -30.70
C GLY C 384 -72.73 6.95 -32.11
N VAL C 385 -72.26 5.79 -32.55
CA VAL C 385 -72.52 5.32 -33.91
C VAL C 385 -73.96 4.84 -33.96
N GLN C 386 -74.82 5.58 -34.65
CA GLN C 386 -76.22 5.17 -34.80
C GLN C 386 -76.41 4.44 -36.11
N LEU C 387 -77.38 3.53 -36.12
CA LEU C 387 -77.55 2.62 -37.25
C LEU C 387 -78.97 2.06 -37.24
N THR C 388 -79.43 1.66 -38.42
CA THR C 388 -80.78 1.16 -38.60
C THR C 388 -80.93 -0.25 -38.07
N ASP C 389 -82.19 -0.70 -37.99
CA ASP C 389 -82.50 -1.95 -37.31
C ASP C 389 -82.10 -3.18 -38.11
N ALA C 390 -82.17 -3.10 -39.45
CA ALA C 390 -81.69 -4.20 -40.27
C ALA C 390 -80.19 -4.35 -40.18
N ALA C 391 -79.49 -3.24 -39.99
CA ALA C 391 -78.06 -3.29 -39.74
C ALA C 391 -77.76 -3.94 -38.40
N VAL C 392 -78.59 -3.67 -37.38
CA VAL C 392 -78.45 -4.32 -36.08
C VAL C 392 -78.67 -5.82 -36.20
N ASP C 393 -79.66 -6.22 -37.02
CA ASP C 393 -79.93 -7.64 -37.20
C ASP C 393 -78.80 -8.33 -37.96
N ARG C 394 -78.18 -7.64 -38.91
CA ARG C 394 -77.06 -8.24 -39.62
C ARG C 394 -75.82 -8.36 -38.73
N VAL C 395 -75.58 -7.36 -37.88
CA VAL C 395 -74.45 -7.46 -36.95
C VAL C 395 -74.71 -8.54 -35.92
N ALA C 396 -75.97 -8.73 -35.51
CA ALA C 396 -76.29 -9.83 -34.61
C ALA C 396 -76.15 -11.17 -35.28
N GLU C 397 -76.43 -11.25 -36.59
CA GLU C 397 -76.19 -12.47 -37.34
C GLU C 397 -74.72 -12.82 -37.35
N HIS C 398 -73.86 -11.82 -37.64
CA HIS C 398 -72.42 -12.05 -37.56
C HIS C 398 -71.96 -12.34 -36.15
N GLY C 399 -72.67 -11.84 -35.14
CA GLY C 399 -72.29 -12.10 -33.77
C GLY C 399 -72.59 -13.50 -33.32
N VAL C 400 -73.75 -14.02 -33.73
CA VAL C 400 -74.10 -15.38 -33.36
C VAL C 400 -73.26 -16.37 -34.15
N ARG C 401 -73.10 -16.13 -35.44
CA ARG C 401 -72.45 -17.12 -36.27
C ARG C 401 -70.93 -17.10 -36.17
N ILE C 402 -70.32 -16.00 -35.74
CA ILE C 402 -68.87 -15.97 -35.74
C ILE C 402 -68.32 -15.80 -34.34
N SER C 403 -68.58 -14.65 -33.71
CA SER C 403 -67.96 -14.34 -32.42
C SER C 403 -68.65 -13.14 -31.80
N LEU C 404 -68.42 -12.99 -30.50
CA LEU C 404 -68.95 -11.80 -29.84
C LEU C 404 -68.03 -10.61 -30.02
N ARG C 405 -66.73 -10.80 -29.88
CA ARG C 405 -65.79 -9.71 -30.04
C ARG C 405 -65.68 -9.23 -31.48
N TYR C 406 -66.17 -10.00 -32.44
CA TYR C 406 -66.07 -9.59 -33.82
C TYR C 406 -67.23 -8.72 -34.25
N CYS C 407 -68.41 -8.91 -33.67
CA CYS C 407 -69.52 -8.04 -34.01
C CYS C 407 -69.44 -6.69 -33.32
N LEU C 408 -68.61 -6.56 -32.29
CA LEU C 408 -68.36 -5.28 -31.67
C LEU C 408 -67.22 -4.53 -32.32
N GLN C 409 -66.65 -5.08 -33.38
CA GLN C 409 -65.57 -4.44 -34.09
C GLN C 409 -65.93 -4.16 -35.53
N LEU C 410 -67.15 -4.49 -35.95
CA LEU C 410 -67.66 -4.04 -37.22
C LEU C 410 -68.46 -2.75 -37.09
N LEU C 411 -68.27 -2.02 -36.01
CA LEU C 411 -68.96 -0.75 -35.81
C LEU C 411 -68.08 0.44 -36.14
N ALA C 412 -66.80 0.33 -35.97
CA ALA C 412 -65.95 1.47 -36.28
C ALA C 412 -65.66 1.60 -37.77
N PRO C 413 -65.28 0.55 -38.54
CA PRO C 413 -65.13 0.77 -39.99
C PRO C 413 -66.44 1.02 -40.71
N ALA C 414 -67.55 0.51 -40.20
CA ALA C 414 -68.84 0.84 -40.80
C ALA C 414 -69.17 2.30 -40.61
N SER C 415 -68.82 2.87 -39.45
CA SER C 415 -69.08 4.29 -39.24
C SER C 415 -68.16 5.17 -40.07
N ILE C 416 -66.91 4.74 -40.24
CA ILE C 416 -65.99 5.49 -41.08
C ILE C 416 -66.45 5.48 -42.53
N LEU C 417 -66.82 4.30 -43.05
CA LEU C 417 -67.31 4.24 -44.42
C LEU C 417 -68.65 4.93 -44.58
N ALA C 418 -69.43 5.02 -43.51
CA ALA C 418 -70.69 5.75 -43.57
C ALA C 418 -70.45 7.25 -43.71
N ARG C 419 -69.61 7.82 -42.86
CA ARG C 419 -69.39 9.26 -42.97
C ARG C 419 -68.40 9.63 -44.06
N VAL C 420 -67.80 8.66 -44.73
CA VAL C 420 -67.07 8.96 -45.96
C VAL C 420 -68.00 8.90 -47.16
N ASN C 421 -68.93 7.93 -47.17
CA ASN C 421 -69.85 7.81 -48.30
C ASN C 421 -70.81 8.98 -48.38
N GLY C 422 -71.11 9.61 -47.26
CA GLY C 422 -71.91 10.82 -47.30
C GLY C 422 -73.17 10.74 -46.49
N ARG C 423 -73.19 9.88 -45.49
CA ARG C 423 -74.36 9.69 -44.64
C ARG C 423 -74.00 9.96 -43.20
N THR C 424 -75.00 9.86 -42.33
CA THR C 424 -74.81 10.04 -40.90
C THR C 424 -75.05 8.78 -40.10
N GLN C 425 -75.88 7.87 -40.59
CA GLN C 425 -76.16 6.63 -39.90
C GLN C 425 -75.72 5.46 -40.77
N VAL C 426 -75.49 4.33 -40.12
CA VAL C 426 -74.94 3.15 -40.77
C VAL C 426 -76.09 2.29 -41.29
N ASP C 427 -76.01 1.91 -42.55
CA ASP C 427 -77.00 1.06 -43.19
C ASP C 427 -76.41 -0.33 -43.41
N VAL C 428 -77.18 -1.16 -44.12
CA VAL C 428 -76.74 -2.54 -44.39
C VAL C 428 -75.59 -2.57 -45.38
N GLN C 429 -75.55 -1.60 -46.30
CA GLN C 429 -74.52 -1.58 -47.33
C GLN C 429 -73.13 -1.32 -46.77
N ASP C 430 -73.03 -0.47 -45.75
CA ASP C 430 -71.74 -0.15 -45.19
C ASP C 430 -71.16 -1.32 -44.41
N ILE C 431 -72.02 -2.09 -43.73
CA ILE C 431 -71.52 -3.25 -43.02
C ILE C 431 -71.22 -4.39 -43.98
N ALA C 432 -72.02 -4.52 -45.03
CA ALA C 432 -71.72 -5.52 -46.04
C ALA C 432 -70.49 -5.18 -46.85
N GLU C 433 -70.09 -3.92 -46.89
CA GLU C 433 -68.82 -3.56 -47.50
C GLU C 433 -67.65 -3.68 -46.53
N ALA C 434 -67.89 -3.39 -45.25
CA ALA C 434 -66.83 -3.48 -44.27
C ALA C 434 -66.59 -4.89 -43.78
N GLU C 435 -67.45 -5.84 -44.14
CA GLU C 435 -67.23 -7.22 -43.76
C GLU C 435 -66.22 -7.91 -44.65
N GLU C 436 -65.81 -7.29 -45.73
CA GLU C 436 -64.83 -7.85 -46.64
C GLU C 436 -63.50 -7.13 -46.59
N LEU C 437 -63.43 -6.01 -45.90
CA LEU C 437 -62.17 -5.37 -45.61
C LEU C 437 -61.55 -5.84 -44.31
N PHE C 438 -62.31 -6.51 -43.46
CA PHE C 438 -61.84 -6.93 -42.14
C PHE C 438 -62.33 -8.36 -41.90
N LEU C 439 -61.52 -9.32 -42.29
CA LEU C 439 -61.94 -10.69 -42.14
C LEU C 439 -61.76 -11.14 -40.70
N ASP C 440 -62.54 -12.14 -40.32
CA ASP C 440 -62.48 -12.75 -39.00
C ASP C 440 -61.33 -13.74 -38.93
N ALA C 441 -61.30 -14.55 -37.88
CA ALA C 441 -60.32 -15.61 -37.82
C ALA C 441 -60.72 -16.81 -38.67
N ARG C 442 -62.03 -17.00 -38.88
CA ARG C 442 -62.50 -18.20 -39.54
C ARG C 442 -62.21 -18.18 -41.03
N ARG C 443 -62.58 -17.09 -41.71
CA ARG C 443 -62.26 -16.97 -43.13
C ARG C 443 -60.77 -16.80 -43.37
N SER C 444 -60.04 -16.26 -42.39
CA SER C 444 -58.59 -16.20 -42.51
C SER C 444 -57.97 -17.59 -42.48
N ALA C 445 -58.46 -18.44 -41.59
CA ALA C 445 -57.98 -19.82 -41.57
C ALA C 445 -58.43 -20.59 -42.80
N ASN C 446 -59.59 -20.25 -43.35
CA ASN C 446 -60.04 -20.88 -44.59
C ASN C 446 -59.16 -20.52 -45.76
N ILE C 447 -58.79 -19.25 -45.89
CA ILE C 447 -57.84 -18.82 -46.92
C ILE C 447 -56.46 -19.44 -46.66
N LEU C 448 -56.10 -19.59 -45.39
CA LEU C 448 -54.80 -20.08 -45.00
C LEU C 448 -54.64 -21.57 -45.33
N THR C 449 -55.71 -22.33 -45.18
CA THR C 449 -55.62 -23.76 -45.48
C THR C 449 -55.88 -24.02 -46.95
N SER C 450 -56.94 -23.43 -47.50
CA SER C 450 -57.36 -23.74 -48.86
C SER C 450 -56.40 -23.15 -49.88
N THR C 451 -56.22 -21.83 -49.86
CA THR C 451 -55.33 -21.21 -50.83
C THR C 451 -53.87 -21.46 -50.44
N GLY C 452 -53.57 -21.37 -49.16
CA GLY C 452 -52.23 -21.68 -48.69
C GLY C 452 -52.01 -23.17 -48.56
N GLU C 453 -51.80 -23.82 -49.71
CA GLU C 453 -51.71 -25.28 -49.75
C GLU C 453 -50.45 -25.79 -49.07
N SER C 454 -49.29 -25.35 -49.55
CA SER C 454 -48.02 -25.78 -48.99
C SER C 454 -47.00 -24.69 -49.17
N GLY C 455 -45.83 -24.90 -48.58
CA GLY C 455 -44.75 -23.93 -48.71
C GLY C 455 -44.13 -23.98 -50.08
N GLY C 456 -44.36 -22.94 -50.89
CA GLY C 456 -43.76 -22.88 -52.20
C GLY C 456 -43.31 -21.47 -52.53
N LEU C 457 -43.62 -21.00 -53.73
CA LEU C 457 -43.30 -19.61 -54.04
C LEU C 457 -44.36 -18.68 -53.48
N HIS C 458 -45.58 -18.81 -53.97
CA HIS C 458 -46.68 -17.96 -53.51
C HIS C 458 -47.48 -18.73 -52.46
N GLY C 459 -46.83 -18.97 -51.32
CA GLY C 459 -47.44 -19.71 -50.25
C GLY C 459 -46.88 -19.29 -48.92
N PHE C 460 -47.57 -19.70 -47.86
CA PHE C 460 -47.19 -19.36 -46.50
C PHE C 460 -46.00 -20.20 -46.04
N ILE C 461 -45.52 -19.90 -44.84
CA ILE C 461 -44.38 -20.61 -44.26
C ILE C 461 -44.92 -21.36 -43.05
N SER C 462 -45.18 -22.65 -43.22
CA SER C 462 -45.69 -23.44 -42.13
C SER C 462 -44.57 -23.79 -41.16
N LEU D 20 -57.86 -9.08 12.09
CA LEU D 20 -59.09 -9.59 11.50
C LEU D 20 -59.20 -11.09 11.70
N ILE D 21 -60.11 -11.70 10.94
CA ILE D 21 -60.38 -13.13 11.10
C ILE D 21 -59.86 -13.92 9.90
N ALA D 22 -58.65 -14.45 10.01
CA ALA D 22 -58.05 -15.24 8.95
C ALA D 22 -58.54 -16.69 9.06
N ALA D 23 -57.92 -17.59 8.31
CA ALA D 23 -58.34 -18.98 8.31
C ALA D 23 -57.76 -19.78 9.46
N HIS D 24 -56.91 -19.18 10.28
CA HIS D 24 -56.35 -19.85 11.44
C HIS D 24 -56.31 -18.91 12.63
N SER D 25 -57.40 -18.17 12.85
CA SER D 25 -57.49 -17.27 13.98
C SER D 25 -58.21 -17.87 15.17
N HIS D 26 -59.01 -18.92 14.97
CA HIS D 26 -59.68 -19.56 16.09
C HIS D 26 -58.73 -20.43 16.91
N ILE D 27 -57.60 -20.81 16.36
CA ILE D 27 -56.68 -21.71 17.04
C ILE D 27 -55.93 -20.93 18.13
N ARG D 28 -55.94 -21.46 19.35
CA ARG D 28 -55.27 -20.87 20.49
C ARG D 28 -54.32 -21.89 21.11
N GLY D 29 -53.51 -22.53 20.29
CA GLY D 29 -52.56 -23.49 20.78
C GLY D 29 -52.80 -24.90 20.25
N LEU D 30 -52.18 -25.89 20.88
CA LEU D 30 -52.32 -27.27 20.40
C LEU D 30 -53.40 -28.05 21.14
N GLY D 31 -53.59 -27.76 22.42
CA GLY D 31 -54.71 -28.32 23.16
C GLY D 31 -54.47 -29.72 23.66
N VAL D 32 -53.38 -29.92 24.40
CA VAL D 32 -53.08 -31.20 25.04
C VAL D 32 -52.82 -30.95 26.53
N ASP D 33 -52.68 -32.04 27.27
CA ASP D 33 -52.40 -31.94 28.68
C ASP D 33 -50.93 -31.57 28.91
N ALA D 34 -50.64 -31.06 30.10
CA ALA D 34 -49.27 -30.71 30.46
C ALA D 34 -48.54 -31.83 31.19
N ASP D 35 -49.27 -32.71 31.86
CA ASP D 35 -48.66 -33.81 32.62
C ASP D 35 -48.69 -35.14 31.88
N THR D 36 -49.76 -35.39 31.13
CA THR D 36 -49.90 -36.63 30.39
C THR D 36 -49.91 -36.47 28.89
N LEU D 37 -50.12 -35.23 28.40
CA LEU D 37 -50.18 -34.88 26.96
C LEU D 37 -51.14 -35.76 26.17
N GLU D 38 -52.23 -36.15 26.81
CA GLU D 38 -53.25 -36.91 26.10
C GLU D 38 -54.06 -35.98 25.21
N PRO D 39 -54.41 -36.43 24.01
CA PRO D 39 -55.21 -35.58 23.11
C PRO D 39 -56.65 -35.44 23.54
N ARG D 40 -57.02 -34.23 23.94
CA ARG D 40 -58.41 -33.98 24.28
C ARG D 40 -59.25 -33.95 23.01
N PRO D 41 -60.45 -34.52 23.02
CA PRO D 41 -61.27 -34.55 21.80
C PRO D 41 -61.81 -33.19 21.40
N SER D 42 -61.87 -32.23 22.32
CA SER D 42 -62.35 -30.89 21.98
C SER D 42 -61.69 -29.90 22.93
N SER D 43 -60.63 -29.24 22.45
CA SER D 43 -59.90 -28.30 23.28
C SER D 43 -59.07 -27.36 22.40
N GLN D 44 -59.29 -26.05 22.57
CA GLN D 44 -58.48 -24.98 21.99
C GLN D 44 -58.48 -25.06 20.46
N GLY D 45 -59.68 -25.07 19.89
CA GLY D 45 -59.77 -24.97 18.44
C GLY D 45 -59.47 -26.23 17.66
N LEU D 46 -58.32 -26.83 17.91
CA LEU D 46 -57.92 -28.03 17.17
C LEU D 46 -58.75 -29.21 17.64
N VAL D 47 -59.92 -29.37 17.06
CA VAL D 47 -60.91 -30.31 17.53
C VAL D 47 -61.16 -31.35 16.46
N GLY D 48 -60.94 -32.62 16.80
CA GLY D 48 -61.37 -33.68 15.93
C GLY D 48 -60.31 -34.65 15.50
N GLN D 49 -59.15 -34.62 16.14
CA GLN D 49 -58.10 -35.53 15.72
C GLN D 49 -57.21 -35.77 16.93
N GLU D 50 -56.72 -36.99 17.06
CA GLU D 50 -56.05 -37.38 18.30
C GLU D 50 -54.64 -37.88 18.11
N LYS D 51 -54.37 -38.63 17.05
CA LYS D 51 -53.06 -39.24 16.90
C LYS D 51 -52.00 -38.22 16.55
N ALA D 52 -52.26 -37.41 15.54
CA ALA D 52 -51.28 -36.43 15.08
C ALA D 52 -51.08 -35.32 16.10
N ARG D 53 -52.11 -34.95 16.84
CA ARG D 53 -51.93 -33.92 17.86
C ARG D 53 -51.12 -34.44 19.04
N LYS D 54 -51.25 -35.72 19.37
CA LYS D 54 -50.42 -36.29 20.42
C LYS D 54 -48.96 -36.40 19.98
N ALA D 55 -48.74 -36.81 18.72
CA ALA D 55 -47.38 -36.88 18.22
C ALA D 55 -46.75 -35.49 18.10
N ALA D 56 -47.54 -34.49 17.72
CA ALA D 56 -47.03 -33.13 17.67
C ALA D 56 -46.79 -32.57 19.06
N ALA D 57 -47.51 -33.05 20.06
CA ALA D 57 -47.22 -32.68 21.43
C ALA D 57 -45.88 -33.24 21.88
N VAL D 58 -45.58 -34.47 21.46
CA VAL D 58 -44.27 -35.06 21.78
C VAL D 58 -43.14 -34.28 21.09
N VAL D 59 -43.36 -33.89 19.85
CA VAL D 59 -42.38 -33.08 19.12
C VAL D 59 -42.20 -31.72 19.80
N LEU D 60 -43.31 -31.12 20.24
CA LEU D 60 -43.24 -29.84 20.95
C LEU D 60 -42.48 -29.96 22.25
N GLU D 61 -42.63 -31.08 22.94
CA GLU D 61 -41.92 -31.25 24.19
C GLU D 61 -40.44 -31.45 23.97
N MET D 62 -40.07 -32.15 22.89
CA MET D 62 -38.62 -32.26 22.66
C MET D 62 -38.04 -31.04 21.96
N ILE D 63 -38.87 -30.12 21.49
CA ILE D 63 -38.35 -28.82 21.08
C ILE D 63 -38.14 -27.92 22.30
N LYS D 64 -39.10 -27.94 23.24
CA LYS D 64 -38.98 -27.16 24.47
C LYS D 64 -37.88 -27.67 25.37
N GLN D 65 -37.48 -28.93 25.20
CA GLN D 65 -36.30 -29.39 25.92
C GLN D 65 -35.05 -28.73 25.38
N GLY D 66 -34.96 -28.58 24.06
CA GLY D 66 -33.87 -27.89 23.44
C GLY D 66 -32.58 -28.66 23.33
N LYS D 67 -32.54 -29.90 23.79
CA LYS D 67 -31.29 -30.63 23.79
C LYS D 67 -31.02 -31.31 22.46
N ILE D 68 -32.02 -31.98 21.93
CA ILE D 68 -31.85 -32.85 20.77
C ILE D 68 -31.92 -32.05 19.49
N ALA D 69 -30.89 -32.16 18.67
CA ALA D 69 -30.70 -31.28 17.53
C ALA D 69 -30.73 -32.06 16.22
N GLY D 70 -31.38 -31.51 15.22
CA GLY D 70 -31.32 -32.09 13.88
C GLY D 70 -32.21 -33.29 13.65
N ARG D 71 -33.51 -33.09 13.72
CA ARG D 71 -34.51 -34.09 13.39
C ARG D 71 -35.31 -33.65 12.18
N ALA D 72 -36.32 -34.44 11.84
CA ALA D 72 -37.13 -34.16 10.67
C ALA D 72 -38.50 -34.77 10.86
N VAL D 73 -39.53 -33.94 10.85
CA VAL D 73 -40.90 -34.40 11.05
C VAL D 73 -41.70 -34.07 9.81
N LEU D 74 -42.37 -35.08 9.26
CA LEU D 74 -43.08 -34.93 7.99
C LEU D 74 -44.56 -35.19 8.22
N ILE D 75 -45.36 -34.14 8.21
CA ILE D 75 -46.80 -34.27 8.49
C ILE D 75 -47.48 -34.58 7.16
N ALA D 76 -47.66 -35.86 6.89
CA ALA D 76 -48.25 -36.32 5.65
C ALA D 76 -49.72 -36.59 5.82
N GLY D 77 -50.46 -36.44 4.73
CA GLY D 77 -51.88 -36.71 4.75
C GLY D 77 -52.62 -36.04 3.61
N PRO D 78 -53.91 -36.32 3.49
CA PRO D 78 -54.72 -35.72 2.44
C PRO D 78 -54.88 -34.24 2.66
N PRO D 79 -55.20 -33.47 1.63
CA PRO D 79 -55.40 -32.03 1.83
C PRO D 79 -56.69 -31.76 2.58
N SER D 80 -56.77 -30.54 3.12
CA SER D 80 -57.89 -30.06 3.94
C SER D 80 -58.12 -30.97 5.14
N THR D 81 -57.02 -31.37 5.79
CA THR D 81 -57.10 -32.20 6.97
C THR D 81 -56.43 -31.58 8.17
N GLY D 82 -55.99 -30.33 8.09
CA GLY D 82 -55.52 -29.62 9.26
C GLY D 82 -54.05 -29.72 9.54
N LYS D 83 -53.22 -29.81 8.51
CA LYS D 83 -51.78 -29.90 8.72
C LYS D 83 -51.21 -28.55 9.12
N THR D 84 -51.57 -27.53 8.37
CA THR D 84 -51.21 -26.16 8.74
C THR D 84 -51.88 -25.76 10.04
N ALA D 85 -53.01 -26.36 10.35
CA ALA D 85 -53.64 -26.10 11.64
C ALA D 85 -52.81 -26.65 12.80
N ILE D 86 -52.22 -27.83 12.63
CA ILE D 86 -51.32 -28.37 13.65
C ILE D 86 -50.04 -27.55 13.75
N ALA D 87 -49.56 -27.05 12.62
CA ALA D 87 -48.37 -26.20 12.63
C ALA D 87 -48.63 -24.88 13.35
N MET D 88 -49.76 -24.26 13.09
CA MET D 88 -50.10 -23.04 13.82
C MET D 88 -50.44 -23.32 15.28
N GLY D 89 -50.90 -24.53 15.60
CA GLY D 89 -51.08 -24.87 17.00
C GLY D 89 -49.77 -24.97 17.76
N MET D 90 -48.73 -25.52 17.13
CA MET D 90 -47.41 -25.47 17.77
C MET D 90 -46.85 -24.06 17.81
N ALA D 91 -47.22 -23.23 16.83
CA ALA D 91 -46.70 -21.88 16.80
C ALA D 91 -47.33 -21.06 17.91
N GLN D 92 -48.62 -21.25 18.16
CA GLN D 92 -49.25 -20.51 19.23
C GLN D 92 -48.84 -21.08 20.59
N SER D 93 -48.31 -22.30 20.62
CA SER D 93 -48.00 -22.92 21.90
C SER D 93 -46.59 -22.59 22.35
N LEU D 94 -45.71 -22.14 21.46
CA LEU D 94 -44.38 -21.72 21.89
C LEU D 94 -44.31 -20.27 22.33
N GLY D 95 -45.23 -19.44 21.90
CA GLY D 95 -45.21 -18.04 22.24
C GLY D 95 -44.16 -17.27 21.48
N GLN D 96 -44.03 -16.00 21.85
CA GLN D 96 -43.09 -15.11 21.19
C GLN D 96 -41.72 -15.14 21.87
N ASP D 97 -41.18 -16.33 22.07
CA ASP D 97 -39.85 -16.49 22.62
C ASP D 97 -38.93 -17.24 21.67
N VAL D 98 -39.35 -18.41 21.22
CA VAL D 98 -38.62 -19.29 20.33
C VAL D 98 -38.93 -18.88 18.90
N PRO D 99 -37.94 -18.78 18.04
CA PRO D 99 -38.21 -18.45 16.64
C PRO D 99 -39.00 -19.55 15.95
N PHE D 100 -39.85 -19.14 15.02
CA PHE D 100 -40.68 -20.08 14.26
C PHE D 100 -40.78 -19.53 12.85
N THR D 101 -39.92 -20.02 11.97
CA THR D 101 -39.91 -19.58 10.58
C THR D 101 -40.99 -20.30 9.78
N THR D 102 -41.91 -19.55 9.19
CA THR D 102 -42.98 -20.12 8.37
C THR D 102 -42.58 -20.17 6.89
N LEU D 103 -41.46 -20.81 6.60
CA LEU D 103 -40.94 -20.81 5.24
C LEU D 103 -41.81 -21.65 4.32
N ALA D 104 -42.16 -21.11 3.16
CA ALA D 104 -42.75 -21.90 2.08
C ALA D 104 -41.65 -22.37 1.14
N ALA D 105 -41.89 -23.50 0.50
CA ALA D 105 -40.83 -24.12 -0.29
C ALA D 105 -40.55 -23.43 -1.61
N SER D 106 -41.36 -22.48 -2.03
CA SER D 106 -41.08 -21.82 -3.29
C SER D 106 -40.25 -20.56 -3.13
N GLU D 107 -40.07 -20.07 -1.89
CA GLU D 107 -39.32 -18.86 -1.67
C GLU D 107 -37.83 -19.06 -1.88
N ILE D 108 -37.37 -20.30 -1.88
CA ILE D 108 -35.95 -20.57 -1.89
C ILE D 108 -35.38 -20.31 -3.28
N PHE D 109 -36.18 -20.47 -4.32
CA PHE D 109 -35.70 -20.35 -5.69
C PHE D 109 -35.45 -18.92 -6.10
N SER D 110 -34.43 -18.30 -5.53
CA SER D 110 -34.16 -16.91 -5.81
C SER D 110 -33.41 -16.73 -7.13
N LEU D 111 -33.31 -15.47 -7.54
CA LEU D 111 -32.41 -15.08 -8.61
C LEU D 111 -31.25 -14.25 -8.12
N GLU D 112 -31.36 -13.68 -6.93
CA GLU D 112 -30.22 -12.97 -6.37
C GLU D 112 -29.14 -13.94 -5.90
N MET D 113 -29.47 -14.76 -4.92
CA MET D 113 -28.53 -15.69 -4.29
C MET D 113 -28.75 -17.11 -4.76
N SER D 114 -27.85 -18.00 -4.38
CA SER D 114 -27.93 -19.36 -4.87
C SER D 114 -29.05 -20.12 -4.18
N LYS D 115 -29.35 -21.31 -4.71
CA LYS D 115 -30.44 -22.09 -4.14
C LYS D 115 -30.04 -22.76 -2.83
N THR D 116 -28.77 -23.04 -2.62
CA THR D 116 -28.34 -23.69 -1.40
C THR D 116 -28.19 -22.67 -0.27
N GLU D 117 -27.73 -21.47 -0.60
CA GLU D 117 -27.50 -20.47 0.43
C GLU D 117 -28.80 -19.94 0.96
N ALA D 118 -29.88 -19.98 0.17
CA ALA D 118 -31.17 -19.62 0.71
C ALA D 118 -31.63 -20.62 1.75
N LEU D 119 -31.36 -21.91 1.55
CA LEU D 119 -31.63 -22.89 2.59
C LEU D 119 -30.78 -22.67 3.83
N THR D 120 -29.50 -22.33 3.64
CA THR D 120 -28.64 -22.10 4.80
C THR D 120 -29.12 -20.90 5.60
N GLN D 121 -29.57 -19.86 4.92
CA GLN D 121 -30.16 -18.74 5.66
C GLN D 121 -31.47 -19.16 6.32
N ALA D 122 -32.24 -20.03 5.67
CA ALA D 122 -33.49 -20.46 6.29
C ALA D 122 -33.26 -21.32 7.52
N PHE D 123 -32.15 -22.06 7.57
CA PHE D 123 -31.82 -22.76 8.81
C PHE D 123 -31.30 -21.78 9.86
N ARG D 124 -30.44 -20.87 9.47
CA ARG D 124 -29.84 -20.01 10.48
C ARG D 124 -30.76 -18.89 10.91
N LYS D 125 -31.91 -18.73 10.29
CA LYS D 125 -32.88 -17.79 10.85
C LYS D 125 -33.64 -18.36 12.04
N SER D 126 -33.49 -19.64 12.34
CA SER D 126 -34.31 -20.29 13.34
C SER D 126 -33.48 -20.78 14.52
N ILE D 127 -32.37 -20.11 14.81
CA ILE D 127 -31.56 -20.38 15.99
C ILE D 127 -31.41 -19.03 16.68
N GLY D 128 -32.24 -18.78 17.68
CA GLY D 128 -32.15 -17.52 18.37
C GLY D 128 -30.95 -17.50 19.28
N VAL D 129 -30.34 -16.32 19.40
CA VAL D 129 -29.30 -16.04 20.37
C VAL D 129 -29.82 -14.96 21.30
N ARG D 130 -29.87 -15.26 22.58
CA ARG D 130 -30.48 -14.37 23.53
C ARG D 130 -29.37 -13.80 24.40
N ILE D 131 -29.04 -12.53 24.19
CA ILE D 131 -27.96 -11.88 24.91
C ILE D 131 -28.56 -10.89 25.91
N LYS D 132 -27.75 -10.52 26.89
CA LYS D 132 -28.19 -9.64 27.95
C LYS D 132 -27.17 -8.54 28.14
N GLU D 133 -27.61 -7.28 28.13
CA GLU D 133 -26.68 -6.18 28.26
C GLU D 133 -27.26 -5.10 29.18
N GLU D 134 -26.37 -4.36 29.82
CA GLU D 134 -26.74 -3.30 30.73
C GLU D 134 -26.71 -1.96 30.03
N SER D 135 -27.84 -1.26 30.05
CA SER D 135 -27.94 0.13 29.65
C SER D 135 -28.08 1.01 30.89
N GLU D 136 -27.90 2.31 30.68
CA GLU D 136 -27.94 3.29 31.75
C GLU D 136 -28.96 4.35 31.39
N ILE D 137 -30.07 4.37 32.09
CA ILE D 137 -31.13 5.32 31.79
C ILE D 137 -31.13 6.45 32.79
N MET D 138 -31.50 7.64 32.31
CA MET D 138 -31.66 8.85 33.11
C MET D 138 -33.13 9.14 33.32
N GLU D 139 -33.38 10.10 34.21
CA GLU D 139 -34.74 10.51 34.52
C GLU D 139 -34.67 11.87 35.18
N GLY D 140 -35.60 12.76 34.86
CA GLY D 140 -35.64 14.02 35.55
C GLY D 140 -36.09 15.17 34.67
N GLU D 141 -36.15 16.34 35.29
CA GLU D 141 -36.64 17.56 34.68
C GLU D 141 -35.49 18.39 34.15
N VAL D 142 -35.57 18.76 32.86
CA VAL D 142 -34.55 19.59 32.24
C VAL D 142 -34.69 21.02 32.74
N VAL D 143 -33.60 21.57 33.27
CA VAL D 143 -33.58 22.94 33.73
C VAL D 143 -33.07 23.89 32.67
N GLU D 144 -31.90 23.64 32.09
CA GLU D 144 -31.52 24.48 30.95
C GLU D 144 -30.74 23.69 29.92
N ILE D 145 -30.89 24.12 28.68
CA ILE D 145 -30.15 23.66 27.53
C ILE D 145 -29.13 24.73 27.19
N GLN D 146 -27.93 24.30 26.79
CA GLN D 146 -26.90 25.23 26.34
C GLN D 146 -26.18 24.62 25.15
N ILE D 147 -26.44 25.17 23.97
CA ILE D 147 -25.93 24.63 22.71
C ILE D 147 -25.06 25.67 22.05
N ASP D 148 -23.82 25.30 21.75
CA ASP D 148 -22.94 26.18 21.00
C ASP D 148 -22.79 25.63 19.58
N ARG D 149 -23.08 26.47 18.59
CA ARG D 149 -23.02 26.04 17.20
C ARG D 149 -22.05 26.91 16.42
N SER D 150 -21.43 26.30 15.43
CA SER D 150 -20.51 27.03 14.58
C SER D 150 -21.30 27.72 13.47
N VAL D 151 -20.58 28.32 12.54
CA VAL D 151 -21.18 28.95 11.37
C VAL D 151 -20.63 28.25 10.14
N THR D 152 -21.55 27.74 9.30
CA THR D 152 -21.28 27.07 8.04
C THR D 152 -20.37 25.85 8.27
N GLY D 153 -20.95 24.88 8.96
CA GLY D 153 -20.30 23.60 9.15
C GLY D 153 -19.32 23.65 10.29
N GLY D 154 -19.40 22.67 11.18
CA GLY D 154 -18.49 22.64 12.31
C GLY D 154 -19.11 21.87 13.46
N ALA D 155 -18.30 21.69 14.49
CA ALA D 155 -18.69 20.93 15.65
C ALA D 155 -19.71 21.69 16.50
N LYS D 156 -20.21 21.03 17.52
CA LYS D 156 -21.19 21.60 18.43
C LYS D 156 -20.77 21.32 19.87
N GLN D 157 -21.23 22.15 20.79
CA GLN D 157 -20.91 21.99 22.19
C GLN D 157 -22.19 22.01 23.00
N GLY D 158 -22.23 21.23 24.07
CA GLY D 158 -23.48 21.16 24.79
C GLY D 158 -23.37 20.95 26.28
N LYS D 159 -24.12 21.75 27.03
CA LYS D 159 -24.22 21.62 28.48
C LYS D 159 -25.68 21.53 28.87
N LEU D 160 -26.02 20.47 29.58
CA LEU D 160 -27.39 20.15 29.99
C LEU D 160 -27.49 20.14 31.50
N THR D 161 -28.25 21.06 32.06
CA THR D 161 -28.51 21.04 33.50
C THR D 161 -29.86 20.39 33.75
N ILE D 162 -29.84 19.30 34.51
CA ILE D 162 -31.02 18.50 34.79
C ILE D 162 -31.15 18.35 36.29
N LYS D 163 -32.39 18.32 36.78
CA LYS D 163 -32.65 18.28 38.21
C LYS D 163 -33.83 17.36 38.49
N THR D 164 -33.62 16.40 39.39
CA THR D 164 -34.70 15.68 40.04
C THR D 164 -35.04 16.40 41.35
N THR D 165 -35.77 15.73 42.23
CA THR D 165 -36.03 16.30 43.54
C THR D 165 -34.81 16.29 44.44
N ASP D 166 -33.77 15.54 44.10
CA ASP D 166 -32.59 15.44 44.94
C ASP D 166 -31.35 16.00 44.27
N MET D 167 -30.99 15.52 43.09
CA MET D 167 -29.73 15.92 42.49
C MET D 167 -29.92 17.07 41.51
N GLU D 168 -28.81 17.79 41.28
CA GLU D 168 -28.75 18.95 40.38
C GLU D 168 -27.47 18.81 39.57
N ALA D 169 -27.56 18.18 38.40
CA ALA D 169 -26.36 17.86 37.64
C ALA D 169 -26.23 18.76 36.42
N ILE D 170 -24.98 19.00 36.04
CA ILE D 170 -24.65 19.78 34.85
C ILE D 170 -23.83 18.85 33.95
N TYR D 171 -24.50 18.17 33.03
CA TYR D 171 -23.87 17.21 32.15
C TYR D 171 -23.36 17.89 30.88
N ASP D 172 -22.44 17.22 30.20
CA ASP D 172 -21.94 17.66 28.91
C ASP D 172 -22.57 16.86 27.79
N MET D 173 -22.42 17.34 26.56
CA MET D 173 -23.00 16.67 25.41
C MET D 173 -22.03 16.68 24.26
N GLY D 174 -22.18 15.68 23.39
CA GLY D 174 -21.45 15.59 22.14
C GLY D 174 -22.31 15.97 20.96
N SER D 175 -21.86 15.54 19.78
CA SER D 175 -22.56 15.92 18.56
C SER D 175 -23.86 15.15 18.38
N LYS D 176 -23.86 13.85 18.68
CA LYS D 176 -25.05 13.05 18.50
C LYS D 176 -26.14 13.40 19.50
N MET D 177 -25.76 13.80 20.71
CA MET D 177 -26.76 14.19 21.69
C MET D 177 -27.45 15.47 21.30
N ILE D 178 -26.71 16.42 20.74
CA ILE D 178 -27.33 17.65 20.26
C ILE D 178 -28.17 17.39 19.02
N ASP D 179 -27.73 16.48 18.17
CA ASP D 179 -28.55 16.10 17.01
C ASP D 179 -29.82 15.37 17.41
N ALA D 180 -29.84 14.76 18.58
CA ALA D 180 -31.08 14.21 19.10
C ALA D 180 -31.93 15.23 19.83
N MET D 181 -31.30 16.18 20.54
CA MET D 181 -32.04 17.23 21.23
C MET D 181 -32.79 18.14 20.28
N THR D 182 -32.12 18.57 19.22
CA THR D 182 -32.78 19.42 18.25
C THR D 182 -33.81 18.66 17.43
N LYS D 183 -33.65 17.36 17.30
CA LYS D 183 -34.68 16.56 16.66
C LYS D 183 -35.89 16.42 17.56
N GLU D 184 -35.67 16.37 18.85
CA GLU D 184 -36.77 16.22 19.79
C GLU D 184 -37.36 17.55 20.22
N ARG D 185 -36.62 18.65 20.06
CA ARG D 185 -36.98 20.00 20.55
C ARG D 185 -37.26 19.96 22.06
N VAL D 186 -36.20 19.72 22.79
CA VAL D 186 -36.29 19.63 24.24
C VAL D 186 -36.08 21.02 24.82
N MET D 187 -37.16 21.61 25.31
CA MET D 187 -37.12 22.93 25.92
C MET D 187 -36.94 22.83 27.42
N ALA D 188 -36.97 23.97 28.09
CA ALA D 188 -36.82 24.02 29.54
C ALA D 188 -38.11 23.58 30.21
N GLY D 189 -38.02 22.57 31.05
CA GLY D 189 -39.22 22.08 31.72
C GLY D 189 -39.84 20.88 31.04
N ASP D 190 -39.02 19.89 30.73
CA ASP D 190 -39.48 18.64 30.14
C ASP D 190 -38.99 17.46 30.96
N ILE D 191 -39.81 16.43 31.04
CA ILE D 191 -39.46 15.20 31.74
C ILE D 191 -38.96 14.23 30.67
N ILE D 192 -37.66 14.21 30.46
CA ILE D 192 -37.08 13.32 29.47
C ILE D 192 -36.30 12.21 30.16
N SER D 193 -36.10 11.13 29.42
CA SER D 193 -35.34 9.99 29.90
C SER D 193 -34.35 9.58 28.81
N ILE D 194 -33.06 9.77 29.06
CA ILE D 194 -32.04 9.48 28.08
C ILE D 194 -31.41 8.17 28.42
N ASP D 195 -31.47 7.22 27.50
CA ASP D 195 -30.62 6.05 27.57
C ASP D 195 -29.21 6.49 27.24
N LYS D 196 -28.27 6.24 28.15
CA LYS D 196 -26.90 6.71 27.93
C LYS D 196 -26.17 5.86 26.90
N SER D 197 -26.50 4.58 26.83
CA SER D 197 -25.82 3.71 25.89
C SER D 197 -26.34 3.90 24.49
N SER D 198 -27.64 3.68 24.29
CA SER D 198 -28.17 3.75 22.93
C SER D 198 -28.30 5.19 22.44
N GLY D 199 -28.77 6.08 23.30
CA GLY D 199 -28.84 7.47 22.93
C GLY D 199 -30.15 7.84 22.28
N LYS D 200 -31.26 7.45 22.89
CA LYS D 200 -32.56 7.90 22.45
C LYS D 200 -33.15 8.83 23.50
N ILE D 201 -34.06 9.68 23.05
CA ILE D 201 -34.69 10.67 23.90
C ILE D 201 -36.19 10.52 23.75
N THR D 202 -36.87 10.24 24.87
CA THR D 202 -38.32 10.10 24.89
C THR D 202 -38.88 11.13 25.87
N LYS D 203 -39.54 12.14 25.35
CA LYS D 203 -40.19 13.09 26.24
C LYS D 203 -41.40 12.45 26.89
N LEU D 204 -41.50 12.58 28.21
CA LEU D 204 -42.63 12.02 28.94
C LEU D 204 -43.70 13.05 29.25
N GLY D 205 -43.35 14.33 29.26
CA GLY D 205 -44.30 15.37 29.57
C GLY D 205 -43.61 16.58 30.13
N ARG D 206 -44.40 17.43 30.77
CA ARG D 206 -43.91 18.68 31.33
C ARG D 206 -44.37 18.83 32.78
N SER D 207 -43.70 19.76 33.46
CA SER D 207 -44.06 20.14 34.82
C SER D 207 -44.60 21.56 34.93
N TYR D 208 -44.12 22.47 34.08
CA TYR D 208 -44.70 23.79 33.99
C TYR D 208 -45.83 23.80 32.97
N ALA D 209 -46.29 24.98 32.63
CA ALA D 209 -47.28 25.17 31.59
C ALA D 209 -46.61 25.73 30.35
N ARG D 210 -47.41 26.00 29.33
CA ARG D 210 -46.89 26.54 28.09
C ARG D 210 -46.69 28.05 28.23
N SER D 211 -45.58 28.55 27.71
CA SER D 211 -45.24 29.96 27.80
C SER D 211 -46.16 30.79 26.91
N ARG D 212 -46.28 32.06 27.25
CA ARG D 212 -47.13 33.00 26.52
C ARG D 212 -46.24 34.07 25.90
N ASP D 213 -45.12 33.64 25.30
CA ASP D 213 -44.19 34.61 24.75
C ASP D 213 -43.82 34.25 23.32
N TYR D 214 -43.90 32.98 22.99
CA TYR D 214 -43.52 32.50 21.67
C TYR D 214 -44.74 31.88 21.01
N ASP D 215 -44.71 31.83 19.68
CA ASP D 215 -45.83 31.33 18.91
C ASP D 215 -45.64 29.86 18.54
N ALA D 216 -44.56 29.54 17.82
CA ALA D 216 -44.32 28.18 17.36
C ALA D 216 -43.68 27.37 18.50
N MET D 217 -44.51 27.01 19.47
CA MET D 217 -44.09 26.23 20.62
C MET D 217 -44.46 24.77 20.47
N GLY D 218 -45.75 24.48 20.29
CA GLY D 218 -46.17 23.10 20.14
C GLY D 218 -47.47 22.76 20.82
N VAL D 219 -47.58 21.54 21.30
CA VAL D 219 -48.79 21.04 21.93
C VAL D 219 -48.50 20.80 23.41
N ASP D 220 -49.41 21.24 24.27
CA ASP D 220 -49.27 20.99 25.70
C ASP D 220 -49.39 19.50 25.98
N THR D 221 -48.35 18.93 26.56
CA THR D 221 -48.24 17.50 26.76
C THR D 221 -48.82 17.12 28.13
N LYS D 222 -48.54 15.90 28.57
CA LYS D 222 -49.10 15.41 29.82
C LYS D 222 -48.45 16.08 31.01
N PHE D 223 -49.25 16.35 32.04
CA PHE D 223 -48.78 17.03 33.24
C PHE D 223 -48.23 15.99 34.21
N LEU D 224 -46.91 15.88 34.26
CA LEU D 224 -46.24 15.01 35.20
C LEU D 224 -45.44 15.84 36.20
N GLN D 225 -45.29 15.29 37.40
CA GLN D 225 -44.53 15.96 38.43
C GLN D 225 -43.05 15.67 38.27
N CYS D 226 -42.25 16.22 39.16
CA CYS D 226 -40.81 15.99 39.12
C CYS D 226 -40.50 14.59 39.63
N PRO D 227 -39.76 13.78 38.88
CA PRO D 227 -39.46 12.41 39.34
C PRO D 227 -38.45 12.43 40.48
N GLU D 228 -38.62 11.45 41.37
CA GLU D 228 -37.75 11.28 42.51
C GLU D 228 -36.71 10.20 42.23
N GLY D 229 -35.88 9.93 43.22
CA GLY D 229 -34.89 8.88 43.12
C GLY D 229 -33.52 9.41 42.75
N GLU D 230 -32.91 8.80 41.72
CA GLU D 230 -31.57 9.13 41.30
C GLU D 230 -31.55 9.40 39.80
N LEU D 231 -30.44 9.97 39.35
CA LEU D 231 -30.28 10.24 37.93
C LEU D 231 -29.81 8.99 37.19
N GLN D 232 -28.62 8.52 37.52
CA GLN D 232 -28.01 7.40 36.82
C GLN D 232 -28.60 6.11 37.36
N LYS D 233 -29.63 5.59 36.70
CA LYS D 233 -30.17 4.30 37.04
C LYS D 233 -29.73 3.28 36.00
N ARG D 234 -29.60 2.04 36.43
CA ARG D 234 -29.13 0.99 35.54
C ARG D 234 -30.28 0.06 35.19
N LYS D 235 -30.19 -0.55 34.01
CA LYS D 235 -31.23 -1.42 33.51
C LYS D 235 -30.58 -2.57 32.77
N GLU D 236 -31.14 -3.76 32.89
CA GLU D 236 -30.60 -4.95 32.27
C GLU D 236 -31.59 -5.46 31.23
N VAL D 237 -31.31 -5.22 29.96
CA VAL D 237 -32.23 -5.55 28.90
C VAL D 237 -31.77 -6.82 28.21
N VAL D 238 -32.72 -7.50 27.57
CA VAL D 238 -32.54 -8.81 26.94
C VAL D 238 -32.85 -8.65 25.47
N HIS D 239 -31.89 -8.98 24.61
CA HIS D 239 -32.03 -8.82 23.17
C HIS D 239 -31.87 -10.15 22.46
N THR D 240 -32.83 -10.50 21.63
CA THR D 240 -32.81 -11.79 20.92
C THR D 240 -32.64 -11.57 19.42
N VAL D 241 -31.53 -12.04 18.88
CA VAL D 241 -31.25 -11.95 17.46
C VAL D 241 -31.04 -13.34 16.91
N SER D 242 -31.48 -13.54 15.67
CA SER D 242 -31.21 -14.81 15.04
C SER D 242 -29.76 -14.84 14.58
N LEU D 243 -29.27 -16.02 14.20
CA LEU D 243 -27.91 -16.14 13.70
C LEU D 243 -27.73 -15.49 12.36
N HIS D 244 -28.81 -15.39 11.59
CA HIS D 244 -28.73 -14.73 10.31
C HIS D 244 -28.45 -13.24 10.46
N GLU D 245 -28.98 -12.62 11.50
CA GLU D 245 -28.68 -11.21 11.72
C GLU D 245 -27.24 -11.01 12.11
N ILE D 246 -26.67 -11.94 12.89
CA ILE D 246 -25.27 -11.87 13.23
C ILE D 246 -24.40 -12.09 12.01
N ASP D 247 -24.82 -12.98 11.12
CA ASP D 247 -24.09 -13.20 9.88
C ASP D 247 -24.07 -11.97 8.99
N VAL D 248 -25.19 -11.29 8.89
CA VAL D 248 -25.22 -10.13 8.01
C VAL D 248 -24.48 -8.94 8.63
N ILE D 249 -24.61 -8.72 9.94
CA ILE D 249 -23.88 -7.60 10.53
C ILE D 249 -22.40 -7.88 10.67
N ASN D 250 -21.96 -9.13 10.57
CA ASN D 250 -20.53 -9.38 10.62
C ASN D 250 -19.94 -9.75 9.28
N SER D 251 -20.74 -9.78 8.23
CA SER D 251 -20.24 -10.05 6.90
C SER D 251 -19.93 -8.81 6.07
N ARG D 252 -20.33 -7.63 6.52
CA ARG D 252 -20.25 -6.42 5.73
C ARG D 252 -19.67 -5.29 6.55
N THR D 253 -18.85 -4.46 5.93
CA THR D 253 -18.18 -3.41 6.68
C THR D 253 -19.09 -2.25 7.00
N GLN D 254 -19.74 -1.70 6.01
CA GLN D 254 -20.68 -0.60 6.18
C GLN D 254 -22.09 -0.95 5.77
N GLY D 255 -22.25 -1.91 4.86
CA GLY D 255 -23.54 -2.26 4.33
C GLY D 255 -24.46 -3.00 5.27
N PHE D 256 -24.76 -2.35 6.38
CA PHE D 256 -25.77 -2.84 7.29
C PHE D 256 -27.13 -2.51 6.70
N LEU D 257 -28.19 -2.93 7.39
CA LEU D 257 -29.60 -2.83 7.02
C LEU D 257 -29.93 -3.70 5.80
N ALA D 258 -28.97 -4.43 5.23
CA ALA D 258 -29.28 -5.36 4.16
C ALA D 258 -29.94 -6.64 4.66
N LEU D 259 -30.05 -6.83 5.98
CA LEU D 259 -30.84 -7.92 6.55
C LEU D 259 -32.33 -7.62 6.58
N PHE D 260 -32.73 -6.41 6.20
CA PHE D 260 -34.12 -6.08 6.00
C PHE D 260 -34.48 -6.03 4.53
N SER D 261 -33.70 -5.36 3.72
CA SER D 261 -34.04 -5.19 2.31
C SER D 261 -33.52 -6.32 1.46
N GLY D 262 -33.10 -7.43 2.06
CA GLY D 262 -32.74 -8.64 1.34
C GLY D 262 -31.60 -8.54 0.35
N ASP D 263 -30.76 -7.55 0.48
CA ASP D 263 -29.72 -7.28 -0.49
C ASP D 263 -28.47 -8.12 -0.21
N THR D 264 -28.56 -9.10 0.66
CA THR D 264 -27.41 -9.93 0.97
C THR D 264 -27.12 -10.90 -0.17
N GLY D 265 -26.01 -10.69 -0.85
CA GLY D 265 -25.67 -11.53 -1.96
C GLY D 265 -25.23 -12.92 -1.56
N GLU D 266 -24.05 -13.01 -0.96
CA GLU D 266 -23.51 -14.29 -0.51
C GLU D 266 -22.69 -14.06 0.74
N ILE D 267 -22.80 -14.98 1.67
CA ILE D 267 -21.93 -15.00 2.84
C ILE D 267 -21.00 -16.19 2.69
N ARG D 268 -19.70 -15.92 2.68
CA ARG D 268 -18.72 -16.97 2.49
C ARG D 268 -18.65 -17.86 3.74
N SER D 269 -18.02 -19.02 3.59
CA SER D 269 -17.97 -19.97 4.70
C SER D 269 -16.98 -19.57 5.79
N GLU D 270 -16.02 -18.71 5.48
CA GLU D 270 -15.09 -18.21 6.49
C GLU D 270 -15.79 -17.35 7.52
N ILE D 271 -16.93 -16.79 7.17
CA ILE D 271 -17.66 -15.97 8.12
C ILE D 271 -18.48 -16.86 9.04
N ARG D 272 -19.12 -17.89 8.47
CA ARG D 272 -19.94 -18.77 9.31
C ARG D 272 -19.08 -19.61 10.24
N ASP D 273 -17.91 -20.06 9.79
CA ASP D 273 -17.08 -20.86 10.69
C ASP D 273 -16.40 -20.04 11.78
N GLN D 274 -16.42 -18.73 11.69
CA GLN D 274 -16.02 -17.90 12.82
C GLN D 274 -17.18 -17.55 13.72
N ILE D 275 -18.36 -17.30 13.16
CA ILE D 275 -19.48 -16.93 14.00
C ILE D 275 -19.97 -18.11 14.81
N ASN D 276 -19.85 -19.34 14.30
CA ASN D 276 -20.21 -20.51 15.10
C ASN D 276 -19.29 -20.66 16.31
N THR D 277 -18.00 -20.41 16.12
CA THR D 277 -17.06 -20.49 17.23
C THR D 277 -17.28 -19.37 18.25
N LYS D 278 -17.56 -18.17 17.78
CA LYS D 278 -17.81 -17.08 18.73
C LYS D 278 -19.13 -17.24 19.48
N VAL D 279 -20.13 -17.85 18.85
CA VAL D 279 -21.36 -18.11 19.57
C VAL D 279 -21.16 -19.22 20.58
N ALA D 280 -20.30 -20.20 20.27
CA ALA D 280 -19.94 -21.19 21.28
C ALA D 280 -19.19 -20.57 22.45
N GLU D 281 -18.31 -19.61 22.17
CA GLU D 281 -17.60 -18.92 23.25
C GLU D 281 -18.53 -18.05 24.08
N TRP D 282 -19.51 -17.41 23.44
CA TRP D 282 -20.51 -16.63 24.17
C TRP D 282 -21.41 -17.53 24.99
N LYS D 283 -21.62 -18.77 24.54
CA LYS D 283 -22.38 -19.75 25.30
C LYS D 283 -21.63 -20.20 26.54
N GLU D 284 -20.33 -20.38 26.41
CA GLU D 284 -19.55 -20.79 27.57
C GLU D 284 -19.33 -19.68 28.57
N GLU D 285 -19.24 -18.44 28.14
CA GLU D 285 -18.96 -17.33 29.04
C GLU D 285 -20.15 -16.90 29.85
N GLY D 286 -21.34 -17.42 29.55
CA GLY D 286 -22.51 -16.92 30.21
C GLY D 286 -22.99 -15.62 29.62
N LYS D 287 -22.42 -15.17 28.52
CA LYS D 287 -22.91 -13.98 27.87
C LYS D 287 -24.21 -14.28 27.15
N ALA D 288 -24.19 -15.25 26.25
CA ALA D 288 -25.34 -15.54 25.42
C ALA D 288 -25.92 -16.90 25.80
N GLU D 289 -27.15 -17.12 25.36
CA GLU D 289 -27.80 -18.42 25.46
C GLU D 289 -28.42 -18.77 24.13
N ILE D 290 -28.16 -19.99 23.64
CA ILE D 290 -28.71 -20.44 22.37
C ILE D 290 -30.09 -21.03 22.60
N VAL D 291 -31.11 -20.40 22.01
CA VAL D 291 -32.47 -20.92 22.04
C VAL D 291 -32.73 -21.57 20.68
N PRO D 292 -32.76 -22.90 20.60
CA PRO D 292 -33.04 -23.55 19.31
C PRO D 292 -34.50 -23.45 18.92
N GLY D 293 -34.73 -23.35 17.62
CA GLY D 293 -36.06 -23.06 17.14
C GLY D 293 -36.62 -24.05 16.15
N VAL D 294 -37.72 -23.66 15.50
CA VAL D 294 -38.46 -24.53 14.60
C VAL D 294 -38.43 -23.92 13.22
N LEU D 295 -38.09 -24.70 12.22
CA LEU D 295 -38.19 -24.31 10.81
C LEU D 295 -39.35 -25.07 10.21
N PHE D 296 -40.44 -24.38 9.93
CA PHE D 296 -41.58 -25.03 9.31
C PHE D 296 -41.53 -24.79 7.81
N ILE D 297 -41.54 -25.87 7.04
CA ILE D 297 -41.51 -25.83 5.60
C ILE D 297 -42.84 -26.30 5.07
N ASP D 298 -43.63 -25.38 4.54
CA ASP D 298 -44.95 -25.69 4.04
C ASP D 298 -44.86 -26.20 2.61
N GLU D 299 -45.39 -27.40 2.37
CA GLU D 299 -45.46 -28.07 1.05
C GLU D 299 -44.08 -28.28 0.45
N VAL D 300 -43.31 -29.15 1.13
CA VAL D 300 -41.93 -29.40 0.76
C VAL D 300 -41.80 -30.15 -0.56
N HIS D 301 -42.89 -30.66 -1.11
CA HIS D 301 -42.83 -31.42 -2.36
C HIS D 301 -42.44 -30.57 -3.56
N MET D 302 -42.37 -29.25 -3.43
CA MET D 302 -41.97 -28.41 -4.54
C MET D 302 -40.46 -28.30 -4.66
N LEU D 303 -39.73 -28.63 -3.61
CA LEU D 303 -38.28 -28.58 -3.69
C LEU D 303 -37.76 -29.70 -4.56
N ASP D 304 -36.72 -29.39 -5.32
CA ASP D 304 -36.09 -30.38 -6.17
C ASP D 304 -34.96 -31.08 -5.41
N ILE D 305 -34.33 -32.06 -6.07
CA ILE D 305 -33.39 -32.95 -5.40
C ILE D 305 -32.10 -32.25 -4.98
N GLU D 306 -31.78 -31.14 -5.65
CA GLU D 306 -30.63 -30.33 -5.28
C GLU D 306 -30.81 -29.65 -3.95
N CYS D 307 -32.04 -29.49 -3.49
CA CYS D 307 -32.30 -29.00 -2.15
C CYS D 307 -32.20 -30.10 -1.11
N PHE D 308 -32.68 -31.29 -1.43
CA PHE D 308 -32.63 -32.38 -0.46
C PHE D 308 -31.21 -32.85 -0.21
N SER D 309 -30.36 -32.79 -1.23
CA SER D 309 -28.96 -33.16 -1.04
C SER D 309 -28.18 -32.18 -0.17
N TYR D 310 -28.77 -31.05 0.22
CA TYR D 310 -28.23 -30.20 1.26
C TYR D 310 -29.01 -30.26 2.55
N ILE D 311 -30.34 -30.47 2.49
CA ILE D 311 -31.13 -30.55 3.71
C ILE D 311 -30.76 -31.77 4.52
N ASN D 312 -30.40 -32.86 3.86
CA ASN D 312 -30.00 -34.03 4.61
C ASN D 312 -28.69 -33.86 5.36
N ARG D 313 -27.83 -32.93 4.95
CA ARG D 313 -26.54 -32.77 5.58
C ARG D 313 -26.44 -31.53 6.44
N ALA D 314 -27.39 -30.61 6.35
CA ALA D 314 -27.41 -29.53 7.32
C ALA D 314 -27.95 -29.98 8.65
N LEU D 315 -28.61 -31.13 8.70
CA LEU D 315 -29.08 -31.68 9.96
C LEU D 315 -28.05 -32.60 10.59
N GLU D 316 -26.83 -32.10 10.69
CA GLU D 316 -25.72 -32.89 11.17
C GLU D 316 -24.90 -32.15 12.21
N SER D 317 -25.28 -30.94 12.59
CA SER D 317 -24.47 -30.12 13.46
C SER D 317 -25.27 -29.70 14.67
N ASP D 318 -24.58 -29.03 15.58
CA ASP D 318 -25.21 -28.58 16.80
C ASP D 318 -26.09 -27.37 16.58
N LEU D 319 -26.05 -26.77 15.40
CA LEU D 319 -26.79 -25.55 15.17
C LEU D 319 -27.81 -25.77 14.06
N ALA D 320 -28.51 -26.85 14.14
CA ALA D 320 -29.57 -27.09 13.18
C ALA D 320 -30.90 -27.09 13.89
N PRO D 321 -31.91 -26.48 13.31
CA PRO D 321 -33.23 -26.48 13.93
C PRO D 321 -34.01 -27.73 13.60
N ILE D 322 -34.96 -28.04 14.47
CA ILE D 322 -35.80 -29.22 14.34
C ILE D 322 -36.86 -28.96 13.28
N VAL D 323 -36.67 -29.55 12.10
CA VAL D 323 -37.47 -29.24 10.92
C VAL D 323 -38.79 -29.97 10.97
N ILE D 324 -39.89 -29.23 10.86
CA ILE D 324 -41.23 -29.78 10.71
C ILE D 324 -41.75 -29.37 9.35
N MET D 325 -42.26 -30.32 8.58
CA MET D 325 -42.63 -29.98 7.21
C MET D 325 -43.83 -30.79 6.75
N ALA D 326 -44.56 -30.24 5.79
CA ALA D 326 -45.83 -30.80 5.33
C ALA D 326 -45.70 -31.37 3.92
N SER D 327 -46.74 -32.09 3.52
CA SER D 327 -46.80 -32.70 2.20
C SER D 327 -48.23 -33.03 1.85
N ASN D 328 -48.47 -33.21 0.56
CA ASN D 328 -49.80 -33.50 0.07
C ASN D 328 -49.84 -34.67 -0.87
N ARG D 329 -48.74 -35.07 -1.47
CA ARG D 329 -48.79 -35.85 -2.69
C ARG D 329 -48.61 -37.32 -2.42
N GLY D 330 -49.14 -38.13 -3.33
CA GLY D 330 -48.95 -39.54 -3.26
C GLY D 330 -47.65 -39.92 -3.92
N VAL D 331 -47.69 -40.91 -4.81
CA VAL D 331 -46.49 -41.27 -5.57
C VAL D 331 -46.32 -40.20 -6.64
N SER D 332 -45.44 -39.25 -6.39
CA SER D 332 -45.18 -38.15 -7.29
C SER D 332 -43.75 -38.23 -7.78
N ARG D 333 -43.47 -37.55 -8.87
CA ARG D 333 -42.11 -37.51 -9.37
C ARG D 333 -41.40 -36.30 -8.78
N ILE D 334 -40.16 -36.53 -8.38
CA ILE D 334 -39.36 -35.49 -7.76
C ILE D 334 -38.91 -34.54 -8.85
N ARG D 335 -39.05 -33.25 -8.59
CA ARG D 335 -38.66 -32.25 -9.57
C ARG D 335 -37.16 -32.25 -9.80
N GLY D 336 -36.76 -31.97 -11.02
CA GLY D 336 -35.38 -32.05 -11.38
C GLY D 336 -34.87 -33.45 -11.61
N THR D 337 -35.76 -34.43 -11.61
CA THR D 337 -35.37 -35.81 -11.85
C THR D 337 -36.33 -36.46 -12.83
N ASP D 338 -36.27 -37.78 -12.95
CA ASP D 338 -37.10 -38.47 -13.94
C ASP D 338 -37.90 -39.61 -13.35
N TYR D 339 -37.99 -39.70 -12.03
CA TYR D 339 -38.57 -40.89 -11.43
C TYR D 339 -39.44 -40.50 -10.25
N LYS D 340 -40.27 -41.45 -9.84
CA LYS D 340 -41.26 -41.20 -8.80
C LYS D 340 -40.83 -41.80 -7.47
N SER D 341 -41.56 -41.39 -6.43
CA SER D 341 -41.26 -41.72 -5.05
C SER D 341 -42.49 -41.37 -4.23
N PRO D 342 -42.67 -41.97 -3.05
CA PRO D 342 -43.77 -41.54 -2.18
C PRO D 342 -43.48 -40.14 -1.64
N HIS D 343 -44.52 -39.31 -1.69
CA HIS D 343 -44.58 -37.91 -1.26
C HIS D 343 -43.69 -37.00 -2.07
N GLY D 344 -43.10 -37.48 -3.15
CA GLY D 344 -42.21 -36.64 -3.92
C GLY D 344 -40.88 -36.42 -3.25
N LEU D 345 -40.53 -37.25 -2.28
CA LEU D 345 -39.28 -37.07 -1.56
C LEU D 345 -38.38 -38.27 -1.79
N PRO D 346 -37.07 -38.06 -1.91
CA PRO D 346 -36.19 -39.18 -2.22
C PRO D 346 -36.02 -40.13 -1.05
N LEU D 347 -35.76 -41.39 -1.39
CA LEU D 347 -35.66 -42.45 -0.39
C LEU D 347 -34.32 -42.49 0.32
N ASP D 348 -33.38 -41.60 0.00
CA ASP D 348 -32.27 -41.39 0.91
C ASP D 348 -32.55 -40.29 1.91
N PHE D 349 -33.58 -39.50 1.66
CA PHE D 349 -34.03 -38.47 2.58
C PHE D 349 -35.18 -38.95 3.42
N LEU D 350 -35.96 -39.90 2.92
CA LEU D 350 -37.04 -40.44 3.73
C LEU D 350 -36.57 -41.37 4.82
N ASP D 351 -35.33 -41.82 4.80
CA ASP D 351 -34.81 -42.55 5.95
C ASP D 351 -34.62 -41.64 7.15
N ARG D 352 -34.18 -40.42 6.92
CA ARG D 352 -33.92 -39.50 8.03
C ARG D 352 -35.20 -39.01 8.68
N VAL D 353 -36.25 -38.85 7.91
CA VAL D 353 -37.45 -38.21 8.41
C VAL D 353 -38.26 -39.19 9.24
N VAL D 354 -39.24 -38.66 9.94
CA VAL D 354 -40.23 -39.44 10.68
C VAL D 354 -41.60 -38.92 10.28
N ILE D 355 -42.44 -39.80 9.73
CA ILE D 355 -43.69 -39.41 9.08
C ILE D 355 -44.85 -39.57 10.04
N ILE D 356 -45.62 -38.51 10.23
CA ILE D 356 -46.85 -38.53 11.01
C ILE D 356 -48.04 -38.44 10.06
N ASN D 357 -48.91 -39.44 10.07
CA ASN D 357 -50.09 -39.41 9.21
C ASN D 357 -51.25 -38.65 9.83
N THR D 358 -52.06 -38.07 8.96
CA THR D 358 -53.34 -37.46 9.32
C THR D 358 -54.47 -38.13 8.55
N HIS D 359 -55.62 -38.19 9.17
CA HIS D 359 -56.74 -38.90 8.58
C HIS D 359 -57.81 -37.91 8.13
N PRO D 360 -58.61 -38.29 7.14
CA PRO D 360 -59.79 -37.49 6.81
C PRO D 360 -60.81 -37.54 7.93
N TYR D 361 -61.70 -36.56 7.91
CA TYR D 361 -62.58 -36.30 9.02
C TYR D 361 -63.87 -37.12 8.92
N THR D 362 -64.62 -37.14 10.02
CA THR D 362 -65.93 -37.73 10.17
C THR D 362 -66.96 -36.62 10.37
N PRO D 363 -68.22 -36.83 9.98
CA PRO D 363 -69.19 -35.72 9.99
C PRO D 363 -69.54 -35.20 11.37
N ASP D 364 -69.47 -36.03 12.40
CA ASP D 364 -69.68 -35.54 13.76
C ASP D 364 -68.52 -34.69 14.26
N GLU D 365 -67.39 -34.71 13.55
CA GLU D 365 -66.30 -33.77 13.79
C GLU D 365 -66.36 -32.56 12.88
N LEU D 366 -66.84 -32.74 11.65
CA LEU D 366 -67.04 -31.60 10.77
C LEU D 366 -68.10 -30.67 11.31
N ARG D 367 -69.10 -31.22 12.01
CA ARG D 367 -70.14 -30.41 12.63
C ARG D 367 -69.58 -29.45 13.66
N GLN D 368 -68.74 -29.96 14.55
CA GLN D 368 -68.19 -29.09 15.58
C GLN D 368 -67.07 -28.20 15.05
N ILE D 369 -66.36 -28.61 14.00
CA ILE D 369 -65.40 -27.71 13.37
C ILE D 369 -66.10 -26.52 12.71
N LEU D 370 -67.20 -26.78 12.01
CA LEU D 370 -67.97 -25.69 11.44
C LEU D 370 -68.63 -24.85 12.52
N SER D 371 -68.95 -25.46 13.65
CA SER D 371 -69.48 -24.69 14.77
C SER D 371 -68.42 -23.74 15.33
N ILE D 372 -67.18 -24.20 15.43
CA ILE D 372 -66.11 -23.32 15.90
C ILE D 372 -65.84 -22.20 14.89
N ARG D 373 -65.81 -22.55 13.61
CA ARG D 373 -65.61 -21.54 12.57
C ARG D 373 -66.76 -20.56 12.47
N ALA D 374 -67.96 -20.99 12.83
CA ALA D 374 -69.10 -20.08 12.83
C ALA D 374 -69.07 -19.18 14.04
N GLN D 375 -68.69 -19.72 15.20
CA GLN D 375 -68.62 -18.88 16.39
C GLN D 375 -67.44 -17.94 16.34
N GLU D 376 -66.42 -18.23 15.52
CA GLU D 376 -65.31 -17.29 15.40
C GLU D 376 -65.67 -16.10 14.53
N GLU D 377 -66.34 -16.34 13.41
CA GLU D 377 -66.71 -15.25 12.50
C GLU D 377 -67.98 -14.51 12.91
N GLU D 378 -68.49 -14.79 14.12
CA GLU D 378 -69.67 -14.15 14.70
C GLU D 378 -70.91 -14.34 13.81
N VAL D 379 -71.20 -15.61 13.54
CA VAL D 379 -72.34 -15.99 12.73
C VAL D 379 -73.23 -16.92 13.55
N ASP D 380 -74.51 -16.57 13.64
CA ASP D 380 -75.48 -17.37 14.38
C ASP D 380 -76.24 -18.26 13.42
N LEU D 381 -76.52 -19.48 13.84
CA LEU D 381 -77.13 -20.47 12.97
C LEU D 381 -78.36 -21.09 13.64
N THR D 382 -79.12 -21.76 12.80
CA THR D 382 -80.21 -22.66 13.09
C THR D 382 -79.76 -24.10 12.84
N PRO D 383 -80.25 -25.05 13.64
CA PRO D 383 -79.73 -26.43 13.52
C PRO D 383 -80.07 -27.12 12.21
N ASP D 384 -81.15 -26.71 11.54
CA ASP D 384 -81.43 -27.25 10.21
C ASP D 384 -80.40 -26.78 9.20
N ALA D 385 -80.02 -25.51 9.30
CA ALA D 385 -78.99 -24.97 8.42
C ALA D 385 -77.64 -25.60 8.72
N LEU D 386 -77.36 -25.87 10.00
CA LEU D 386 -76.11 -26.55 10.34
C LEU D 386 -76.10 -27.99 9.87
N ALA D 387 -77.26 -28.66 9.87
CA ALA D 387 -77.33 -30.01 9.35
C ALA D 387 -77.12 -30.05 7.85
N LEU D 388 -77.75 -29.11 7.13
CA LEU D 388 -77.53 -29.00 5.69
C LEU D 388 -76.10 -28.62 5.37
N LEU D 389 -75.50 -27.79 6.22
CA LEU D 389 -74.12 -27.38 6.03
C LEU D 389 -73.17 -28.53 6.26
N THR D 390 -73.47 -29.39 7.24
CA THR D 390 -72.67 -30.58 7.45
C THR D 390 -72.82 -31.56 6.30
N LYS D 391 -74.03 -31.63 5.73
CA LYS D 391 -74.24 -32.48 4.56
C LYS D 391 -73.46 -31.98 3.36
N ILE D 392 -73.33 -30.67 3.23
CA ILE D 392 -72.51 -30.12 2.16
C ILE D 392 -71.03 -30.35 2.44
N GLY D 393 -70.62 -30.21 3.70
CA GLY D 393 -69.24 -30.41 4.05
C GLY D 393 -68.75 -31.83 3.97
N GLN D 394 -69.67 -32.80 4.00
CA GLN D 394 -69.32 -34.20 3.73
C GLN D 394 -68.87 -34.39 2.29
N GLU D 395 -69.39 -33.60 1.36
CA GLU D 395 -69.17 -33.83 -0.04
C GLU D 395 -68.22 -32.82 -0.66
N ALA D 396 -67.95 -31.73 0.02
CA ALA D 396 -67.08 -30.70 -0.55
C ALA D 396 -65.98 -30.22 0.39
N GLY D 397 -65.77 -30.85 1.55
CA GLY D 397 -64.69 -30.43 2.42
C GLY D 397 -65.03 -29.20 3.22
N LEU D 398 -64.09 -28.84 4.10
CA LEU D 398 -64.26 -27.66 4.93
C LEU D 398 -64.05 -26.36 4.18
N ARG D 399 -63.19 -26.40 3.17
CA ARG D 399 -62.82 -25.21 2.41
C ARG D 399 -63.96 -24.62 1.61
N TYR D 400 -64.98 -25.41 1.29
CA TYR D 400 -66.17 -24.86 0.69
C TYR D 400 -67.19 -24.47 1.73
N ALA D 401 -67.23 -25.19 2.84
CA ALA D 401 -68.25 -24.96 3.85
C ALA D 401 -68.02 -23.68 4.61
N SER D 402 -66.76 -23.34 4.89
CA SER D 402 -66.49 -22.11 5.63
C SER D 402 -66.80 -20.88 4.78
N ASN D 403 -66.51 -20.96 3.49
CA ASN D 403 -66.89 -19.91 2.57
C ASN D 403 -68.40 -19.77 2.47
N LEU D 404 -69.10 -20.90 2.50
CA LEU D 404 -70.55 -20.85 2.56
C LEU D 404 -71.06 -20.22 3.85
N ILE D 405 -70.35 -20.41 4.96
CA ILE D 405 -70.75 -19.78 6.23
C ILE D 405 -70.72 -18.27 6.12
N THR D 406 -69.59 -17.74 5.64
CA THR D 406 -69.45 -16.29 5.54
C THR D 406 -70.40 -15.71 4.49
N THR D 407 -70.56 -16.40 3.37
CA THR D 407 -71.47 -15.95 2.31
C THR D 407 -72.92 -15.98 2.77
N SER D 408 -73.31 -17.01 3.51
CA SER D 408 -74.68 -17.06 4.02
C SER D 408 -74.93 -16.00 5.07
N GLN D 409 -73.89 -15.65 5.84
CA GLN D 409 -74.01 -14.53 6.76
C GLN D 409 -74.30 -13.24 6.02
N LEU D 410 -73.59 -12.98 4.93
CA LEU D 410 -73.85 -11.72 4.25
C LEU D 410 -75.14 -11.73 3.44
N ILE D 411 -75.58 -12.89 2.94
CA ILE D 411 -76.87 -12.93 2.26
C ILE D 411 -78.01 -12.79 3.25
N ALA D 412 -77.87 -13.34 4.45
CA ALA D 412 -78.86 -13.07 5.50
C ALA D 412 -78.81 -11.62 5.94
N ALA D 413 -77.66 -10.97 5.82
CA ALA D 413 -77.60 -9.54 6.12
C ALA D 413 -78.25 -8.72 5.01
N LYS D 414 -78.25 -9.23 3.77
CA LYS D 414 -78.86 -8.46 2.70
C LYS D 414 -80.38 -8.46 2.78
N ARG D 415 -80.98 -9.60 3.11
CA ARG D 415 -82.43 -9.66 3.20
C ARG D 415 -82.95 -9.36 4.59
N ARG D 416 -82.08 -8.86 5.48
CA ARG D 416 -82.42 -8.40 6.83
C ARG D 416 -83.05 -9.51 7.66
N ALA D 417 -82.27 -10.55 7.90
CA ALA D 417 -82.65 -11.64 8.78
C ALA D 417 -81.66 -11.72 9.94
N LYS D 418 -82.16 -12.14 11.10
CA LYS D 418 -81.32 -12.22 12.29
C LYS D 418 -80.34 -13.38 12.18
N GLN D 419 -80.84 -14.59 12.07
CA GLN D 419 -80.03 -15.78 11.96
C GLN D 419 -80.09 -16.32 10.54
N VAL D 420 -79.05 -17.03 10.13
CA VAL D 420 -79.05 -17.63 8.81
C VAL D 420 -79.99 -18.83 8.81
N GLY D 421 -80.43 -19.20 7.61
CA GLY D 421 -81.40 -20.28 7.51
C GLY D 421 -81.04 -21.30 6.44
N VAL D 422 -81.98 -22.18 6.13
CA VAL D 422 -81.77 -23.16 5.06
C VAL D 422 -81.74 -22.47 3.70
N GLU D 423 -82.56 -21.43 3.54
CA GLU D 423 -82.67 -20.75 2.26
C GLU D 423 -81.41 -19.98 1.92
N ASP D 424 -80.73 -19.43 2.93
CA ASP D 424 -79.48 -18.73 2.69
C ASP D 424 -78.38 -19.69 2.26
N VAL D 425 -78.34 -20.86 2.88
CA VAL D 425 -77.33 -21.85 2.52
C VAL D 425 -77.60 -22.41 1.13
N GLN D 426 -78.88 -22.59 0.79
CA GLN D 426 -79.22 -23.04 -0.56
C GLN D 426 -78.92 -21.98 -1.60
N ARG D 427 -79.10 -20.71 -1.24
CA ARG D 427 -78.75 -19.61 -2.13
C ARG D 427 -77.25 -19.57 -2.38
N SER D 428 -76.46 -19.72 -1.32
CA SER D 428 -75.01 -19.71 -1.46
C SER D 428 -74.51 -20.95 -2.19
N PHE D 429 -75.19 -22.07 -2.02
CA PHE D 429 -74.82 -23.28 -2.75
C PHE D 429 -75.21 -23.16 -4.21
N LYS D 430 -76.25 -22.41 -4.51
CA LYS D 430 -76.63 -22.22 -5.90
C LYS D 430 -75.69 -21.25 -6.60
N LEU D 431 -75.26 -20.20 -5.91
CA LEU D 431 -74.43 -19.19 -6.54
C LEU D 431 -73.00 -19.68 -6.73
N PHE D 432 -72.35 -20.12 -5.67
CA PHE D 432 -70.93 -20.46 -5.70
C PHE D 432 -70.77 -21.95 -5.81
N TYR D 433 -70.18 -22.42 -6.90
CA TYR D 433 -69.97 -23.83 -7.06
C TYR D 433 -68.82 -24.32 -6.19
N ASP D 434 -68.99 -25.52 -5.65
CA ASP D 434 -67.89 -26.29 -5.14
C ASP D 434 -67.08 -26.85 -6.31
N PRO D 435 -65.83 -27.26 -6.08
CA PRO D 435 -65.03 -27.83 -7.19
C PRO D 435 -65.60 -29.09 -7.77
N ALA D 436 -66.38 -29.85 -7.01
CA ALA D 436 -66.98 -31.07 -7.53
C ALA D 436 -68.00 -30.79 -8.62
N ARG D 437 -68.61 -29.61 -8.63
CA ARG D 437 -69.47 -29.24 -9.74
C ARG D 437 -68.75 -28.45 -10.82
N SER D 438 -67.65 -27.79 -10.49
CA SER D 438 -66.90 -27.09 -11.53
C SER D 438 -66.17 -28.06 -12.43
N VAL D 439 -65.77 -29.21 -11.90
CA VAL D 439 -65.18 -30.25 -12.75
C VAL D 439 -66.20 -30.73 -13.77
N ARG D 440 -67.45 -30.94 -13.34
CA ARG D 440 -68.50 -31.30 -14.27
C ARG D 440 -68.83 -30.16 -15.24
N PHE D 441 -68.72 -28.92 -14.78
CA PHE D 441 -68.93 -27.79 -15.66
C PHE D 441 -67.87 -27.67 -16.73
N VAL D 442 -66.64 -28.05 -16.40
CA VAL D 442 -65.59 -28.15 -17.42
C VAL D 442 -65.91 -29.29 -18.39
N GLN D 443 -66.28 -30.45 -17.84
CA GLN D 443 -66.47 -31.63 -18.66
C GLN D 443 -67.73 -31.59 -19.51
N GLU D 444 -68.67 -30.69 -19.23
CA GLU D 444 -69.82 -30.58 -20.11
C GLU D 444 -69.51 -29.76 -21.35
N SER D 445 -69.17 -28.50 -21.17
CA SER D 445 -68.88 -27.61 -22.28
C SER D 445 -67.37 -27.59 -22.49
N GLU D 446 -66.90 -28.52 -23.31
CA GLU D 446 -65.49 -28.60 -23.63
C GLU D 446 -65.15 -27.87 -24.90
N LYS D 447 -66.16 -27.43 -25.64
CA LYS D 447 -65.92 -26.74 -26.90
C LYS D 447 -65.84 -25.24 -26.73
N ARG D 448 -66.22 -24.70 -25.59
CA ARG D 448 -66.02 -23.28 -25.40
C ARG D 448 -65.12 -23.11 -24.17
N LEU D 449 -64.05 -23.90 -24.12
CA LEU D 449 -62.97 -23.72 -23.16
C LEU D 449 -61.69 -24.12 -23.85
N ILE D 450 -60.63 -23.35 -23.62
CA ILE D 450 -59.35 -23.60 -24.28
C ILE D 450 -58.67 -24.78 -23.60
N GLY D 451 -58.63 -25.91 -24.28
CA GLY D 451 -57.94 -27.06 -23.72
C GLY D 451 -56.46 -27.00 -24.06
N ASN D 452 -55.93 -28.05 -24.66
CA ASN D 452 -54.61 -28.01 -25.27
C ASN D 452 -54.68 -27.81 -26.77
N ASP D 453 -55.82 -27.33 -27.26
CA ASP D 453 -56.14 -27.34 -28.69
C ASP D 453 -56.92 -26.06 -28.98
N GLY D 454 -57.60 -26.05 -30.12
CA GLY D 454 -58.40 -24.90 -30.48
C GLY D 454 -59.71 -24.83 -29.71
N VAL D 455 -60.44 -23.75 -29.95
CA VAL D 455 -61.72 -23.49 -29.32
C VAL D 455 -62.60 -22.82 -30.38
N VAL D 456 -63.92 -22.95 -30.22
CA VAL D 456 -64.86 -22.35 -31.15
C VAL D 456 -65.74 -21.35 -30.41
N ASP D 457 -66.44 -20.52 -31.18
CA ASP D 457 -67.33 -19.49 -30.62
C ASP D 457 -68.71 -19.65 -31.23
N PHE D 458 -69.58 -20.27 -30.45
CA PHE D 458 -70.92 -20.74 -30.83
C PHE D 458 -70.88 -21.56 -32.10
N GLY E 17 8.27 -26.73 0.64
CA GLY E 17 7.68 -25.42 0.44
C GLY E 17 7.10 -25.21 -0.93
N LEU E 18 5.81 -25.53 -1.08
CA LEU E 18 5.04 -25.40 -2.32
C LEU E 18 5.67 -26.16 -3.49
N ASN E 19 6.29 -27.28 -3.19
CA ASN E 19 6.80 -28.19 -4.20
C ASN E 19 6.39 -29.60 -3.82
N LEU E 20 5.12 -29.74 -3.44
CA LEU E 20 4.60 -31.02 -3.01
C LEU E 20 4.48 -31.96 -4.19
N ILE E 21 4.76 -33.24 -3.96
CA ILE E 21 4.94 -34.17 -5.08
C ILE E 21 3.57 -34.46 -5.69
N ALA E 22 3.36 -33.97 -6.89
CA ALA E 22 2.11 -34.17 -7.60
C ALA E 22 2.19 -35.39 -8.50
N ALA E 23 1.23 -35.55 -9.39
CA ALA E 23 1.19 -36.65 -10.33
C ALA E 23 2.01 -36.38 -11.58
N HIS E 24 2.64 -35.22 -11.67
CA HIS E 24 3.51 -34.90 -12.80
C HIS E 24 4.74 -34.14 -12.37
N SER E 25 5.25 -34.40 -11.17
CA SER E 25 6.44 -33.72 -10.70
C SER E 25 7.72 -34.46 -11.08
N HIS E 26 7.65 -35.43 -11.97
CA HIS E 26 8.82 -36.15 -12.43
C HIS E 26 9.17 -35.86 -13.88
N ILE E 27 8.42 -35.02 -14.55
CA ILE E 27 8.66 -34.72 -15.95
C ILE E 27 9.49 -33.45 -16.05
N ARG E 28 10.71 -33.58 -16.58
CA ARG E 28 11.60 -32.44 -16.71
C ARG E 28 11.87 -32.13 -18.18
N GLY E 29 10.84 -32.15 -19.00
CA GLY E 29 10.94 -31.84 -20.40
C GLY E 29 10.35 -32.94 -21.25
N LEU E 30 10.45 -32.73 -22.57
CA LEU E 30 9.91 -33.72 -23.50
C LEU E 30 10.84 -34.92 -23.62
N GLY E 31 12.13 -34.72 -23.39
CA GLY E 31 13.08 -35.81 -23.32
C GLY E 31 13.65 -36.28 -24.64
N VAL E 32 13.19 -35.74 -25.76
CA VAL E 32 13.68 -36.20 -27.05
C VAL E 32 14.97 -35.47 -27.41
N ASP E 33 15.67 -36.03 -28.39
CA ASP E 33 16.84 -35.38 -28.92
C ASP E 33 16.41 -34.17 -29.75
N ALA E 34 17.27 -33.15 -29.76
CA ALA E 34 17.00 -31.92 -30.48
C ALA E 34 17.87 -31.77 -31.72
N ASP E 35 18.55 -32.83 -32.13
CA ASP E 35 19.41 -32.77 -33.30
C ASP E 35 18.94 -33.66 -34.43
N THR E 36 18.52 -34.88 -34.13
CA THR E 36 17.92 -35.75 -35.12
C THR E 36 16.49 -36.13 -34.77
N LEU E 37 15.92 -35.50 -33.73
CA LEU E 37 14.55 -35.71 -33.26
C LEU E 37 14.26 -37.17 -32.92
N GLU E 38 15.24 -37.83 -32.37
CA GLU E 38 15.01 -39.21 -32.01
C GLU E 38 14.47 -39.31 -30.59
N PRO E 39 13.36 -39.97 -30.38
CA PRO E 39 12.85 -40.16 -29.02
C PRO E 39 13.63 -41.21 -28.26
N ARG E 40 14.71 -40.82 -27.59
CA ARG E 40 15.44 -41.76 -26.76
C ARG E 40 14.55 -42.25 -25.63
N PRO E 41 14.55 -43.56 -25.34
CA PRO E 41 13.40 -44.17 -24.65
C PRO E 41 13.27 -43.83 -23.19
N SER E 42 14.29 -43.29 -22.54
CA SER E 42 14.17 -42.96 -21.13
C SER E 42 15.04 -41.75 -20.83
N SER E 43 14.42 -40.59 -20.81
CA SER E 43 15.13 -39.36 -20.50
C SER E 43 14.12 -38.32 -20.05
N GLN E 44 14.48 -37.59 -18.99
CA GLN E 44 13.72 -36.47 -18.43
C GLN E 44 12.34 -36.86 -17.94
N GLY E 45 12.08 -38.15 -17.75
CA GLY E 45 10.82 -38.59 -17.19
C GLY E 45 9.91 -39.30 -18.17
N LEU E 46 9.76 -38.79 -19.37
CA LEU E 46 8.85 -39.40 -20.34
C LEU E 46 9.49 -40.66 -20.90
N VAL E 47 8.92 -41.82 -20.55
CA VAL E 47 9.53 -43.11 -20.85
C VAL E 47 8.52 -43.97 -21.60
N GLY E 48 8.87 -44.38 -22.81
CA GLY E 48 8.13 -45.42 -23.49
C GLY E 48 7.41 -44.99 -24.74
N GLN E 49 6.78 -43.82 -24.73
CA GLN E 49 5.99 -43.39 -25.87
C GLN E 49 6.94 -42.84 -26.91
N GLU E 50 6.92 -43.39 -28.12
CA GLU E 50 7.93 -43.00 -29.10
C GLU E 50 7.37 -42.15 -30.24
N LYS E 51 6.37 -42.65 -30.96
CA LYS E 51 5.90 -41.96 -32.16
C LYS E 51 5.18 -40.66 -31.79
N ALA E 52 4.39 -40.68 -30.72
CA ALA E 52 3.70 -39.49 -30.26
C ALA E 52 4.66 -38.43 -29.75
N ARG E 53 5.74 -38.84 -29.10
CA ARG E 53 6.73 -37.87 -28.64
C ARG E 53 7.53 -37.29 -29.79
N LYS E 54 7.74 -38.06 -30.85
CA LYS E 54 8.40 -37.47 -32.01
C LYS E 54 7.51 -36.46 -32.71
N ALA E 55 6.21 -36.75 -32.81
CA ALA E 55 5.31 -35.78 -33.41
C ALA E 55 5.16 -34.53 -32.54
N ALA E 56 5.17 -34.70 -31.22
CA ALA E 56 5.17 -33.55 -30.33
C ALA E 56 6.47 -32.78 -30.41
N ALA E 57 7.57 -33.46 -30.73
CA ALA E 57 8.82 -32.76 -30.94
C ALA E 57 8.78 -31.92 -32.20
N VAL E 58 8.15 -32.44 -33.26
CA VAL E 58 8.01 -31.68 -34.50
C VAL E 58 7.14 -30.45 -34.27
N VAL E 59 6.05 -30.62 -33.52
CA VAL E 59 5.19 -29.49 -33.21
C VAL E 59 5.92 -28.48 -32.34
N LEU E 60 6.71 -28.95 -31.38
CA LEU E 60 7.47 -28.06 -30.52
C LEU E 60 8.53 -27.29 -31.30
N GLU E 61 9.17 -27.92 -32.27
CA GLU E 61 10.14 -27.19 -33.05
C GLU E 61 9.52 -26.28 -34.09
N MET E 62 8.25 -26.45 -34.41
CA MET E 62 7.62 -25.42 -35.23
C MET E 62 6.87 -24.39 -34.41
N ILE E 63 6.80 -24.54 -33.10
CA ILE E 63 6.32 -23.44 -32.26
C ILE E 63 7.40 -22.39 -32.08
N LYS E 64 8.62 -22.81 -31.77
CA LYS E 64 9.71 -21.87 -31.56
C LYS E 64 10.17 -21.20 -32.84
N GLN E 65 9.77 -21.74 -34.00
CA GLN E 65 10.05 -21.10 -35.27
C GLN E 65 9.28 -19.79 -35.39
N GLY E 66 7.99 -19.83 -35.14
CA GLY E 66 7.15 -18.66 -35.20
C GLY E 66 6.54 -18.39 -36.55
N LYS E 67 7.02 -19.04 -37.60
CA LYS E 67 6.54 -18.75 -38.95
C LYS E 67 5.44 -19.74 -39.34
N ILE E 68 4.38 -19.75 -38.52
CA ILE E 68 3.18 -20.53 -38.78
C ILE E 68 2.07 -19.91 -37.96
N ALA E 69 0.83 -20.16 -38.37
CA ALA E 69 -0.38 -19.59 -37.76
C ALA E 69 -0.74 -20.29 -36.48
N GLY E 70 -1.96 -20.06 -36.04
CA GLY E 70 -2.50 -20.90 -35.01
C GLY E 70 -3.10 -22.16 -35.59
N ARG E 71 -2.38 -23.28 -35.47
CA ARG E 71 -2.92 -24.55 -35.94
C ARG E 71 -3.35 -25.39 -34.74
N ALA E 72 -3.89 -26.57 -35.04
CA ALA E 72 -4.57 -27.38 -34.05
C ALA E 72 -4.10 -28.83 -34.10
N VAL E 73 -3.53 -29.28 -32.99
CA VAL E 73 -3.06 -30.65 -32.86
C VAL E 73 -3.84 -31.32 -31.74
N LEU E 74 -4.48 -32.44 -32.06
CA LEU E 74 -5.37 -33.15 -31.15
C LEU E 74 -4.68 -34.39 -30.63
N ILE E 75 -4.34 -34.40 -29.34
CA ILE E 75 -3.70 -35.58 -28.73
C ILE E 75 -4.82 -36.52 -28.30
N ALA E 76 -5.20 -37.41 -29.21
CA ALA E 76 -6.24 -38.37 -28.89
C ALA E 76 -5.64 -39.66 -28.39
N GLY E 77 -6.38 -40.33 -27.52
CA GLY E 77 -5.91 -41.58 -26.96
C GLY E 77 -6.74 -42.05 -25.79
N PRO E 78 -6.50 -43.29 -25.36
CA PRO E 78 -7.26 -43.88 -24.26
C PRO E 78 -6.90 -43.21 -22.93
N PRO E 79 -7.69 -43.44 -21.87
CA PRO E 79 -7.35 -42.90 -20.56
C PRO E 79 -6.05 -43.47 -20.00
N SER E 80 -5.29 -42.58 -19.34
CA SER E 80 -4.05 -42.90 -18.64
C SER E 80 -3.02 -43.48 -19.61
N THR E 81 -2.88 -42.85 -20.77
CA THR E 81 -1.85 -43.23 -21.72
C THR E 81 -0.87 -42.09 -21.97
N GLY E 82 -0.82 -41.12 -21.07
CA GLY E 82 0.18 -40.09 -21.18
C GLY E 82 -0.12 -39.03 -22.20
N LYS E 83 -1.18 -38.27 -21.97
CA LYS E 83 -1.52 -37.13 -22.80
C LYS E 83 -1.25 -35.82 -22.09
N THR E 84 -1.69 -35.72 -20.85
CA THR E 84 -1.26 -34.60 -20.00
C THR E 84 0.23 -34.66 -19.72
N ALA E 85 0.81 -35.86 -19.77
CA ALA E 85 2.26 -35.99 -19.63
C ALA E 85 3.00 -35.36 -20.81
N ILE E 86 2.56 -35.60 -22.04
CA ILE E 86 3.21 -34.99 -23.19
C ILE E 86 3.02 -33.48 -23.20
N ALA E 87 1.85 -33.00 -22.80
CA ALA E 87 1.61 -31.57 -22.73
C ALA E 87 2.47 -30.89 -21.67
N MET E 88 2.65 -31.55 -20.54
CA MET E 88 3.49 -30.98 -19.50
C MET E 88 4.95 -31.07 -19.88
N GLY E 89 5.33 -32.07 -20.68
CA GLY E 89 6.68 -32.11 -21.22
C GLY E 89 6.95 -30.96 -22.16
N MET E 90 5.99 -30.64 -23.03
CA MET E 90 6.15 -29.46 -23.87
C MET E 90 6.12 -28.17 -23.08
N ALA E 91 5.43 -28.17 -21.94
CA ALA E 91 5.44 -26.99 -21.08
C ALA E 91 6.78 -26.80 -20.41
N GLN E 92 7.42 -27.89 -19.98
CA GLN E 92 8.71 -27.76 -19.31
C GLN E 92 9.83 -27.54 -20.30
N SER E 93 9.66 -27.94 -21.56
CA SER E 93 10.70 -27.80 -22.56
C SER E 93 10.60 -26.49 -23.32
N LEU E 94 10.08 -25.44 -22.70
CA LEU E 94 10.11 -24.11 -23.28
C LEU E 94 10.61 -23.04 -22.33
N GLY E 95 10.60 -23.29 -21.03
CA GLY E 95 11.01 -22.28 -20.08
C GLY E 95 9.97 -21.19 -19.94
N GLN E 96 10.38 -20.14 -19.25
CA GLN E 96 9.52 -18.98 -19.07
C GLN E 96 9.75 -17.94 -20.17
N ASP E 97 9.72 -18.39 -21.41
CA ASP E 97 9.95 -17.51 -22.55
C ASP E 97 8.73 -17.41 -23.45
N VAL E 98 8.23 -18.53 -23.94
CA VAL E 98 7.08 -18.57 -24.84
C VAL E 98 5.86 -18.93 -24.01
N PRO E 99 4.81 -18.10 -24.01
CA PRO E 99 3.73 -18.26 -23.03
C PRO E 99 2.85 -19.48 -23.23
N PHE E 100 2.94 -20.42 -22.29
CA PHE E 100 2.11 -21.61 -22.27
C PHE E 100 0.93 -21.38 -21.33
N THR E 101 -0.29 -21.60 -21.81
CA THR E 101 -1.48 -21.39 -21.00
C THR E 101 -2.36 -22.62 -20.98
N THR E 102 -2.59 -23.17 -19.80
CA THR E 102 -3.50 -24.29 -19.66
C THR E 102 -4.94 -23.79 -19.57
N LEU E 103 -5.85 -24.58 -20.11
CA LEU E 103 -7.26 -24.21 -20.12
C LEU E 103 -8.05 -25.50 -20.05
N ALA E 104 -8.47 -25.90 -18.86
CA ALA E 104 -9.47 -26.95 -18.77
C ALA E 104 -10.79 -26.40 -19.26
N ALA E 105 -11.44 -27.12 -20.18
CA ALA E 105 -12.58 -26.57 -20.88
C ALA E 105 -13.88 -26.64 -20.09
N SER E 106 -13.86 -26.15 -18.88
CA SER E 106 -15.05 -25.80 -18.14
C SER E 106 -14.86 -24.50 -17.40
N GLU E 107 -13.73 -23.83 -17.57
CA GLU E 107 -13.54 -22.46 -17.14
C GLU E 107 -14.20 -21.47 -18.08
N ILE E 108 -14.71 -21.94 -19.21
CA ILE E 108 -15.31 -21.06 -20.19
C ILE E 108 -16.76 -20.73 -19.82
N PHE E 109 -17.49 -21.69 -19.25
CA PHE E 109 -18.91 -21.51 -18.94
C PHE E 109 -19.06 -20.68 -17.67
N SER E 110 -18.88 -19.38 -17.81
CA SER E 110 -18.90 -18.45 -16.70
C SER E 110 -20.24 -17.72 -16.64
N LEU E 111 -20.34 -16.86 -15.66
CA LEU E 111 -21.49 -15.98 -15.54
C LEU E 111 -21.09 -14.52 -15.47
N GLU E 112 -19.81 -14.20 -15.34
CA GLU E 112 -19.40 -12.80 -15.37
C GLU E 112 -19.47 -12.23 -16.76
N MET E 113 -19.51 -13.07 -17.76
CA MET E 113 -19.42 -12.65 -19.15
C MET E 113 -20.02 -13.75 -19.98
N SER E 114 -19.94 -13.61 -21.29
CA SER E 114 -20.47 -14.64 -22.15
C SER E 114 -19.45 -15.75 -22.27
N LYS E 115 -19.67 -16.62 -23.22
CA LYS E 115 -18.92 -17.84 -23.38
C LYS E 115 -17.94 -17.75 -24.55
N THR E 116 -18.36 -17.23 -25.68
CA THR E 116 -17.45 -16.99 -26.79
C THR E 116 -16.38 -15.94 -26.46
N GLU E 117 -16.73 -14.94 -25.68
CA GLU E 117 -15.75 -13.92 -25.30
C GLU E 117 -14.75 -14.46 -24.29
N ALA E 118 -15.19 -15.35 -23.41
CA ALA E 118 -14.29 -16.04 -22.51
C ALA E 118 -13.32 -16.92 -23.24
N LEU E 119 -13.71 -17.42 -24.39
CA LEU E 119 -12.79 -18.15 -25.23
C LEU E 119 -11.82 -17.22 -25.94
N THR E 120 -12.30 -16.04 -26.33
CA THR E 120 -11.44 -15.09 -27.04
C THR E 120 -10.34 -14.58 -26.14
N GLN E 121 -10.63 -14.34 -24.87
CA GLN E 121 -9.59 -13.95 -23.93
C GLN E 121 -8.54 -15.04 -23.77
N ALA E 122 -8.95 -16.29 -23.79
CA ALA E 122 -7.96 -17.36 -23.73
C ALA E 122 -7.14 -17.47 -24.99
N PHE E 123 -7.66 -17.03 -26.13
CA PHE E 123 -6.77 -16.90 -27.28
C PHE E 123 -5.83 -15.72 -27.14
N ARG E 124 -6.30 -14.61 -26.62
CA ARG E 124 -5.46 -13.43 -26.52
C ARG E 124 -4.42 -13.55 -25.42
N LYS E 125 -4.59 -14.47 -24.48
CA LYS E 125 -3.59 -14.61 -23.42
C LYS E 125 -2.31 -15.26 -23.89
N SER E 126 -2.25 -15.79 -25.09
CA SER E 126 -1.11 -16.58 -25.50
C SER E 126 -0.39 -15.97 -26.69
N ILE E 127 -0.39 -14.65 -26.80
CA ILE E 127 0.37 -13.94 -27.83
C ILE E 127 1.17 -12.86 -27.12
N GLY E 128 2.41 -13.17 -26.78
CA GLY E 128 3.21 -12.24 -26.01
C GLY E 128 3.84 -11.15 -26.86
N VAL E 129 4.07 -10.01 -26.21
CA VAL E 129 4.90 -8.94 -26.74
C VAL E 129 6.11 -8.82 -25.83
N ARG E 130 7.29 -8.89 -26.42
CA ARG E 130 8.54 -8.93 -25.67
C ARG E 130 9.32 -7.67 -25.98
N ILE E 131 9.42 -6.76 -25.02
CA ILE E 131 10.16 -5.53 -25.23
C ILE E 131 11.23 -5.37 -24.15
N LYS E 132 12.35 -4.79 -24.55
CA LYS E 132 13.55 -4.72 -23.71
C LYS E 132 14.00 -3.27 -23.63
N GLU E 133 13.88 -2.66 -22.46
CA GLU E 133 14.34 -1.28 -22.25
C GLU E 133 15.09 -1.15 -20.93
N GLU E 134 15.87 -0.08 -20.82
CA GLU E 134 16.87 0.02 -19.76
C GLU E 134 16.40 0.89 -18.60
N SER E 135 16.97 0.63 -17.42
CA SER E 135 16.80 1.44 -16.23
C SER E 135 18.14 1.73 -15.59
N GLU E 136 18.19 2.71 -14.68
CA GLU E 136 19.41 3.07 -13.97
C GLU E 136 19.19 2.90 -12.47
N ILE E 137 19.92 1.98 -11.84
CA ILE E 137 19.74 1.65 -10.44
C ILE E 137 21.04 1.88 -9.67
N MET E 138 20.91 1.85 -8.35
CA MET E 138 22.02 2.14 -7.44
C MET E 138 22.02 1.09 -6.33
N GLU E 139 23.14 0.41 -6.16
CA GLU E 139 23.27 -0.55 -5.07
C GLU E 139 23.82 0.15 -3.83
N GLY E 140 24.26 -0.60 -2.85
CA GLY E 140 25.14 0.01 -1.87
C GLY E 140 24.55 0.15 -0.47
N GLU E 141 25.43 0.10 0.53
CA GLU E 141 25.10 0.35 1.92
C GLU E 141 25.04 1.83 2.20
N VAL E 142 23.99 2.28 2.88
CA VAL E 142 23.94 3.65 3.35
C VAL E 142 24.88 3.82 4.52
N VAL E 143 25.88 4.70 4.38
CA VAL E 143 26.72 5.02 5.53
C VAL E 143 25.98 5.91 6.52
N GLU E 144 25.49 7.08 6.07
CA GLU E 144 24.64 7.87 6.95
C GLU E 144 23.71 8.78 6.15
N ILE E 145 22.62 9.17 6.81
CA ILE E 145 21.62 10.09 6.29
C ILE E 145 21.52 11.28 7.24
N GLN E 146 21.57 12.48 6.68
CA GLN E 146 21.27 13.71 7.42
C GLN E 146 20.18 14.46 6.68
N ILE E 147 19.11 14.79 7.38
CA ILE E 147 17.96 15.48 6.79
C ILE E 147 17.75 16.79 7.52
N ASP E 148 17.75 17.89 6.77
CA ASP E 148 17.61 19.21 7.38
C ASP E 148 16.13 19.56 7.53
N ARG E 149 15.50 18.88 8.49
CA ARG E 149 14.15 19.20 8.91
C ARG E 149 14.29 19.96 10.23
N SER E 150 14.52 21.26 10.10
CA SER E 150 14.76 22.10 11.25
C SER E 150 14.35 23.55 10.98
N THR E 152 10.61 25.54 12.77
CA THR E 152 9.98 24.54 11.95
C THR E 152 10.45 24.64 10.52
N GLY E 153 11.07 23.58 10.02
CA GLY E 153 11.50 23.53 8.64
C GLY E 153 10.70 22.55 7.82
N GLY E 154 11.39 21.62 7.18
CA GLY E 154 10.71 20.62 6.37
C GLY E 154 11.72 19.87 5.54
N ALA E 155 11.19 19.06 4.63
CA ALA E 155 12.02 18.26 3.72
C ALA E 155 12.51 19.17 2.61
N LYS E 156 13.66 19.80 2.83
CA LYS E 156 14.21 20.73 1.86
C LYS E 156 15.56 20.30 1.32
N GLN E 157 16.50 19.95 2.18
CA GLN E 157 17.83 19.59 1.74
C GLN E 157 18.39 18.54 2.67
N GLY E 158 19.30 17.73 2.15
CA GLY E 158 19.85 16.68 2.96
C GLY E 158 20.98 15.98 2.23
N LYS E 159 21.78 15.26 3.00
CA LYS E 159 22.94 14.59 2.46
C LYS E 159 22.85 13.09 2.69
N LEU E 160 23.24 12.34 1.68
CA LEU E 160 23.17 10.89 1.66
C LEU E 160 24.56 10.36 1.32
N THR E 161 25.20 9.69 2.26
CA THR E 161 26.51 9.10 2.03
C THR E 161 26.39 7.59 1.95
N ILE E 162 26.74 7.00 0.80
CA ILE E 162 26.65 5.56 0.62
C ILE E 162 27.99 5.03 0.14
N LYS E 163 28.07 3.70 0.01
CA LYS E 163 29.27 3.02 -0.44
C LYS E 163 28.93 1.62 -0.88
N THR E 164 29.73 1.13 -1.79
CA THR E 164 29.86 -0.28 -2.06
C THR E 164 31.15 -0.76 -1.44
N THR E 165 31.57 -1.98 -1.80
CA THR E 165 32.92 -2.42 -1.48
C THR E 165 33.96 -1.59 -2.19
N ASP E 166 33.64 -1.13 -3.40
CA ASP E 166 34.57 -0.33 -4.18
C ASP E 166 34.34 1.16 -4.03
N MET E 167 33.15 1.64 -4.39
CA MET E 167 32.86 3.05 -4.44
C MET E 167 32.62 3.62 -3.04
N GLU E 168 32.37 4.93 -2.99
CA GLU E 168 31.82 5.66 -1.86
C GLU E 168 31.42 7.03 -2.39
N ALA E 169 30.28 7.55 -1.94
CA ALA E 169 29.78 8.76 -2.58
C ALA E 169 28.89 9.56 -1.66
N ILE E 170 28.74 10.84 -1.98
CA ILE E 170 27.80 11.75 -1.33
C ILE E 170 26.87 12.28 -2.40
N TYR E 171 25.58 12.25 -2.12
CA TYR E 171 24.61 12.87 -2.99
C TYR E 171 23.76 13.86 -2.22
N ASP E 172 23.35 14.91 -2.89
CA ASP E 172 22.31 15.79 -2.37
C ASP E 172 20.96 15.40 -2.97
N MET E 173 19.90 15.70 -2.24
CA MET E 173 18.61 15.14 -2.54
C MET E 173 17.57 16.22 -2.78
N GLY E 174 16.68 15.96 -3.73
CA GLY E 174 15.53 16.82 -3.93
C GLY E 174 14.49 16.62 -2.86
N SER E 175 13.46 17.47 -2.90
CA SER E 175 12.39 17.38 -1.92
C SER E 175 11.57 16.12 -2.11
N LYS E 176 11.35 15.75 -3.37
CA LYS E 176 10.62 14.53 -3.71
C LYS E 176 11.50 13.28 -3.66
N MET E 177 12.70 13.39 -3.14
CA MET E 177 13.49 12.24 -2.73
C MET E 177 13.61 12.10 -1.23
N ILE E 178 13.69 13.21 -0.51
CA ILE E 178 13.64 13.17 0.95
C ILE E 178 12.27 12.69 1.41
N ASP E 179 11.22 13.06 0.68
CA ASP E 179 9.93 12.48 0.98
C ASP E 179 9.81 11.01 0.60
N ALA E 180 10.78 10.44 -0.10
CA ALA E 180 10.81 8.98 -0.28
C ALA E 180 11.80 8.31 0.67
N MET E 181 12.66 9.10 1.29
CA MET E 181 13.59 8.55 2.26
C MET E 181 12.94 8.43 3.63
N THR E 182 12.13 9.40 4.02
CA THR E 182 11.38 9.17 5.24
C THR E 182 10.15 8.30 5.00
N LYS E 183 9.86 8.01 3.74
CA LYS E 183 8.78 7.09 3.41
C LYS E 183 9.22 5.66 3.60
N GLU E 184 10.42 5.31 3.16
CA GLU E 184 10.90 3.95 3.41
C GLU E 184 11.69 3.82 4.70
N ARG E 185 11.99 4.94 5.37
CA ARG E 185 12.74 4.97 6.63
C ARG E 185 14.12 4.32 6.49
N VAL E 186 14.94 4.94 5.67
CA VAL E 186 16.26 4.41 5.37
C VAL E 186 17.19 4.67 6.54
N MET E 187 17.68 3.60 7.14
CA MET E 187 18.53 3.71 8.32
C MET E 187 19.98 3.92 7.91
N ALA E 188 20.86 3.80 8.87
CA ALA E 188 22.29 3.86 8.62
C ALA E 188 22.80 2.43 8.59
N GLY E 189 22.76 1.83 7.41
CA GLY E 189 23.22 0.46 7.28
C GLY E 189 22.37 -0.38 6.36
N ASP E 190 21.33 0.22 5.80
CA ASP E 190 20.46 -0.52 4.90
C ASP E 190 21.10 -0.74 3.54
N ILE E 191 20.64 -1.78 2.85
CA ILE E 191 21.10 -2.08 1.50
C ILE E 191 19.98 -1.76 0.53
N ILE E 192 19.96 -0.55 0.00
CA ILE E 192 18.80 -0.06 -0.73
C ILE E 192 19.10 -0.03 -2.22
N SER E 193 18.04 0.09 -3.01
CA SER E 193 18.11 0.18 -4.47
C SER E 193 17.27 1.36 -4.92
N ILE E 194 17.90 2.53 -5.00
CA ILE E 194 17.21 3.74 -5.45
C ILE E 194 17.08 3.65 -6.96
N ASP E 195 15.89 3.31 -7.44
CA ASP E 195 15.66 3.42 -8.87
C ASP E 195 15.57 4.90 -9.22
N LYS E 196 16.51 5.36 -10.06
CA LYS E 196 16.71 6.78 -10.24
C LYS E 196 15.60 7.40 -11.08
N SER E 197 15.05 6.65 -12.01
CA SER E 197 14.07 7.22 -12.91
C SER E 197 12.70 7.41 -12.26
N SER E 198 12.38 6.64 -11.23
CA SER E 198 11.09 6.79 -10.55
C SER E 198 11.25 7.29 -9.13
N GLY E 199 12.04 6.61 -8.32
CA GLY E 199 12.30 7.06 -6.98
C GLY E 199 11.91 6.05 -5.92
N LYS E 200 11.53 4.85 -6.34
CA LYS E 200 11.16 3.83 -5.37
C LYS E 200 12.41 3.25 -4.73
N ILE E 201 12.27 2.76 -3.51
CA ILE E 201 13.38 2.26 -2.71
C ILE E 201 13.03 0.86 -2.25
N THR E 202 13.74 -0.14 -2.77
CA THR E 202 13.56 -1.52 -2.35
C THR E 202 14.75 -1.95 -1.51
N LYS E 203 14.56 -2.04 -0.20
CA LYS E 203 15.64 -2.46 0.68
C LYS E 203 15.94 -3.93 0.48
N LEU E 204 17.10 -4.22 -0.11
CA LEU E 204 17.45 -5.60 -0.40
C LEU E 204 17.77 -6.38 0.87
N GLY E 205 18.11 -5.72 1.96
CA GLY E 205 18.40 -6.41 3.20
C GLY E 205 19.07 -5.50 4.20
N ARG E 206 19.83 -6.09 5.11
CA ARG E 206 20.57 -5.34 6.10
C ARG E 206 22.04 -5.71 6.03
N SER E 207 22.91 -4.73 6.23
CA SER E 207 24.34 -4.99 6.24
C SER E 207 24.75 -5.63 7.56
N TYR E 208 25.73 -6.53 7.47
CA TYR E 208 26.15 -7.27 8.64
C TYR E 208 26.96 -6.40 9.61
N ALA E 209 27.76 -5.48 9.08
CA ALA E 209 28.72 -4.71 9.88
C ALA E 209 28.09 -3.74 10.87
N ARG E 210 26.81 -3.43 10.75
CA ARG E 210 26.08 -2.62 11.71
C ARG E 210 25.06 -3.44 12.50
N SER E 211 25.42 -4.68 12.81
CA SER E 211 24.50 -5.56 13.53
C SER E 211 24.21 -5.05 14.94
N ARG E 212 25.11 -4.27 15.53
CA ARG E 212 24.81 -3.66 16.81
C ARG E 212 23.78 -2.54 16.69
N ASP E 213 23.70 -1.90 15.54
CA ASP E 213 22.96 -0.66 15.40
C ASP E 213 21.48 -0.91 15.16
N TYR E 214 21.03 -2.14 15.27
CA TYR E 214 19.65 -2.51 14.98
C TYR E 214 19.09 -3.12 16.24
N ASP E 215 18.19 -2.40 16.89
CA ASP E 215 17.58 -2.85 18.12
C ASP E 215 16.15 -3.30 17.93
N ALA E 216 15.42 -2.64 17.03
CA ALA E 216 14.02 -2.97 16.76
C ALA E 216 13.91 -3.98 15.64
N MET E 217 14.61 -5.10 15.83
CA MET E 217 14.53 -6.21 14.89
C MET E 217 14.33 -7.48 15.69
N GLY E 218 14.05 -8.56 14.97
CA GLY E 218 13.93 -9.85 15.61
C GLY E 218 15.26 -10.38 16.06
N VAL E 219 15.20 -11.40 16.90
CA VAL E 219 16.42 -12.05 17.36
C VAL E 219 17.06 -12.83 16.22
N ASP E 220 16.23 -13.51 15.42
CA ASP E 220 16.67 -14.15 14.19
C ASP E 220 16.38 -13.22 13.02
N THR E 221 17.42 -12.61 12.48
CA THR E 221 17.29 -11.67 11.38
C THR E 221 18.43 -11.90 10.42
N LYS E 222 18.11 -11.98 9.14
CA LYS E 222 19.14 -12.18 8.13
C LYS E 222 19.94 -10.89 7.91
N PHE E 223 21.19 -11.08 7.53
CA PHE E 223 22.08 -9.97 7.23
C PHE E 223 22.90 -10.31 5.99
N LEU E 224 23.05 -9.33 5.13
CA LEU E 224 23.77 -9.50 3.88
C LEU E 224 25.18 -8.94 3.98
N GLN E 225 25.89 -8.96 2.87
CA GLN E 225 27.18 -8.30 2.72
C GLN E 225 26.98 -7.05 1.87
N CYS E 226 28.04 -6.26 1.75
CA CYS E 226 27.97 -5.08 0.92
C CYS E 226 27.94 -5.48 -0.55
N PRO E 227 27.24 -4.73 -1.39
CA PRO E 227 27.22 -5.07 -2.81
C PRO E 227 28.56 -4.81 -3.47
N GLU E 228 28.89 -5.67 -4.41
CA GLU E 228 30.17 -5.64 -5.07
C GLU E 228 30.05 -5.03 -6.45
N GLY E 229 31.03 -4.23 -6.82
CA GLY E 229 31.04 -3.57 -8.10
C GLY E 229 30.76 -2.09 -7.99
N GLU E 230 30.45 -1.50 -9.13
CA GLU E 230 30.17 -0.07 -9.17
C GLU E 230 28.80 0.21 -8.59
N LEU E 231 28.52 1.50 -8.41
CA LEU E 231 27.37 1.94 -7.65
C LEU E 231 26.28 2.52 -8.53
N GLN E 232 26.50 2.60 -9.83
CA GLN E 232 25.59 3.27 -10.76
C GLN E 232 25.61 2.47 -12.06
N LYS E 233 24.64 1.59 -12.26
CA LYS E 233 24.72 0.70 -13.41
C LYS E 233 23.36 0.60 -14.07
N ARG E 234 23.40 0.20 -15.34
CA ARG E 234 22.21 0.15 -16.18
C ARG E 234 21.81 -1.30 -16.40
N LYS E 235 20.54 -1.60 -16.15
CA LYS E 235 20.00 -2.94 -16.33
C LYS E 235 19.15 -3.02 -17.58
N GLU E 236 19.31 -4.11 -18.33
CA GLU E 236 18.51 -4.36 -19.53
C GLU E 236 17.43 -5.38 -19.21
N VAL E 237 16.39 -4.94 -18.51
CA VAL E 237 15.30 -5.84 -18.17
C VAL E 237 14.42 -6.09 -19.37
N VAL E 238 13.87 -7.30 -19.44
CA VAL E 238 13.08 -7.80 -20.56
C VAL E 238 11.70 -8.17 -20.02
N HIS E 239 10.67 -7.46 -20.47
CA HIS E 239 9.31 -7.73 -20.06
C HIS E 239 8.55 -8.42 -21.18
N THR E 240 7.57 -9.22 -20.82
CA THR E 240 6.78 -9.94 -21.81
C THR E 240 5.35 -10.03 -21.33
N VAL E 241 4.46 -9.28 -21.96
CA VAL E 241 3.05 -9.28 -21.61
C VAL E 241 2.20 -9.57 -22.84
N SER E 242 1.09 -10.26 -22.61
CA SER E 242 0.27 -10.73 -23.70
C SER E 242 -0.65 -9.61 -24.15
N LEU E 243 -1.45 -9.90 -25.17
CA LEU E 243 -2.38 -8.91 -25.70
C LEU E 243 -3.60 -8.77 -24.81
N HIS E 244 -3.98 -9.83 -24.11
CA HIS E 244 -5.06 -9.73 -23.14
C HIS E 244 -4.69 -8.82 -21.99
N GLU E 245 -3.40 -8.76 -21.64
CA GLU E 245 -2.92 -7.80 -20.64
C GLU E 245 -3.21 -6.37 -21.07
N ILE E 246 -2.87 -6.04 -22.31
CA ILE E 246 -3.06 -4.69 -22.82
C ILE E 246 -4.54 -4.39 -22.99
N ASP E 247 -5.33 -5.40 -23.36
CA ASP E 247 -6.77 -5.24 -23.48
C ASP E 247 -7.43 -4.90 -22.16
N VAL E 248 -7.01 -5.58 -21.10
CA VAL E 248 -7.63 -5.33 -19.82
C VAL E 248 -7.11 -4.01 -19.24
N ILE E 249 -5.87 -3.64 -19.55
CA ILE E 249 -5.35 -2.35 -19.10
C ILE E 249 -6.14 -1.21 -19.74
N ASN E 250 -6.38 -1.30 -21.05
CA ASN E 250 -7.09 -0.22 -21.72
C ASN E 250 -8.59 -0.42 -21.77
N SER E 251 -9.22 -0.66 -20.62
CA SER E 251 -10.64 -0.95 -20.55
C SER E 251 -11.40 -0.16 -19.50
N ARG E 252 -10.73 0.37 -18.49
CA ARG E 252 -11.38 1.12 -17.43
C ARG E 252 -10.50 2.32 -17.13
N THR E 253 -10.75 2.96 -15.99
CA THR E 253 -9.82 3.96 -15.49
C THR E 253 -8.53 3.32 -15.00
N GLN E 254 -8.62 2.50 -13.97
CA GLN E 254 -7.50 1.76 -13.46
C GLN E 254 -7.92 0.30 -13.53
N GLY E 255 -7.70 -0.30 -14.68
CA GLY E 255 -8.35 -1.53 -15.02
C GLY E 255 -7.51 -2.79 -14.95
N PHE E 256 -6.22 -2.67 -14.66
CA PHE E 256 -5.38 -3.86 -14.58
C PHE E 256 -5.78 -4.72 -13.39
N LEU E 257 -6.38 -4.13 -12.35
CA LEU E 257 -6.94 -4.91 -11.24
C LEU E 257 -7.97 -5.93 -11.70
N ALA E 258 -8.67 -5.66 -12.80
CA ALA E 258 -9.60 -6.63 -13.35
C ALA E 258 -8.92 -7.95 -13.70
N LEU E 259 -7.72 -7.91 -14.26
CA LEU E 259 -7.10 -9.19 -14.59
C LEU E 259 -6.49 -9.87 -13.38
N PHE E 260 -6.55 -9.25 -12.21
CA PHE E 260 -6.27 -9.95 -10.97
C PHE E 260 -7.52 -10.29 -10.21
N SER E 261 -8.68 -9.85 -10.65
CA SER E 261 -9.88 -10.16 -9.93
C SER E 261 -10.97 -10.72 -10.81
N GLY E 262 -10.73 -10.86 -12.11
CA GLY E 262 -11.67 -11.44 -13.03
C GLY E 262 -12.91 -10.64 -13.29
N ASP E 263 -12.98 -9.41 -12.79
CA ASP E 263 -14.16 -8.58 -12.89
C ASP E 263 -14.27 -7.89 -14.24
N THR E 264 -13.40 -8.23 -15.18
CA THR E 264 -13.55 -7.75 -16.54
C THR E 264 -14.80 -8.32 -17.17
N GLY E 265 -15.41 -7.53 -18.02
CA GLY E 265 -16.62 -7.97 -18.66
C GLY E 265 -16.44 -8.17 -20.14
N GLU E 266 -17.49 -7.86 -20.87
CA GLU E 266 -17.42 -7.89 -22.32
C GLU E 266 -16.58 -6.72 -22.79
N ILE E 267 -15.35 -7.01 -23.19
CA ILE E 267 -14.49 -5.98 -23.76
C ILE E 267 -14.92 -5.70 -25.18
N ARG E 268 -15.16 -4.42 -25.48
CA ARG E 268 -15.58 -4.01 -26.80
C ARG E 268 -14.50 -4.33 -27.82
N SER E 269 -14.92 -4.68 -29.04
CA SER E 269 -13.98 -5.21 -30.02
C SER E 269 -13.13 -4.15 -30.70
N GLU E 270 -13.50 -2.88 -30.61
CA GLU E 270 -12.69 -1.84 -31.24
C GLU E 270 -11.38 -1.63 -30.48
N ILE E 271 -11.38 -1.91 -29.18
CA ILE E 271 -10.16 -1.86 -28.40
C ILE E 271 -9.20 -2.94 -28.86
N ARG E 272 -9.72 -4.14 -29.09
CA ARG E 272 -8.86 -5.21 -29.57
C ARG E 272 -8.37 -4.94 -30.98
N ASP E 273 -9.19 -4.30 -31.79
CA ASP E 273 -8.72 -3.95 -33.14
C ASP E 273 -7.63 -2.88 -33.11
N GLN E 274 -7.78 -1.87 -32.26
CA GLN E 274 -6.75 -0.83 -32.19
C GLN E 274 -5.46 -1.35 -31.59
N ILE E 275 -5.55 -2.28 -30.64
CA ILE E 275 -4.32 -2.84 -30.10
C ILE E 275 -3.68 -3.78 -31.10
N ASN E 276 -4.47 -4.49 -31.91
CA ASN E 276 -3.88 -5.24 -33.01
C ASN E 276 -3.25 -4.34 -34.05
N THR E 277 -3.67 -3.09 -34.15
CA THR E 277 -2.97 -2.17 -35.04
C THR E 277 -1.69 -1.63 -34.42
N LYS E 278 -1.72 -1.23 -33.15
CA LYS E 278 -0.52 -0.66 -32.54
C LYS E 278 0.57 -1.69 -32.30
N VAL E 279 0.23 -2.96 -32.16
CA VAL E 279 1.27 -3.98 -32.04
C VAL E 279 2.00 -4.12 -33.37
N ALA E 280 1.28 -4.01 -34.48
CA ALA E 280 1.94 -4.04 -35.79
C ALA E 280 2.78 -2.78 -36.01
N GLU E 281 2.30 -1.63 -35.53
CA GLU E 281 3.11 -0.42 -35.66
C GLU E 281 4.32 -0.45 -34.73
N TRP E 282 4.23 -1.16 -33.62
CA TRP E 282 5.40 -1.36 -32.78
C TRP E 282 6.38 -2.34 -33.41
N LYS E 283 5.88 -3.33 -34.13
CA LYS E 283 6.78 -4.28 -34.76
C LYS E 283 7.51 -3.65 -35.93
N GLU E 284 6.81 -2.83 -36.73
CA GLU E 284 7.45 -2.22 -37.88
C GLU E 284 8.44 -1.13 -37.52
N GLU E 285 8.31 -0.52 -36.35
CA GLU E 285 9.30 0.45 -35.91
C GLU E 285 10.47 -0.19 -35.19
N GLY E 286 10.45 -1.50 -35.00
CA GLY E 286 11.51 -2.17 -34.31
C GLY E 286 11.49 -2.02 -32.82
N LYS E 287 10.47 -1.39 -32.27
CA LYS E 287 10.40 -1.24 -30.83
C LYS E 287 9.94 -2.50 -30.14
N ALA E 288 9.39 -3.46 -30.86
CA ALA E 288 8.78 -4.62 -30.21
C ALA E 288 9.08 -5.89 -30.99
N GLU E 289 8.52 -6.99 -30.50
CA GLU E 289 8.70 -8.30 -31.07
C GLU E 289 7.59 -9.20 -30.58
N ILE E 290 6.95 -9.92 -31.48
CA ILE E 290 5.76 -10.71 -31.18
C ILE E 290 6.17 -12.16 -30.99
N VAL E 291 5.75 -12.75 -29.88
CA VAL E 291 6.06 -14.14 -29.59
C VAL E 291 4.77 -14.94 -29.52
N PRO E 292 4.53 -15.83 -30.47
CA PRO E 292 3.34 -16.67 -30.44
C PRO E 292 3.49 -17.81 -29.46
N GLY E 293 2.54 -17.94 -28.56
CA GLY E 293 2.58 -18.93 -27.51
C GLY E 293 1.83 -20.20 -27.85
N VAL E 294 1.55 -20.97 -26.82
CA VAL E 294 0.86 -22.25 -26.92
C VAL E 294 -0.35 -22.19 -26.01
N LEU E 295 -1.50 -22.64 -26.50
CA LEU E 295 -2.71 -22.74 -25.70
C LEU E 295 -3.11 -24.19 -25.62
N PHE E 296 -3.14 -24.75 -24.41
CA PHE E 296 -3.49 -26.15 -24.23
C PHE E 296 -4.91 -26.26 -23.70
N ILE E 297 -5.85 -26.61 -24.57
CA ILE E 297 -7.23 -26.83 -24.20
C ILE E 297 -7.39 -28.27 -23.75
N ASP E 298 -7.27 -28.49 -22.45
CA ASP E 298 -7.48 -29.82 -21.88
C ASP E 298 -8.97 -30.19 -21.91
N GLU E 299 -9.24 -31.43 -22.31
CA GLU E 299 -10.58 -32.03 -22.37
C GLU E 299 -11.50 -31.24 -23.29
N VAL E 300 -11.14 -31.24 -24.58
CA VAL E 300 -11.82 -30.40 -25.56
C VAL E 300 -13.21 -30.92 -25.89
N HIS E 301 -13.56 -32.12 -25.47
CA HIS E 301 -14.89 -32.63 -25.72
C HIS E 301 -15.97 -31.98 -24.88
N MET E 302 -15.60 -31.19 -23.87
CA MET E 302 -16.56 -30.50 -23.02
C MET E 302 -16.96 -29.15 -23.57
N LEU E 303 -16.81 -28.94 -24.87
CA LEU E 303 -17.27 -27.74 -25.53
C LEU E 303 -18.47 -28.08 -26.38
N ASP E 304 -19.43 -27.18 -26.43
CA ASP E 304 -20.56 -27.35 -27.32
C ASP E 304 -20.20 -26.77 -28.68
N ILE E 305 -21.10 -26.94 -29.65
CA ILE E 305 -20.82 -26.58 -31.04
C ILE E 305 -20.72 -25.06 -31.20
N GLU E 306 -21.26 -24.31 -30.25
CA GLU E 306 -21.09 -22.87 -30.21
C GLU E 306 -19.64 -22.48 -29.98
N CYS E 307 -18.84 -23.34 -29.35
CA CYS E 307 -17.42 -23.07 -29.23
C CYS E 307 -16.66 -23.39 -30.51
N PHE E 308 -17.03 -24.48 -31.18
CA PHE E 308 -16.28 -24.90 -32.34
C PHE E 308 -16.55 -23.99 -33.50
N SER E 309 -17.74 -23.41 -33.54
CA SER E 309 -18.03 -22.42 -34.55
C SER E 309 -17.31 -21.10 -34.29
N TYR E 310 -16.56 -20.96 -33.21
CA TYR E 310 -15.65 -19.85 -33.03
C TYR E 310 -14.19 -20.22 -33.10
N ILE E 311 -13.82 -21.43 -32.67
CA ILE E 311 -12.45 -21.88 -32.84
C ILE E 311 -12.11 -22.11 -34.31
N ASN E 312 -13.12 -22.43 -35.13
CA ASN E 312 -12.88 -22.55 -36.56
C ASN E 312 -12.49 -21.24 -37.21
N ARG E 313 -12.78 -20.10 -36.59
CA ARG E 313 -12.39 -18.84 -37.18
C ARG E 313 -11.38 -18.04 -36.38
N ALA E 314 -11.15 -18.37 -35.12
CA ALA E 314 -10.07 -17.73 -34.40
C ALA E 314 -8.71 -18.31 -34.74
N LEU E 315 -8.70 -19.45 -35.42
CA LEU E 315 -7.48 -20.06 -35.93
C LEU E 315 -7.20 -19.65 -37.35
N GLU E 316 -7.59 -18.44 -37.70
CA GLU E 316 -7.44 -17.95 -39.05
C GLU E 316 -6.55 -16.72 -39.14
N SER E 317 -6.53 -15.89 -38.11
CA SER E 317 -5.81 -14.62 -38.13
C SER E 317 -4.32 -14.82 -37.97
N ASP E 318 -3.59 -13.73 -38.21
CA ASP E 318 -2.15 -13.74 -38.02
C ASP E 318 -1.80 -13.95 -36.55
N LEU E 319 -2.58 -13.32 -35.68
CA LEU E 319 -2.33 -13.38 -34.26
C LEU E 319 -3.19 -14.50 -33.69
N ALA E 320 -2.66 -15.72 -33.75
CA ALA E 320 -3.38 -16.84 -33.17
C ALA E 320 -2.34 -17.82 -32.67
N PRO E 321 -2.43 -18.24 -31.42
CA PRO E 321 -1.48 -19.22 -30.90
C PRO E 321 -1.82 -20.62 -31.38
N ILE E 322 -0.82 -21.48 -31.34
CA ILE E 322 -1.02 -22.87 -31.70
C ILE E 322 -1.76 -23.58 -30.59
N VAL E 323 -2.84 -24.27 -30.94
CA VAL E 323 -3.73 -24.93 -30.00
C VAL E 323 -3.38 -26.41 -29.93
N ILE E 324 -3.10 -26.88 -28.72
CA ILE E 324 -2.91 -28.30 -28.46
C ILE E 324 -4.02 -28.77 -27.54
N MET E 325 -4.61 -29.91 -27.84
CA MET E 325 -5.86 -30.30 -27.21
C MET E 325 -5.95 -31.82 -27.10
N ALA E 326 -6.70 -32.28 -26.10
CA ALA E 326 -6.69 -33.70 -25.74
C ALA E 326 -8.09 -34.23 -25.53
N SER E 327 -8.40 -35.34 -26.17
CA SER E 327 -9.73 -35.92 -26.16
C SER E 327 -9.66 -37.38 -25.75
N ASN E 328 -10.60 -37.80 -24.90
CA ASN E 328 -10.69 -39.17 -24.44
C ASN E 328 -11.78 -39.96 -25.16
N ARG E 329 -12.90 -39.33 -25.44
CA ARG E 329 -14.09 -40.05 -25.87
C ARG E 329 -13.95 -40.65 -27.26
N GLY E 330 -14.68 -41.72 -27.48
CA GLY E 330 -14.70 -42.35 -28.78
C GLY E 330 -15.76 -41.72 -29.65
N VAL E 331 -16.69 -42.53 -30.14
CA VAL E 331 -17.85 -42.00 -30.84
C VAL E 331 -18.85 -41.56 -29.79
N SER E 332 -18.97 -40.26 -29.58
CA SER E 332 -19.79 -39.72 -28.51
C SER E 332 -20.62 -38.58 -29.06
N ARG E 333 -21.50 -38.06 -28.22
CA ARG E 333 -22.36 -36.98 -28.63
C ARG E 333 -21.67 -35.63 -28.45
N ILE E 334 -22.09 -34.67 -29.24
CA ILE E 334 -21.61 -33.31 -29.11
C ILE E 334 -22.58 -32.57 -28.21
N ARG E 335 -22.06 -31.77 -27.30
CA ARG E 335 -22.92 -31.00 -26.42
C ARG E 335 -23.61 -29.90 -27.22
N GLY E 336 -24.83 -29.57 -26.79
CA GLY E 336 -25.67 -28.64 -27.51
C GLY E 336 -26.54 -29.30 -28.56
N THR E 337 -25.97 -30.19 -29.34
CA THR E 337 -26.69 -30.92 -30.37
C THR E 337 -27.00 -32.31 -29.85
N ASP E 338 -27.47 -33.16 -30.75
CA ASP E 338 -27.85 -34.52 -30.39
C ASP E 338 -27.15 -35.60 -31.19
N TYR E 339 -26.40 -35.25 -32.22
CA TYR E 339 -25.84 -36.25 -33.10
C TYR E 339 -24.42 -36.58 -32.69
N LYS E 340 -24.06 -37.85 -32.81
CA LYS E 340 -22.76 -38.33 -32.39
C LYS E 340 -21.69 -38.09 -33.46
N SER E 341 -20.44 -38.22 -33.06
CA SER E 341 -19.29 -37.88 -33.87
C SER E 341 -18.06 -38.49 -33.25
N PRO E 342 -16.97 -38.70 -34.02
CA PRO E 342 -15.75 -39.21 -33.39
C PRO E 342 -15.11 -38.14 -32.52
N HIS E 343 -14.54 -38.59 -31.41
CA HIS E 343 -13.83 -37.79 -30.42
C HIS E 343 -14.65 -36.68 -29.81
N GLY E 344 -15.97 -36.70 -29.96
CA GLY E 344 -16.77 -35.61 -29.45
C GLY E 344 -16.61 -34.29 -30.17
N LEU E 345 -16.13 -34.30 -31.41
CA LEU E 345 -15.89 -33.07 -32.13
C LEU E 345 -16.63 -33.09 -33.45
N PRO E 346 -17.13 -31.96 -33.93
CA PRO E 346 -17.79 -31.93 -35.22
C PRO E 346 -16.81 -32.12 -36.35
N LEU E 347 -17.33 -32.58 -37.49
CA LEU E 347 -16.47 -32.97 -38.61
C LEU E 347 -15.89 -31.78 -39.34
N ASP E 348 -16.60 -30.66 -39.41
CA ASP E 348 -16.04 -29.45 -40.01
C ASP E 348 -14.92 -28.84 -39.18
N PHE E 349 -14.84 -29.18 -37.91
CA PHE E 349 -13.71 -28.84 -37.07
C PHE E 349 -12.64 -29.91 -37.05
N LEU E 350 -13.01 -31.16 -37.29
CA LEU E 350 -11.98 -32.17 -37.44
C LEU E 350 -11.25 -32.05 -38.75
N ASP E 351 -11.78 -31.31 -39.72
CA ASP E 351 -10.96 -30.98 -40.89
C ASP E 351 -9.81 -30.07 -40.53
N ARG E 352 -9.98 -29.22 -39.51
CA ARG E 352 -8.90 -28.30 -39.16
C ARG E 352 -7.78 -29.03 -38.44
N VAL E 353 -8.12 -29.90 -37.49
CA VAL E 353 -7.14 -30.45 -36.57
C VAL E 353 -6.32 -31.53 -37.27
N VAL E 354 -5.19 -31.84 -36.66
CA VAL E 354 -4.29 -32.91 -37.06
C VAL E 354 -4.05 -33.80 -35.86
N ILE E 355 -4.28 -35.08 -35.99
CA ILE E 355 -4.48 -35.96 -34.85
C ILE E 355 -3.23 -36.79 -34.60
N ILE E 356 -2.77 -36.81 -33.34
CA ILE E 356 -1.73 -37.71 -32.86
C ILE E 356 -2.36 -38.76 -31.97
N ASN E 357 -2.24 -40.02 -32.35
CA ASN E 357 -2.79 -41.13 -31.57
C ASN E 357 -1.71 -41.76 -30.69
N THR E 358 -2.08 -42.06 -29.44
CA THR E 358 -1.21 -42.75 -28.51
C THR E 358 -1.61 -44.22 -28.42
N HIS E 359 -0.88 -44.97 -27.61
CA HIS E 359 -1.05 -46.41 -27.48
C HIS E 359 -0.97 -46.80 -26.02
N PRO E 360 -1.58 -47.92 -25.64
CA PRO E 360 -1.37 -48.43 -24.27
C PRO E 360 0.05 -48.92 -24.09
N TYR E 361 0.40 -49.16 -22.83
CA TYR E 361 1.79 -49.37 -22.43
C TYR E 361 2.11 -50.85 -22.26
N THR E 362 3.26 -51.25 -22.79
CA THR E 362 3.80 -52.58 -22.57
C THR E 362 4.24 -52.73 -21.12
N PRO E 363 4.27 -53.96 -20.58
CA PRO E 363 4.52 -54.13 -19.13
C PRO E 363 5.90 -53.73 -18.66
N ASP E 364 6.93 -53.84 -19.48
CA ASP E 364 8.24 -53.37 -19.05
C ASP E 364 8.28 -51.84 -18.95
N GLU E 365 7.56 -51.17 -19.85
CA GLU E 365 7.41 -49.73 -19.75
C GLU E 365 6.61 -49.35 -18.52
N LEU E 366 5.61 -50.17 -18.17
CA LEU E 366 4.89 -49.98 -16.92
C LEU E 366 5.81 -50.10 -15.73
N ARG E 367 6.72 -51.09 -15.77
CA ARG E 367 7.65 -51.31 -14.68
C ARG E 367 8.61 -50.13 -14.51
N GLN E 368 9.13 -49.60 -15.61
CA GLN E 368 10.06 -48.50 -15.44
C GLN E 368 9.38 -47.15 -15.20
N ILE E 369 8.12 -46.99 -15.60
CA ILE E 369 7.37 -45.81 -15.17
C ILE E 369 7.09 -45.88 -13.67
N LEU E 370 6.77 -47.06 -13.16
CA LEU E 370 6.64 -47.22 -11.72
C LEU E 370 7.97 -47.03 -11.01
N SER E 371 9.07 -47.37 -11.68
CA SER E 371 10.39 -47.12 -11.12
C SER E 371 10.69 -45.63 -11.02
N ILE E 372 10.33 -44.86 -12.04
CA ILE E 372 10.53 -43.41 -12.00
C ILE E 372 9.64 -42.76 -10.94
N ARG E 373 8.38 -43.19 -10.85
CA ARG E 373 7.49 -42.69 -9.81
C ARG E 373 7.92 -43.12 -8.42
N ALA E 374 8.65 -44.21 -8.30
CA ALA E 374 9.17 -44.58 -7.00
C ALA E 374 10.40 -43.77 -6.64
N GLN E 375 11.27 -43.52 -7.62
CA GLN E 375 12.45 -42.71 -7.34
C GLN E 375 12.11 -41.25 -7.18
N GLU E 376 10.95 -40.82 -7.66
CA GLU E 376 10.57 -39.43 -7.48
C GLU E 376 10.14 -39.13 -6.05
N GLU E 377 9.40 -40.05 -5.45
CA GLU E 377 8.97 -39.89 -4.08
C GLU E 377 9.99 -40.40 -3.08
N GLU E 378 11.08 -40.99 -3.57
CA GLU E 378 12.15 -41.60 -2.76
C GLU E 378 11.61 -42.67 -1.82
N VAL E 379 11.08 -43.73 -2.43
CA VAL E 379 10.57 -44.90 -1.73
C VAL E 379 11.38 -46.11 -2.17
N ASP E 380 11.96 -46.83 -1.22
CA ASP E 380 12.74 -48.01 -1.55
C ASP E 380 11.83 -49.20 -1.82
N LEU E 381 12.16 -49.95 -2.86
CA LEU E 381 11.37 -51.11 -3.27
C LEU E 381 12.26 -52.32 -3.48
N THR E 382 11.81 -53.44 -2.97
CA THR E 382 12.41 -54.70 -3.36
C THR E 382 11.93 -55.07 -4.76
N PRO E 383 12.74 -55.81 -5.53
CA PRO E 383 12.32 -56.18 -6.90
C PRO E 383 11.14 -57.12 -6.95
N ASP E 384 10.91 -57.91 -5.91
CA ASP E 384 9.72 -58.75 -5.85
C ASP E 384 8.46 -57.91 -5.73
N ALA E 385 8.51 -56.88 -4.89
CA ALA E 385 7.39 -55.96 -4.77
C ALA E 385 7.17 -55.18 -6.05
N LEU E 386 8.26 -54.87 -6.76
CA LEU E 386 8.12 -54.19 -8.03
C LEU E 386 7.50 -55.10 -9.09
N ALA E 387 7.82 -56.39 -9.04
CA ALA E 387 7.19 -57.34 -9.96
C ALA E 387 5.71 -57.50 -9.66
N LEU E 388 5.36 -57.57 -8.37
CA LEU E 388 3.95 -57.63 -7.99
C LEU E 388 3.20 -56.37 -8.36
N LEU E 389 3.87 -55.22 -8.27
CA LEU E 389 3.24 -53.96 -8.58
C LEU E 389 3.04 -53.79 -10.07
N THR E 390 3.99 -54.30 -10.87
CA THR E 390 3.79 -54.35 -12.32
C THR E 390 2.66 -55.29 -12.69
N LYS E 391 2.54 -56.41 -11.97
CA LYS E 391 1.43 -57.33 -12.21
C LYS E 391 0.09 -56.71 -11.87
N ILE E 392 0.06 -55.87 -10.83
CA ILE E 392 -1.16 -55.14 -10.51
C ILE E 392 -1.47 -54.09 -11.57
N GLY E 393 -0.45 -53.33 -12.00
CA GLY E 393 -0.65 -52.30 -12.99
C GLY E 393 -1.02 -52.79 -14.36
N GLN E 394 -0.72 -54.06 -14.67
CA GLN E 394 -1.23 -54.68 -15.89
C GLN E 394 -2.74 -54.82 -15.87
N GLU E 395 -3.32 -54.94 -14.69
CA GLU E 395 -4.73 -55.24 -14.57
C GLU E 395 -5.52 -54.07 -14.01
N ALA E 396 -4.86 -53.00 -13.57
CA ALA E 396 -5.59 -51.90 -12.96
C ALA E 396 -5.09 -50.51 -13.37
N GLY E 397 -4.15 -50.39 -14.32
CA GLY E 397 -3.74 -49.09 -14.80
C GLY E 397 -2.62 -48.47 -13.98
N LEU E 398 -2.12 -47.35 -14.50
CA LEU E 398 -0.97 -46.68 -13.89
C LEU E 398 -1.35 -45.93 -12.63
N ARG E 399 -2.53 -45.32 -12.61
CA ARG E 399 -2.92 -44.46 -11.51
C ARG E 399 -3.11 -45.25 -10.23
N TYR E 400 -3.62 -46.47 -10.36
CA TYR E 400 -3.85 -47.29 -9.18
C TYR E 400 -2.52 -47.73 -8.56
N ALA E 401 -1.59 -48.17 -9.39
CA ALA E 401 -0.30 -48.58 -8.86
C ALA E 401 0.51 -47.39 -8.34
N SER E 402 0.42 -46.25 -9.01
CA SER E 402 1.11 -45.06 -8.55
C SER E 402 0.54 -44.51 -7.26
N ASN E 403 -0.71 -44.85 -6.94
CA ASN E 403 -1.17 -44.57 -5.59
C ASN E 403 -0.82 -45.67 -4.60
N LEU E 404 -0.69 -46.91 -5.07
CA LEU E 404 -0.29 -47.98 -4.16
C LEU E 404 1.14 -47.80 -3.69
N ILE E 405 1.98 -47.12 -4.47
CA ILE E 405 3.33 -46.80 -4.03
C ILE E 405 3.30 -45.92 -2.78
N THR E 406 2.56 -44.82 -2.85
CA THR E 406 2.47 -43.87 -1.75
C THR E 406 1.75 -44.49 -0.56
N THR E 407 0.81 -45.39 -0.82
CA THR E 407 0.17 -46.07 0.29
C THR E 407 1.12 -47.08 0.95
N SER E 408 1.90 -47.79 0.14
CA SER E 408 2.74 -48.87 0.66
C SER E 408 3.92 -48.35 1.44
N GLN E 409 4.47 -47.19 1.04
CA GLN E 409 5.49 -46.53 1.84
C GLN E 409 4.98 -46.23 3.24
N LEU E 410 3.75 -45.73 3.33
CA LEU E 410 3.21 -45.36 4.61
C LEU E 410 2.84 -46.59 5.44
N ILE E 411 2.38 -47.66 4.78
CA ILE E 411 2.09 -48.89 5.50
C ILE E 411 3.37 -49.55 6.00
N ALA E 412 4.47 -49.42 5.24
CA ALA E 412 5.76 -49.87 5.75
C ALA E 412 6.23 -48.99 6.89
N ALA E 413 5.87 -47.71 6.87
CA ALA E 413 6.20 -46.83 7.99
C ALA E 413 5.31 -47.05 9.21
N LYS E 414 4.21 -47.78 9.07
CA LYS E 414 3.41 -48.15 10.24
C LYS E 414 4.20 -49.04 11.19
N ARG E 415 4.69 -50.17 10.68
CA ARG E 415 5.34 -51.20 11.48
C ARG E 415 6.84 -51.00 11.59
N ARG E 416 7.33 -49.80 11.28
CA ARG E 416 8.73 -49.40 11.38
C ARG E 416 9.64 -50.28 10.53
N ALA E 417 9.42 -50.22 9.23
CA ALA E 417 10.25 -50.91 8.27
C ALA E 417 11.05 -49.90 7.45
N LYS E 418 11.97 -50.41 6.65
CA LYS E 418 12.80 -49.57 5.79
C LYS E 418 12.36 -49.66 4.33
N GLN E 419 12.33 -50.86 3.77
CA GLN E 419 11.94 -51.08 2.39
C GLN E 419 10.56 -51.69 2.36
N VAL E 420 9.76 -51.29 1.36
CA VAL E 420 8.47 -51.94 1.19
C VAL E 420 8.66 -53.34 0.61
N GLY E 421 7.67 -54.19 0.84
CA GLY E 421 7.77 -55.55 0.38
C GLY E 421 6.46 -56.06 -0.17
N VAL E 422 6.33 -57.38 -0.30
CA VAL E 422 5.09 -57.96 -0.77
C VAL E 422 4.01 -57.87 0.29
N GLU E 423 4.39 -57.93 1.55
CA GLU E 423 3.47 -57.87 2.69
C GLU E 423 2.88 -56.50 2.93
N ASP E 424 3.24 -55.50 2.15
CA ASP E 424 2.61 -54.19 2.23
C ASP E 424 1.87 -53.81 0.96
N VAL E 425 2.38 -54.21 -0.20
CA VAL E 425 1.62 -54.06 -1.44
C VAL E 425 0.37 -54.93 -1.39
N GLN E 426 0.46 -56.10 -0.77
CA GLN E 426 -0.72 -56.93 -0.61
C GLN E 426 -1.68 -56.41 0.46
N ARG E 427 -1.27 -55.46 1.29
CA ARG E 427 -2.22 -54.78 2.15
C ARG E 427 -2.87 -53.59 1.48
N SER E 428 -2.08 -52.85 0.71
CA SER E 428 -2.62 -51.72 -0.04
C SER E 428 -3.58 -52.19 -1.12
N PHE E 429 -3.32 -53.35 -1.70
CA PHE E 429 -4.25 -53.95 -2.65
C PHE E 429 -5.46 -54.52 -1.93
N LYS E 430 -5.35 -54.77 -0.64
CA LYS E 430 -6.46 -55.32 0.13
C LYS E 430 -7.42 -54.25 0.61
N LEU E 431 -6.90 -53.09 1.04
CA LEU E 431 -7.78 -52.07 1.59
C LEU E 431 -8.40 -51.22 0.49
N PHE E 432 -7.60 -50.72 -0.43
CA PHE E 432 -8.05 -49.77 -1.44
C PHE E 432 -8.34 -50.51 -2.73
N TYR E 433 -9.61 -50.56 -3.10
CA TYR E 433 -10.02 -51.30 -4.28
C TYR E 433 -9.66 -50.57 -5.55
N ASP E 434 -9.14 -51.31 -6.52
CA ASP E 434 -9.06 -50.80 -7.87
C ASP E 434 -10.47 -50.68 -8.45
N PRO E 435 -10.67 -49.79 -9.42
CA PRO E 435 -12.03 -49.53 -9.91
C PRO E 435 -12.73 -50.69 -10.59
N ALA E 436 -12.00 -51.71 -11.06
CA ALA E 436 -12.66 -52.88 -11.62
C ALA E 436 -13.40 -53.67 -10.55
N ARG E 437 -12.74 -53.90 -9.42
CA ARG E 437 -13.40 -54.55 -8.30
C ARG E 437 -14.47 -53.65 -7.68
N SER E 438 -14.36 -52.34 -7.84
CA SER E 438 -15.42 -51.45 -7.38
C SER E 438 -16.66 -51.59 -8.26
N VAL E 439 -16.47 -51.71 -9.58
CA VAL E 439 -17.59 -51.96 -10.47
C VAL E 439 -18.23 -53.31 -10.18
N ARG E 440 -17.40 -54.30 -9.85
CA ARG E 440 -17.94 -55.60 -9.43
C ARG E 440 -18.69 -55.50 -8.11
N PHE E 441 -18.22 -54.63 -7.21
CA PHE E 441 -18.90 -54.40 -5.94
C PHE E 441 -20.26 -53.74 -6.13
N VAL E 442 -20.34 -52.79 -7.06
CA VAL E 442 -21.62 -52.16 -7.38
C VAL E 442 -22.57 -53.15 -8.02
N GLN E 443 -22.06 -54.00 -8.90
CA GLN E 443 -22.90 -54.97 -9.58
C GLN E 443 -23.36 -56.08 -8.65
N GLU E 444 -22.62 -56.34 -7.57
CA GLU E 444 -23.01 -57.39 -6.64
C GLU E 444 -23.62 -56.83 -5.36
N SER E 445 -23.85 -55.53 -5.30
CA SER E 445 -24.55 -54.92 -4.17
C SER E 445 -25.61 -53.96 -4.70
N GLU E 446 -26.45 -54.46 -5.60
CA GLU E 446 -27.39 -53.62 -6.33
C GLU E 446 -28.49 -53.08 -5.42
N LYS E 447 -29.07 -53.95 -4.60
CA LYS E 447 -30.34 -53.62 -3.95
C LYS E 447 -30.19 -52.61 -2.83
N ARG E 448 -28.98 -52.33 -2.35
CA ARG E 448 -28.84 -51.32 -1.34
C ARG E 448 -28.29 -50.01 -1.89
N LEU E 449 -27.36 -50.08 -2.84
CA LEU E 449 -26.92 -48.89 -3.54
C LEU E 449 -28.05 -48.32 -4.40
N ILE E 450 -28.20 -47.00 -4.37
CA ILE E 450 -29.30 -46.33 -5.05
C ILE E 450 -28.98 -46.34 -6.54
N GLY E 451 -29.60 -47.23 -7.30
CA GLY E 451 -29.43 -47.20 -8.73
C GLY E 451 -30.18 -46.03 -9.34
N ASN E 452 -31.49 -46.13 -9.36
CA ASN E 452 -32.33 -44.98 -9.67
C ASN E 452 -33.53 -44.82 -8.75
N ASP E 453 -34.05 -45.88 -8.17
CA ASP E 453 -35.35 -45.82 -7.50
C ASP E 453 -35.38 -46.41 -6.10
N GLY E 454 -34.70 -47.52 -5.86
CA GLY E 454 -34.98 -48.37 -4.70
C GLY E 454 -33.90 -48.28 -3.64
N VAL E 455 -34.34 -48.31 -2.39
CA VAL E 455 -33.47 -48.44 -1.22
C VAL E 455 -34.01 -49.58 -0.37
N VAL E 456 -33.21 -50.61 -0.19
CA VAL E 456 -33.56 -51.75 0.63
C VAL E 456 -32.64 -51.77 1.84
N ASP E 457 -33.22 -51.89 3.02
CA ASP E 457 -32.44 -51.84 4.25
C ASP E 457 -32.50 -53.22 4.91
N PHE E 458 -31.57 -54.07 4.50
CA PHE E 458 -31.32 -55.42 5.03
C PHE E 458 -32.52 -56.35 4.97
N GLY F 17 -25.34 11.15 -47.59
CA GLY F 17 -25.54 11.93 -46.38
C GLY F 17 -26.42 11.24 -45.36
N LEU F 18 -26.00 10.01 -45.00
CA LEU F 18 -26.74 9.11 -44.12
C LEU F 18 -28.16 8.88 -44.60
N ASN F 19 -28.35 8.78 -45.91
CA ASN F 19 -29.66 8.47 -46.45
C ASN F 19 -29.41 7.82 -47.81
N LEU F 20 -29.43 6.50 -47.83
CA LEU F 20 -29.18 5.74 -49.04
C LEU F 20 -30.42 4.96 -49.45
N ILE F 21 -30.45 4.55 -50.72
CA ILE F 21 -31.67 3.98 -51.30
C ILE F 21 -31.90 2.57 -50.78
N ALA F 22 -32.81 2.43 -49.82
CA ALA F 22 -33.17 1.14 -49.26
C ALA F 22 -34.28 0.49 -50.09
N ALA F 23 -34.88 -0.56 -49.55
CA ALA F 23 -36.02 -1.17 -50.23
C ALA F 23 -37.26 -0.31 -50.09
N HIS F 24 -37.46 0.31 -48.93
CA HIS F 24 -38.64 1.14 -48.69
C HIS F 24 -38.27 2.61 -48.84
N SER F 25 -38.09 3.03 -50.09
CA SER F 25 -37.73 4.41 -50.35
C SER F 25 -38.63 5.10 -51.35
N HIS F 26 -39.34 4.36 -52.18
CA HIS F 26 -40.24 4.95 -53.15
C HIS F 26 -41.65 5.14 -52.60
N ILE F 27 -41.89 4.73 -51.37
CA ILE F 27 -43.25 4.73 -50.83
C ILE F 27 -43.41 6.03 -50.04
N ARG F 28 -43.91 7.05 -50.73
CA ARG F 28 -44.14 8.36 -50.11
C ARG F 28 -45.62 8.51 -49.74
N GLY F 29 -46.00 7.81 -48.69
CA GLY F 29 -47.38 7.83 -48.23
C GLY F 29 -48.19 6.67 -48.77
N LEU F 30 -49.45 6.61 -48.33
CA LEU F 30 -50.29 5.47 -48.67
C LEU F 30 -50.83 5.56 -50.09
N GLY F 31 -51.16 6.75 -50.55
CA GLY F 31 -51.55 6.93 -51.94
C GLY F 31 -52.98 6.54 -52.26
N VAL F 32 -53.93 7.01 -51.47
CA VAL F 32 -55.34 6.82 -51.74
C VAL F 32 -56.00 8.17 -51.79
N ASP F 33 -57.22 8.20 -52.35
CA ASP F 33 -57.99 9.44 -52.36
C ASP F 33 -58.48 9.73 -50.94
N ALA F 34 -58.34 10.97 -50.51
CA ALA F 34 -58.71 11.36 -49.16
C ALA F 34 -60.19 11.68 -49.00
N ASP F 35 -60.93 11.75 -50.10
CA ASP F 35 -62.33 12.14 -50.04
C ASP F 35 -63.26 10.93 -49.92
N THR F 36 -63.20 10.04 -50.90
CA THR F 36 -64.09 8.90 -50.96
C THR F 36 -63.42 7.57 -50.72
N LEU F 37 -62.12 7.58 -50.39
CA LEU F 37 -61.30 6.40 -50.11
C LEU F 37 -61.31 5.42 -51.29
N GLU F 38 -60.79 5.90 -52.42
CA GLU F 38 -60.67 5.08 -53.61
C GLU F 38 -59.20 4.85 -53.92
N PRO F 39 -58.71 3.64 -53.77
CA PRO F 39 -57.29 3.39 -54.03
C PRO F 39 -56.96 3.35 -55.51
N ARG F 40 -56.67 4.52 -56.09
CA ARG F 40 -56.18 4.55 -57.46
C ARG F 40 -54.83 3.81 -57.53
N PRO F 41 -54.57 3.09 -58.62
CA PRO F 41 -53.49 2.07 -58.60
C PRO F 41 -52.07 2.58 -58.47
N SER F 42 -51.66 3.52 -59.30
CA SER F 42 -50.28 4.00 -59.33
C SER F 42 -50.26 5.40 -58.73
N SER F 43 -50.13 5.46 -57.41
CA SER F 43 -50.08 6.75 -56.74
C SER F 43 -49.19 6.63 -55.52
N GLN F 44 -48.23 7.56 -55.42
CA GLN F 44 -47.31 7.68 -54.29
C GLN F 44 -46.49 6.40 -54.09
N GLY F 45 -46.12 5.77 -55.19
CA GLY F 45 -45.23 4.63 -55.10
C GLY F 45 -45.91 3.28 -55.07
N LEU F 46 -46.95 3.12 -54.25
CA LEU F 46 -47.60 1.82 -54.15
C LEU F 46 -48.38 1.49 -55.40
N VAL F 47 -48.44 0.21 -55.72
CA VAL F 47 -49.03 -0.27 -56.96
C VAL F 47 -49.98 -1.42 -56.64
N GLY F 48 -51.25 -1.26 -57.01
CA GLY F 48 -52.20 -2.34 -57.22
C GLY F 48 -52.46 -3.34 -56.12
N GLN F 49 -52.86 -2.89 -54.94
CA GLN F 49 -53.20 -3.77 -53.85
C GLN F 49 -54.47 -3.24 -53.19
N GLU F 50 -55.49 -3.06 -54.03
CA GLU F 50 -56.57 -2.11 -53.78
C GLU F 50 -57.38 -2.38 -52.52
N LYS F 51 -57.68 -3.64 -52.22
CA LYS F 51 -58.54 -3.90 -51.07
C LYS F 51 -57.81 -3.72 -49.76
N ALA F 52 -56.58 -4.18 -49.67
CA ALA F 52 -55.79 -4.00 -48.46
C ALA F 52 -55.45 -2.54 -48.22
N ARG F 53 -55.21 -1.79 -49.29
CA ARG F 53 -54.91 -0.37 -49.15
C ARG F 53 -56.17 0.41 -48.77
N LYS F 54 -57.32 -0.02 -49.26
CA LYS F 54 -58.57 0.58 -48.82
C LYS F 54 -58.82 0.32 -47.35
N ALA F 55 -58.53 -0.90 -46.90
CA ALA F 55 -58.72 -1.22 -45.49
C ALA F 55 -57.73 -0.47 -44.60
N ALA F 56 -56.50 -0.31 -45.07
CA ALA F 56 -55.53 0.50 -44.34
C ALA F 56 -55.92 1.96 -44.33
N ALA F 57 -56.61 2.43 -45.36
CA ALA F 57 -57.08 3.80 -45.36
C ALA F 57 -58.19 3.99 -44.35
N VAL F 58 -59.06 2.99 -44.21
CA VAL F 58 -60.11 3.06 -43.18
C VAL F 58 -59.48 3.05 -41.79
N VAL F 59 -58.45 2.22 -41.60
CA VAL F 59 -57.73 2.18 -40.33
C VAL F 59 -57.07 3.53 -40.05
N LEU F 60 -56.43 4.12 -41.06
CA LEU F 60 -55.77 5.41 -40.88
C LEU F 60 -56.78 6.52 -40.58
N GLU F 61 -57.95 6.44 -41.18
CA GLU F 61 -58.95 7.46 -40.89
C GLU F 61 -59.60 7.26 -39.54
N MET F 62 -59.53 6.06 -38.96
CA MET F 62 -59.93 5.98 -37.56
C MET F 62 -58.75 6.12 -36.61
N ILE F 63 -57.55 6.30 -37.13
CA ILE F 63 -56.42 6.66 -36.28
C ILE F 63 -56.38 8.15 -36.07
N LYS F 64 -56.52 8.91 -37.15
CA LYS F 64 -56.42 10.36 -37.05
C LYS F 64 -57.60 10.94 -36.30
N GLN F 65 -58.73 10.25 -36.27
CA GLN F 65 -59.84 10.69 -35.45
C GLN F 65 -59.51 10.52 -33.98
N GLY F 66 -58.87 9.41 -33.63
CA GLY F 66 -58.30 9.26 -32.31
C GLY F 66 -59.28 9.01 -31.19
N LYS F 67 -60.53 8.69 -31.51
CA LYS F 67 -61.48 8.45 -30.43
C LYS F 67 -61.49 7.00 -29.99
N ILE F 68 -61.43 6.07 -30.93
CA ILE F 68 -61.64 4.66 -30.65
C ILE F 68 -60.31 4.02 -30.28
N ALA F 69 -60.23 3.55 -29.04
CA ALA F 69 -58.97 3.22 -28.40
C ALA F 69 -58.75 1.72 -28.38
N GLY F 70 -57.57 1.30 -28.79
CA GLY F 70 -57.15 -0.06 -28.58
C GLY F 70 -57.81 -1.10 -29.43
N ARG F 71 -57.68 -0.97 -30.75
CA ARG F 71 -58.08 -2.04 -31.64
C ARG F 71 -56.85 -2.91 -31.88
N ALA F 72 -56.94 -3.83 -32.83
CA ALA F 72 -55.78 -4.59 -33.23
C ALA F 72 -56.00 -5.07 -34.63
N VAL F 73 -55.05 -4.79 -35.51
CA VAL F 73 -55.21 -5.03 -36.93
C VAL F 73 -54.04 -5.87 -37.41
N LEU F 74 -54.31 -7.13 -37.73
CA LEU F 74 -53.30 -8.05 -38.25
C LEU F 74 -53.27 -8.01 -39.78
N ILE F 75 -52.07 -8.05 -40.35
CA ILE F 75 -51.90 -8.02 -41.79
C ILE F 75 -51.27 -9.35 -42.20
N ALA F 76 -52.08 -10.29 -42.63
CA ALA F 76 -51.58 -11.59 -43.01
C ALA F 76 -51.20 -11.61 -44.49
N GLY F 77 -50.78 -12.77 -44.97
CA GLY F 77 -50.46 -12.94 -46.38
C GLY F 77 -49.12 -13.60 -46.61
N PRO F 78 -48.86 -13.99 -47.86
CA PRO F 78 -47.58 -14.62 -48.21
C PRO F 78 -46.44 -13.63 -48.10
N PRO F 79 -45.21 -14.13 -48.03
CA PRO F 79 -44.05 -13.24 -48.12
C PRO F 79 -43.90 -12.65 -49.52
N SER F 80 -43.18 -11.52 -49.54
CA SER F 80 -42.92 -10.72 -50.74
C SER F 80 -44.22 -10.26 -51.39
N THR F 81 -45.16 -9.81 -50.56
CA THR F 81 -46.41 -9.28 -51.06
C THR F 81 -46.69 -7.84 -50.65
N GLY F 82 -46.00 -7.32 -49.63
CA GLY F 82 -46.19 -5.92 -49.33
C GLY F 82 -46.78 -5.59 -47.99
N LYS F 83 -46.48 -6.40 -46.98
CA LYS F 83 -47.04 -6.16 -45.66
C LYS F 83 -46.31 -5.08 -44.90
N THR F 84 -45.02 -4.93 -45.09
CA THR F 84 -44.30 -3.82 -44.47
C THR F 84 -44.36 -2.58 -45.35
N ALA F 85 -44.64 -2.76 -46.63
CA ALA F 85 -44.82 -1.62 -47.52
C ALA F 85 -46.04 -0.81 -47.14
N ILE F 86 -47.15 -1.47 -46.85
CA ILE F 86 -48.35 -0.77 -46.43
C ILE F 86 -48.16 -0.14 -45.06
N ALA F 87 -47.35 -0.76 -44.21
CA ALA F 87 -47.05 -0.17 -42.91
C ALA F 87 -46.23 1.09 -43.05
N MET F 88 -45.23 1.08 -43.92
CA MET F 88 -44.46 2.30 -44.14
C MET F 88 -45.27 3.35 -44.88
N GLY F 89 -46.24 2.94 -45.69
CA GLY F 89 -47.14 3.92 -46.28
C GLY F 89 -48.04 4.59 -45.24
N MET F 90 -48.49 3.82 -44.26
CA MET F 90 -49.24 4.42 -43.17
C MET F 90 -48.37 5.26 -42.27
N ALA F 91 -47.08 4.93 -42.19
CA ALA F 91 -46.19 5.74 -41.38
C ALA F 91 -45.90 7.06 -42.06
N GLN F 92 -45.71 7.04 -43.38
CA GLN F 92 -45.44 8.29 -44.09
C GLN F 92 -46.68 9.15 -44.19
N SER F 93 -47.85 8.57 -44.33
CA SER F 93 -49.05 9.38 -44.48
C SER F 93 -49.73 9.62 -43.13
N LEU F 94 -48.95 10.05 -42.14
CA LEU F 94 -49.49 10.64 -40.93
C LEU F 94 -48.81 11.95 -40.60
N GLY F 95 -47.55 12.09 -40.99
CA GLY F 95 -46.80 13.26 -40.61
C GLY F 95 -46.06 13.06 -39.31
N GLN F 96 -45.45 14.15 -38.85
CA GLN F 96 -44.75 14.12 -37.58
C GLN F 96 -45.68 14.32 -36.40
N ASP F 97 -46.96 14.55 -36.62
CA ASP F 97 -47.87 14.82 -35.51
C ASP F 97 -48.18 13.54 -34.75
N VAL F 98 -48.80 12.58 -35.40
CA VAL F 98 -49.18 11.34 -34.72
C VAL F 98 -47.98 10.42 -34.67
N PRO F 99 -47.65 9.83 -33.52
CA PRO F 99 -46.46 8.98 -33.42
C PRO F 99 -46.60 7.68 -34.17
N PHE F 100 -45.48 6.97 -34.27
CA PHE F 100 -45.42 5.67 -34.90
C PHE F 100 -44.20 4.96 -34.35
N THR F 101 -44.27 3.64 -34.24
CA THR F 101 -43.22 2.89 -33.54
C THR F 101 -42.93 1.58 -34.25
N THR F 102 -41.76 1.49 -34.89
CA THR F 102 -41.34 0.29 -35.61
C THR F 102 -40.61 -0.65 -34.68
N LEU F 103 -41.31 -1.66 -34.17
CA LEU F 103 -40.72 -2.59 -33.23
C LEU F 103 -40.88 -3.99 -33.78
N ALA F 104 -39.78 -4.60 -34.21
CA ALA F 104 -39.79 -6.02 -34.52
C ALA F 104 -39.82 -6.81 -33.22
N ALA F 105 -40.38 -8.03 -33.28
CA ALA F 105 -40.70 -8.75 -32.06
C ALA F 105 -39.50 -9.29 -31.32
N SER F 106 -38.38 -9.45 -31.98
CA SER F 106 -37.22 -9.97 -31.28
C SER F 106 -36.54 -8.93 -30.40
N GLU F 107 -36.96 -7.68 -30.48
CA GLU F 107 -36.44 -6.65 -29.60
C GLU F 107 -36.89 -6.84 -28.17
N ILE F 108 -37.99 -7.57 -27.94
CA ILE F 108 -38.57 -7.65 -26.61
C ILE F 108 -37.77 -8.57 -25.70
N PHE F 109 -37.19 -9.64 -26.24
CA PHE F 109 -36.50 -10.62 -25.42
C PHE F 109 -35.17 -10.07 -24.96
N SER F 110 -35.19 -9.34 -23.86
CA SER F 110 -34.03 -8.68 -23.30
C SER F 110 -33.48 -9.43 -22.09
N LEU F 111 -32.34 -8.96 -21.61
CA LEU F 111 -31.69 -9.53 -20.43
C LEU F 111 -31.56 -8.54 -19.30
N GLU F 112 -32.16 -7.37 -19.42
CA GLU F 112 -32.15 -6.42 -18.34
C GLU F 112 -33.53 -6.11 -17.86
N MET F 113 -34.52 -6.20 -18.73
CA MET F 113 -35.90 -6.05 -18.34
C MET F 113 -36.72 -7.20 -18.90
N SER F 114 -37.79 -7.53 -18.22
CA SER F 114 -38.58 -8.70 -18.56
C SER F 114 -39.42 -8.44 -19.80
N LYS F 115 -40.15 -9.47 -20.23
CA LYS F 115 -40.92 -9.35 -21.46
C LYS F 115 -42.14 -8.47 -21.26
N THR F 116 -42.74 -8.52 -20.09
CA THR F 116 -43.93 -7.73 -19.81
C THR F 116 -43.62 -6.24 -19.80
N GLU F 117 -42.55 -5.86 -19.17
CA GLU F 117 -42.24 -4.44 -19.08
C GLU F 117 -41.68 -3.91 -20.39
N ALA F 118 -40.87 -4.71 -21.08
CA ALA F 118 -40.38 -4.25 -22.37
C ALA F 118 -41.45 -4.27 -23.44
N LEU F 119 -42.58 -4.90 -23.21
CA LEU F 119 -43.71 -4.71 -24.10
C LEU F 119 -44.68 -3.66 -23.61
N THR F 120 -44.70 -3.35 -22.31
CA THR F 120 -45.46 -2.20 -21.85
C THR F 120 -44.86 -0.91 -22.37
N GLN F 121 -43.54 -0.80 -22.38
CA GLN F 121 -42.90 0.40 -22.93
C GLN F 121 -43.16 0.58 -24.42
N ALA F 122 -43.48 -0.50 -25.14
CA ALA F 122 -43.92 -0.31 -26.52
C ALA F 122 -45.29 0.36 -26.58
N PHE F 123 -46.14 0.15 -25.60
CA PHE F 123 -47.40 0.88 -25.61
C PHE F 123 -47.22 2.27 -25.07
N ARG F 124 -46.30 2.47 -24.16
CA ARG F 124 -46.13 3.79 -23.58
C ARG F 124 -45.42 4.73 -24.51
N LYS F 125 -44.80 4.24 -25.56
CA LYS F 125 -44.15 5.15 -26.49
C LYS F 125 -45.14 5.74 -27.48
N SER F 126 -46.20 5.02 -27.80
CA SER F 126 -47.07 5.43 -28.90
C SER F 126 -48.25 6.29 -28.46
N ILE F 127 -48.14 7.04 -27.38
CA ILE F 127 -49.17 8.01 -27.02
C ILE F 127 -48.51 9.32 -26.67
N GLY F 128 -48.78 10.36 -27.46
CA GLY F 128 -48.14 11.63 -27.23
C GLY F 128 -48.96 12.58 -26.38
N VAL F 129 -48.24 13.43 -25.65
CA VAL F 129 -48.79 14.57 -24.94
C VAL F 129 -48.30 15.84 -25.61
N ARG F 130 -49.22 16.69 -26.03
CA ARG F 130 -48.92 17.88 -26.82
C ARG F 130 -49.26 19.13 -26.03
N ILE F 131 -48.29 20.03 -25.89
CA ILE F 131 -48.42 21.21 -25.04
C ILE F 131 -47.72 22.38 -25.70
N LYS F 132 -48.41 23.52 -25.77
CA LYS F 132 -47.92 24.70 -26.46
C LYS F 132 -47.61 25.80 -25.45
N GLU F 133 -46.47 26.47 -25.61
CA GLU F 133 -46.01 27.42 -24.61
C GLU F 133 -45.18 28.53 -25.26
N GLU F 134 -44.69 29.44 -24.42
CA GLU F 134 -43.92 30.61 -24.84
C GLU F 134 -42.56 30.60 -24.16
N SER F 135 -41.51 30.56 -24.96
CA SER F 135 -40.14 30.47 -24.46
C SER F 135 -39.49 31.84 -24.39
N GLU F 136 -39.22 32.32 -23.18
CA GLU F 136 -38.67 33.66 -22.97
C GLU F 136 -37.15 33.58 -22.80
N ILE F 137 -36.44 33.40 -23.91
CA ILE F 137 -35.00 33.16 -23.83
C ILE F 137 -34.27 34.42 -24.27
N MET F 138 -32.99 34.48 -23.92
CA MET F 138 -32.15 35.62 -24.28
C MET F 138 -30.80 35.11 -24.76
N GLU F 139 -30.56 35.20 -26.05
CA GLU F 139 -29.22 34.99 -26.59
C GLU F 139 -28.39 36.23 -26.38
N GLY F 140 -27.07 36.06 -26.42
CA GLY F 140 -26.22 37.24 -26.50
C GLY F 140 -24.75 37.02 -26.28
N GLU F 141 -23.93 37.84 -26.92
CA GLU F 141 -22.49 37.79 -26.75
C GLU F 141 -22.05 38.77 -25.68
N VAL F 142 -21.25 38.28 -24.72
CA VAL F 142 -20.77 39.13 -23.65
C VAL F 142 -19.70 40.09 -24.16
N VAL F 143 -19.84 41.36 -23.80
CA VAL F 143 -18.84 42.36 -24.15
C VAL F 143 -17.96 42.69 -22.95
N GLU F 144 -18.56 43.19 -21.87
CA GLU F 144 -17.79 43.60 -20.68
C GLU F 144 -18.54 43.23 -19.41
N ILE F 145 -17.90 42.44 -18.56
CA ILE F 145 -18.38 42.18 -17.21
C ILE F 145 -17.96 43.32 -16.30
N GLN F 146 -18.94 43.99 -15.70
CA GLN F 146 -18.69 45.13 -14.81
C GLN F 146 -19.27 44.81 -13.45
N ILE F 147 -18.39 44.45 -12.51
CA ILE F 147 -18.78 44.09 -11.15
C ILE F 147 -18.37 45.23 -10.23
N ASP F 148 -19.33 45.75 -9.47
CA ASP F 148 -19.08 46.86 -8.57
C ASP F 148 -18.77 46.29 -7.19
N ARG F 149 -17.48 46.22 -6.87
CA ARG F 149 -17.06 45.76 -5.55
C ARG F 149 -17.30 46.89 -4.56
N SER F 150 -18.50 46.92 -4.01
CA SER F 150 -18.90 47.98 -3.07
C SER F 150 -18.39 47.67 -1.67
N LYS F 156 -24.69 44.55 -3.12
CA LYS F 156 -23.97 43.97 -4.25
C LYS F 156 -24.74 44.23 -5.54
N GLN F 157 -24.02 44.58 -6.60
CA GLN F 157 -24.65 44.95 -7.86
C GLN F 157 -23.66 44.69 -9.00
N GLY F 158 -24.16 44.80 -10.22
CA GLY F 158 -23.30 44.66 -11.38
C GLY F 158 -24.04 45.02 -12.65
N LYS F 159 -23.30 45.10 -13.75
CA LYS F 159 -23.87 45.41 -15.05
C LYS F 159 -23.31 44.47 -16.11
N LEU F 160 -24.18 43.94 -16.95
CA LEU F 160 -23.79 43.06 -18.04
C LEU F 160 -24.08 43.72 -19.38
N THR F 161 -23.07 43.79 -20.23
CA THR F 161 -23.20 44.34 -21.57
C THR F 161 -23.21 43.20 -22.57
N ILE F 162 -24.31 43.05 -23.29
CA ILE F 162 -24.43 42.01 -24.30
C ILE F 162 -24.80 42.63 -25.63
N LYS F 163 -24.32 42.02 -26.70
CA LYS F 163 -24.58 42.52 -28.03
C LYS F 163 -25.02 41.38 -28.93
N THR F 164 -25.64 41.75 -30.04
CA THR F 164 -25.91 40.86 -31.15
C THR F 164 -25.38 41.50 -32.41
N THR F 165 -25.76 40.95 -33.55
CA THR F 165 -25.39 41.57 -34.82
C THR F 165 -26.14 42.86 -35.07
N ASP F 166 -27.20 43.15 -34.32
CA ASP F 166 -27.98 44.35 -34.53
C ASP F 166 -28.00 45.27 -33.33
N MET F 167 -28.23 44.73 -32.14
CA MET F 167 -28.45 45.53 -30.94
C MET F 167 -27.29 45.39 -29.97
N GLU F 168 -27.38 46.18 -28.90
CA GLU F 168 -26.44 46.12 -27.79
C GLU F 168 -27.13 46.76 -26.58
N ALA F 169 -27.07 46.10 -25.43
CA ALA F 169 -27.79 46.60 -24.27
C ALA F 169 -27.00 46.36 -22.99
N ILE F 170 -27.40 47.08 -21.95
CA ILE F 170 -26.78 47.01 -20.63
C ILE F 170 -27.88 46.68 -19.64
N TYR F 171 -27.79 45.52 -19.02
CA TYR F 171 -28.78 45.08 -18.06
C TYR F 171 -28.19 45.02 -16.67
N ASP F 172 -29.00 45.38 -15.68
CA ASP F 172 -28.54 45.37 -14.30
C ASP F 172 -28.53 43.95 -13.77
N MET F 173 -27.72 43.75 -12.73
CA MET F 173 -27.69 42.50 -11.98
C MET F 173 -27.57 42.83 -10.51
N GLY F 174 -28.23 42.05 -9.67
CA GLY F 174 -28.19 42.27 -8.25
C GLY F 174 -27.14 41.46 -7.50
N SER F 175 -27.55 40.40 -6.81
CA SER F 175 -26.66 39.66 -5.93
C SER F 175 -26.11 38.37 -6.54
N LYS F 176 -26.97 37.44 -6.95
CA LYS F 176 -26.57 36.05 -7.02
C LYS F 176 -26.21 35.55 -8.41
N MET F 177 -26.67 36.16 -9.48
CA MET F 177 -26.23 35.66 -10.77
C MET F 177 -24.83 36.15 -11.10
N ILE F 178 -24.31 37.13 -10.34
CA ILE F 178 -22.87 37.38 -10.34
C ILE F 178 -22.13 36.14 -9.86
N ASP F 179 -22.67 35.49 -8.83
CA ASP F 179 -22.09 34.23 -8.39
C ASP F 179 -22.32 33.12 -9.40
N ALA F 180 -23.40 33.18 -10.17
CA ALA F 180 -23.59 32.20 -11.23
C ALA F 180 -22.60 32.40 -12.36
N MET F 181 -22.29 33.66 -12.67
CA MET F 181 -21.22 33.97 -13.61
C MET F 181 -19.88 33.49 -13.09
N THR F 182 -19.66 33.61 -11.79
CA THR F 182 -18.42 33.15 -11.18
C THR F 182 -18.30 31.63 -11.26
N LYS F 183 -19.39 30.91 -10.98
CA LYS F 183 -19.35 29.47 -11.10
C LYS F 183 -19.28 29.01 -12.55
N GLU F 184 -19.73 29.82 -13.49
CA GLU F 184 -19.63 29.43 -14.89
C GLU F 184 -18.36 29.90 -15.56
N ARG F 185 -17.66 30.86 -14.97
CA ARG F 185 -16.42 31.43 -15.49
C ARG F 185 -16.61 32.02 -16.89
N VAL F 186 -17.46 33.04 -16.97
CA VAL F 186 -17.79 33.66 -18.23
C VAL F 186 -16.78 34.77 -18.49
N MET F 187 -16.06 34.65 -19.59
CA MET F 187 -15.11 35.66 -20.01
C MET F 187 -15.74 36.55 -21.07
N ALA F 188 -15.04 37.62 -21.40
CA ALA F 188 -15.51 38.53 -22.44
C ALA F 188 -15.33 37.91 -23.81
N GLY F 189 -16.43 37.63 -24.50
CA GLY F 189 -16.41 36.98 -25.80
C GLY F 189 -17.24 35.72 -25.88
N ASP F 190 -17.83 35.27 -24.79
CA ASP F 190 -18.66 34.08 -24.79
C ASP F 190 -20.02 34.34 -25.43
N ILE F 191 -20.77 33.28 -25.63
CA ILE F 191 -22.14 33.36 -26.13
C ILE F 191 -23.03 32.76 -25.05
N ILE F 192 -23.61 33.58 -24.20
CA ILE F 192 -24.41 33.08 -23.10
C ILE F 192 -25.88 33.06 -23.51
N SER F 193 -26.64 32.21 -22.85
CA SER F 193 -28.08 32.15 -23.04
C SER F 193 -28.75 32.01 -21.70
N ILE F 194 -29.73 32.86 -21.44
CA ILE F 194 -30.46 32.86 -20.19
C ILE F 194 -31.93 32.58 -20.46
N ASP F 195 -32.44 31.53 -19.81
CA ASP F 195 -33.85 31.24 -19.79
C ASP F 195 -34.42 32.02 -18.62
N LYS F 196 -35.07 33.15 -18.90
CA LYS F 196 -35.52 34.04 -17.85
C LYS F 196 -36.69 33.48 -17.05
N SER F 197 -37.35 32.44 -17.54
CA SER F 197 -38.38 31.82 -16.73
C SER F 197 -37.80 30.86 -15.68
N SER F 198 -36.54 30.55 -15.78
CA SER F 198 -35.86 29.72 -14.79
C SER F 198 -34.60 30.37 -14.24
N GLY F 199 -33.87 31.11 -15.06
CA GLY F 199 -32.72 31.86 -14.59
C GLY F 199 -31.48 31.04 -14.38
N LYS F 200 -30.91 30.49 -15.44
CA LYS F 200 -29.68 29.75 -15.30
C LYS F 200 -28.85 29.95 -16.56
N ILE F 201 -27.59 30.30 -16.37
CA ILE F 201 -26.70 30.64 -17.48
C ILE F 201 -26.22 29.37 -18.17
N THR F 202 -26.38 29.32 -19.48
CA THR F 202 -25.97 28.21 -20.32
C THR F 202 -24.96 28.71 -21.35
N LYS F 203 -23.68 28.57 -21.05
CA LYS F 203 -22.64 29.06 -21.94
C LYS F 203 -22.55 28.22 -23.20
N LEU F 204 -22.81 28.84 -24.35
CA LEU F 204 -22.85 28.10 -25.61
C LEU F 204 -21.51 28.00 -26.30
N GLY F 205 -20.49 28.70 -25.81
CA GLY F 205 -19.21 28.68 -26.48
C GLY F 205 -18.63 30.05 -26.71
N ARG F 206 -17.79 30.21 -27.72
CA ARG F 206 -17.18 31.50 -28.01
C ARG F 206 -17.47 31.88 -29.45
N SER F 207 -17.10 33.09 -29.81
CA SER F 207 -17.43 33.63 -31.12
C SER F 207 -16.22 33.54 -32.05
N TYR F 208 -16.50 33.62 -33.34
CA TYR F 208 -15.43 33.63 -34.34
C TYR F 208 -14.65 34.93 -34.34
N ALA F 209 -15.20 36.00 -33.75
CA ALA F 209 -14.48 37.25 -33.64
C ALA F 209 -13.36 37.22 -32.62
N ARG F 210 -13.26 36.17 -31.82
CA ARG F 210 -12.17 36.01 -30.86
C ARG F 210 -11.36 34.75 -31.11
N SER F 211 -11.49 34.16 -32.29
CA SER F 211 -10.57 33.09 -32.67
C SER F 211 -9.21 33.63 -33.06
N ARG F 212 -9.13 34.89 -33.45
CA ARG F 212 -7.86 35.52 -33.73
C ARG F 212 -7.09 35.85 -32.46
N ASP F 213 -7.78 35.87 -31.31
CA ASP F 213 -7.16 36.30 -30.06
C ASP F 213 -6.20 35.26 -29.53
N TYR F 214 -6.70 34.09 -29.17
CA TYR F 214 -5.83 33.08 -28.63
C TYR F 214 -5.18 32.30 -29.75
N ASP F 215 -4.20 31.50 -29.38
CA ASP F 215 -3.47 30.71 -30.34
C ASP F 215 -3.58 29.23 -30.05
N ALA F 216 -3.39 28.82 -28.81
CA ALA F 216 -3.53 27.43 -28.40
C ALA F 216 -4.81 27.30 -27.59
N MET F 217 -5.88 26.90 -28.26
CA MET F 217 -7.19 26.80 -27.63
C MET F 217 -7.24 25.62 -26.68
N GLY F 218 -8.26 25.61 -25.84
CA GLY F 218 -8.48 24.51 -24.93
C GLY F 218 -9.22 23.39 -25.62
N VAL F 219 -9.88 22.56 -24.83
CA VAL F 219 -10.65 21.44 -25.36
C VAL F 219 -12.12 21.79 -25.48
N ASP F 220 -12.65 22.45 -24.46
CA ASP F 220 -14.08 22.61 -24.34
C ASP F 220 -14.63 23.69 -25.27
N THR F 221 -13.78 24.55 -25.80
CA THR F 221 -14.23 25.71 -26.53
C THR F 221 -14.64 25.33 -27.94
N LYS F 222 -15.89 25.60 -28.28
CA LYS F 222 -16.40 25.49 -29.64
C LYS F 222 -16.81 26.87 -30.14
N PHE F 223 -16.50 27.18 -31.39
CA PHE F 223 -16.77 28.50 -31.93
C PHE F 223 -18.14 28.56 -32.58
N LEU F 224 -18.82 29.68 -32.42
CA LEU F 224 -20.16 29.89 -32.97
C LEU F 224 -20.26 31.27 -33.59
N GLN F 225 -21.26 31.43 -34.46
CA GLN F 225 -21.59 32.75 -34.96
C GLN F 225 -22.27 33.58 -33.88
N CYS F 226 -22.33 34.88 -34.13
CA CYS F 226 -23.00 35.78 -33.21
C CYS F 226 -24.50 35.57 -33.28
N PRO F 227 -25.21 35.82 -32.18
CA PRO F 227 -26.67 35.79 -32.24
C PRO F 227 -27.19 36.92 -33.11
N GLU F 228 -28.34 36.69 -33.73
CA GLU F 228 -28.89 37.62 -34.70
C GLU F 228 -30.30 38.03 -34.28
N GLY F 229 -30.57 39.33 -34.39
CA GLY F 229 -31.90 39.84 -34.11
C GLY F 229 -32.03 40.44 -32.72
N GLU F 230 -33.24 40.40 -32.19
CA GLU F 230 -33.51 40.96 -30.88
C GLU F 230 -32.92 40.07 -29.80
N LEU F 231 -32.53 40.69 -28.68
CA LEU F 231 -32.08 39.92 -27.52
C LEU F 231 -33.21 39.09 -26.95
N GLN F 232 -34.28 39.75 -26.52
CA GLN F 232 -35.43 39.07 -25.92
C GLN F 232 -36.21 38.36 -27.03
N LYS F 233 -36.04 37.06 -27.14
CA LYS F 233 -36.76 36.27 -28.12
C LYS F 233 -37.89 35.53 -27.41
N ARG F 234 -39.12 35.77 -27.84
CA ARG F 234 -40.27 35.00 -27.37
C ARG F 234 -40.94 34.36 -28.57
N LYS F 235 -41.30 33.10 -28.41
CA LYS F 235 -41.78 32.29 -29.52
C LYS F 235 -42.70 31.22 -28.98
N GLU F 236 -43.80 30.98 -29.67
CA GLU F 236 -44.74 29.93 -29.31
C GLU F 236 -44.33 28.62 -29.97
N VAL F 237 -43.95 27.65 -29.15
CA VAL F 237 -43.45 26.37 -29.61
C VAL F 237 -44.38 25.26 -29.13
N VAL F 238 -44.56 24.24 -29.96
CA VAL F 238 -45.49 23.15 -29.71
C VAL F 238 -44.67 21.92 -29.34
N HIS F 239 -44.57 21.65 -28.04
CA HIS F 239 -43.90 20.46 -27.57
C HIS F 239 -44.79 19.23 -27.66
N THR F 240 -44.19 18.12 -28.05
CA THR F 240 -44.89 16.83 -28.12
C THR F 240 -44.00 15.77 -27.51
N VAL F 241 -44.35 15.29 -26.33
CA VAL F 241 -43.54 14.25 -25.72
C VAL F 241 -44.40 13.00 -25.77
N SER F 242 -43.88 11.87 -25.32
CA SER F 242 -44.68 10.66 -25.15
C SER F 242 -44.87 10.36 -23.68
N LEU F 243 -45.74 9.39 -23.39
CA LEU F 243 -45.86 8.95 -22.02
C LEU F 243 -44.64 8.20 -21.54
N HIS F 244 -43.92 7.55 -22.44
CA HIS F 244 -42.70 6.86 -22.07
C HIS F 244 -41.62 7.81 -21.61
N GLU F 245 -41.58 9.01 -22.20
CA GLU F 245 -40.66 10.04 -21.75
C GLU F 245 -40.96 10.43 -20.31
N ILE F 246 -42.24 10.63 -19.98
CA ILE F 246 -42.62 11.02 -18.63
C ILE F 246 -42.39 9.88 -17.66
N ASP F 247 -42.52 8.64 -18.11
CA ASP F 247 -42.25 7.51 -17.24
C ASP F 247 -40.78 7.38 -16.93
N VAL F 248 -39.92 7.60 -17.90
CA VAL F 248 -38.51 7.38 -17.66
C VAL F 248 -37.88 8.55 -16.92
N ILE F 249 -38.33 9.78 -17.18
CA ILE F 249 -37.82 10.94 -16.46
C ILE F 249 -38.17 10.87 -14.96
N ASN F 250 -39.34 10.38 -14.63
CA ASN F 250 -39.68 10.28 -13.22
C ASN F 250 -39.20 9.00 -12.57
N SER F 251 -38.36 8.20 -13.24
CA SER F 251 -37.87 6.98 -12.63
C SER F 251 -36.88 7.26 -11.53
N ARG F 252 -35.78 7.91 -11.84
CA ARG F 252 -34.80 8.23 -10.82
C ARG F 252 -34.45 9.70 -10.88
N THR F 253 -33.42 10.14 -10.17
CA THR F 253 -33.22 11.57 -9.95
C THR F 253 -32.74 12.29 -11.21
N GLN F 254 -31.56 11.97 -11.68
CA GLN F 254 -31.09 12.50 -12.96
C GLN F 254 -31.40 11.52 -14.06
N GLY F 255 -32.65 11.10 -14.11
CA GLY F 255 -32.98 9.98 -14.97
C GLY F 255 -33.28 10.32 -16.39
N PHE F 256 -33.08 11.57 -16.80
CA PHE F 256 -33.44 11.96 -18.14
C PHE F 256 -32.47 11.40 -19.17
N LEU F 257 -31.24 11.15 -18.77
CA LEU F 257 -30.28 10.56 -19.68
C LEU F 257 -30.48 9.06 -19.84
N ALA F 258 -31.40 8.48 -19.08
CA ALA F 258 -31.62 7.04 -19.18
C ALA F 258 -32.29 6.67 -20.48
N LEU F 259 -33.13 7.52 -21.02
CA LEU F 259 -33.82 7.20 -22.25
C LEU F 259 -32.93 7.33 -23.47
N PHE F 260 -31.81 8.04 -23.37
CA PHE F 260 -30.78 7.93 -24.40
C PHE F 260 -29.88 6.75 -24.14
N SER F 261 -29.50 6.53 -22.88
CA SER F 261 -28.57 5.46 -22.60
C SER F 261 -29.23 4.10 -22.67
N GLY F 262 -30.31 3.90 -21.93
CA GLY F 262 -30.94 2.61 -21.83
C GLY F 262 -30.83 2.03 -20.45
N ASP F 263 -30.26 2.78 -19.53
CA ASP F 263 -29.99 2.31 -18.18
C ASP F 263 -31.23 2.48 -17.31
N THR F 264 -32.28 1.75 -17.67
CA THR F 264 -33.49 1.68 -16.88
C THR F 264 -33.97 0.24 -16.88
N GLY F 265 -34.82 -0.07 -15.91
CA GLY F 265 -35.25 -1.44 -15.76
C GLY F 265 -36.73 -1.54 -15.49
N GLU F 266 -37.11 -2.36 -14.52
CA GLU F 266 -38.51 -2.58 -14.19
C GLU F 266 -39.01 -1.34 -13.44
N ILE F 267 -39.65 -0.44 -14.16
CA ILE F 267 -40.27 0.70 -13.51
C ILE F 267 -41.52 0.24 -12.77
N ARG F 268 -41.69 0.72 -11.54
CA ARG F 268 -42.80 0.34 -10.68
C ARG F 268 -44.14 0.81 -11.23
N SER F 269 -45.20 0.14 -10.81
CA SER F 269 -46.53 0.48 -11.30
C SER F 269 -47.12 1.71 -10.64
N GLU F 270 -46.65 2.07 -9.46
CA GLU F 270 -47.19 3.25 -8.78
C GLU F 270 -46.76 4.53 -9.47
N ILE F 271 -45.58 4.54 -10.08
CA ILE F 271 -45.14 5.70 -10.85
C ILE F 271 -45.99 5.87 -12.09
N ARG F 272 -46.25 4.77 -12.80
CA ARG F 272 -47.11 4.85 -13.98
C ARG F 272 -48.54 5.18 -13.62
N ASP F 273 -49.00 4.79 -12.43
CA ASP F 273 -50.33 5.18 -12.02
C ASP F 273 -50.41 6.67 -11.73
N GLN F 274 -49.42 7.22 -11.02
CA GLN F 274 -49.39 8.67 -10.78
C GLN F 274 -49.30 9.45 -12.08
N ILE F 275 -48.55 8.92 -13.05
CA ILE F 275 -48.38 9.64 -14.30
C ILE F 275 -49.66 9.61 -15.13
N ASN F 276 -50.37 8.49 -15.17
CA ASN F 276 -51.64 8.47 -15.89
C ASN F 276 -52.69 9.35 -15.21
N THR F 277 -52.68 9.40 -13.88
CA THR F 277 -53.59 10.31 -13.18
C THR F 277 -53.28 11.76 -13.50
N LYS F 278 -52.01 12.14 -13.54
CA LYS F 278 -51.69 13.53 -13.84
C LYS F 278 -51.91 13.86 -15.31
N VAL F 279 -51.80 12.91 -16.21
CA VAL F 279 -52.11 13.23 -17.60
C VAL F 279 -53.61 13.42 -17.78
N ALA F 280 -54.42 12.64 -17.07
CA ALA F 280 -55.86 12.90 -17.05
C ALA F 280 -56.19 14.26 -16.43
N GLU F 281 -55.43 14.65 -15.41
CA GLU F 281 -55.66 15.95 -14.78
C GLU F 281 -55.25 17.10 -15.70
N TRP F 282 -54.17 16.92 -16.46
CA TRP F 282 -53.79 17.93 -17.45
C TRP F 282 -54.80 18.04 -18.57
N LYS F 283 -55.41 16.92 -18.97
CA LYS F 283 -56.45 17.00 -19.98
C LYS F 283 -57.70 17.69 -19.44
N GLU F 284 -57.98 17.55 -18.15
CA GLU F 284 -59.10 18.28 -17.57
C GLU F 284 -58.85 19.78 -17.51
N GLU F 285 -57.65 20.19 -17.14
CA GLU F 285 -57.36 21.61 -16.95
C GLU F 285 -56.96 22.31 -18.23
N GLY F 286 -57.01 21.62 -19.37
CA GLY F 286 -56.74 22.25 -20.64
C GLY F 286 -55.29 22.54 -20.94
N LYS F 287 -54.36 22.07 -20.11
CA LYS F 287 -52.95 22.27 -20.41
C LYS F 287 -52.51 21.39 -21.56
N ALA F 288 -52.90 20.13 -21.54
CA ALA F 288 -52.35 19.15 -22.45
C ALA F 288 -53.42 18.58 -23.37
N GLU F 289 -52.99 18.13 -24.53
CA GLU F 289 -53.84 17.40 -25.46
C GLU F 289 -53.20 16.05 -25.71
N ILE F 290 -53.99 14.99 -25.51
CA ILE F 290 -53.53 13.63 -25.71
C ILE F 290 -53.70 13.25 -27.17
N VAL F 291 -52.61 12.83 -27.81
CA VAL F 291 -52.63 12.38 -29.20
C VAL F 291 -52.32 10.88 -29.22
N PRO F 292 -53.28 10.02 -29.46
CA PRO F 292 -52.98 8.59 -29.55
C PRO F 292 -52.32 8.28 -30.87
N GLY F 293 -51.43 7.29 -30.87
CA GLY F 293 -50.66 6.98 -32.05
C GLY F 293 -50.79 5.53 -32.46
N VAL F 294 -49.76 5.03 -33.12
CA VAL F 294 -49.76 3.71 -33.73
C VAL F 294 -48.56 2.94 -33.22
N LEU F 295 -48.79 1.76 -32.68
CA LEU F 295 -47.73 0.81 -32.38
C LEU F 295 -47.66 -0.20 -33.50
N PHE F 296 -46.49 -0.41 -34.05
CA PHE F 296 -46.34 -1.38 -35.13
C PHE F 296 -45.47 -2.53 -34.67
N ILE F 297 -46.09 -3.68 -34.43
CA ILE F 297 -45.37 -4.87 -33.97
C ILE F 297 -45.10 -5.72 -35.20
N ASP F 298 -43.92 -5.57 -35.77
CA ASP F 298 -43.54 -6.34 -36.93
C ASP F 298 -43.19 -7.77 -36.55
N GLU F 299 -43.68 -8.71 -37.35
CA GLU F 299 -43.45 -10.15 -37.23
C GLU F 299 -43.90 -10.67 -35.87
N VAL F 300 -45.21 -10.58 -35.66
CA VAL F 300 -45.80 -10.86 -34.36
C VAL F 300 -45.74 -12.34 -33.99
N HIS F 301 -45.46 -13.21 -34.94
CA HIS F 301 -45.40 -14.64 -34.65
C HIS F 301 -44.19 -15.02 -33.81
N MET F 302 -43.24 -14.12 -33.59
CA MET F 302 -42.11 -14.43 -32.72
C MET F 302 -42.45 -14.27 -31.25
N LEU F 303 -43.55 -13.62 -30.92
CA LEU F 303 -43.95 -13.54 -29.54
C LEU F 303 -44.45 -14.88 -29.04
N ASP F 304 -44.08 -15.24 -27.83
CA ASP F 304 -44.59 -16.44 -27.19
C ASP F 304 -45.90 -16.15 -26.46
N ILE F 305 -46.51 -17.19 -25.88
CA ILE F 305 -47.82 -17.05 -25.26
C ILE F 305 -47.77 -16.18 -24.01
N GLU F 306 -46.61 -16.09 -23.38
CA GLU F 306 -46.35 -15.23 -22.24
C GLU F 306 -46.40 -13.76 -22.62
N CYS F 307 -46.38 -13.42 -23.89
CA CYS F 307 -46.60 -12.05 -24.32
C CYS F 307 -48.02 -11.79 -24.80
N PHE F 308 -48.68 -12.77 -25.40
CA PHE F 308 -50.06 -12.55 -25.81
C PHE F 308 -50.98 -12.47 -24.62
N SER F 309 -50.63 -13.15 -23.54
CA SER F 309 -51.43 -13.02 -22.33
C SER F 309 -51.35 -11.63 -21.72
N TYR F 310 -50.35 -10.82 -22.06
CA TYR F 310 -50.35 -9.43 -21.65
C TYR F 310 -50.93 -8.48 -22.68
N ILE F 311 -50.76 -8.79 -23.97
CA ILE F 311 -51.38 -7.95 -25.00
C ILE F 311 -52.90 -8.01 -24.88
N ASN F 312 -53.46 -9.15 -24.50
CA ASN F 312 -54.89 -9.26 -24.33
C ASN F 312 -55.45 -8.43 -23.18
N ARG F 313 -54.62 -7.92 -22.29
CA ARG F 313 -55.07 -7.01 -21.26
C ARG F 313 -54.69 -5.56 -21.51
N ALA F 314 -53.55 -5.31 -22.14
CA ALA F 314 -53.15 -3.93 -22.40
C ALA F 314 -53.95 -3.27 -23.51
N LEU F 315 -54.77 -4.01 -24.25
CA LEU F 315 -55.67 -3.42 -25.20
C LEU F 315 -57.01 -3.09 -24.60
N GLU F 316 -57.08 -2.92 -23.29
CA GLU F 316 -58.34 -2.63 -22.61
C GLU F 316 -58.38 -1.24 -22.03
N SER F 317 -57.23 -0.64 -21.71
CA SER F 317 -57.27 0.63 -21.03
C SER F 317 -57.59 1.74 -22.02
N ASP F 318 -57.85 2.91 -21.46
CA ASP F 318 -58.07 4.10 -22.29
C ASP F 318 -56.80 4.54 -22.97
N LEU F 319 -55.67 4.30 -22.34
CA LEU F 319 -54.40 4.73 -22.91
C LEU F 319 -53.76 3.52 -23.59
N ALA F 320 -54.29 3.20 -24.77
CA ALA F 320 -53.75 2.12 -25.56
C ALA F 320 -53.79 2.52 -27.03
N PRO F 321 -52.68 2.38 -27.72
CA PRO F 321 -52.64 2.76 -29.14
C PRO F 321 -53.26 1.70 -30.03
N ILE F 322 -53.65 2.13 -31.22
CA ILE F 322 -54.27 1.27 -32.22
C ILE F 322 -53.17 0.41 -32.82
N VAL F 323 -53.07 -0.83 -32.37
CA VAL F 323 -51.93 -1.68 -32.70
C VAL F 323 -52.11 -2.27 -34.09
N ILE F 324 -51.07 -2.16 -34.91
CA ILE F 324 -51.03 -2.77 -36.23
C ILE F 324 -49.88 -3.76 -36.26
N MET F 325 -50.19 -4.99 -36.61
CA MET F 325 -49.20 -6.06 -36.56
C MET F 325 -49.16 -6.84 -37.86
N ALA F 326 -48.00 -7.41 -38.15
CA ALA F 326 -47.78 -8.15 -39.38
C ALA F 326 -47.47 -9.60 -39.07
N SER F 327 -47.66 -10.45 -40.08
CA SER F 327 -47.42 -11.87 -39.90
C SER F 327 -47.18 -12.54 -41.25
N ASN F 328 -46.47 -13.65 -41.22
CA ASN F 328 -46.16 -14.43 -42.40
C ASN F 328 -46.66 -15.85 -42.35
N ARG F 329 -46.63 -16.47 -41.18
CA ARG F 329 -46.63 -17.91 -41.13
C ARG F 329 -48.02 -18.49 -41.26
N GLY F 330 -48.08 -19.72 -41.74
CA GLY F 330 -49.35 -20.40 -41.89
C GLY F 330 -49.79 -21.06 -40.59
N VAL F 331 -50.30 -22.28 -40.70
CA VAL F 331 -50.62 -23.06 -39.50
C VAL F 331 -49.30 -23.54 -38.92
N SER F 332 -48.81 -22.86 -37.90
CA SER F 332 -47.50 -23.15 -37.35
C SER F 332 -47.62 -23.31 -35.85
N ARG F 333 -46.52 -23.72 -35.23
CA ARG F 333 -46.53 -23.87 -33.78
C ARG F 333 -46.38 -22.49 -33.15
N ILE F 334 -46.90 -22.37 -31.95
CA ILE F 334 -46.70 -21.17 -31.17
C ILE F 334 -45.46 -21.37 -30.33
N ARG F 335 -44.56 -20.40 -30.36
CA ARG F 335 -43.37 -20.50 -29.53
C ARG F 335 -43.77 -20.42 -28.06
N GLY F 336 -43.04 -21.17 -27.24
CA GLY F 336 -43.37 -21.33 -25.84
C GLY F 336 -44.29 -22.48 -25.52
N THR F 337 -45.13 -22.91 -26.47
CA THR F 337 -46.00 -24.07 -26.27
C THR F 337 -45.79 -25.08 -27.38
N ASP F 338 -46.65 -26.09 -27.48
CA ASP F 338 -46.40 -27.17 -28.41
C ASP F 338 -47.66 -27.58 -29.16
N TYR F 339 -48.46 -26.61 -29.58
CA TYR F 339 -49.65 -26.93 -30.36
C TYR F 339 -49.77 -25.95 -31.51
N LYS F 340 -50.16 -26.47 -32.67
CA LYS F 340 -50.27 -25.67 -33.87
C LYS F 340 -51.50 -24.77 -33.80
N SER F 341 -51.46 -23.71 -34.61
CA SER F 341 -52.48 -22.68 -34.63
C SER F 341 -52.34 -21.90 -35.93
N PRO F 342 -53.41 -21.27 -36.42
CA PRO F 342 -53.27 -20.43 -37.62
C PRO F 342 -52.50 -19.16 -37.30
N HIS F 343 -51.63 -18.75 -38.25
CA HIS F 343 -50.84 -17.52 -38.22
C HIS F 343 -49.86 -17.46 -37.05
N GLY F 344 -49.59 -18.58 -36.40
CA GLY F 344 -48.72 -18.58 -35.25
C GLY F 344 -49.25 -17.84 -34.06
N LEU F 345 -50.55 -17.63 -33.98
CA LEU F 345 -51.11 -16.85 -32.91
C LEU F 345 -52.11 -17.71 -32.14
N PRO F 346 -52.23 -17.50 -30.84
CA PRO F 346 -53.26 -18.23 -30.10
C PRO F 346 -54.64 -17.75 -30.46
N LEU F 347 -55.62 -18.66 -30.36
CA LEU F 347 -56.96 -18.34 -30.85
C LEU F 347 -57.74 -17.41 -29.94
N ASP F 348 -57.39 -17.32 -28.65
CA ASP F 348 -58.00 -16.30 -27.81
C ASP F 348 -57.54 -14.91 -28.15
N PHE F 349 -56.41 -14.79 -28.83
CA PHE F 349 -55.96 -13.52 -29.40
C PHE F 349 -56.53 -13.26 -30.77
N LEU F 350 -56.71 -14.30 -31.59
CA LEU F 350 -57.31 -14.08 -32.90
C LEU F 350 -58.81 -13.86 -32.84
N ASP F 351 -59.46 -14.14 -31.72
CA ASP F 351 -60.85 -13.70 -31.57
C ASP F 351 -60.95 -12.20 -31.35
N ARG F 352 -59.83 -11.53 -31.09
CA ARG F 352 -59.84 -10.14 -30.71
C ARG F 352 -59.41 -9.22 -31.84
N VAL F 353 -58.64 -9.71 -32.79
CA VAL F 353 -58.05 -8.88 -33.81
C VAL F 353 -58.91 -8.92 -35.06
N VAL F 354 -58.65 -8.01 -35.98
CA VAL F 354 -59.23 -8.05 -37.32
C VAL F 354 -58.11 -8.24 -38.33
N ILE F 355 -58.41 -8.96 -39.40
CA ILE F 355 -57.39 -9.47 -40.30
C ILE F 355 -57.62 -8.94 -41.70
N ILE F 356 -56.59 -8.34 -42.28
CA ILE F 356 -56.58 -7.85 -43.65
C ILE F 356 -55.68 -8.74 -44.49
N ASN F 357 -56.25 -9.60 -45.31
CA ASN F 357 -55.42 -10.45 -46.16
C ASN F 357 -54.90 -9.70 -47.37
N THR F 358 -53.74 -10.12 -47.83
CA THR F 358 -53.11 -9.63 -49.05
C THR F 358 -53.12 -10.75 -50.10
N HIS F 359 -52.63 -10.43 -51.28
CA HIS F 359 -52.64 -11.36 -52.39
C HIS F 359 -51.37 -11.21 -53.19
N PRO F 360 -50.93 -12.26 -53.87
CA PRO F 360 -49.77 -12.13 -54.76
C PRO F 360 -50.08 -11.28 -55.98
N TYR F 361 -49.04 -10.97 -56.73
CA TYR F 361 -49.11 -9.95 -57.77
C TYR F 361 -49.19 -10.55 -59.16
N THR F 362 -50.03 -9.93 -59.99
CA THR F 362 -50.07 -10.23 -61.41
C THR F 362 -48.82 -9.67 -62.08
N PRO F 363 -48.45 -10.18 -63.26
CA PRO F 363 -47.28 -9.62 -63.96
C PRO F 363 -47.43 -8.18 -64.42
N ASP F 364 -48.67 -7.75 -64.66
CA ASP F 364 -48.92 -6.35 -65.00
C ASP F 364 -48.59 -5.41 -63.85
N GLU F 365 -48.71 -5.89 -62.62
CA GLU F 365 -48.27 -5.09 -61.49
C GLU F 365 -46.78 -5.24 -61.26
N LEU F 366 -46.22 -6.42 -61.55
CA LEU F 366 -44.80 -6.67 -61.36
C LEU F 366 -43.96 -5.78 -62.26
N ARG F 367 -44.43 -5.55 -63.49
CA ARG F 367 -43.70 -4.73 -64.44
C ARG F 367 -43.58 -3.29 -63.96
N GLN F 368 -44.67 -2.71 -63.47
CA GLN F 368 -44.57 -1.33 -63.03
C GLN F 368 -43.99 -1.20 -61.63
N ILE F 369 -44.02 -2.24 -60.81
CA ILE F 369 -43.24 -2.19 -59.58
C ILE F 369 -41.75 -2.21 -59.88
N LEU F 370 -41.32 -3.01 -60.85
CA LEU F 370 -39.93 -2.94 -61.24
C LEU F 370 -39.60 -1.62 -61.93
N SER F 371 -40.56 -1.00 -62.60
CA SER F 371 -40.31 0.33 -63.17
C SER F 371 -40.14 1.39 -62.09
N ILE F 372 -40.92 1.30 -61.01
CA ILE F 372 -40.77 2.23 -59.91
C ILE F 372 -39.45 2.02 -59.18
N ARG F 373 -39.07 0.76 -58.98
CA ARG F 373 -37.76 0.48 -58.40
C ARG F 373 -36.62 0.89 -59.33
N ALA F 374 -36.88 0.93 -60.63
CA ALA F 374 -35.88 1.44 -61.55
C ALA F 374 -35.74 2.95 -61.41
N GLN F 375 -36.86 3.69 -61.45
CA GLN F 375 -36.78 5.13 -61.39
C GLN F 375 -36.42 5.64 -60.01
N GLU F 376 -36.51 4.79 -58.99
CA GLU F 376 -35.99 5.20 -57.69
C GLU F 376 -34.47 5.13 -57.68
N GLU F 377 -33.90 4.09 -58.28
CA GLU F 377 -32.44 3.91 -58.30
C GLU F 377 -31.77 4.56 -59.48
N GLU F 378 -32.49 5.43 -60.22
CA GLU F 378 -32.06 6.12 -61.46
C GLU F 378 -31.29 5.22 -62.43
N VAL F 379 -31.88 4.06 -62.70
CA VAL F 379 -31.32 3.08 -63.62
C VAL F 379 -32.24 2.97 -64.81
N ASP F 380 -31.69 3.19 -66.00
CA ASP F 380 -32.48 3.15 -67.23
C ASP F 380 -32.52 1.72 -67.78
N LEU F 381 -33.71 1.31 -68.22
CA LEU F 381 -33.92 -0.04 -68.70
C LEU F 381 -34.55 -0.01 -70.09
N THR F 382 -34.00 -0.81 -71.00
CA THR F 382 -34.67 -1.06 -72.26
C THR F 382 -35.92 -1.90 -72.01
N PRO F 383 -36.94 -1.80 -72.87
CA PRO F 383 -38.17 -2.56 -72.64
C PRO F 383 -38.01 -4.07 -72.71
N ASP F 384 -37.07 -4.56 -73.52
CA ASP F 384 -36.83 -6.01 -73.57
C ASP F 384 -36.24 -6.51 -72.27
N ALA F 385 -35.34 -5.74 -71.66
CA ALA F 385 -34.80 -6.07 -70.36
C ALA F 385 -35.88 -6.01 -69.29
N LEU F 386 -36.84 -5.10 -69.41
CA LEU F 386 -37.91 -5.02 -68.44
C LEU F 386 -38.85 -6.21 -68.56
N ALA F 387 -39.10 -6.67 -69.79
CA ALA F 387 -39.93 -7.86 -69.96
C ALA F 387 -39.24 -9.12 -69.46
N LEU F 388 -37.94 -9.24 -69.72
CA LEU F 388 -37.17 -10.37 -69.20
C LEU F 388 -37.13 -10.34 -67.69
N LEU F 389 -37.01 -9.16 -67.10
CA LEU F 389 -36.96 -9.05 -65.66
C LEU F 389 -38.34 -9.31 -65.05
N THR F 390 -39.40 -9.01 -65.79
CA THR F 390 -40.74 -9.38 -65.35
C THR F 390 -40.91 -10.89 -65.33
N LYS F 391 -40.38 -11.58 -66.34
CA LYS F 391 -40.48 -13.04 -66.34
C LYS F 391 -39.64 -13.66 -65.22
N ILE F 392 -38.48 -13.07 -64.93
CA ILE F 392 -37.67 -13.54 -63.81
C ILE F 392 -38.37 -13.30 -62.48
N GLY F 393 -39.05 -12.16 -62.35
CA GLY F 393 -39.78 -11.90 -61.13
C GLY F 393 -41.00 -12.77 -60.96
N GLN F 394 -41.62 -13.17 -62.06
CA GLN F 394 -42.73 -14.10 -61.96
C GLN F 394 -42.24 -15.49 -61.61
N GLU F 395 -41.06 -15.86 -62.07
CA GLU F 395 -40.55 -17.20 -61.79
C GLU F 395 -39.78 -17.29 -60.47
N ALA F 396 -39.40 -16.18 -59.85
CA ALA F 396 -38.58 -16.29 -58.66
C ALA F 396 -39.07 -15.43 -57.49
N GLY F 397 -39.75 -14.34 -57.80
CA GLY F 397 -40.28 -13.46 -56.77
C GLY F 397 -39.87 -12.03 -56.97
N LEU F 398 -40.33 -11.17 -56.05
CA LEU F 398 -39.99 -9.76 -56.11
C LEU F 398 -38.59 -9.47 -55.58
N ARG F 399 -38.23 -10.08 -54.46
CA ARG F 399 -36.99 -9.74 -53.79
C ARG F 399 -35.76 -10.15 -54.58
N TYR F 400 -35.90 -11.10 -55.48
CA TYR F 400 -34.80 -11.43 -56.37
C TYR F 400 -34.81 -10.58 -57.63
N ALA F 401 -35.98 -10.22 -58.12
CA ALA F 401 -36.04 -9.38 -59.30
C ALA F 401 -35.61 -7.96 -58.99
N SER F 402 -35.97 -7.47 -57.81
CA SER F 402 -35.52 -6.13 -57.43
C SER F 402 -34.04 -6.07 -57.13
N ASN F 403 -33.41 -7.19 -56.82
CA ASN F 403 -31.97 -7.23 -56.62
C ASN F 403 -31.19 -7.46 -57.90
N LEU F 404 -31.84 -7.49 -59.04
CA LEU F 404 -31.14 -7.60 -60.30
C LEU F 404 -31.04 -6.29 -61.06
N ILE F 405 -31.76 -5.26 -60.62
CA ILE F 405 -31.63 -3.98 -61.28
C ILE F 405 -30.27 -3.36 -60.97
N THR F 406 -29.88 -3.42 -59.70
CA THR F 406 -28.59 -2.87 -59.27
C THR F 406 -27.44 -3.62 -59.90
N THR F 407 -27.54 -4.94 -59.95
CA THR F 407 -26.46 -5.74 -60.51
C THR F 407 -26.32 -5.54 -62.01
N SER F 408 -27.43 -5.43 -62.72
CA SER F 408 -27.35 -5.18 -64.16
C SER F 408 -26.83 -3.79 -64.46
N GLN F 409 -27.22 -2.81 -63.64
CA GLN F 409 -26.64 -1.47 -63.78
C GLN F 409 -25.15 -1.47 -63.54
N LEU F 410 -24.71 -2.24 -62.56
CA LEU F 410 -23.29 -2.24 -62.24
C LEU F 410 -22.47 -2.97 -63.29
N ILE F 411 -23.00 -4.06 -63.82
CA ILE F 411 -22.32 -4.77 -64.89
C ILE F 411 -22.33 -3.96 -66.17
N ALA F 412 -23.38 -3.17 -66.40
CA ALA F 412 -23.36 -2.22 -67.50
C ALA F 412 -22.35 -1.11 -67.27
N ALA F 413 -22.11 -0.76 -66.01
CA ALA F 413 -21.10 0.27 -65.73
C ALA F 413 -19.70 -0.29 -65.93
N LYS F 414 -19.51 -1.60 -65.76
CA LYS F 414 -18.18 -2.16 -65.96
C LYS F 414 -17.82 -2.22 -67.44
N ARG F 415 -18.77 -2.52 -68.31
CA ARG F 415 -18.49 -2.56 -69.74
C ARG F 415 -18.82 -1.24 -70.44
N ARG F 416 -19.13 -0.20 -69.66
CA ARG F 416 -19.36 1.17 -70.13
C ARG F 416 -20.50 1.26 -71.15
N ALA F 417 -21.70 0.94 -70.67
CA ALA F 417 -22.92 1.10 -71.45
C ALA F 417 -23.90 1.91 -70.63
N LYS F 418 -24.65 2.77 -71.32
CA LYS F 418 -25.61 3.64 -70.62
C LYS F 418 -26.86 2.87 -70.21
N GLN F 419 -27.58 2.33 -71.18
CA GLN F 419 -28.77 1.55 -70.94
C GLN F 419 -28.42 0.10 -70.69
N VAL F 420 -29.03 -0.50 -69.68
CA VAL F 420 -28.87 -1.93 -69.49
C VAL F 420 -29.63 -2.68 -70.56
N GLY F 421 -29.23 -3.93 -70.79
CA GLY F 421 -29.84 -4.70 -71.85
C GLY F 421 -30.20 -6.11 -71.45
N VAL F 422 -30.50 -6.95 -72.45
CA VAL F 422 -30.79 -8.36 -72.20
C VAL F 422 -29.53 -9.08 -71.73
N GLU F 423 -28.38 -8.66 -72.24
CA GLU F 423 -27.12 -9.33 -71.93
C GLU F 423 -26.73 -9.14 -70.47
N ASP F 424 -26.93 -7.93 -69.94
CA ASP F 424 -26.56 -7.66 -68.55
C ASP F 424 -27.50 -8.34 -67.56
N VAL F 425 -28.78 -8.43 -67.92
CA VAL F 425 -29.72 -9.09 -67.02
C VAL F 425 -29.49 -10.60 -67.04
N GLN F 426 -29.17 -11.15 -68.21
CA GLN F 426 -28.82 -12.57 -68.26
C GLN F 426 -27.50 -12.86 -67.56
N ARG F 427 -26.56 -11.93 -67.60
CA ARG F 427 -25.32 -12.08 -66.85
C ARG F 427 -25.58 -12.07 -65.35
N SER F 428 -26.45 -11.16 -64.90
CA SER F 428 -26.78 -11.10 -63.48
C SER F 428 -27.58 -12.31 -63.03
N PHE F 429 -28.39 -12.88 -63.92
CA PHE F 429 -29.10 -14.11 -63.60
C PHE F 429 -28.17 -15.30 -63.60
N LYS F 430 -27.14 -15.26 -64.44
CA LYS F 430 -26.18 -16.35 -64.48
C LYS F 430 -25.30 -16.36 -63.25
N LEU F 431 -24.89 -15.18 -62.78
CA LEU F 431 -23.98 -15.12 -61.65
C LEU F 431 -24.69 -15.44 -60.35
N PHE F 432 -25.68 -14.65 -59.99
CA PHE F 432 -26.34 -14.81 -58.70
C PHE F 432 -27.53 -15.73 -58.82
N TYR F 433 -27.75 -16.54 -57.77
CA TYR F 433 -28.81 -17.52 -57.78
C TYR F 433 -30.02 -17.04 -57.01
N ASP F 434 -31.20 -17.23 -57.59
CA ASP F 434 -32.47 -17.07 -56.91
C ASP F 434 -32.67 -18.19 -55.88
N PRO F 435 -33.54 -17.98 -54.88
CA PRO F 435 -33.78 -19.05 -53.90
C PRO F 435 -34.51 -20.26 -54.43
N ALA F 436 -35.07 -20.22 -55.64
CA ALA F 436 -35.69 -21.41 -56.20
C ALA F 436 -34.67 -22.43 -56.67
N ARG F 437 -33.54 -21.97 -57.19
CA ARG F 437 -32.51 -22.88 -57.65
C ARG F 437 -31.51 -23.26 -56.57
N SER F 438 -31.45 -22.50 -55.48
CA SER F 438 -30.55 -22.86 -54.40
C SER F 438 -31.00 -24.12 -53.68
N VAL F 439 -32.30 -24.38 -53.62
CA VAL F 439 -32.76 -25.61 -53.01
C VAL F 439 -32.38 -26.82 -53.85
N ARG F 440 -32.46 -26.68 -55.18
CA ARG F 440 -32.00 -27.75 -56.06
C ARG F 440 -30.50 -27.89 -56.04
N PHE F 441 -29.78 -26.81 -55.77
CA PHE F 441 -28.34 -26.92 -55.60
C PHE F 441 -27.98 -27.66 -54.31
N VAL F 442 -28.75 -27.44 -53.25
CA VAL F 442 -28.49 -28.13 -52.00
C VAL F 442 -28.84 -29.61 -52.12
N GLN F 443 -30.02 -29.90 -52.65
CA GLN F 443 -30.44 -31.29 -52.80
C GLN F 443 -29.69 -32.01 -53.91
N GLU F 444 -29.02 -31.27 -54.79
CA GLU F 444 -28.20 -31.91 -55.81
C GLU F 444 -26.90 -32.45 -55.21
N SER F 445 -26.32 -31.73 -54.27
CA SER F 445 -25.05 -32.13 -53.66
C SER F 445 -25.28 -32.19 -52.16
N GLU F 446 -25.74 -33.35 -51.68
CA GLU F 446 -25.98 -33.54 -50.26
C GLU F 446 -24.79 -34.09 -49.51
N LYS F 447 -23.87 -34.76 -50.19
CA LYS F 447 -22.80 -35.45 -49.49
C LYS F 447 -21.72 -34.53 -48.98
N ARG F 448 -21.71 -33.27 -49.39
CA ARG F 448 -20.72 -32.32 -48.92
C ARG F 448 -21.26 -31.26 -47.98
N LEU F 449 -22.48 -30.81 -48.16
CA LEU F 449 -23.07 -29.91 -47.19
C LEU F 449 -23.37 -30.66 -45.91
N ILE F 450 -23.12 -30.01 -44.78
CA ILE F 450 -23.30 -30.67 -43.48
C ILE F 450 -24.78 -30.76 -43.22
N GLY F 451 -25.37 -31.91 -43.52
CA GLY F 451 -26.80 -32.04 -43.35
C GLY F 451 -27.24 -32.11 -41.90
N ASN F 452 -27.01 -33.23 -41.24
CA ASN F 452 -27.08 -33.29 -39.79
C ASN F 452 -25.98 -34.10 -39.16
N ASP F 453 -25.38 -35.06 -39.86
CA ASP F 453 -24.43 -35.97 -39.27
C ASP F 453 -23.06 -35.94 -39.94
N GLY F 454 -22.99 -36.18 -41.25
CA GLY F 454 -21.74 -36.58 -41.87
C GLY F 454 -21.41 -35.81 -43.12
N VAL F 455 -20.11 -35.64 -43.34
CA VAL F 455 -19.54 -34.94 -44.49
C VAL F 455 -18.56 -35.90 -45.16
N VAL F 456 -18.55 -35.90 -46.49
CA VAL F 456 -17.64 -36.77 -47.23
C VAL F 456 -16.25 -36.15 -47.38
N ASP F 457 -16.20 -34.85 -47.75
CA ASP F 457 -14.97 -34.09 -48.02
C ASP F 457 -14.16 -34.69 -49.16
N PHE F 458 -14.82 -35.42 -50.06
CA PHE F 458 -14.27 -35.96 -51.31
C PHE F 458 -13.03 -36.85 -51.15
N GLN G 964 5.26 6.46 87.16
CA GLN G 964 5.31 6.69 88.60
C GLN G 964 6.27 7.83 89.03
N PRO G 965 7.47 7.97 88.47
CA PRO G 965 8.21 9.21 88.70
C PRO G 965 7.71 10.31 87.79
N LYS G 966 8.00 11.54 88.19
CA LYS G 966 7.68 12.69 87.35
C LYS G 966 8.89 13.18 86.58
N LEU G 967 9.92 12.34 86.45
CA LEU G 967 10.87 12.49 85.36
C LEU G 967 10.19 12.19 84.03
N LEU G 968 9.19 11.32 84.04
CA LEU G 968 8.23 11.26 82.95
C LEU G 968 7.46 12.57 82.87
N ASN G 969 7.26 13.05 81.65
CA ASN G 969 6.39 14.21 81.45
C ASN G 969 4.96 13.78 81.13
N CYS G 970 4.44 12.87 81.95
CA CYS G 970 3.14 12.24 81.78
C CYS G 970 2.84 11.46 83.06
N GLN G 971 1.59 11.04 83.18
CA GLN G 971 1.17 10.12 84.23
C GLN G 971 0.62 8.86 83.60
N LEU G 972 0.33 7.87 84.44
CA LEU G 972 -0.05 6.54 83.97
C LEU G 972 -1.53 6.28 84.23
N LYS G 973 -1.97 5.12 83.77
CA LYS G 973 -3.24 4.54 84.19
C LYS G 973 -2.96 3.44 85.19
N GLU G 974 -4.03 2.76 85.62
CA GLU G 974 -3.89 1.73 86.64
C GLU G 974 -3.21 0.48 86.08
N TYR G 975 -3.69 0.00 84.93
CA TYR G 975 -3.09 -1.16 84.30
C TYR G 975 -1.67 -0.87 83.83
N GLN G 976 -1.42 0.37 83.40
CA GLN G 976 -0.08 0.79 83.04
C GLN G 976 0.85 0.74 84.24
N LEU G 977 0.38 1.23 85.39
CA LEU G 977 1.20 1.23 86.60
C LEU G 977 1.41 -0.18 87.13
N LYS G 978 0.42 -1.06 86.97
CA LYS G 978 0.59 -2.42 87.47
C LYS G 978 1.51 -3.24 86.60
N GLY G 979 1.44 -3.05 85.27
CA GLY G 979 2.45 -3.65 84.40
C GLY G 979 3.83 -3.08 84.65
N LEU G 980 3.89 -1.78 84.97
CA LEU G 980 5.15 -1.15 85.37
C LEU G 980 5.75 -1.82 86.60
N ASN G 981 4.97 -1.92 87.68
CA ASN G 981 5.46 -2.53 88.91
C ASN G 981 5.71 -4.02 88.73
N TRP G 982 5.01 -4.66 87.79
CA TRP G 982 5.32 -6.03 87.41
C TRP G 982 6.73 -6.11 86.83
N LEU G 983 7.06 -5.20 85.91
CA LEU G 983 8.41 -5.16 85.36
C LEU G 983 9.45 -4.76 86.39
N VAL G 984 9.06 -3.94 87.35
CA VAL G 984 9.95 -3.57 88.45
C VAL G 984 10.27 -4.79 89.30
N ASN G 985 9.27 -5.62 89.57
CA ASN G 985 9.50 -6.86 90.31
C ASN G 985 10.33 -7.84 89.50
N LEU G 986 10.18 -7.83 88.17
CA LEU G 986 10.99 -8.70 87.33
C LEU G 986 12.45 -8.25 87.33
N TYR G 987 12.68 -6.94 87.35
CA TYR G 987 14.02 -6.42 87.55
C TYR G 987 14.55 -6.76 88.93
N GLU G 988 13.67 -6.75 89.92
CA GLU G 988 14.05 -7.07 91.29
C GLU G 988 14.44 -8.53 91.42
N GLN G 989 13.83 -9.40 90.62
CA GLN G 989 14.19 -10.81 90.60
C GLN G 989 15.01 -11.19 89.38
N GLY G 990 15.51 -10.19 88.63
CA GLY G 990 16.42 -10.42 87.53
C GLY G 990 15.79 -11.15 86.36
N ILE G 991 14.63 -10.69 85.92
CA ILE G 991 13.82 -11.42 84.97
C ILE G 991 13.50 -10.52 83.79
N ASN G 992 13.74 -11.01 82.58
CA ASN G 992 13.22 -10.39 81.38
C ASN G 992 11.92 -11.07 80.97
N GLY G 993 11.09 -10.33 80.23
CA GLY G 993 9.79 -10.86 79.89
C GLY G 993 9.19 -10.18 78.68
N ILE G 994 7.94 -10.54 78.41
CA ILE G 994 7.24 -10.05 77.23
C ILE G 994 6.05 -9.22 77.69
N LEU G 995 5.56 -8.40 76.77
CA LEU G 995 4.48 -7.44 76.89
C LEU G 995 3.89 -7.50 75.49
N ALA G 996 3.41 -6.38 74.95
CA ALA G 996 3.00 -6.24 73.54
C ALA G 996 1.76 -7.06 73.24
N ASP G 997 0.67 -6.64 73.83
CA ASP G 997 -0.67 -7.11 73.55
C ASP G 997 -1.22 -6.47 72.29
N GLU G 998 -2.54 -6.40 72.20
CA GLU G 998 -3.29 -5.54 71.29
C GLU G 998 -2.64 -4.19 71.05
N MET G 999 -2.53 -3.81 69.79
CA MET G 999 -1.95 -2.55 69.37
C MET G 999 -2.75 -1.37 69.90
N GLY G 1000 -2.11 -0.19 69.86
CA GLY G 1000 -2.74 1.05 70.24
C GLY G 1000 -3.05 1.12 71.72
N LEU G 1001 -2.04 0.91 72.56
CA LEU G 1001 -2.25 0.86 73.99
C LEU G 1001 -1.23 1.66 74.79
N GLY G 1002 -0.04 1.94 74.25
CA GLY G 1002 0.95 2.71 74.97
C GLY G 1002 2.12 1.89 75.45
N LYS G 1003 2.57 0.94 74.63
CA LYS G 1003 3.72 0.11 74.98
C LYS G 1003 4.99 0.93 75.03
N THR G 1004 5.12 1.89 74.10
CA THR G 1004 6.19 2.88 74.13
C THR G 1004 6.20 3.65 75.44
N VAL G 1005 5.02 4.08 75.89
CA VAL G 1005 4.88 4.84 77.12
C VAL G 1005 5.32 4.02 78.31
N GLN G 1006 4.93 2.74 78.34
CA GLN G 1006 5.30 1.90 79.47
C GLN G 1006 6.78 1.56 79.47
N SER G 1007 7.38 1.42 78.29
CA SER G 1007 8.82 1.16 78.23
C SER G 1007 9.62 2.37 78.69
N ILE G 1008 9.19 3.56 78.28
CA ILE G 1008 9.82 4.79 78.75
C ILE G 1008 9.61 4.96 80.25
N SER G 1009 8.46 4.50 80.76
CA SER G 1009 8.21 4.56 82.20
C SER G 1009 9.14 3.63 82.97
N VAL G 1010 9.40 2.45 82.41
CA VAL G 1010 10.36 1.51 83.02
C VAL G 1010 11.74 2.15 83.08
N MET G 1011 12.16 2.75 81.96
CA MET G 1011 13.48 3.39 81.92
C MET G 1011 13.57 4.55 82.89
N ALA G 1012 12.51 5.35 83.01
CA ALA G 1012 12.54 6.49 83.91
C ALA G 1012 12.50 6.06 85.38
N TYR G 1013 11.72 5.02 85.68
CA TYR G 1013 11.60 4.55 87.05
C TYR G 1013 12.91 3.97 87.54
N LEU G 1014 13.46 3.01 86.81
CA LEU G 1014 14.74 2.45 87.23
C LEU G 1014 15.92 3.30 86.78
N ALA G 1015 15.64 4.47 86.21
CA ALA G 1015 16.63 5.50 85.98
C ALA G 1015 16.79 6.40 87.20
N GLU G 1016 15.68 6.90 87.76
CA GLU G 1016 15.79 7.93 88.79
C GLU G 1016 15.02 7.62 90.07
N ARG G 1017 14.61 6.38 90.29
CA ARG G 1017 14.27 5.94 91.64
C ARG G 1017 15.42 5.15 92.24
N TYR G 1018 15.84 4.10 91.56
CA TYR G 1018 17.18 3.55 91.72
C TYR G 1018 18.05 4.30 90.71
N ASP G 1019 18.96 5.13 91.22
CA ASP G 1019 19.55 6.17 90.39
C ASP G 1019 20.61 5.64 89.43
N ILE G 1020 20.19 4.77 88.53
CA ILE G 1020 21.04 4.26 87.45
C ILE G 1020 20.32 4.66 86.17
N TRP G 1021 20.62 5.86 85.67
CA TRP G 1021 19.91 6.34 84.49
C TRP G 1021 20.46 5.78 83.18
N GLY G 1022 21.49 4.95 83.24
CA GLY G 1022 21.63 3.80 82.39
C GLY G 1022 22.04 3.98 80.94
N PRO G 1023 22.73 2.96 80.41
CA PRO G 1023 22.82 2.80 78.96
C PRO G 1023 21.54 2.24 78.39
N PHE G 1024 20.86 3.04 77.58
CA PHE G 1024 19.56 2.68 77.03
C PHE G 1024 19.70 2.41 75.53
N LEU G 1025 19.05 1.34 75.08
CA LEU G 1025 19.25 0.84 73.71
C LEU G 1025 17.90 0.36 73.19
N VAL G 1026 17.18 1.23 72.51
CA VAL G 1026 15.91 0.86 71.91
C VAL G 1026 16.13 0.58 70.43
N VAL G 1027 15.54 -0.52 69.96
CA VAL G 1027 15.70 -0.99 68.59
C VAL G 1027 14.37 -1.51 68.09
N ALA G 1028 14.06 -1.22 66.83
CA ALA G 1028 12.73 -1.29 66.28
C ALA G 1028 12.86 -1.26 64.75
N PRO G 1029 11.79 -1.42 63.98
CA PRO G 1029 11.89 -1.14 62.54
C PRO G 1029 12.18 0.34 62.26
N ALA G 1030 12.87 0.58 61.14
CA ALA G 1030 13.42 1.89 60.82
C ALA G 1030 12.42 2.80 60.12
N SER G 1031 11.12 2.55 60.31
CA SER G 1031 10.10 3.50 59.91
C SER G 1031 9.54 4.28 61.08
N THR G 1032 9.49 3.67 62.25
CA THR G 1032 8.79 4.23 63.38
C THR G 1032 9.67 5.15 64.21
N LEU G 1033 10.97 5.13 63.97
CA LEU G 1033 11.95 5.70 64.88
C LEU G 1033 11.87 7.21 64.98
N HIS G 1034 11.37 7.89 63.95
CA HIS G 1034 11.17 9.33 64.07
C HIS G 1034 10.02 9.65 65.01
N ASN G 1035 8.97 8.83 64.98
CA ASN G 1035 7.89 8.99 65.95
C ASN G 1035 8.37 8.62 67.35
N TRP G 1036 9.30 7.67 67.45
CA TRP G 1036 9.94 7.36 68.72
C TRP G 1036 10.75 8.54 69.24
N GLN G 1037 11.46 9.24 68.34
CA GLN G 1037 12.15 10.47 68.69
C GLN G 1037 11.19 11.49 69.24
N GLN G 1038 10.03 11.62 68.59
CA GLN G 1038 9.02 12.55 69.07
C GLN G 1038 8.46 12.13 70.43
N GLU G 1039 8.33 10.83 70.67
CA GLU G 1039 7.85 10.36 71.97
C GLU G 1039 8.85 10.66 73.08
N VAL G 1040 10.14 10.43 72.80
CA VAL G 1040 11.20 10.79 73.72
C VAL G 1040 11.20 12.29 73.95
N SER G 1041 11.03 13.05 72.87
CA SER G 1041 11.07 14.51 72.94
C SER G 1041 9.89 15.07 73.72
N LYS G 1042 8.77 14.37 73.71
CA LYS G 1042 7.65 14.75 74.56
C LYS G 1042 7.93 14.42 76.02
N PHE G 1043 8.22 13.15 76.30
CA PHE G 1043 8.03 12.67 77.66
C PHE G 1043 9.30 12.64 78.49
N VAL G 1044 10.45 12.39 77.89
CA VAL G 1044 11.68 12.69 78.61
C VAL G 1044 12.70 13.36 77.70
N PRO G 1045 12.58 14.68 77.48
CA PRO G 1045 13.76 15.45 77.10
C PRO G 1045 14.56 15.88 78.32
N ASP G 1046 14.06 15.53 79.51
CA ASP G 1046 14.77 15.79 80.75
C ASP G 1046 16.12 15.09 80.77
N PHE G 1047 16.15 13.85 80.31
CA PHE G 1047 17.37 13.13 80.02
C PHE G 1047 17.39 12.77 78.54
N LYS G 1048 18.56 12.87 77.93
CA LYS G 1048 18.72 13.05 76.50
C LYS G 1048 18.84 11.72 75.74
N VAL G 1049 19.03 11.85 74.41
CA VAL G 1049 18.83 10.77 73.46
C VAL G 1049 19.76 11.00 72.28
N LEU G 1050 20.01 9.94 71.50
CA LEU G 1050 20.81 10.06 70.28
C LEU G 1050 20.47 9.00 69.24
N PRO G 1051 20.04 9.40 68.04
CA PRO G 1051 19.74 8.42 66.98
C PRO G 1051 20.90 8.09 66.07
N TYR G 1052 20.63 7.25 65.08
CA TYR G 1052 21.45 7.17 63.87
C TYR G 1052 20.57 6.83 62.69
N TRP G 1053 20.78 7.54 61.59
CA TRP G 1053 20.06 7.29 60.34
C TRP G 1053 20.95 7.02 59.16
N GLY G 1054 21.91 7.92 58.86
CA GLY G 1054 22.37 8.05 57.49
C GLY G 1054 23.62 7.32 57.06
N THR G 1055 24.64 8.09 56.70
CA THR G 1055 25.82 7.59 56.02
C THR G 1055 26.66 6.73 56.95
N ALA G 1056 27.37 5.77 56.37
CA ALA G 1056 28.34 5.00 57.15
C ALA G 1056 29.47 5.87 57.67
N ALA G 1057 29.85 6.90 56.93
CA ALA G 1057 30.78 7.89 57.47
C ALA G 1057 30.12 8.68 58.58
N ASP G 1058 28.83 8.96 58.43
CA ASP G 1058 28.06 9.58 59.51
C ASP G 1058 27.96 8.65 60.70
N ARG G 1059 27.82 7.35 60.46
CA ARG G 1059 27.85 6.35 61.53
C ARG G 1059 29.17 6.41 62.27
N LYS G 1060 30.27 6.43 61.52
CA LYS G 1060 31.60 6.41 62.11
C LYS G 1060 31.90 7.67 62.90
N VAL G 1061 31.38 8.82 62.47
CA VAL G 1061 31.65 10.03 63.23
C VAL G 1061 30.71 10.12 64.42
N LEU G 1062 29.48 9.60 64.31
CA LEU G 1062 28.55 9.73 65.42
C LEU G 1062 28.83 8.72 66.52
N ARG G 1063 29.35 7.54 66.15
CA ARG G 1063 29.68 6.55 67.16
C ARG G 1063 30.87 6.97 67.99
N LYS G 1064 31.68 7.90 67.51
CA LYS G 1064 32.76 8.42 68.33
C LYS G 1064 32.22 9.20 69.51
N PHE G 1065 31.21 10.02 69.27
CA PHE G 1065 30.41 10.65 70.32
C PHE G 1065 29.26 9.73 70.70
N TRP G 1066 29.41 8.42 70.50
CA TRP G 1066 28.55 7.49 71.19
C TRP G 1066 29.30 6.50 72.07
N ASP G 1067 30.31 5.82 71.52
CA ASP G 1067 30.64 4.46 71.96
C ASP G 1067 31.31 4.45 73.33
N ARG G 1068 30.44 4.63 74.33
CA ARG G 1068 30.55 4.28 75.75
C ARG G 1068 31.49 5.17 76.54
N LYS G 1069 32.53 5.75 75.92
CA LYS G 1069 33.40 6.85 76.38
C LYS G 1069 33.96 6.81 77.82
N HIS G 1070 33.44 5.90 78.65
CA HIS G 1070 33.63 5.86 80.09
C HIS G 1070 32.99 4.60 80.62
N THR G 1071 33.73 3.80 81.35
CA THR G 1071 33.24 2.48 81.71
C THR G 1071 32.47 2.48 83.03
N THR G 1072 32.81 3.40 83.93
CA THR G 1072 32.56 3.17 85.35
C THR G 1072 31.12 3.44 85.78
N TYR G 1073 30.67 4.71 85.70
CA TYR G 1073 29.44 5.07 86.40
C TYR G 1073 28.21 4.55 85.67
N LYS G 1074 27.82 5.21 84.59
CA LYS G 1074 27.26 4.52 83.44
C LYS G 1074 28.08 5.00 82.27
N LYS G 1075 27.99 6.31 82.04
CA LYS G 1075 28.91 7.07 81.22
C LYS G 1075 29.23 8.44 81.80
N ASP G 1076 28.42 8.93 82.75
CA ASP G 1076 28.30 10.36 83.10
C ASP G 1076 28.12 11.19 81.83
N SER G 1077 26.99 10.97 81.20
CA SER G 1077 26.90 11.21 79.78
C SER G 1077 26.17 12.49 79.45
N PRO G 1078 26.60 13.12 78.36
CA PRO G 1078 25.69 13.96 77.57
C PRO G 1078 24.93 13.21 76.48
N PHE G 1079 24.89 11.87 76.53
CA PHE G 1079 24.20 11.03 75.55
C PHE G 1079 24.05 9.62 76.10
N HIS G 1080 22.82 9.15 76.32
CA HIS G 1080 22.66 7.86 76.97
C HIS G 1080 21.56 6.97 76.40
N VAL G 1081 20.83 7.39 75.37
CA VAL G 1081 19.82 6.55 74.75
C VAL G 1081 20.18 6.39 73.28
N MET G 1082 20.64 5.21 72.91
CA MET G 1082 20.78 4.87 71.51
C MET G 1082 19.43 4.44 70.98
N ILE G 1083 19.03 5.02 69.85
CA ILE G 1083 17.75 4.72 69.24
C ILE G 1083 17.97 4.46 67.76
N THR G 1084 17.78 3.22 67.35
CA THR G 1084 18.28 2.74 66.08
C THR G 1084 17.47 1.53 65.65
N SER G 1085 17.97 0.82 64.64
CA SER G 1085 17.21 -0.24 64.01
C SER G 1085 18.09 -1.46 63.79
N TYR G 1086 17.57 -2.39 63.01
CA TYR G 1086 17.99 -3.78 63.06
C TYR G 1086 19.14 -4.10 62.11
N GLN G 1087 19.06 -3.62 60.86
CA GLN G 1087 20.19 -3.80 59.95
C GLN G 1087 21.38 -2.96 60.41
N LEU G 1088 21.08 -1.88 61.13
CA LEU G 1088 22.12 -1.11 61.78
C LEU G 1088 22.86 -1.93 62.81
N VAL G 1089 22.13 -2.65 63.66
CA VAL G 1089 22.80 -3.42 64.70
C VAL G 1089 23.23 -4.80 64.22
N VAL G 1090 22.92 -5.15 62.96
CA VAL G 1090 23.64 -6.27 62.38
C VAL G 1090 24.88 -5.75 61.67
N SER G 1091 24.92 -4.47 61.34
CA SER G 1091 26.17 -3.88 60.86
C SER G 1091 27.10 -3.54 62.02
N ASP G 1092 26.56 -2.91 63.05
CA ASP G 1092 27.36 -2.34 64.13
C ASP G 1092 27.57 -3.32 65.28
N VAL G 1093 27.37 -4.62 65.02
CA VAL G 1093 27.39 -5.63 66.06
C VAL G 1093 28.79 -5.78 66.65
N ALA G 1094 29.82 -5.69 65.80
CA ALA G 1094 31.19 -5.79 66.27
C ALA G 1094 31.58 -4.56 67.08
N TYR G 1095 30.93 -3.44 66.81
CA TYR G 1095 31.17 -2.27 67.63
C TYR G 1095 30.42 -2.36 68.94
N PHE G 1096 29.10 -2.51 68.88
CA PHE G 1096 28.26 -2.45 70.07
C PHE G 1096 28.42 -3.65 71.00
N GLN G 1097 29.13 -4.69 70.58
CA GLN G 1097 29.49 -5.73 71.54
C GLN G 1097 30.56 -5.26 72.51
N LYS G 1098 31.32 -4.23 72.15
CA LYS G 1098 32.22 -3.61 73.11
C LYS G 1098 31.49 -2.62 74.01
N MET G 1099 30.33 -2.15 73.59
CA MET G 1099 29.53 -1.28 74.44
C MET G 1099 28.70 -2.14 75.38
N LYS G 1100 28.76 -1.81 76.66
CA LYS G 1100 28.02 -2.56 77.65
C LYS G 1100 26.69 -1.88 77.93
N TRP G 1101 25.68 -2.69 78.18
CA TRP G 1101 24.32 -2.19 78.21
C TRP G 1101 23.60 -2.74 79.42
N GLN G 1102 22.70 -1.93 79.95
CA GLN G 1102 21.78 -2.39 80.98
C GLN G 1102 20.36 -2.55 80.47
N TYR G 1103 20.03 -1.96 79.32
CA TYR G 1103 18.68 -2.01 78.77
C TYR G 1103 18.71 -2.16 77.26
N MET G 1104 18.58 -3.40 76.79
CA MET G 1104 18.20 -3.68 75.42
C MET G 1104 16.68 -3.69 75.35
N ILE G 1105 16.11 -2.96 74.40
CA ILE G 1105 14.67 -2.88 74.26
C ILE G 1105 14.34 -3.21 72.81
N LEU G 1106 13.99 -4.45 72.55
CA LEU G 1106 13.49 -4.89 71.26
C LEU G 1106 12.00 -4.59 71.22
N ASP G 1107 11.61 -3.67 70.34
CA ASP G 1107 10.20 -3.27 70.25
C ASP G 1107 9.38 -4.22 69.40
N GLU G 1108 9.99 -4.85 68.40
CA GLU G 1108 9.19 -5.65 67.48
C GLU G 1108 9.94 -6.93 67.15
N ALA G 1109 9.70 -7.95 67.96
CA ALA G 1109 10.32 -9.25 67.74
C ALA G 1109 9.50 -10.14 66.84
N GLN G 1110 8.51 -9.58 66.13
CA GLN G 1110 8.02 -10.32 64.98
C GLN G 1110 8.85 -10.00 63.75
N ALA G 1111 9.76 -9.04 63.86
CA ALA G 1111 10.91 -9.00 62.99
C ALA G 1111 12.01 -9.95 63.45
N ILE G 1112 11.89 -10.46 64.68
CA ILE G 1112 12.85 -11.42 65.23
C ILE G 1112 12.03 -12.69 65.46
N LYS G 1113 11.08 -12.92 64.55
CA LYS G 1113 10.02 -13.91 64.73
C LYS G 1113 10.54 -15.34 64.73
N SER G 1114 11.72 -15.58 64.18
CA SER G 1114 12.18 -16.94 64.00
C SER G 1114 13.64 -17.06 64.43
N SER G 1115 14.07 -18.30 64.63
CA SER G 1115 15.48 -18.63 64.65
C SER G 1115 15.90 -18.94 63.21
N GLN G 1116 17.13 -19.45 63.05
CA GLN G 1116 17.88 -19.36 61.80
C GLN G 1116 17.83 -17.91 61.31
N SER G 1117 18.38 -17.04 62.13
CA SER G 1117 18.16 -15.61 61.99
C SER G 1117 19.43 -14.90 62.42
N SER G 1118 20.11 -14.26 61.46
CA SER G 1118 21.31 -13.50 61.78
C SER G 1118 21.01 -12.32 62.68
N ARG G 1119 19.82 -11.73 62.54
CA ARG G 1119 19.40 -10.66 63.44
C ARG G 1119 19.25 -11.16 64.86
N TRP G 1120 18.60 -12.30 65.04
CA TRP G 1120 18.46 -12.88 66.38
C TRP G 1120 19.80 -13.29 66.97
N LYS G 1121 20.70 -13.79 66.13
CA LYS G 1121 22.02 -14.19 66.62
C LYS G 1121 22.87 -13.00 67.00
N CYS G 1122 22.76 -11.87 66.29
CA CYS G 1122 23.50 -10.71 66.75
C CYS G 1122 22.84 -10.08 67.95
N LEU G 1123 21.54 -10.29 68.12
CA LEU G 1123 20.91 -9.92 69.37
C LEU G 1123 21.34 -10.81 70.52
N LEU G 1124 21.85 -12.01 70.24
CA LEU G 1124 22.34 -12.85 71.32
C LEU G 1124 23.63 -12.30 71.92
N GLY G 1125 24.56 -11.85 71.08
CA GLY G 1125 25.92 -11.61 71.53
C GLY G 1125 26.23 -10.32 72.26
N PHE G 1126 25.26 -9.75 72.97
CA PHE G 1126 25.51 -8.55 73.75
C PHE G 1126 25.42 -8.84 75.24
N HIS G 1127 25.94 -7.91 76.03
CA HIS G 1127 26.01 -8.06 77.48
C HIS G 1127 24.98 -7.11 78.07
N CYS G 1128 23.76 -7.62 78.24
CA CYS G 1128 22.63 -6.80 78.61
C CYS G 1128 21.92 -7.43 79.79
N ARG G 1129 21.81 -6.68 80.88
CA ARG G 1129 21.15 -7.21 82.07
C ARG G 1129 19.64 -7.24 81.90
N ASN G 1130 19.06 -6.22 81.27
CA ASN G 1130 17.63 -6.20 80.98
C ASN G 1130 17.43 -6.17 79.48
N ARG G 1131 16.85 -7.23 78.94
CA ARG G 1131 16.44 -7.29 77.54
C ARG G 1131 14.92 -7.31 77.51
N LEU G 1132 14.32 -6.13 77.35
CA LEU G 1132 12.88 -6.01 77.24
C LEU G 1132 12.45 -6.44 75.85
N LEU G 1133 11.69 -7.52 75.78
CA LEU G 1133 11.26 -8.08 74.51
C LEU G 1133 9.81 -7.71 74.22
N LEU G 1134 9.61 -7.07 73.07
CA LEU G 1134 8.30 -6.61 72.65
C LEU G 1134 8.15 -7.00 71.18
N THR G 1135 6.91 -7.07 70.72
CA THR G 1135 6.62 -7.54 69.37
C THR G 1135 5.25 -7.00 68.95
N GLY G 1136 4.66 -7.60 67.93
CA GLY G 1136 3.22 -7.45 67.78
C GLY G 1136 2.52 -8.27 68.82
N THR G 1137 2.57 -9.59 68.62
CA THR G 1137 2.09 -10.63 69.54
C THR G 1137 2.96 -11.85 69.32
N PRO G 1138 2.77 -12.93 70.08
CA PRO G 1138 3.20 -14.22 69.56
C PRO G 1138 2.39 -14.59 68.33
N ILE G 1139 3.06 -15.23 67.38
CA ILE G 1139 2.57 -15.50 66.03
C ILE G 1139 2.74 -17.02 65.90
N GLN G 1140 2.75 -17.54 64.66
CA GLN G 1140 2.55 -18.91 64.19
C GLN G 1140 2.98 -20.02 65.14
N ASN G 1141 2.12 -21.01 65.31
CA ASN G 1141 2.31 -22.00 66.36
C ASN G 1141 3.19 -23.16 65.92
N ASN G 1142 4.15 -22.91 65.03
CA ASN G 1142 5.32 -23.77 64.94
C ASN G 1142 6.07 -23.78 66.25
N MET G 1143 6.07 -22.65 66.97
CA MET G 1143 6.60 -22.45 68.31
C MET G 1143 8.12 -22.61 68.40
N GLN G 1144 8.80 -22.73 67.26
CA GLN G 1144 10.19 -22.31 67.20
C GLN G 1144 10.27 -20.81 67.44
N GLU G 1145 9.24 -20.09 66.99
CA GLU G 1145 8.91 -18.76 67.48
C GLU G 1145 8.89 -18.72 69.00
N LEU G 1146 8.14 -19.64 69.61
CA LEU G 1146 7.99 -19.60 71.06
C LEU G 1146 9.25 -20.10 71.75
N TRP G 1147 10.04 -20.96 71.09
CA TRP G 1147 11.40 -21.22 71.55
C TRP G 1147 12.21 -19.94 71.61
N ALA G 1148 12.38 -19.28 70.46
CA ALA G 1148 13.24 -18.11 70.35
C ALA G 1148 12.75 -16.95 71.21
N LEU G 1149 11.47 -16.94 71.56
CA LEU G 1149 11.05 -16.15 72.72
C LEU G 1149 11.65 -16.71 74.00
N LEU G 1150 11.21 -17.91 74.37
CA LEU G 1150 11.24 -18.32 75.77
C LEU G 1150 12.66 -18.62 76.25
N HIS G 1151 13.49 -19.22 75.40
CA HIS G 1151 14.82 -19.55 75.87
C HIS G 1151 15.77 -18.36 75.77
N PHE G 1152 15.60 -17.52 74.74
CA PHE G 1152 16.47 -16.37 74.58
C PHE G 1152 16.22 -15.31 75.64
N ILE G 1153 14.97 -15.18 76.08
CA ILE G 1153 14.66 -14.14 77.04
C ILE G 1153 15.17 -14.51 78.43
N MET G 1154 14.99 -15.75 78.84
CA MET G 1154 15.30 -16.06 80.23
C MET G 1154 16.24 -17.25 80.37
N PRO G 1155 17.12 -17.21 81.37
CA PRO G 1155 17.81 -18.41 81.80
C PRO G 1155 16.88 -19.36 82.52
N SER G 1156 17.34 -20.61 82.64
CA SER G 1156 16.71 -21.79 83.25
C SER G 1156 15.56 -22.35 82.40
N LEU G 1157 15.15 -21.59 81.39
CA LEU G 1157 14.50 -22.12 80.21
C LEU G 1157 15.43 -21.96 79.01
N PHE G 1158 16.66 -21.51 79.26
CA PHE G 1158 17.59 -21.03 78.25
C PHE G 1158 17.99 -22.11 77.26
N ASP G 1159 18.03 -23.36 77.71
CA ASP G 1159 18.21 -24.48 76.82
C ASP G 1159 17.02 -25.40 76.84
N SER G 1160 16.01 -25.08 77.65
CA SER G 1160 14.86 -25.96 77.80
C SER G 1160 13.92 -25.92 76.61
N HIS G 1161 14.20 -25.11 75.58
CA HIS G 1161 13.42 -25.20 74.36
C HIS G 1161 13.74 -26.48 73.59
N ASP G 1162 14.89 -27.10 73.85
CA ASP G 1162 15.11 -28.42 73.29
C ASP G 1162 14.48 -29.51 74.17
N GLU G 1163 14.07 -29.18 75.39
CA GLU G 1163 13.07 -30.00 76.07
C GLU G 1163 11.70 -29.72 75.46
N PHE G 1164 11.49 -28.48 75.03
CA PHE G 1164 10.34 -28.20 74.19
C PHE G 1164 10.51 -28.74 72.77
N SER G 1165 11.59 -29.43 72.45
CA SER G 1165 11.57 -30.32 71.28
C SER G 1165 10.71 -31.56 71.56
N GLU G 1166 10.75 -32.08 72.78
CA GLU G 1166 9.73 -33.06 73.14
C GLU G 1166 8.37 -32.40 73.26
N TRP G 1167 8.35 -31.14 73.68
CA TRP G 1167 7.08 -30.47 73.52
C TRP G 1167 6.86 -29.94 72.09
N PHE G 1168 7.81 -30.16 71.17
CA PHE G 1168 7.52 -29.97 69.74
C PHE G 1168 6.81 -31.19 69.19
N SER G 1169 7.08 -32.35 69.79
CA SER G 1169 6.14 -33.47 69.64
C SER G 1169 4.76 -33.07 70.16
N LYS G 1170 4.71 -32.35 71.30
CA LYS G 1170 3.43 -31.75 71.71
C LYS G 1170 2.94 -30.73 70.67
N ASP G 1171 3.85 -30.02 70.02
CA ASP G 1171 3.44 -28.99 69.06
C ASP G 1171 2.87 -29.59 67.77
N ILE G 1172 3.27 -30.81 67.43
CA ILE G 1172 2.65 -31.44 66.27
C ILE G 1172 1.36 -32.15 66.69
N GLU G 1173 1.30 -32.66 67.92
CA GLU G 1173 -0.03 -33.02 68.39
C GLU G 1173 -0.81 -31.80 68.84
N SER G 1174 -0.27 -30.59 68.72
CA SER G 1174 -1.07 -29.39 68.88
C SER G 1174 -1.95 -29.18 67.66
N HIS G 1175 -1.47 -29.58 66.48
CA HIS G 1175 -2.39 -29.72 65.36
C HIS G 1175 -3.35 -30.87 65.60
N ALA G 1176 -2.86 -31.98 66.16
CA ALA G 1176 -3.77 -33.09 66.45
C ALA G 1176 -4.77 -32.76 67.56
N GLN G 1177 -4.45 -31.80 68.42
CA GLN G 1177 -5.42 -31.36 69.41
C GLN G 1177 -6.17 -30.10 68.96
N SER G 1178 -5.72 -29.45 67.90
CA SER G 1178 -6.62 -28.57 67.17
C SER G 1178 -7.75 -29.39 66.57
N ASN G 1179 -7.45 -30.62 66.18
CA ASN G 1179 -8.50 -31.60 65.96
C ASN G 1179 -9.17 -31.99 67.28
N THR G 1180 -8.38 -32.33 68.31
CA THR G 1180 -8.88 -33.03 69.50
C THR G 1180 -8.47 -32.31 70.80
N LYS G 1181 -9.21 -31.26 71.20
CA LYS G 1181 -8.89 -30.52 72.41
C LYS G 1181 -9.30 -31.25 73.69
N LEU G 1182 -8.57 -32.30 74.08
CA LEU G 1182 -8.87 -32.97 75.34
C LEU G 1182 -7.59 -33.39 76.07
N ASN G 1183 -6.57 -32.53 76.03
CA ASN G 1183 -5.31 -32.81 76.71
C ASN G 1183 -4.95 -31.68 77.66
N GLU G 1184 -4.22 -32.03 78.73
CA GLU G 1184 -3.75 -31.05 79.70
C GLU G 1184 -2.41 -31.56 80.25
N ASP G 1185 -1.34 -31.13 79.63
CA ASP G 1185 -0.01 -31.50 80.08
C ASP G 1185 0.89 -30.30 80.24
N GLN G 1186 0.76 -29.31 79.36
CA GLN G 1186 1.60 -28.13 79.35
C GLN G 1186 0.83 -26.86 79.72
N LEU G 1187 -0.50 -26.86 79.57
CA LEU G 1187 -1.28 -25.64 79.73
C LEU G 1187 -1.27 -25.13 81.16
N LYS G 1188 -1.48 -26.01 82.14
CA LYS G 1188 -1.30 -25.63 83.54
C LYS G 1188 0.16 -25.35 83.86
N ARG G 1189 1.07 -26.07 83.21
CA ARG G 1189 2.49 -25.75 83.34
C ARG G 1189 2.80 -24.40 82.71
N LEU G 1190 2.09 -24.04 81.63
CA LEU G 1190 2.24 -22.69 81.10
C LEU G 1190 1.60 -21.64 82.01
N HIS G 1191 0.53 -22.00 82.73
CA HIS G 1191 -0.03 -21.08 83.73
C HIS G 1191 0.99 -20.81 84.83
N MET G 1192 1.76 -21.83 85.19
CA MET G 1192 2.93 -21.60 86.04
C MET G 1192 3.96 -20.71 85.33
N ILE G 1193 4.19 -20.94 84.04
CA ILE G 1193 5.21 -20.19 83.31
C ILE G 1193 4.72 -18.78 82.99
N LEU G 1194 3.48 -18.63 82.56
CA LEU G 1194 2.99 -17.34 82.11
C LEU G 1194 2.38 -16.50 83.22
N LYS G 1195 2.67 -16.80 84.47
CA LYS G 1195 2.36 -15.78 85.47
C LYS G 1195 3.48 -14.74 85.47
N PRO G 1196 4.78 -15.10 85.33
CA PRO G 1196 5.73 -14.13 84.79
C PRO G 1196 5.70 -14.13 83.28
N PHE G 1197 6.67 -13.43 82.67
CA PHE G 1197 7.12 -13.59 81.29
C PHE G 1197 6.14 -13.02 80.26
N MET G 1198 4.96 -12.59 80.70
CA MET G 1198 3.92 -12.12 79.80
C MET G 1198 2.95 -11.29 80.62
N LEU G 1199 2.26 -10.37 79.96
CA LEU G 1199 1.35 -9.47 80.67
C LEU G 1199 0.30 -9.05 79.65
N ARG G 1200 -0.91 -9.58 79.78
CA ARG G 1200 -1.95 -9.42 78.78
C ARG G 1200 -2.99 -8.39 79.21
N ARG G 1201 -3.17 -7.36 78.38
CA ARG G 1201 -4.32 -6.47 78.42
C ARG G 1201 -5.18 -6.77 77.20
N VAL G 1202 -6.48 -6.92 77.42
CA VAL G 1202 -7.34 -7.58 76.46
C VAL G 1202 -8.04 -6.60 75.54
N LYS G 1203 -8.61 -7.13 74.46
CA LYS G 1203 -9.45 -6.34 73.57
C LYS G 1203 -10.70 -5.84 74.28
N LYS G 1204 -11.22 -6.63 75.23
CA LYS G 1204 -12.41 -6.27 75.98
C LYS G 1204 -12.20 -5.00 76.80
N HIS G 1205 -10.97 -4.76 77.24
CA HIS G 1205 -10.65 -3.49 77.88
C HIS G 1205 -10.69 -2.33 76.90
N VAL G 1206 -10.43 -2.59 75.62
CA VAL G 1206 -10.28 -1.54 74.64
C VAL G 1206 -11.46 -1.48 73.66
N GLN G 1207 -12.07 -2.61 73.30
CA GLN G 1207 -13.20 -2.57 72.37
C GLN G 1207 -14.47 -2.06 73.04
N LYS G 1208 -14.52 -2.00 74.37
CA LYS G 1208 -15.67 -1.41 75.05
C LYS G 1208 -15.77 0.08 74.78
N GLU G 1209 -14.65 0.74 74.47
CA GLU G 1209 -14.71 2.06 73.88
C GLU G 1209 -15.30 2.01 72.47
N LEU G 1210 -14.89 1.04 71.67
CA LEU G 1210 -15.23 0.98 70.26
C LEU G 1210 -16.61 0.36 70.05
N GLY G 1211 -16.96 0.13 68.78
CA GLY G 1211 -18.18 -0.56 68.44
C GLY G 1211 -17.93 -2.02 68.10
N ASP G 1212 -18.41 -2.48 66.96
CA ASP G 1212 -18.33 -3.88 66.58
C ASP G 1212 -17.75 -4.02 65.18
N LYS G 1213 -17.15 -5.18 64.94
CA LYS G 1213 -16.66 -5.54 63.61
C LYS G 1213 -17.09 -6.96 63.30
N ILE G 1214 -17.59 -7.16 62.09
CA ILE G 1214 -18.23 -8.42 61.69
C ILE G 1214 -17.69 -8.84 60.33
N GLU G 1215 -17.17 -10.07 60.26
CA GLU G 1215 -16.77 -10.66 58.99
C GLU G 1215 -17.97 -11.26 58.27
N ILE G 1216 -18.11 -10.94 56.99
CA ILE G 1216 -19.10 -11.56 56.12
C ILE G 1216 -18.36 -12.38 55.08
N ASP G 1217 -18.70 -13.66 54.98
CA ASP G 1217 -18.01 -14.58 54.08
C ASP G 1217 -18.84 -14.75 52.81
N VAL G 1218 -18.24 -14.43 51.66
CA VAL G 1218 -18.91 -14.50 50.38
C VAL G 1218 -18.15 -15.46 49.49
N PHE G 1219 -18.83 -16.52 49.04
CA PHE G 1219 -18.23 -17.49 48.16
C PHE G 1219 -18.31 -17.02 46.71
N CYS G 1220 -17.52 -17.67 45.85
CA CYS G 1220 -17.48 -17.34 44.42
C CYS G 1220 -17.40 -18.65 43.65
N GLU G 1221 -17.05 -18.54 42.36
CA GLU G 1221 -16.99 -19.69 41.47
C GLU G 1221 -15.75 -19.56 40.59
N LEU G 1222 -15.71 -20.35 39.54
CA LEU G 1222 -14.67 -20.27 38.52
C LEU G 1222 -15.37 -20.13 37.19
N SER G 1223 -14.88 -19.24 36.34
CA SER G 1223 -15.49 -19.20 35.03
C SER G 1223 -14.98 -20.35 34.18
N TYR G 1224 -15.58 -20.51 33.00
CA TYR G 1224 -15.18 -21.59 32.10
C TYR G 1224 -13.73 -21.48 31.71
N ARG G 1225 -13.29 -20.27 31.33
CA ARG G 1225 -11.88 -20.08 31.05
C ARG G 1225 -11.06 -20.23 32.32
N GLN G 1226 -11.62 -19.79 33.45
CA GLN G 1226 -10.87 -19.84 34.68
C GLN G 1226 -10.74 -21.26 35.19
N ARG G 1227 -11.84 -22.01 35.20
CA ARG G 1227 -11.78 -23.42 35.56
C ARG G 1227 -11.01 -24.23 34.53
N ALA G 1228 -11.04 -23.79 33.27
CA ALA G 1228 -10.29 -24.48 32.23
C ALA G 1228 -8.80 -24.31 32.44
N MET G 1229 -8.35 -23.12 32.84
CA MET G 1229 -6.95 -22.97 33.17
C MET G 1229 -6.60 -23.60 34.50
N TYR G 1230 -7.56 -23.72 35.41
CA TYR G 1230 -7.26 -24.36 36.69
C TYR G 1230 -7.08 -25.86 36.53
N GLN G 1231 -7.92 -26.50 35.74
CA GLN G 1231 -7.65 -27.89 35.44
C GLN G 1231 -6.65 -28.06 34.31
N SER G 1232 -6.26 -26.98 33.64
CA SER G 1232 -5.04 -27.04 32.85
C SER G 1232 -3.84 -27.12 33.77
N LEU G 1233 -3.90 -26.42 34.90
CA LEU G 1233 -2.90 -26.60 35.95
C LEU G 1233 -3.00 -27.96 36.60
N ARG G 1234 -4.19 -28.53 36.67
CA ARG G 1234 -4.30 -29.90 37.18
C ARG G 1234 -3.81 -30.91 36.16
N ASN G 1235 -3.96 -30.63 34.87
CA ASN G 1235 -3.27 -31.40 33.85
C ASN G 1235 -1.77 -31.17 33.91
N GLN G 1236 -1.37 -29.99 34.37
CA GLN G 1236 0.06 -29.70 34.50
C GLN G 1236 0.65 -30.45 35.68
N ILE G 1237 -0.11 -30.61 36.77
CA ILE G 1237 0.37 -31.48 37.83
C ILE G 1237 0.18 -32.93 37.43
N SER G 1238 -0.70 -33.21 36.47
CA SER G 1238 -0.80 -34.58 35.95
C SER G 1238 0.43 -34.93 35.11
N ILE G 1239 0.95 -33.96 34.35
CA ILE G 1239 2.07 -34.20 33.46
C ILE G 1239 3.41 -33.95 34.15
N MET G 1240 3.41 -33.24 35.28
CA MET G 1240 4.66 -32.94 35.99
C MET G 1240 4.85 -33.75 37.26
N ASP G 1241 3.79 -34.28 37.87
CA ASP G 1241 3.97 -35.37 38.83
C ASP G 1241 4.24 -36.69 38.14
N LEU G 1242 3.99 -36.76 36.83
CA LEU G 1242 4.32 -37.92 36.02
C LEU G 1242 5.23 -37.47 34.88
N ASP G 1253 4.64 -27.18 30.81
CA ASP G 1253 5.91 -26.63 31.27
C ASP G 1253 5.71 -25.64 32.41
N SER G 1254 6.69 -24.74 32.58
CA SER G 1254 6.72 -23.73 33.64
C SER G 1254 6.58 -24.35 35.02
N ALA G 1255 7.26 -25.47 35.22
CA ALA G 1255 7.00 -26.33 36.37
C ALA G 1255 7.83 -25.87 37.58
N THR G 1256 7.35 -24.80 38.19
CA THR G 1256 7.73 -24.51 39.56
C THR G 1256 6.59 -24.94 40.48
N LEU G 1257 6.97 -25.53 41.60
CA LEU G 1257 6.02 -25.93 42.63
C LEU G 1257 5.27 -24.74 43.20
N MET G 1258 5.93 -23.60 43.29
CA MET G 1258 5.15 -22.47 43.72
C MET G 1258 4.50 -21.75 42.55
N ASN G 1259 4.93 -22.03 41.31
CA ASN G 1259 4.04 -21.77 40.20
C ASN G 1259 2.77 -22.61 40.36
N LEU G 1260 2.90 -23.85 40.85
CA LEU G 1260 1.73 -24.68 41.10
C LEU G 1260 0.82 -24.07 42.17
N VAL G 1261 1.34 -23.88 43.39
CA VAL G 1261 0.46 -23.43 44.47
C VAL G 1261 0.05 -21.96 44.29
N MET G 1262 1.01 -21.09 44.05
CA MET G 1262 0.62 -19.70 43.96
C MET G 1262 0.03 -19.34 42.60
N GLN G 1263 0.08 -20.22 41.61
CA GLN G 1263 -0.70 -19.96 40.41
C GLN G 1263 -2.08 -20.59 40.51
N PHE G 1264 -2.27 -21.59 41.38
CA PHE G 1264 -3.62 -21.88 41.85
C PHE G 1264 -4.22 -20.64 42.50
N ARG G 1265 -3.40 -19.95 43.28
CA ARG G 1265 -3.84 -18.70 43.88
C ARG G 1265 -4.12 -17.63 42.83
N LYS G 1266 -3.23 -17.49 41.84
CA LYS G 1266 -3.41 -16.49 40.81
C LYS G 1266 -4.64 -16.77 39.97
N VAL G 1267 -4.87 -18.03 39.63
CA VAL G 1267 -6.05 -18.33 38.83
C VAL G 1267 -7.30 -18.30 39.67
N CYS G 1268 -7.17 -18.28 41.00
CA CYS G 1268 -8.28 -17.73 41.76
C CYS G 1268 -8.40 -16.24 41.49
N ASN G 1269 -7.28 -15.51 41.50
CA ASN G 1269 -7.33 -14.05 41.44
C ASN G 1269 -7.78 -13.57 40.08
N HIS G 1270 -6.97 -13.83 39.07
CA HIS G 1270 -7.28 -13.34 37.73
C HIS G 1270 -6.45 -14.04 36.68
N PRO G 1271 -7.07 -14.54 35.61
CA PRO G 1271 -6.32 -15.40 34.69
C PRO G 1271 -5.33 -14.65 33.84
N ASP G 1272 -5.51 -13.36 33.64
CA ASP G 1272 -4.67 -12.65 32.69
C ASP G 1272 -3.32 -12.26 33.27
N LEU G 1273 -3.07 -12.54 34.55
CA LEU G 1273 -1.72 -12.43 35.06
C LEU G 1273 -0.82 -13.46 34.40
N PHE G 1274 -1.28 -14.70 34.31
CA PHE G 1274 -0.72 -15.64 33.36
C PHE G 1274 -0.99 -15.08 31.97
N GLU G 1275 -0.01 -15.21 31.08
CA GLU G 1275 0.19 -14.23 30.01
C GLU G 1275 -0.99 -14.12 29.04
N ARG G 1276 -1.37 -12.89 28.72
CA ARG G 1276 -2.49 -12.61 27.85
C ARG G 1276 -1.96 -11.96 26.59
N ALA G 1277 -2.69 -12.14 25.49
CA ALA G 1277 -2.36 -11.46 24.25
C ALA G 1277 -2.87 -10.03 24.30
N ASP G 1278 -2.09 -9.13 23.71
CA ASP G 1278 -2.45 -7.73 23.68
C ASP G 1278 -3.34 -7.48 22.46
N THR G 1279 -3.84 -6.25 22.33
CA THR G 1279 -4.88 -5.90 21.35
C THR G 1279 -4.50 -6.20 19.89
N SER G 1280 -5.27 -7.08 19.28
CA SER G 1280 -4.94 -7.76 18.05
C SER G 1280 -5.38 -6.94 16.84
N SER G 1281 -5.29 -7.60 15.70
CA SER G 1281 -5.65 -7.05 14.40
C SER G 1281 -5.67 -8.19 13.40
N PRO G 1282 -6.23 -7.99 12.23
CA PRO G 1282 -6.08 -9.00 11.17
C PRO G 1282 -4.70 -8.97 10.57
N PHE G 1283 -4.34 -10.11 10.00
CA PHE G 1283 -3.08 -10.29 9.29
C PHE G 1283 -2.96 -9.31 8.15
N PHE G 1284 -1.73 -8.91 7.87
CA PHE G 1284 -1.46 -7.93 6.84
C PHE G 1284 -0.59 -8.55 5.78
N CYS G 1285 -1.01 -8.45 4.52
CA CYS G 1285 -0.34 -9.16 3.45
C CYS G 1285 0.73 -8.33 2.76
N GLY G 1286 0.67 -7.01 2.88
CA GLY G 1286 1.53 -6.15 2.09
C GLY G 1286 2.88 -5.94 2.70
N HIS G 1287 3.60 -4.99 2.13
CA HIS G 1287 4.97 -4.68 2.52
C HIS G 1287 5.04 -3.27 3.07
N PHE G 1288 5.23 -3.16 4.36
CA PHE G 1288 5.39 -1.88 5.02
C PHE G 1288 6.88 -1.59 5.15
N ALA G 1289 7.22 -0.62 5.98
CA ALA G 1289 8.61 -0.28 6.26
C ALA G 1289 8.89 -0.45 7.75
N GLU G 1290 9.79 -1.36 8.08
CA GLU G 1290 10.12 -1.60 9.47
C GLU G 1290 11.03 -0.51 10.01
N THR G 1291 10.74 -0.06 11.21
CA THR G 1291 11.62 0.88 11.89
C THR G 1291 12.89 0.18 12.31
N GLY G 1292 14.03 0.85 12.09
CA GLY G 1292 15.32 0.29 12.43
C GLY G 1292 15.53 0.09 13.92
N SER G 1293 15.54 1.17 14.68
CA SER G 1293 15.78 1.08 16.12
C SER G 1293 14.95 2.13 16.84
N PHE G 1294 15.00 2.05 18.17
CA PHE G 1294 14.26 2.98 19.01
C PHE G 1294 15.09 4.18 19.42
N LEU G 1295 16.42 4.04 19.43
CA LEU G 1295 17.29 5.03 20.03
C LEU G 1295 17.85 6.01 19.02
N ARG G 1296 17.26 6.10 17.83
CA ARG G 1296 17.73 7.01 16.81
C ARG G 1296 16.74 8.11 16.52
N GLU G 1297 15.51 7.75 16.19
CA GLU G 1297 14.46 8.73 15.93
C GLU G 1297 13.89 9.13 17.27
N GLY G 1298 14.49 10.15 17.87
CA GLY G 1298 14.17 10.52 19.23
C GLY G 1298 12.81 11.14 19.45
N THR G 1299 12.61 12.37 18.99
CA THR G 1299 11.38 13.07 19.30
C THR G 1299 10.61 13.50 18.07
N ASN G 1300 11.27 14.14 17.11
CA ASN G 1300 10.57 14.72 15.97
C ASN G 1300 10.75 13.76 14.80
N VAL G 1301 9.79 12.86 14.63
CA VAL G 1301 9.83 11.86 13.57
C VAL G 1301 8.64 12.12 12.67
N ALA G 1302 8.65 11.52 11.48
CA ALA G 1302 7.56 11.67 10.52
C ALA G 1302 7.14 10.31 10.01
N LEU G 1303 5.87 9.98 10.15
CA LEU G 1303 5.36 8.75 9.58
C LEU G 1303 5.17 8.86 8.09
N GLY G 1304 5.47 7.78 7.39
CA GLY G 1304 5.30 7.72 5.95
C GLY G 1304 4.37 6.60 5.58
N TYR G 1305 3.45 6.89 4.66
CA TYR G 1305 2.52 5.86 4.20
C TYR G 1305 3.29 4.92 3.30
N SER G 1306 3.81 3.85 3.89
CA SER G 1306 4.69 2.94 3.17
C SER G 1306 4.00 1.67 2.72
N THR G 1307 2.67 1.67 2.70
CA THR G 1307 1.94 0.45 2.44
C THR G 1307 1.93 0.13 0.95
N ARG G 1308 2.60 -0.95 0.57
CA ARG G 1308 2.52 -1.45 -0.78
C ARG G 1308 2.19 -2.93 -0.72
N SER G 1309 1.60 -3.44 -1.79
CA SER G 1309 1.33 -4.87 -1.86
C SER G 1309 2.57 -5.64 -2.27
N LEU G 1310 2.74 -6.82 -1.68
CA LEU G 1310 3.78 -7.71 -2.17
C LEU G 1310 3.47 -8.22 -3.57
N VAL G 1311 2.18 -8.33 -3.90
CA VAL G 1311 1.81 -8.62 -5.28
C VAL G 1311 2.18 -7.43 -6.13
N GLU G 1312 3.10 -7.63 -7.06
CA GLU G 1312 3.48 -6.58 -7.97
C GLU G 1312 3.09 -6.97 -9.39
N TYR G 1313 2.95 -5.94 -10.23
CA TYR G 1313 2.64 -6.18 -11.63
C TYR G 1313 3.56 -5.25 -12.39
N ARG G 1314 4.49 -5.83 -13.13
CA ARG G 1314 5.58 -5.07 -13.72
C ARG G 1314 5.28 -4.83 -15.19
N LEU G 1315 5.22 -3.59 -15.57
CA LEU G 1315 4.97 -3.15 -16.91
C LEU G 1315 6.09 -2.25 -17.38
N PRO G 1316 6.37 -2.22 -18.66
CA PRO G 1316 7.41 -1.33 -19.18
C PRO G 1316 6.90 0.09 -19.29
N ARG G 1317 7.80 1.01 -19.61
CA ARG G 1317 7.40 2.38 -19.79
C ARG G 1317 6.88 2.65 -21.17
N LEU G 1318 6.85 1.66 -22.05
CA LEU G 1318 6.22 1.87 -23.34
C LEU G 1318 4.70 1.77 -23.24
N ILE G 1319 4.22 0.69 -22.62
CA ILE G 1319 2.79 0.42 -22.55
C ILE G 1319 2.10 1.28 -21.50
N TRP G 1320 2.70 1.41 -20.33
CA TRP G 1320 2.00 2.11 -19.26
C TRP G 1320 2.09 3.63 -19.40
N CYS G 1321 3.14 4.13 -20.04
CA CYS G 1321 3.31 5.57 -20.14
C CYS G 1321 3.23 6.09 -21.56
N ASP G 1322 3.93 5.47 -22.51
CA ASP G 1322 4.18 6.17 -23.77
C ASP G 1322 2.98 6.05 -24.71
N GLY G 1323 2.72 4.85 -25.20
CA GLY G 1323 1.73 4.72 -26.24
C GLY G 1323 0.92 3.45 -26.20
N GLY G 1324 0.94 2.77 -25.07
CA GLY G 1324 0.15 1.56 -24.97
C GLY G 1324 -1.25 1.90 -24.53
N ARG G 1325 -1.37 2.95 -23.75
CA ARG G 1325 -2.67 3.42 -23.34
C ARG G 1325 -3.33 4.15 -24.49
N LEU G 1326 -4.59 3.79 -24.77
CA LEU G 1326 -5.37 4.43 -25.81
C LEU G 1326 -6.02 5.72 -25.36
N ASP G 1327 -5.58 6.30 -24.26
CA ASP G 1327 -6.24 7.49 -23.73
C ASP G 1327 -5.22 8.59 -23.50
N LYS G 1328 -3.98 8.19 -23.26
CA LYS G 1328 -2.91 9.15 -23.09
C LYS G 1328 -2.48 9.71 -24.43
N PRO G 1329 -2.62 10.97 -24.66
CA PRO G 1329 -2.40 11.52 -25.99
C PRO G 1329 -0.96 11.96 -26.23
N GLY G 1330 -0.02 11.07 -25.93
CA GLY G 1330 1.35 11.35 -26.24
C GLY G 1330 1.67 11.13 -27.69
N PRO G 1331 2.89 11.47 -28.08
CA PRO G 1331 3.32 11.21 -29.45
C PRO G 1331 3.53 9.73 -29.68
N GLY G 1332 2.97 9.24 -30.79
CA GLY G 1332 2.89 7.81 -31.01
C GLY G 1332 1.45 7.37 -30.84
N ASN G 1333 0.77 7.94 -29.85
CA ASN G 1333 -0.67 7.76 -29.72
C ASN G 1333 -1.39 8.96 -30.32
N LEU G 1334 -1.19 9.13 -31.63
CA LEU G 1334 -1.69 10.32 -32.33
C LEU G 1334 -3.20 10.33 -32.47
N VAL G 1335 -3.86 9.22 -32.22
CA VAL G 1335 -5.30 9.16 -32.35
C VAL G 1335 -5.98 9.83 -31.16
N ALA G 1336 -5.38 9.71 -29.97
CA ALA G 1336 -6.07 10.00 -28.74
C ALA G 1336 -6.36 11.48 -28.49
N GLY G 1337 -5.83 12.38 -29.31
CA GLY G 1337 -6.24 13.77 -29.15
C GLY G 1337 -7.47 14.05 -29.97
N PHE G 1338 -7.38 13.66 -31.24
CA PHE G 1338 -8.47 13.77 -32.19
C PHE G 1338 -9.72 13.07 -31.68
N ARG G 1339 -9.57 11.83 -31.22
CA ARG G 1339 -10.71 11.04 -30.82
C ARG G 1339 -11.36 11.64 -29.60
N SER G 1340 -10.55 12.17 -28.68
CA SER G 1340 -11.06 12.84 -27.51
C SER G 1340 -11.86 14.07 -27.88
N LYS G 1341 -11.34 14.89 -28.79
CA LYS G 1341 -12.06 16.13 -29.09
C LYS G 1341 -13.29 15.86 -29.94
N TYR G 1342 -13.17 15.09 -31.01
CA TYR G 1342 -14.31 14.88 -31.89
C TYR G 1342 -15.23 13.76 -31.43
N LEU G 1343 -15.05 13.19 -30.25
CA LEU G 1343 -16.13 12.43 -29.67
C LEU G 1343 -16.69 13.04 -28.40
N ASN G 1344 -15.95 13.92 -27.74
CA ASN G 1344 -16.45 14.49 -26.50
C ASN G 1344 -16.87 15.94 -26.60
N HIS G 1345 -16.53 16.64 -27.67
CA HIS G 1345 -16.93 18.03 -27.74
C HIS G 1345 -17.48 18.50 -29.07
N MET G 1346 -17.16 17.87 -30.19
CA MET G 1346 -17.70 18.32 -31.47
C MET G 1346 -18.89 17.48 -31.90
N MET G 1347 -18.70 16.18 -32.07
CA MET G 1347 -19.77 15.28 -32.52
C MET G 1347 -20.48 14.65 -31.33
N ASN G 1348 -20.95 15.46 -30.41
CA ASN G 1348 -21.60 14.99 -29.20
C ASN G 1348 -23.02 15.52 -29.17
N ILE G 1349 -23.94 14.69 -28.69
CA ILE G 1349 -25.34 15.05 -28.76
C ILE G 1349 -25.75 15.69 -27.44
N TRP G 1350 -24.79 15.95 -26.57
CA TRP G 1350 -25.10 16.63 -25.34
C TRP G 1350 -24.47 18.01 -25.23
N THR G 1351 -23.65 18.41 -26.19
CA THR G 1351 -23.13 19.78 -26.17
C THR G 1351 -24.28 20.75 -26.43
N PRO G 1352 -24.26 21.94 -25.82
CA PRO G 1352 -25.42 22.82 -25.92
C PRO G 1352 -25.71 23.34 -27.30
N GLU G 1353 -24.70 23.41 -28.17
CA GLU G 1353 -24.99 23.75 -29.56
C GLU G 1353 -25.76 22.63 -30.25
N ASN G 1354 -25.42 21.38 -29.97
CA ASN G 1354 -26.15 20.31 -30.61
C ASN G 1354 -27.44 19.97 -29.88
N ILE G 1355 -27.79 20.68 -28.83
CA ILE G 1355 -29.11 20.56 -28.22
C ILE G 1355 -30.02 21.68 -28.68
N ARG G 1356 -29.48 22.89 -28.78
CA ARG G 1356 -30.27 24.07 -29.11
C ARG G 1356 -30.92 23.98 -30.49
N SER G 1357 -30.38 23.18 -31.39
CA SER G 1357 -30.98 23.02 -32.71
C SER G 1357 -32.05 21.93 -32.75
N SER G 1358 -32.32 21.26 -31.65
CA SER G 1358 -33.24 20.12 -31.66
C SER G 1358 -34.19 20.17 -30.47
N LEU G 1359 -34.83 21.31 -30.27
CA LEU G 1359 -35.59 21.51 -29.05
C LEU G 1359 -37.00 22.04 -29.33
N GLU G 1360 -37.47 21.95 -30.56
CA GLU G 1360 -38.62 22.74 -31.00
C GLU G 1360 -39.69 21.88 -31.65
N GLY G 1361 -40.10 20.80 -31.01
CA GLY G 1361 -41.23 20.07 -31.56
C GLY G 1361 -41.21 18.59 -31.36
N ILE G 1362 -41.27 17.82 -32.46
CA ILE G 1362 -41.25 16.37 -32.34
C ILE G 1362 -39.84 15.84 -32.08
N GLU G 1363 -38.83 16.70 -32.13
CA GLU G 1363 -37.44 16.29 -32.11
C GLU G 1363 -37.03 15.83 -30.71
N ASN G 1364 -35.77 15.46 -30.57
CA ASN G 1364 -35.37 14.57 -29.50
C ASN G 1364 -35.28 15.25 -28.14
N PHE G 1365 -34.83 16.50 -28.09
CA PHE G 1365 -34.78 17.20 -26.81
C PHE G 1365 -35.97 18.10 -26.61
N THR G 1366 -37.13 17.62 -27.02
CA THR G 1366 -38.38 18.34 -26.77
C THR G 1366 -38.63 18.50 -25.28
N TRP G 1367 -38.38 17.44 -24.52
CA TRP G 1367 -38.75 17.43 -23.13
C TRP G 1367 -37.86 18.27 -22.22
N LEU G 1368 -36.74 18.80 -22.74
CA LEU G 1368 -35.74 19.41 -21.87
C LEU G 1368 -36.22 20.72 -21.27
N ARG G 1369 -37.22 21.34 -21.87
CA ARG G 1369 -37.74 22.58 -21.31
C ARG G 1369 -38.50 22.35 -20.01
N PHE G 1370 -39.00 21.14 -19.80
CA PHE G 1370 -39.93 20.91 -18.71
C PHE G 1370 -39.32 20.24 -17.50
N VAL G 1371 -38.25 19.46 -17.68
CA VAL G 1371 -37.54 18.94 -16.54
C VAL G 1371 -36.74 20.08 -15.94
N ASP G 1372 -36.60 20.09 -14.62
CA ASP G 1372 -35.91 21.18 -13.95
C ASP G 1372 -34.42 21.13 -14.18
N THR G 1373 -34.00 21.38 -15.41
CA THR G 1373 -32.59 21.47 -15.75
C THR G 1373 -32.39 22.66 -16.66
N SER G 1374 -31.16 22.79 -17.12
CA SER G 1374 -30.79 23.75 -18.13
C SER G 1374 -29.82 23.04 -19.04
N LEU G 1375 -29.33 23.75 -20.04
CA LEU G 1375 -28.36 23.14 -20.94
C LEU G 1375 -27.07 22.83 -20.20
N GLN G 1376 -26.68 23.70 -19.26
CA GLN G 1376 -25.44 23.48 -18.55
C GLN G 1376 -25.59 22.36 -17.55
N GLU G 1377 -26.78 22.22 -16.97
CA GLU G 1377 -27.05 21.08 -16.09
C GLU G 1377 -26.89 19.77 -16.84
N ALA G 1378 -27.45 19.71 -18.05
CA ALA G 1378 -27.36 18.49 -18.84
C ALA G 1378 -25.95 18.24 -19.33
N TYR G 1379 -25.23 19.30 -19.66
CA TYR G 1379 -23.90 19.08 -20.20
C TYR G 1379 -22.91 18.66 -19.12
N ARG G 1380 -23.02 19.22 -17.91
CA ARG G 1380 -22.20 18.69 -16.84
C ARG G 1380 -22.64 17.30 -16.42
N ALA G 1381 -23.94 17.02 -16.52
CA ALA G 1381 -24.44 15.72 -16.10
C ALA G 1381 -24.07 14.61 -17.07
N SER G 1382 -23.64 14.93 -18.27
CA SER G 1382 -23.35 13.89 -19.23
C SER G 1382 -21.86 13.77 -19.52
N HIS G 1383 -21.01 14.25 -18.62
CA HIS G 1383 -19.58 13.99 -18.74
C HIS G 1383 -18.86 13.66 -17.46
N THR G 1384 -19.46 13.88 -16.31
CA THR G 1384 -18.77 13.52 -15.09
C THR G 1384 -19.08 12.07 -14.77
N ASP G 1385 -18.70 11.64 -13.59
CA ASP G 1385 -18.90 10.26 -13.19
C ASP G 1385 -20.25 10.10 -12.52
N VAL G 1386 -20.45 8.98 -11.85
CA VAL G 1386 -21.52 8.93 -10.87
C VAL G 1386 -21.06 9.66 -9.61
N PHE G 1387 -19.75 9.78 -9.40
CA PHE G 1387 -19.27 10.41 -8.18
C PHE G 1387 -19.47 11.90 -8.21
N ALA G 1388 -18.92 12.57 -9.24
CA ALA G 1388 -18.98 14.01 -9.29
C ALA G 1388 -20.41 14.51 -9.48
N ARG G 1389 -21.24 13.72 -10.14
CA ARG G 1389 -22.65 14.08 -10.22
C ARG G 1389 -23.33 13.95 -8.86
N ALA G 1390 -22.87 13.04 -8.02
CA ALA G 1390 -23.43 12.96 -6.68
C ALA G 1390 -22.99 14.13 -5.82
N VAL G 1391 -21.75 14.59 -6.00
CA VAL G 1391 -21.30 15.77 -5.28
C VAL G 1391 -22.08 16.99 -5.72
N ASP G 1392 -22.45 17.04 -7.00
CA ASP G 1392 -23.31 18.14 -7.44
C ASP G 1392 -24.73 18.02 -6.89
N LEU G 1393 -25.23 16.79 -6.69
CA LEU G 1393 -26.53 16.67 -6.02
C LEU G 1393 -26.46 17.04 -4.56
N ALA G 1394 -25.28 16.94 -3.95
CA ALA G 1394 -25.18 17.21 -2.52
C ALA G 1394 -25.39 18.67 -2.16
N SER G 1395 -25.37 19.59 -3.13
CA SER G 1395 -25.59 20.99 -2.87
C SER G 1395 -26.74 21.51 -3.70
N LYS G 1396 -27.85 20.80 -3.68
CA LYS G 1396 -29.06 21.23 -4.36
C LYS G 1396 -30.21 21.16 -3.37
N GLN G 1397 -30.73 22.32 -3.01
CA GLN G 1397 -31.82 22.36 -2.07
C GLN G 1397 -33.10 21.95 -2.78
N ASN G 1398 -33.70 20.88 -2.29
CA ASN G 1398 -34.98 20.45 -2.81
C ASN G 1398 -36.06 21.45 -2.43
N ARG G 1399 -36.96 21.71 -3.36
CA ARG G 1399 -38.04 22.64 -3.11
C ARG G 1399 -39.39 22.12 -3.55
N LEU G 1400 -39.45 21.16 -4.47
CA LEU G 1400 -40.72 20.67 -4.95
C LEU G 1400 -41.43 19.80 -3.93
N GLY G 1401 -40.73 19.33 -2.90
CA GLY G 1401 -41.43 18.76 -1.78
C GLY G 1401 -42.21 19.81 -1.04
N HIS G 1402 -41.62 20.99 -0.87
CA HIS G 1402 -42.22 22.01 -0.02
C HIS G 1402 -43.43 22.66 -0.67
N MET G 1403 -43.52 22.59 -1.99
CA MET G 1403 -44.70 23.06 -2.71
C MET G 1403 -45.95 22.34 -2.24
N GLN G 1404 -45.81 21.06 -1.91
CA GLN G 1404 -46.93 20.30 -1.42
C GLN G 1404 -47.30 20.70 0.00
N ILE G 1405 -46.40 21.35 0.71
CA ILE G 1405 -46.75 21.83 2.05
C ILE G 1405 -47.42 23.18 1.96
N VAL G 1406 -46.84 24.10 1.22
CA VAL G 1406 -47.39 25.46 1.17
C VAL G 1406 -48.58 25.52 0.24
N TYR G 1407 -48.36 25.23 -1.04
CA TYR G 1407 -49.40 25.37 -2.06
C TYR G 1407 -50.31 24.16 -2.00
N ASP G 1408 -51.19 24.16 -1.03
CA ASP G 1408 -52.03 23.01 -0.73
C ASP G 1408 -53.48 23.44 -0.57
N GLU G 1409 -53.95 24.21 -1.50
CA GLU G 1409 -55.33 24.63 -1.40
C GLU G 1409 -56.13 24.08 -2.57
N PRO G 1410 -57.42 23.79 -2.36
CA PRO G 1410 -58.26 23.38 -3.49
C PRO G 1410 -58.46 24.49 -4.50
N GLU G 1411 -58.48 25.74 -4.05
CA GLU G 1411 -58.50 26.88 -4.95
C GLU G 1411 -57.19 27.00 -5.73
N ASP G 1412 -56.09 26.54 -5.16
CA ASP G 1412 -54.79 26.79 -5.73
C ASP G 1412 -54.48 25.88 -6.92
N LYS G 1413 -55.39 24.95 -7.25
CA LYS G 1413 -55.41 23.99 -8.36
C LYS G 1413 -54.07 23.29 -8.63
N LYS G 1414 -53.35 22.98 -7.55
CA LYS G 1414 -52.11 22.18 -7.55
C LYS G 1414 -51.06 22.83 -8.44
N TRP G 1415 -50.63 24.00 -8.00
CA TRP G 1415 -49.71 24.80 -8.78
C TRP G 1415 -48.32 24.17 -8.81
N THR G 1416 -47.73 24.09 -9.99
CA THR G 1416 -46.36 23.67 -10.21
C THR G 1416 -45.69 24.64 -11.15
N PRO G 1417 -44.39 24.87 -10.99
CA PRO G 1417 -43.68 25.71 -11.95
C PRO G 1417 -43.55 24.99 -13.28
N VAL G 1418 -43.67 25.75 -14.36
CA VAL G 1418 -43.73 25.15 -15.68
C VAL G 1418 -42.38 24.60 -16.07
N HIS G 1419 -41.29 25.17 -15.57
CA HIS G 1419 -39.99 24.61 -15.85
C HIS G 1419 -39.69 23.38 -15.01
N ALA G 1420 -40.61 22.96 -14.15
CA ALA G 1420 -40.50 21.71 -13.41
C ALA G 1420 -41.79 20.93 -13.53
N LEU G 1421 -42.36 20.88 -14.72
CA LEU G 1421 -43.68 20.30 -14.87
C LEU G 1421 -43.63 18.78 -14.92
N PHE G 1422 -42.68 18.21 -15.65
CA PHE G 1422 -42.70 16.78 -15.83
C PHE G 1422 -42.19 16.01 -14.61
N GLN G 1423 -41.53 16.66 -13.67
CA GLN G 1423 -41.08 15.96 -12.46
C GLN G 1423 -42.28 15.77 -11.55
N ILE G 1424 -43.11 14.79 -11.88
CA ILE G 1424 -44.34 14.59 -11.14
C ILE G 1424 -44.07 13.87 -9.83
N CYS G 1425 -43.26 12.81 -9.88
CA CYS G 1425 -42.94 12.04 -8.69
C CYS G 1425 -42.13 12.85 -7.67
N GLU G 1426 -41.39 13.87 -8.13
CA GLU G 1426 -40.76 14.80 -7.21
C GLU G 1426 -41.77 15.65 -6.47
N ARG G 1427 -42.98 15.79 -6.98
CA ARG G 1427 -43.91 16.80 -6.51
C ARG G 1427 -44.93 16.24 -5.53
N GLU G 1428 -45.56 15.12 -5.88
CA GLU G 1428 -46.53 14.51 -4.98
C GLU G 1428 -45.85 13.36 -4.26
N ASN G 1429 -45.46 13.61 -3.03
CA ASN G 1429 -44.69 12.64 -2.28
C ASN G 1429 -45.20 12.61 -0.86
N PRO G 1430 -45.61 11.47 -0.34
CA PRO G 1430 -46.17 11.44 1.01
C PRO G 1430 -45.13 11.63 2.10
N LYS G 1431 -43.84 11.45 1.80
CA LYS G 1431 -42.81 11.68 2.80
C LYS G 1431 -42.75 13.15 3.20
N ALA G 1432 -42.91 14.04 2.23
CA ALA G 1432 -42.81 15.47 2.50
C ALA G 1432 -43.96 15.96 3.34
N VAL G 1433 -45.16 15.43 3.11
CA VAL G 1433 -46.28 15.77 3.97
C VAL G 1433 -46.09 15.08 5.32
N ALA G 1434 -45.42 13.93 5.33
CA ALA G 1434 -45.25 13.19 6.57
C ALA G 1434 -44.33 13.89 7.55
N GLU G 1435 -43.29 14.57 7.06
CA GLU G 1435 -42.31 15.19 7.94
C GLU G 1435 -42.80 16.50 8.58
N ILE G 1436 -44.09 16.80 8.50
CA ILE G 1436 -44.62 18.09 8.90
C ILE G 1436 -45.65 17.88 9.99
N THR G 1437 -46.23 16.68 10.00
CA THR G 1437 -47.41 16.38 10.81
C THR G 1437 -47.14 16.50 12.30
N THR G 1438 -48.21 16.77 13.05
CA THR G 1438 -48.07 16.96 14.49
C THR G 1438 -47.73 15.65 15.18
N GLU G 1439 -48.59 14.67 15.08
CA GLU G 1439 -48.23 13.33 15.49
C GLU G 1439 -47.40 12.69 14.40
N GLY G 1440 -46.33 12.01 14.79
CA GLY G 1440 -45.48 11.38 13.81
C GLY G 1440 -45.92 9.96 13.51
N VAL G 1441 -47.21 9.79 13.19
CA VAL G 1441 -47.74 8.45 13.03
C VAL G 1441 -47.40 7.87 11.67
N LEU G 1442 -46.97 8.70 10.72
CA LEU G 1442 -46.43 8.17 9.48
C LEU G 1442 -44.91 8.21 9.47
N ARG G 1443 -44.30 9.16 10.16
CA ARG G 1443 -42.86 9.14 10.37
C ARG G 1443 -42.41 7.95 11.19
N ASP G 1444 -43.29 7.36 12.01
CA ASP G 1444 -42.94 6.14 12.70
C ASP G 1444 -43.27 4.91 11.87
N LEU G 1445 -43.51 5.09 10.58
CA LEU G 1445 -43.64 3.94 9.69
C LEU G 1445 -42.62 4.02 8.58
N MET G 1446 -42.24 5.24 8.20
CA MET G 1446 -41.36 5.40 7.07
C MET G 1446 -39.94 4.97 7.36
N ASN G 1447 -39.50 5.00 8.62
CA ASN G 1447 -38.16 4.54 8.95
C ASN G 1447 -38.20 3.62 10.17
N ILE G 1448 -39.07 2.62 10.10
CA ILE G 1448 -39.12 1.64 11.17
C ILE G 1448 -37.98 0.65 11.10
N ALA G 1449 -37.30 0.56 9.97
CA ALA G 1449 -36.14 -0.31 9.84
C ALA G 1449 -35.00 0.15 10.72
N ARG G 1450 -34.78 1.46 10.79
CA ARG G 1450 -33.75 1.98 11.67
C ARG G 1450 -34.11 1.79 13.14
N VAL G 1451 -35.39 1.91 13.47
CA VAL G 1451 -35.80 1.79 14.86
C VAL G 1451 -35.65 0.35 15.32
N LYS G 1452 -36.07 -0.59 14.49
CA LYS G 1452 -35.88 -2.00 14.82
C LYS G 1452 -34.41 -2.39 14.80
N TYR G 1453 -33.61 -1.75 13.95
CA TYR G 1453 -32.19 -2.04 13.89
C TYR G 1453 -31.46 -1.50 15.10
N ARG G 1454 -31.99 -0.45 15.71
CA ARG G 1454 -31.36 0.08 16.90
C ARG G 1454 -31.84 -0.64 18.17
N GLU G 1455 -33.12 -0.99 18.22
CA GLU G 1455 -33.66 -1.60 19.42
C GLU G 1455 -33.24 -3.05 19.61
N LEU G 1456 -32.69 -3.69 18.59
CA LEU G 1456 -32.18 -5.03 18.80
C LEU G 1456 -30.77 -5.03 19.33
N GLY G 1457 -30.16 -3.87 19.51
CA GLY G 1457 -28.79 -3.85 19.99
C GLY G 1457 -27.80 -4.37 18.97
N LEU G 1458 -28.07 -4.20 17.68
CA LEU G 1458 -27.16 -4.60 16.65
C LEU G 1458 -26.09 -3.56 16.38
N CYS G 1459 -26.03 -2.50 17.17
CA CYS G 1459 -24.90 -1.60 17.12
C CYS G 1459 -23.92 -1.83 18.24
N ARG G 1460 -24.41 -1.99 19.46
CA ARG G 1460 -23.55 -2.16 20.61
C ARG G 1460 -22.98 -3.56 20.73
N LEU G 1461 -23.52 -4.52 19.98
CA LEU G 1461 -23.02 -5.88 20.02
C LEU G 1461 -21.60 -5.92 19.48
N GLU G 1462 -20.75 -6.71 20.13
CA GLU G 1462 -19.37 -6.85 19.71
C GLU G 1462 -19.29 -7.57 18.37
N LYS G 1463 -18.39 -7.11 17.53
CA LYS G 1463 -18.29 -7.62 16.17
C LYS G 1463 -17.60 -8.98 16.22
N ALA G 1464 -18.33 -10.04 15.87
CA ALA G 1464 -17.81 -11.38 16.11
C ALA G 1464 -16.83 -11.82 15.03
N ALA G 1465 -17.17 -11.62 13.77
CA ALA G 1465 -16.31 -12.05 12.68
C ALA G 1465 -15.52 -10.88 12.14
N ARG G 1466 -14.39 -11.20 11.52
CA ARG G 1466 -13.59 -10.22 10.81
C ARG G 1466 -12.85 -10.97 9.73
N PRO G 1467 -12.48 -10.32 8.64
CA PRO G 1467 -11.68 -11.01 7.63
C PRO G 1467 -10.32 -11.38 8.15
N ARG G 1468 -9.80 -12.49 7.64
CA ARG G 1468 -8.54 -13.02 8.15
C ARG G 1468 -7.33 -12.36 7.52
N ALA G 1469 -7.51 -11.67 6.39
CA ALA G 1469 -6.39 -11.04 5.73
C ALA G 1469 -6.86 -9.75 5.08
N SER G 1470 -5.97 -8.78 5.00
CA SER G 1470 -6.25 -7.53 4.32
C SER G 1470 -5.04 -7.19 3.45
N ALA G 1471 -5.25 -6.28 2.52
CA ALA G 1471 -4.19 -6.00 1.57
C ALA G 1471 -4.39 -4.60 1.01
N PRO G 1472 -3.34 -3.93 0.57
CA PRO G 1472 -3.50 -2.76 -0.26
C PRO G 1472 -3.80 -3.18 -1.68
N PRO G 1473 -4.36 -2.31 -2.51
CA PRO G 1473 -4.61 -2.71 -3.89
C PRO G 1473 -3.33 -2.85 -4.66
N ILE G 1474 -3.40 -3.65 -5.72
CA ILE G 1474 -2.23 -3.89 -6.55
C ILE G 1474 -1.88 -2.63 -7.31
N GLU G 1475 -0.60 -2.30 -7.35
CA GLU G 1475 -0.13 -1.15 -8.11
C GLU G 1475 0.78 -1.60 -9.23
N VAL G 1476 1.15 -0.66 -10.08
CA VAL G 1476 2.01 -0.96 -11.21
C VAL G 1476 3.41 -0.49 -10.90
N VAL G 1477 4.38 -1.39 -11.04
CA VAL G 1477 5.79 -1.02 -10.93
C VAL G 1477 6.22 -0.66 -12.34
N CYS G 1478 6.03 0.60 -12.70
CA CYS G 1478 6.57 1.18 -13.91
C CYS G 1478 7.48 2.32 -13.50
N ASP G 1479 8.68 2.36 -14.07
CA ASP G 1479 9.75 3.17 -13.50
C ASP G 1479 9.88 4.53 -14.16
N SER G 1480 8.79 5.17 -14.52
CA SER G 1480 8.81 6.54 -14.99
C SER G 1480 8.25 7.46 -13.93
N ARG G 1481 8.45 8.76 -14.12
CA ARG G 1481 7.85 9.71 -13.21
C ARG G 1481 6.35 9.84 -13.46
N SER G 1482 5.94 9.68 -14.72
CA SER G 1482 4.54 9.82 -15.08
C SER G 1482 3.68 8.75 -14.45
N ALA G 1483 4.22 7.56 -14.24
CA ALA G 1483 3.46 6.50 -13.58
C ALA G 1483 3.20 6.84 -12.12
N VAL G 1484 4.19 7.44 -11.46
CA VAL G 1484 4.00 7.85 -10.08
C VAL G 1484 2.99 8.99 -10.00
N ILE G 1485 3.03 9.91 -10.97
CA ILE G 1485 2.06 11.00 -10.94
C ILE G 1485 0.65 10.50 -11.23
N GLU G 1486 0.52 9.54 -12.15
CA GLU G 1486 -0.81 9.02 -12.42
C GLU G 1486 -1.34 8.17 -11.27
N ARG G 1487 -0.45 7.48 -10.54
CA ARG G 1487 -0.88 6.76 -9.36
C ARG G 1487 -1.37 7.72 -8.29
N GLU G 1488 -0.61 8.77 -8.04
CA GLU G 1488 -1.05 9.71 -7.02
C GLU G 1488 -2.14 10.65 -7.49
N ASN G 1489 -2.56 10.58 -8.75
CA ASN G 1489 -3.74 11.31 -9.19
C ASN G 1489 -4.95 10.44 -9.45
N ILE G 1490 -4.82 9.13 -9.49
CA ILE G 1490 -5.97 8.25 -9.61
C ILE G 1490 -6.25 7.50 -8.31
N MET G 1491 -5.25 6.79 -7.79
CA MET G 1491 -5.46 5.97 -6.61
C MET G 1491 -5.69 6.83 -5.37
N PHE G 1492 -5.22 8.07 -5.38
CA PHE G 1492 -5.53 8.98 -4.29
C PHE G 1492 -6.54 10.04 -4.71
N HIS G 1493 -6.27 10.79 -5.79
CA HIS G 1493 -7.20 11.69 -6.46
C HIS G 1493 -7.85 12.71 -5.53
N PRO G 1494 -7.14 13.78 -5.15
CA PRO G 1494 -7.54 14.59 -4.00
C PRO G 1494 -8.87 15.29 -4.12
N ALA G 1495 -9.45 15.36 -5.32
CA ALA G 1495 -10.78 15.93 -5.46
C ALA G 1495 -11.82 15.08 -4.75
N MET G 1496 -11.74 13.76 -4.89
CA MET G 1496 -12.70 12.90 -4.21
C MET G 1496 -12.47 12.87 -2.71
N ARG G 1497 -11.22 12.97 -2.27
CA ARG G 1497 -10.94 13.00 -0.86
C ARG G 1497 -11.46 14.27 -0.22
N LYS G 1498 -11.27 15.40 -0.90
CA LYS G 1498 -11.83 16.65 -0.42
C LYS G 1498 -13.35 16.61 -0.43
N ALA G 1499 -13.93 16.00 -1.46
CA ALA G 1499 -15.37 15.89 -1.53
C ALA G 1499 -15.94 14.94 -0.51
N LEU G 1500 -15.13 14.01 -0.02
CA LEU G 1500 -15.64 13.02 0.90
C LEU G 1500 -15.51 13.45 2.35
N PHE G 1501 -14.33 13.94 2.75
CA PHE G 1501 -14.11 14.18 4.17
C PHE G 1501 -14.57 15.54 4.64
N GLY G 1502 -14.51 16.57 3.80
CA GLY G 1502 -14.98 17.86 4.21
C GLY G 1502 -14.02 18.99 3.94
N PRO G 1503 -14.27 20.16 4.52
CA PRO G 1503 -13.45 21.33 4.24
C PRO G 1503 -12.30 21.51 5.22
N THR G 1504 -11.24 22.11 4.71
CA THR G 1504 -10.09 22.50 5.53
C THR G 1504 -10.53 23.60 6.51
N PRO G 1505 -10.05 23.57 7.75
CA PRO G 1505 -10.41 24.62 8.72
C PRO G 1505 -9.98 26.02 8.30
N SER G 1506 -8.93 26.15 7.50
CA SER G 1506 -8.62 27.44 6.90
C SER G 1506 -9.74 27.90 5.98
N GLU G 1507 -10.30 26.97 5.21
CA GLU G 1507 -11.43 27.30 4.34
C GLU G 1507 -12.67 27.62 5.16
N ILE G 1508 -12.83 26.98 6.31
CA ILE G 1508 -13.93 27.30 7.21
C ILE G 1508 -13.78 28.70 7.77
N LYS G 1509 -12.54 29.09 8.10
CA LYS G 1509 -12.30 30.43 8.62
C LYS G 1509 -12.54 31.49 7.56
N GLU G 1510 -12.04 31.28 6.35
CA GLU G 1510 -12.27 32.28 5.31
C GLU G 1510 -13.71 32.29 4.82
N ALA G 1511 -14.49 31.24 5.10
CA ALA G 1511 -15.89 31.25 4.76
C ALA G 1511 -16.78 31.73 5.88
N SER G 1512 -16.27 31.83 7.10
CA SER G 1512 -17.10 32.23 8.23
C SER G 1512 -16.68 33.53 8.87
N PHE G 1513 -15.64 34.19 8.36
CA PHE G 1513 -15.30 35.54 8.80
C PHE G 1513 -15.41 36.54 7.66
N GLY G 1514 -15.95 36.14 6.53
CA GLY G 1514 -16.06 37.03 5.40
C GLY G 1514 -17.26 37.95 5.53
N PRO G 1515 -17.27 38.99 4.70
CA PRO G 1515 -18.38 39.93 4.74
C PRO G 1515 -19.64 39.42 4.09
N ARG G 1516 -19.54 38.42 3.23
CA ARG G 1516 -20.69 37.90 2.49
C ARG G 1516 -20.68 36.38 2.53
N PRO G 1517 -21.86 35.75 2.51
CA PRO G 1517 -21.90 34.28 2.55
C PRO G 1517 -21.37 33.67 1.27
N VAL G 1518 -20.60 32.60 1.42
CA VAL G 1518 -19.93 31.94 0.31
C VAL G 1518 -20.12 30.44 0.49
N THR G 1519 -20.09 29.71 -0.62
CA THR G 1519 -20.36 28.29 -0.58
C THR G 1519 -19.06 27.49 -0.44
N LEU G 1520 -19.23 26.20 -0.18
CA LEU G 1520 -18.12 25.29 0.03
C LEU G 1520 -18.29 24.10 -0.91
N TYR G 1521 -17.18 23.62 -1.46
CA TYR G 1521 -17.33 22.57 -2.48
C TYR G 1521 -17.66 21.21 -1.87
N PRO G 1522 -17.14 20.81 -0.72
CA PRO G 1522 -17.87 19.85 0.12
C PRO G 1522 -18.78 20.55 1.11
N PRO G 1523 -20.03 20.81 0.75
CA PRO G 1523 -20.91 21.62 1.63
C PRO G 1523 -21.16 21.04 3.01
N ARG G 1524 -20.93 19.74 3.18
CA ARG G 1524 -20.81 19.12 4.49
C ARG G 1524 -19.95 17.90 4.30
N ALA G 1525 -19.65 17.21 5.39
CA ALA G 1525 -18.80 16.02 5.28
C ALA G 1525 -19.61 14.88 4.68
N LEU G 1526 -19.26 14.49 3.46
CA LEU G 1526 -20.04 13.48 2.74
C LEU G 1526 -19.66 12.07 3.06
N LEU G 1527 -18.86 11.83 4.08
CA LEU G 1527 -18.68 10.46 4.54
C LEU G 1527 -19.97 9.97 5.17
N PRO G 1528 -20.42 8.76 4.84
CA PRO G 1528 -21.63 8.26 5.48
C PRO G 1528 -21.37 7.92 6.92
N ALA G 1529 -22.41 8.06 7.72
CA ALA G 1529 -22.30 7.70 9.12
C ALA G 1529 -22.16 6.19 9.23
N PRO G 1530 -21.14 5.70 9.92
CA PRO G 1530 -20.99 4.25 10.07
C PRO G 1530 -22.10 3.65 10.92
N ASP G 1531 -22.53 2.46 10.54
CA ASP G 1531 -23.68 1.83 11.17
C ASP G 1531 -23.29 0.83 12.24
N HIS G 1532 -22.16 1.06 12.91
CA HIS G 1532 -21.74 0.23 14.03
C HIS G 1532 -20.82 1.07 14.90
N ASP G 1533 -21.30 1.42 16.09
CA ASP G 1533 -20.70 2.53 16.83
C ASP G 1533 -19.33 2.18 17.35
N LYS G 1534 -19.16 0.98 17.88
CA LYS G 1534 -17.90 0.68 18.56
C LYS G 1534 -16.76 0.41 17.60
N GLN G 1535 -17.05 -0.06 16.39
CA GLN G 1535 -15.98 -0.40 15.45
C GLN G 1535 -16.34 0.11 14.07
N ARG G 1536 -15.80 1.24 13.70
CA ARG G 1536 -16.16 1.92 12.47
C ARG G 1536 -15.00 1.89 11.49
N PHE G 1537 -15.25 1.38 10.29
CA PHE G 1537 -14.41 1.49 9.11
C PHE G 1537 -13.03 0.85 9.24
N THR G 1538 -12.76 0.15 10.33
CA THR G 1538 -11.49 -0.55 10.50
C THR G 1538 -11.77 -2.00 10.79
N ASN G 1539 -10.72 -2.72 11.15
CA ASN G 1539 -10.86 -4.09 11.60
C ASN G 1539 -10.07 -4.30 12.87
N ILE G 1540 -9.64 -3.23 13.51
CA ILE G 1540 -8.83 -3.32 14.71
C ILE G 1540 -9.70 -3.71 15.90
N THR G 1541 -9.18 -4.59 16.74
CA THR G 1541 -9.92 -5.10 17.88
C THR G 1541 -9.19 -4.78 19.17
N VAL G 1542 -9.87 -4.08 20.07
CA VAL G 1542 -9.44 -3.85 21.44
C VAL G 1542 -10.16 -4.87 22.30
N PRO G 1543 -9.51 -5.48 23.29
CA PRO G 1543 -10.25 -6.37 24.19
C PRO G 1543 -11.28 -5.59 24.99
N SER G 1544 -12.54 -5.98 24.81
CA SER G 1544 -13.64 -5.25 25.40
C SER G 1544 -13.62 -5.40 26.90
N MET G 1545 -14.02 -4.33 27.58
CA MET G 1545 -13.87 -4.18 29.02
C MET G 1545 -14.55 -5.28 29.82
N ALA G 1546 -15.66 -5.81 29.30
CA ALA G 1546 -16.32 -6.89 30.02
C ALA G 1546 -15.54 -8.16 29.88
N ARG G 1547 -15.02 -8.42 28.69
CA ARG G 1547 -14.18 -9.56 28.42
C ARG G 1547 -12.74 -9.34 28.84
N PHE G 1548 -12.28 -8.10 28.82
CA PHE G 1548 -11.08 -7.70 29.54
C PHE G 1548 -11.49 -7.71 31.01
N VAL G 1549 -10.59 -7.33 31.88
CA VAL G 1549 -10.36 -7.93 33.19
C VAL G 1549 -11.48 -8.75 33.87
N THR G 1550 -12.79 -8.48 33.66
CA THR G 1550 -13.82 -9.43 34.09
C THR G 1550 -13.70 -10.65 33.17
N ASP G 1551 -14.39 -11.79 33.50
CA ASP G 1551 -13.96 -13.23 33.40
C ASP G 1551 -13.28 -13.74 34.69
N SER G 1552 -13.82 -13.36 35.85
CA SER G 1552 -13.57 -14.09 37.10
C SER G 1552 -14.67 -13.82 38.10
N GLY G 1553 -15.01 -14.87 38.85
CA GLY G 1553 -16.13 -14.80 39.78
C GLY G 1553 -15.81 -13.97 41.00
N LYS G 1554 -14.55 -14.02 41.44
CA LYS G 1554 -14.10 -13.11 42.48
C LYS G 1554 -14.31 -11.68 42.04
N LEU G 1555 -13.91 -11.38 40.82
CA LEU G 1555 -14.09 -10.04 40.31
C LEU G 1555 -15.54 -9.74 40.04
N ALA G 1556 -16.34 -10.76 39.72
CA ALA G 1556 -17.76 -10.53 39.44
C ALA G 1556 -18.52 -10.13 40.71
N LYS G 1557 -18.34 -10.91 41.77
CA LYS G 1557 -18.93 -10.55 43.05
C LYS G 1557 -18.36 -9.27 43.59
N LEU G 1558 -17.09 -8.99 43.28
CA LEU G 1558 -16.51 -7.72 43.67
C LEU G 1558 -17.16 -6.58 42.92
N ASP G 1559 -17.49 -6.79 41.65
CA ASP G 1559 -18.19 -5.79 40.86
C ASP G 1559 -19.55 -5.50 41.45
N GLU G 1560 -20.28 -6.55 41.83
CA GLU G 1560 -21.60 -6.36 42.44
C GLU G 1560 -21.50 -5.60 43.75
N LEU G 1561 -20.59 -6.03 44.64
CA LEU G 1561 -20.49 -5.37 45.93
C LEU G 1561 -19.91 -3.97 45.83
N LEU G 1562 -19.09 -3.68 44.83
CA LEU G 1562 -18.62 -2.32 44.67
C LEU G 1562 -19.72 -1.41 44.18
N ARG G 1563 -20.61 -1.93 43.33
CA ARG G 1563 -21.80 -1.17 42.99
C ARG G 1563 -22.68 -0.95 44.21
N GLU G 1564 -22.78 -1.97 45.06
CA GLU G 1564 -23.60 -1.88 46.26
C GLU G 1564 -23.03 -0.87 47.25
N LEU G 1565 -21.72 -0.83 47.39
CA LEU G 1565 -21.11 0.12 48.32
C LEU G 1565 -21.01 1.51 47.75
N LYS G 1566 -21.01 1.64 46.42
CA LYS G 1566 -21.22 2.97 45.82
C LYS G 1566 -22.60 3.48 46.19
N GLU G 1567 -23.59 2.60 46.15
CA GLU G 1567 -24.91 2.99 46.61
C GLU G 1567 -24.92 3.24 48.11
N GLY G 1568 -24.11 2.50 48.85
CA GLY G 1568 -23.94 2.75 50.26
C GLY G 1568 -23.19 4.02 50.58
N GLY G 1569 -22.30 4.44 49.70
CA GLY G 1569 -21.56 5.67 49.95
C GLY G 1569 -20.45 5.51 50.97
N HIS G 1570 -19.64 4.47 50.83
CA HIS G 1570 -18.57 4.18 51.78
C HIS G 1570 -17.28 3.87 51.04
N ARG G 1571 -16.24 4.65 51.30
CA ARG G 1571 -14.94 4.43 50.69
C ARG G 1571 -14.28 3.21 51.30
N VAL G 1572 -13.88 2.22 50.49
CA VAL G 1572 -13.64 0.96 51.17
C VAL G 1572 -12.15 0.66 51.44
N LEU G 1573 -11.45 -0.08 50.54
CA LEU G 1573 -10.11 -0.67 50.69
C LEU G 1573 -9.84 -1.69 49.59
N LEU G 1574 -8.57 -2.01 49.35
CA LEU G 1574 -8.16 -3.34 48.93
C LEU G 1574 -6.88 -3.72 49.66
N TYR G 1575 -6.71 -5.02 49.86
CA TYR G 1575 -5.44 -5.60 50.26
C TYR G 1575 -5.15 -6.77 49.35
N PHE G 1576 -3.92 -6.84 48.84
CA PHE G 1576 -3.55 -8.02 48.08
C PHE G 1576 -2.05 -8.27 48.21
N GLN G 1577 -1.67 -9.52 47.90
CA GLN G 1577 -0.32 -10.05 48.06
C GLN G 1577 0.60 -9.66 46.92
N MET G 1578 0.12 -9.74 45.69
CA MET G 1578 0.94 -9.60 44.49
C MET G 1578 0.42 -8.41 43.69
N THR G 1579 1.13 -7.30 43.75
CA THR G 1579 0.54 -6.03 43.34
C THR G 1579 0.38 -5.86 41.83
N ARG G 1580 0.73 -6.86 41.02
CA ARG G 1580 0.36 -6.78 39.61
C ARG G 1580 -1.14 -6.95 39.44
N MET G 1581 -1.73 -7.78 40.30
CA MET G 1581 -3.19 -7.80 40.44
C MET G 1581 -3.72 -6.44 40.83
N ILE G 1582 -2.98 -5.72 41.67
CA ILE G 1582 -3.39 -4.38 42.03
C ILE G 1582 -3.28 -3.42 40.85
N ASP G 1583 -2.30 -3.63 39.97
CA ASP G 1583 -2.24 -2.85 38.73
C ASP G 1583 -3.43 -3.12 37.83
N LEU G 1584 -3.79 -4.38 37.69
CA LEU G 1584 -4.87 -4.71 36.79
C LEU G 1584 -6.22 -4.29 37.40
N MET G 1585 -6.33 -4.30 38.72
CA MET G 1585 -7.51 -3.72 39.36
C MET G 1585 -7.53 -2.21 39.23
N GLU G 1586 -6.37 -1.57 39.23
CA GLU G 1586 -6.31 -0.14 38.95
C GLU G 1586 -6.89 0.16 37.59
N GLU G 1587 -6.55 -0.67 36.61
CA GLU G 1587 -7.11 -0.48 35.29
C GLU G 1587 -8.61 -0.70 35.28
N TYR G 1588 -9.08 -1.71 36.02
CA TYR G 1588 -10.51 -1.96 36.11
C TYR G 1588 -11.25 -0.79 36.77
N LEU G 1589 -10.64 -0.17 37.76
CA LEU G 1589 -11.36 0.86 38.51
C LEU G 1589 -11.30 2.22 37.82
N THR G 1590 -10.16 2.54 37.18
CA THR G 1590 -10.12 3.68 36.28
C THR G 1590 -11.11 3.50 35.16
N TYR G 1591 -11.27 2.26 34.71
CA TYR G 1591 -12.25 2.00 33.68
C TYR G 1591 -13.66 2.31 34.15
N ARG G 1592 -14.12 1.66 35.22
CA ARG G 1592 -15.52 1.80 35.60
C ARG G 1592 -15.71 3.05 36.48
N ASN G 1593 -14.77 4.00 36.37
CA ASN G 1593 -14.85 5.37 36.85
C ASN G 1593 -15.00 5.45 38.35
N TYR G 1594 -13.97 5.03 39.07
CA TYR G 1594 -13.92 5.16 40.52
C TYR G 1594 -12.65 5.87 40.93
N LYS G 1595 -12.80 6.95 41.68
CA LYS G 1595 -11.65 7.73 42.14
C LYS G 1595 -10.95 6.97 43.25
N TYR G 1596 -9.65 6.77 43.09
CA TYR G 1596 -8.93 5.76 43.86
C TYR G 1596 -7.56 6.31 44.24
N CYS G 1597 -6.89 5.58 45.13
CA CYS G 1597 -5.50 5.87 45.48
C CYS G 1597 -4.75 4.56 45.73
N ARG G 1598 -3.46 4.57 45.43
CA ARG G 1598 -2.62 3.39 45.43
C ARG G 1598 -1.50 3.54 46.44
N LEU G 1599 -1.17 2.45 47.14
CA LEU G 1599 -0.15 2.51 48.18
C LEU G 1599 0.50 1.13 48.31
N ASP G 1600 1.67 0.97 47.73
CA ASP G 1600 2.45 -0.24 47.92
C ASP G 1600 3.77 0.12 48.58
N GLY G 1601 4.67 -0.85 48.62
CA GLY G 1601 6.03 -0.57 49.05
C GLY G 1601 6.82 0.25 48.06
N SER G 1602 6.40 0.32 46.80
CA SER G 1602 7.20 0.99 45.78
C SER G 1602 7.19 2.49 45.94
N THR G 1603 6.14 3.06 46.52
CA THR G 1603 6.10 4.48 46.76
C THR G 1603 7.00 4.83 47.94
N LYS G 1604 7.69 5.96 47.83
CA LYS G 1604 8.59 6.40 48.89
C LYS G 1604 7.81 6.85 50.11
N LEU G 1605 8.52 6.94 51.24
CA LEU G 1605 7.87 7.03 52.55
C LEU G 1605 7.07 8.32 52.72
N GLU G 1606 7.63 9.43 52.26
CA GLU G 1606 6.91 10.70 52.30
C GLU G 1606 5.69 10.65 51.40
N ASP G 1607 5.76 9.94 50.27
CA ASP G 1607 4.60 9.79 49.41
C ASP G 1607 3.56 8.91 50.08
N ARG G 1608 4.02 7.90 50.85
CA ARG G 1608 3.11 7.02 51.57
C ARG G 1608 2.30 7.81 52.59
N ARG G 1609 3.00 8.54 53.47
CA ARG G 1609 2.30 9.30 54.50
C ARG G 1609 1.48 10.43 53.90
N ASP G 1610 1.94 11.03 52.80
CA ASP G 1610 1.19 12.13 52.24
C ASP G 1610 -0.05 11.66 51.49
N THR G 1611 0.01 10.51 50.81
CA THR G 1611 -1.18 10.07 50.13
C THR G 1611 -2.18 9.50 51.11
N VAL G 1612 -1.71 8.95 52.24
CA VAL G 1612 -2.71 8.49 53.20
C VAL G 1612 -3.29 9.68 53.95
N ALA G 1613 -2.51 10.77 54.08
CA ALA G 1613 -3.07 12.00 54.61
C ALA G 1613 -4.08 12.60 53.67
N ASP G 1614 -3.79 12.54 52.36
CA ASP G 1614 -4.70 13.09 51.37
C ASP G 1614 -5.98 12.29 51.29
N PHE G 1615 -5.90 10.98 51.55
CA PHE G 1615 -7.12 10.20 51.70
C PHE G 1615 -7.88 10.64 52.94
N GLN G 1616 -7.20 10.70 54.08
CA GLN G 1616 -7.88 10.88 55.34
C GLN G 1616 -8.39 12.31 55.52
N THR G 1617 -7.99 13.23 54.64
CA THR G 1617 -8.61 14.55 54.60
C THR G 1617 -9.69 14.67 53.54
N ARG G 1618 -9.82 13.72 52.61
CA ARG G 1618 -10.79 13.90 51.55
C ARG G 1618 -11.87 12.84 51.61
N PRO G 1619 -13.13 13.25 51.68
CA PRO G 1619 -14.20 12.28 51.93
C PRO G 1619 -14.79 11.63 50.69
N GLU G 1620 -14.10 11.70 49.55
CA GLU G 1620 -14.76 11.29 48.32
C GLU G 1620 -14.01 10.24 47.50
N ILE G 1621 -12.69 10.16 47.63
CA ILE G 1621 -11.94 9.18 46.86
C ILE G 1621 -12.17 7.77 47.40
N PHE G 1622 -12.59 6.89 46.50
CA PHE G 1622 -13.54 5.84 46.85
C PHE G 1622 -12.93 4.50 47.19
N ILE G 1623 -11.74 4.18 46.68
CA ILE G 1623 -11.19 2.83 46.85
C ILE G 1623 -9.68 2.94 47.06
N PHE G 1624 -9.15 2.23 48.06
CA PHE G 1624 -7.71 2.09 48.17
C PHE G 1624 -7.13 0.93 47.39
N LEU G 1625 -5.81 0.95 47.32
CA LEU G 1625 -5.01 -0.18 46.88
C LEU G 1625 -3.87 -0.33 47.87
N LEU G 1626 -3.78 -1.48 48.54
CA LEU G 1626 -2.68 -1.69 49.46
C LEU G 1626 -2.09 -3.08 49.32
N SER G 1627 -0.78 -3.14 49.52
CA SER G 1627 -0.13 -4.38 49.90
C SER G 1627 -0.68 -4.81 51.24
N THR G 1628 -0.93 -6.11 51.36
CA THR G 1628 -1.47 -6.64 52.62
C THR G 1628 -0.41 -6.59 53.71
N ARG G 1629 0.75 -7.16 53.44
CA ARG G 1629 1.76 -7.32 54.47
C ARG G 1629 2.40 -5.98 54.83
N ALA G 1630 2.59 -5.11 53.83
CA ALA G 1630 3.12 -3.78 54.09
C ALA G 1630 2.05 -2.80 54.57
N GLY G 1631 0.83 -3.28 54.82
CA GLY G 1631 -0.11 -2.49 55.57
C GLY G 1631 0.14 -2.47 57.05
N GLY G 1632 1.13 -3.24 57.53
CA GLY G 1632 1.43 -3.36 58.94
C GLY G 1632 2.27 -2.24 59.53
N LEU G 1633 2.21 -1.08 58.90
CA LEU G 1633 2.93 0.10 59.35
C LEU G 1633 2.12 0.82 60.43
N GLY G 1634 2.51 2.05 60.76
CA GLY G 1634 1.79 2.84 61.71
C GLY G 1634 0.81 3.81 61.07
N ILE G 1635 0.24 3.41 59.95
CA ILE G 1635 -0.65 4.23 59.14
C ILE G 1635 -2.00 4.40 59.83
N ASN G 1636 -2.80 5.36 59.36
CA ASN G 1636 -4.08 5.68 60.00
C ASN G 1636 -5.19 5.68 58.96
N LEU G 1637 -6.26 4.93 59.24
CA LEU G 1637 -7.36 4.78 58.30
C LEU G 1637 -8.69 4.89 59.02
N THR G 1638 -8.86 5.92 59.83
CA THR G 1638 -10.14 6.14 60.49
C THR G 1638 -11.22 6.53 59.50
N THR G 1639 -10.87 7.27 58.45
CA THR G 1639 -11.87 7.68 57.47
C THR G 1639 -12.34 6.51 56.61
N ALA G 1640 -11.57 5.44 56.53
CA ALA G 1640 -12.06 4.22 55.91
C ALA G 1640 -13.13 3.60 56.80
N ASP G 1641 -14.06 2.88 56.17
CA ASP G 1641 -15.20 2.36 56.92
C ASP G 1641 -15.61 0.95 56.52
N THR G 1642 -14.98 0.34 55.53
CA THR G 1642 -15.30 -1.00 55.04
C THR G 1642 -14.03 -1.62 54.49
N VAL G 1643 -13.93 -2.95 54.59
CA VAL G 1643 -12.71 -3.68 54.22
C VAL G 1643 -13.08 -4.78 53.23
N ILE G 1644 -12.28 -4.92 52.17
CA ILE G 1644 -12.37 -6.06 51.29
C ILE G 1644 -11.01 -6.71 51.20
N PHE G 1645 -10.91 -7.95 51.64
CA PHE G 1645 -9.75 -8.77 51.34
C PHE G 1645 -10.03 -9.55 50.07
N TYR G 1646 -9.23 -9.30 49.05
CA TYR G 1646 -9.29 -10.09 47.83
C TYR G 1646 -8.54 -11.39 47.99
N ASP G 1647 -7.86 -11.58 49.10
CA ASP G 1647 -7.00 -12.72 49.30
C ASP G 1647 -7.02 -13.10 50.78
N SER G 1648 -6.77 -14.37 51.05
CA SER G 1648 -6.65 -14.90 52.40
C SER G 1648 -5.36 -15.70 52.48
N ASP G 1649 -4.25 -15.05 52.77
CA ASP G 1649 -2.98 -15.74 52.91
C ASP G 1649 -2.59 -15.94 54.36
N TRP G 1650 -1.62 -16.80 54.55
CA TRP G 1650 -1.26 -17.61 55.71
C TRP G 1650 -1.47 -16.92 57.05
N ASN G 1651 -0.81 -15.81 57.33
CA ASN G 1651 -0.78 -15.31 58.70
C ASN G 1651 -2.10 -14.62 59.04
N PRO G 1652 -2.82 -15.09 60.07
CA PRO G 1652 -4.02 -14.37 60.49
C PRO G 1652 -3.68 -13.06 61.14
N THR G 1653 -2.50 -12.93 61.73
CA THR G 1653 -2.19 -11.70 62.42
C THR G 1653 -1.88 -10.57 61.45
N ILE G 1654 -1.42 -10.88 60.24
CA ILE G 1654 -1.30 -9.85 59.21
C ILE G 1654 -2.68 -9.38 58.78
N ASP G 1655 -3.58 -10.33 58.53
CA ASP G 1655 -4.93 -10.01 58.08
C ASP G 1655 -5.68 -9.22 59.15
N SER G 1656 -5.62 -9.69 60.38
CA SER G 1656 -6.24 -8.99 61.49
C SER G 1656 -5.50 -7.70 61.81
N GLN G 1657 -4.22 -7.62 61.48
CA GLN G 1657 -3.48 -6.40 61.71
C GLN G 1657 -3.92 -5.30 60.76
N ALA G 1658 -4.11 -5.65 59.50
CA ALA G 1658 -4.67 -4.70 58.54
C ALA G 1658 -6.11 -4.37 58.89
N MET G 1659 -6.85 -5.34 59.42
CA MET G 1659 -8.18 -5.09 59.95
C MET G 1659 -8.13 -4.07 61.07
N ASP G 1660 -7.13 -4.19 61.95
CA ASP G 1660 -6.93 -3.25 63.02
C ASP G 1660 -6.53 -1.89 62.48
N ARG G 1661 -5.78 -1.86 61.39
CA ARG G 1661 -5.46 -0.62 60.71
C ARG G 1661 -6.71 0.05 60.18
N ALA G 1662 -7.74 -0.73 59.85
CA ALA G 1662 -9.04 -0.13 59.66
C ALA G 1662 -9.76 0.07 60.99
N HIS G 1663 -9.92 -0.99 61.76
CA HIS G 1663 -10.65 -0.96 63.03
C HIS G 1663 -9.75 -0.33 64.10
N ARG G 1664 -9.55 0.98 63.97
CA ARG G 1664 -8.62 1.70 64.80
C ARG G 1664 -9.26 2.08 66.13
N LEU G 1665 -8.45 2.71 66.98
CA LEU G 1665 -8.95 3.25 68.23
C LEU G 1665 -9.86 4.44 68.00
N GLY G 1666 -9.65 5.19 66.92
CA GLY G 1666 -10.49 6.30 66.57
C GLY G 1666 -11.63 5.95 65.67
N GLN G 1667 -11.96 4.68 65.53
CA GLN G 1667 -13.02 4.26 64.62
C GLN G 1667 -14.38 4.63 65.18
N THR G 1668 -15.24 5.18 64.31
CA THR G 1668 -16.52 5.71 64.72
C THR G 1668 -17.67 4.73 64.54
N LYS G 1669 -17.71 3.99 63.44
CA LYS G 1669 -18.86 3.15 63.13
C LYS G 1669 -18.42 1.71 62.95
N GLN G 1670 -19.40 0.83 62.74
CA GLN G 1670 -19.11 -0.55 62.39
C GLN G 1670 -18.46 -0.63 61.02
N VAL G 1671 -17.29 -1.23 60.98
CA VAL G 1671 -16.62 -1.57 59.74
C VAL G 1671 -16.85 -3.03 59.46
N THR G 1672 -17.37 -3.35 58.29
CA THR G 1672 -17.51 -4.75 57.90
C THR G 1672 -16.37 -5.15 56.99
N VAL G 1673 -16.03 -6.43 57.03
CA VAL G 1673 -14.92 -6.98 56.28
C VAL G 1673 -15.44 -8.12 55.42
N TYR G 1674 -15.14 -8.10 54.14
CA TYR G 1674 -15.56 -9.14 53.21
C TYR G 1674 -14.32 -9.88 52.75
N ARG G 1675 -14.22 -11.15 53.13
CA ARG G 1675 -13.15 -12.01 52.67
C ARG G 1675 -13.70 -12.83 51.50
N LEU G 1676 -13.18 -12.59 50.31
CA LEU G 1676 -13.65 -13.29 49.12
C LEU G 1676 -13.13 -14.71 49.10
N ILE G 1677 -14.03 -15.66 48.89
CA ILE G 1677 -13.74 -17.08 48.94
C ILE G 1677 -14.17 -17.69 47.62
N THR G 1678 -13.37 -18.61 47.08
CA THR G 1678 -13.79 -19.40 45.94
C THR G 1678 -14.39 -20.71 46.44
N ARG G 1679 -14.53 -21.68 45.54
CA ARG G 1679 -14.98 -23.01 45.91
C ARG G 1679 -13.98 -24.04 45.42
N GLY G 1680 -13.76 -25.07 46.25
CA GLY G 1680 -12.97 -26.24 45.90
C GLY G 1680 -11.53 -25.96 45.55
N THR G 1681 -10.98 -24.85 46.00
CA THR G 1681 -9.71 -24.38 45.51
C THR G 1681 -8.84 -24.04 46.71
N ILE G 1682 -7.58 -23.69 46.46
CA ILE G 1682 -6.56 -23.79 47.48
C ILE G 1682 -6.66 -22.69 48.53
N GLU G 1683 -7.42 -21.63 48.25
CA GLU G 1683 -7.55 -20.58 49.25
C GLU G 1683 -8.47 -21.01 50.38
N GLU G 1684 -9.37 -21.95 50.13
CA GLU G 1684 -10.10 -22.58 51.23
C GLU G 1684 -9.17 -23.38 52.14
N ARG G 1685 -8.18 -24.04 51.54
CA ARG G 1685 -7.18 -24.77 52.32
C ARG G 1685 -6.37 -23.82 53.19
N ILE G 1686 -5.92 -22.71 52.61
CA ILE G 1686 -5.14 -21.74 53.37
C ILE G 1686 -6.01 -21.10 54.44
N ARG G 1687 -7.29 -20.89 54.15
CA ARG G 1687 -8.23 -20.39 55.14
C ARG G 1687 -8.37 -21.34 56.32
N LYS G 1688 -8.49 -22.65 56.04
CA LYS G 1688 -8.61 -23.63 57.10
C LYS G 1688 -7.34 -23.72 57.94
N ARG G 1689 -6.18 -23.74 57.28
CA ARG G 1689 -4.90 -23.86 57.98
C ARG G 1689 -4.66 -22.64 58.87
N ALA G 1690 -4.89 -21.45 58.32
CA ALA G 1690 -4.78 -20.21 59.09
C ALA G 1690 -5.79 -20.16 60.21
N LEU G 1691 -6.97 -20.72 60.00
CA LEU G 1691 -7.99 -20.71 61.04
C LEU G 1691 -7.58 -21.61 62.18
N GLN G 1692 -6.96 -22.76 61.87
CA GLN G 1692 -6.45 -23.64 62.91
C GLN G 1692 -5.32 -22.99 63.69
N LYS G 1693 -4.43 -22.29 62.97
CA LYS G 1693 -3.31 -21.61 63.64
C LYS G 1693 -3.81 -20.49 64.53
N GLU G 1694 -4.81 -19.74 64.05
CA GLU G 1694 -5.50 -18.75 64.86
C GLU G 1694 -6.12 -19.37 66.09
N GLU G 1695 -6.72 -20.55 65.94
CA GLU G 1695 -7.35 -21.25 67.05
C GLU G 1695 -6.35 -21.62 68.13
N VAL G 1696 -5.21 -22.18 67.71
CA VAL G 1696 -4.19 -22.59 68.67
C VAL G 1696 -3.60 -21.37 69.36
N GLN G 1697 -3.36 -20.30 68.59
CA GLN G 1697 -2.87 -19.04 69.13
C GLN G 1697 -3.82 -18.48 70.19
N ARG G 1698 -5.11 -18.45 69.89
CA ARG G 1698 -6.06 -17.83 70.80
C ARG G 1698 -6.31 -18.71 72.01
N VAL G 1699 -6.23 -20.04 71.89
CA VAL G 1699 -6.45 -20.82 73.11
C VAL G 1699 -5.21 -20.77 74.01
N VAL G 1700 -4.01 -20.69 73.43
CA VAL G 1700 -2.80 -20.63 74.26
C VAL G 1700 -2.73 -19.31 75.01
N ILE G 1701 -3.00 -18.20 74.34
CA ILE G 1701 -2.83 -16.93 75.04
C ILE G 1701 -4.19 -16.26 75.19
N THR G 1702 -5.26 -17.09 75.29
CA THR G 1702 -6.33 -16.85 76.28
C THR G 1702 -6.21 -17.77 77.49
N GLY G 1703 -5.27 -18.71 77.46
CA GLY G 1703 -4.83 -19.32 78.71
C GLY G 1703 -4.29 -18.27 79.67
N THR G 1704 -3.39 -17.41 79.17
CA THR G 1704 -2.77 -16.29 79.90
C THR G 1704 -2.11 -16.69 81.22
N UNK H 383 54.16 28.06 74.48
CA UNK H 383 54.16 29.00 73.37
C UNK H 383 52.88 28.85 72.55
N UNK H 384 53.04 28.70 71.24
CA UNK H 384 51.90 28.46 70.37
C UNK H 384 51.40 27.03 70.42
N UNK H 385 52.09 26.15 71.16
CA UNK H 385 51.60 24.79 71.34
C UNK H 385 50.31 24.78 72.16
N UNK H 386 50.22 25.67 73.15
CA UNK H 386 48.98 25.82 73.89
C UNK H 386 47.86 26.37 73.00
N UNK H 387 48.20 27.25 72.06
CA UNK H 387 47.21 27.70 71.08
C UNK H 387 46.78 26.57 70.16
N UNK H 388 47.70 25.66 69.83
CA UNK H 388 47.33 24.49 69.03
C UNK H 388 46.40 23.57 69.81
N UNK H 389 46.66 23.41 71.11
CA UNK H 389 45.79 22.59 71.95
C UNK H 389 44.40 23.22 72.10
N UNK H 390 44.34 24.55 72.25
CA UNK H 390 43.07 25.23 72.36
C UNK H 390 42.30 25.22 71.05
N UNK H 391 43.00 25.32 69.92
CA UNK H 391 42.35 25.16 68.62
C UNK H 391 41.85 23.75 68.42
N UNK H 392 42.57 22.76 68.96
CA UNK H 392 42.08 21.38 68.92
C UNK H 392 40.82 21.22 69.76
N UNK H 393 40.78 21.89 70.92
CA UNK H 393 39.58 21.89 71.75
C UNK H 393 38.41 22.56 71.04
N UNK H 394 38.69 23.66 70.34
CA UNK H 394 37.66 24.34 69.55
C UNK H 394 37.17 23.48 68.39
N UNK H 395 38.08 22.71 67.79
CA UNK H 395 37.70 21.80 66.72
C UNK H 395 36.85 20.64 67.25
N UNK H 396 37.14 20.18 68.47
CA UNK H 396 36.30 19.15 69.08
C UNK H 396 34.92 19.71 69.42
N UNK H 397 34.87 20.97 69.84
CA UNK H 397 33.57 21.63 70.03
C UNK H 397 32.83 21.78 68.70
N UNK H 398 33.57 22.04 67.63
CA UNK H 398 32.97 22.08 66.29
C UNK H 398 32.47 20.71 65.87
N UNK H 399 33.17 19.66 66.29
CA UNK H 399 32.71 18.30 66.01
C UNK H 399 31.42 18.00 66.75
N UNK H 400 31.33 18.43 68.01
CA UNK H 400 30.10 18.24 68.80
C UNK H 400 28.93 19.00 68.19
N UNK H 401 29.18 20.26 67.79
CA UNK H 401 28.13 21.06 67.16
C UNK H 401 27.75 20.51 65.79
N UNK H 402 28.71 19.94 65.06
CA UNK H 402 28.40 19.35 63.76
C UNK H 402 27.60 18.06 63.91
N UNK H 403 27.86 17.32 64.99
CA UNK H 403 27.05 16.15 65.29
C UNK H 403 25.62 16.54 65.65
N UNK H 404 25.48 17.62 66.44
CA UNK H 404 24.15 18.15 66.72
C UNK H 404 23.48 18.66 65.47
N UNK H 405 24.26 19.21 64.53
CA UNK H 405 23.72 19.67 63.26
C UNK H 405 23.24 18.51 62.40
N UNK H 406 23.98 17.40 62.43
CA UNK H 406 23.54 16.21 61.69
C UNK H 406 22.29 15.61 62.32
N UNK H 407 22.18 15.68 63.65
CA UNK H 407 20.98 15.23 64.33
C UNK H 407 19.79 16.09 63.96
N UNK H 408 19.99 17.41 63.89
CA UNK H 408 18.93 18.32 63.47
C UNK H 408 18.58 18.15 62.00
N UNK H 409 19.57 17.74 61.19
CA UNK H 409 19.31 17.43 59.79
C UNK H 409 18.44 16.18 59.69
N UNK H 410 18.70 15.20 60.55
CA UNK H 410 17.85 14.01 60.60
C UNK H 410 16.46 14.36 61.09
N UNK H 411 16.35 15.29 62.04
CA UNK H 411 15.06 15.66 62.59
C UNK H 411 14.24 16.46 61.58
N UNK H 412 14.86 17.44 60.94
CA UNK H 412 14.16 18.29 59.98
C UNK H 412 13.92 17.55 58.67
N PRO H 442 -16.18 34.27 25.07
CA PRO H 442 -15.16 34.87 24.21
C PRO H 442 -14.71 33.92 23.10
N ASP H 443 -15.62 33.08 22.64
CA ASP H 443 -15.30 32.13 21.59
C ASP H 443 -15.20 32.86 20.25
N PRO H 444 -14.37 32.36 19.33
CA PRO H 444 -14.23 33.06 18.04
C PRO H 444 -15.43 32.94 17.15
N MET H 445 -16.00 31.74 17.02
CA MET H 445 -16.99 31.54 15.97
C MET H 445 -18.20 30.75 16.42
N MET H 446 -18.43 30.62 17.72
CA MET H 446 -19.53 29.81 18.21
C MET H 446 -20.61 30.72 18.75
N ILE H 447 -21.86 30.41 18.42
CA ILE H 447 -23.01 31.22 18.79
C ILE H 447 -23.81 30.47 19.84
N ARG H 448 -23.98 31.08 21.01
CA ARG H 448 -24.60 30.39 22.13
C ARG H 448 -26.12 30.51 22.08
N TRP H 449 -26.78 29.40 22.39
CA TRP H 449 -28.21 29.40 22.68
C TRP H 449 -28.42 28.82 24.06
N VAL H 450 -29.10 29.56 24.94
CA VAL H 450 -29.35 29.09 26.29
C VAL H 450 -30.82 29.33 26.62
N ASN H 451 -31.49 28.29 27.11
CA ASN H 451 -32.92 28.28 27.32
C ASN H 451 -33.19 27.90 28.77
N ASN H 452 -33.68 28.85 29.55
CA ASN H 452 -33.97 28.59 30.96
C ASN H 452 -35.47 28.74 31.21
N LYS H 453 -35.85 28.71 32.49
CA LYS H 453 -37.24 28.78 32.89
C LYS H 453 -37.89 30.13 32.60
N MET H 454 -37.09 31.19 32.50
CA MET H 454 -37.64 32.50 32.21
C MET H 454 -37.90 32.65 30.72
N GLY H 455 -36.86 32.52 29.91
CA GLY H 455 -36.98 32.66 28.48
C GLY H 455 -35.89 31.90 27.78
N SER H 456 -35.43 32.43 26.66
CA SER H 456 -34.33 31.80 25.92
C SER H 456 -33.65 32.89 25.11
N VAL H 457 -32.35 33.05 25.29
CA VAL H 457 -31.63 34.11 24.59
C VAL H 457 -30.51 33.50 23.77
N VAL H 458 -30.02 34.28 22.83
CA VAL H 458 -28.92 33.89 21.96
C VAL H 458 -27.83 34.94 22.06
N ALA H 459 -26.64 34.51 22.47
CA ALA H 459 -25.50 35.39 22.53
C ALA H 459 -24.68 35.25 21.26
N VAL H 460 -24.14 36.36 20.79
CA VAL H 460 -23.25 36.38 19.65
C VAL H 460 -21.95 37.02 20.12
N PRO H 461 -20.80 36.45 19.79
CA PRO H 461 -19.54 37.12 20.11
C PRO H 461 -19.37 38.39 19.31
N GLU H 462 -18.56 39.30 19.88
CA GLU H 462 -18.32 40.60 19.26
C GLU H 462 -17.57 40.46 17.94
N GLU H 463 -16.72 39.44 17.82
CA GLU H 463 -15.89 39.26 16.64
C GLU H 463 -16.67 38.83 15.42
N LEU H 464 -17.95 38.49 15.56
CA LEU H 464 -18.76 38.06 14.44
C LEU H 464 -19.74 39.12 13.97
N LEU H 465 -19.77 40.28 14.62
CA LEU H 465 -20.76 41.29 14.26
C LEU H 465 -20.43 41.96 12.94
N GLY H 466 -19.15 42.12 12.62
CA GLY H 466 -18.78 42.69 11.34
C GLY H 466 -19.00 41.74 10.18
N THR H 467 -19.06 40.44 10.45
CA THR H 467 -19.14 39.45 9.41
C THR H 467 -20.55 39.36 8.86
N HIS H 468 -20.76 38.42 7.93
CA HIS H 468 -22.08 38.22 7.38
C HIS H 468 -23.02 37.49 8.34
N ALA H 469 -22.50 36.99 9.45
CA ALA H 469 -23.34 36.31 10.42
C ALA H 469 -24.21 37.25 11.21
N GLY H 470 -23.92 38.54 11.23
CA GLY H 470 -24.69 39.51 11.98
C GLY H 470 -25.79 40.16 11.19
N VAL H 471 -26.04 39.73 9.96
CA VAL H 471 -27.10 40.32 9.16
C VAL H 471 -28.46 39.97 9.74
N VAL H 472 -28.62 38.73 10.20
CA VAL H 472 -29.85 38.34 10.87
C VAL H 472 -29.95 39.03 12.22
N PHE H 473 -28.86 39.06 12.97
CA PHE H 473 -28.87 39.66 14.29
C PHE H 473 -28.89 41.18 14.25
N GLY H 474 -28.82 41.79 13.07
CA GLY H 474 -28.91 43.22 12.98
C GLY H 474 -27.59 43.96 13.11
N ALA H 475 -26.49 43.35 12.67
CA ALA H 475 -25.20 44.03 12.65
C ALA H 475 -24.70 44.21 11.24
N GLY H 476 -24.54 43.12 10.49
CA GLY H 476 -24.16 43.20 9.10
C GLY H 476 -22.75 43.70 8.86
N PRO H 477 -22.42 43.97 7.59
CA PRO H 477 -21.10 44.51 7.24
C PRO H 477 -21.07 46.03 7.33
N ALA I 9 85.03 29.34 -31.46
CA ALA I 9 83.82 28.54 -31.47
C ALA I 9 82.66 29.33 -30.90
N GLN I 10 82.88 29.94 -29.74
CA GLN I 10 81.88 30.76 -29.08
C GLN I 10 81.93 32.22 -29.51
N ALA I 11 82.79 32.55 -30.48
CA ALA I 11 82.89 33.92 -30.94
C ALA I 11 81.64 34.36 -31.69
N ALA I 12 81.01 33.45 -32.42
CA ALA I 12 79.76 33.78 -33.11
C ALA I 12 78.64 34.04 -32.11
N HIS I 13 78.57 33.24 -31.05
CA HIS I 13 77.57 33.47 -30.02
C HIS I 13 77.84 34.77 -29.27
N GLN I 14 79.11 35.08 -29.05
CA GLN I 14 79.47 36.34 -28.40
C GLN I 14 79.11 37.53 -29.28
N ALA I 15 79.30 37.41 -30.59
CA ALA I 15 78.92 38.49 -31.51
C ALA I 15 77.40 38.64 -31.58
N LEU I 16 76.67 37.52 -31.50
CA LEU I 16 75.21 37.61 -31.46
C LEU I 16 74.70 38.25 -30.18
N VAL I 17 75.39 38.02 -29.06
CA VAL I 17 75.02 38.70 -27.82
C VAL I 17 75.38 40.18 -27.90
N GLU I 18 76.51 40.51 -28.54
CA GLU I 18 76.95 41.90 -28.59
C GLU I 18 76.09 42.74 -29.52
N GLN I 19 75.73 42.23 -30.69
CA GLN I 19 74.98 43.04 -31.63
C GLN I 19 73.52 43.18 -31.23
N LEU I 20 72.99 42.24 -30.47
CA LEU I 20 71.62 42.35 -29.96
C LEU I 20 71.69 43.05 -28.60
N ASP I 21 71.68 44.38 -28.64
CA ASP I 21 71.84 45.15 -27.41
C ASP I 21 71.23 46.53 -27.61
N LEU I 22 70.79 47.13 -26.49
CA LEU I 22 70.24 48.48 -26.50
C LEU I 22 71.28 49.53 -26.09
N HIS I 23 72.16 49.22 -25.15
CA HIS I 23 73.16 50.20 -24.74
C HIS I 23 74.26 50.37 -25.76
N SER I 24 74.39 49.44 -26.71
CA SER I 24 75.40 49.59 -27.74
C SER I 24 75.03 50.67 -28.74
N ILE I 25 73.74 50.96 -28.89
CA ILE I 25 73.27 52.03 -29.76
C ILE I 25 72.88 53.22 -28.90
N HIS I 26 73.41 54.39 -29.24
CA HIS I 26 73.14 55.60 -28.47
C HIS I 26 71.70 56.07 -28.68
N LYS I 27 71.08 56.53 -27.61
CA LYS I 27 69.70 57.01 -27.65
C LYS I 27 69.73 58.44 -28.16
N THR I 28 69.40 58.62 -29.44
CA THR I 28 69.44 59.92 -30.07
C THR I 28 68.14 60.70 -29.92
N PHE I 29 67.15 60.10 -29.28
CA PHE I 29 65.84 60.72 -29.15
C PHE I 29 65.27 60.67 -27.74
N ARG I 30 65.89 59.94 -26.82
CA ARG I 30 65.40 59.92 -25.45
C ARG I 30 65.71 61.23 -24.74
N ASN I 31 64.71 61.79 -24.06
CA ASN I 31 64.89 63.04 -23.34
C ASN I 31 65.63 62.78 -22.04
N PRO I 32 66.82 63.35 -21.84
CA PRO I 32 67.55 63.12 -20.59
C PRO I 32 67.00 63.92 -19.41
N ASN I 33 66.13 64.89 -19.65
CA ASN I 33 65.57 65.68 -18.56
C ASN I 33 64.57 64.88 -17.75
N TRP I 34 63.95 63.87 -18.37
CA TRP I 34 62.97 63.06 -17.68
C TRP I 34 63.62 62.16 -16.64
N ARG I 35 62.94 62.01 -15.51
CA ARG I 35 63.40 61.13 -14.44
C ARG I 35 62.25 60.20 -14.04
N PRO I 36 62.52 58.91 -13.91
CA PRO I 36 61.45 57.97 -13.54
C PRO I 36 61.10 58.10 -12.08
N ASN I 37 59.84 57.81 -11.78
CA ASN I 37 59.35 57.83 -10.41
C ASN I 37 59.44 56.42 -9.83
N GLN I 38 59.55 56.35 -8.51
CA GLN I 38 59.67 55.07 -7.84
C GLN I 38 58.32 54.39 -7.71
N ARG I 39 57.27 55.15 -7.42
CA ARG I 39 55.94 54.61 -7.14
C ARG I 39 55.24 54.24 -8.45
N ARG I 40 55.77 53.21 -9.09
CA ARG I 40 55.12 52.60 -10.24
C ARG I 40 55.09 51.10 -10.03
N ASN I 41 54.75 50.35 -11.09
CA ASN I 41 54.81 48.89 -11.11
C ASN I 41 53.91 48.27 -10.05
N LYS I 42 52.70 48.82 -9.92
CA LYS I 42 51.81 48.37 -8.86
C LYS I 42 50.98 47.19 -9.36
N THR I 43 49.96 46.80 -8.61
CA THR I 43 49.05 45.72 -9.02
C THR I 43 47.66 46.28 -9.27
N ILE I 44 46.74 45.39 -9.64
CA ILE I 44 45.36 45.83 -9.84
C ILE I 44 44.70 46.18 -8.52
N LYS I 45 45.09 45.50 -7.45
CA LYS I 45 44.55 45.80 -6.13
C LYS I 45 44.98 47.18 -5.67
N ALA I 46 46.23 47.53 -5.93
CA ALA I 46 46.75 48.82 -5.52
C ALA I 46 46.13 49.97 -6.33
N ILE I 47 45.96 49.77 -7.64
CA ILE I 47 45.38 50.82 -8.47
C ILE I 47 43.91 50.99 -8.14
N LEU I 48 43.22 49.89 -7.84
CA LEU I 48 41.84 49.99 -7.42
C LEU I 48 41.73 50.61 -6.03
N GLY I 49 42.77 50.45 -5.21
CA GLY I 49 42.79 51.14 -3.94
C GLY I 49 43.09 52.61 -4.07
N GLU I 50 43.78 53.01 -5.15
CA GLU I 50 44.01 54.43 -5.38
C GLU I 50 42.72 55.15 -5.73
N SER I 51 41.86 54.53 -6.53
CA SER I 51 40.62 55.16 -6.97
C SER I 51 39.45 54.84 -6.04
N GLN I 52 39.73 54.56 -4.78
CA GLN I 52 38.68 54.27 -3.82
C GLN I 52 39.02 54.86 -2.45
N THR I 155 33.68 50.76 -14.80
CA THR I 155 34.99 50.48 -15.35
C THR I 155 35.65 49.31 -14.66
N ASN I 156 35.93 48.28 -15.46
CA ASN I 156 36.56 47.02 -15.07
C ASN I 156 35.70 46.23 -14.08
N ILE I 157 34.43 46.61 -13.90
CA ILE I 157 33.49 45.88 -13.05
C ILE I 157 32.31 45.47 -13.94
N GLU I 158 32.60 45.19 -15.22
CA GLU I 158 31.58 44.69 -16.13
C GLU I 158 31.65 43.18 -16.32
N SER I 159 32.51 42.49 -15.58
CA SER I 159 32.52 41.03 -15.58
C SER I 159 31.32 40.49 -14.83
N ALA I 160 30.64 39.49 -15.40
CA ALA I 160 29.40 39.03 -14.78
C ALA I 160 29.45 37.54 -14.46
N PRO I 161 28.99 37.15 -13.25
CA PRO I 161 28.91 35.72 -12.92
C PRO I 161 27.66 35.08 -13.48
N SER I 162 27.44 33.81 -13.14
CA SER I 162 26.30 33.06 -13.64
C SER I 162 25.51 32.45 -12.50
N LEU I 163 24.31 31.99 -12.85
CA LEU I 163 23.43 31.27 -11.92
C LEU I 163 22.65 30.27 -12.78
N ALA I 164 23.17 29.05 -12.86
CA ALA I 164 22.65 28.00 -13.72
C ALA I 164 23.23 26.68 -13.24
N PRO I 165 22.55 25.57 -13.50
CA PRO I 165 23.12 24.26 -13.13
C PRO I 165 24.32 23.91 -13.97
N MET I 166 25.41 23.56 -13.30
CA MET I 166 26.65 23.21 -13.97
C MET I 166 26.78 21.71 -14.07
N LYS I 167 27.23 21.24 -15.23
CA LYS I 167 27.47 19.82 -15.38
C LYS I 167 28.84 19.50 -14.83
N HIS I 168 28.91 18.78 -13.73
CA HIS I 168 30.18 18.55 -13.07
C HIS I 168 30.90 17.34 -13.68
N TYR I 169 32.11 17.56 -14.17
CA TYR I 169 32.93 16.56 -14.81
C TYR I 169 33.99 16.07 -13.84
N CYS I 170 34.72 15.04 -14.26
CA CYS I 170 35.82 14.55 -13.44
C CYS I 170 36.97 15.53 -13.44
N ASP I 171 37.76 15.48 -12.37
CA ASP I 171 38.94 16.31 -12.27
C ASP I 171 40.22 15.51 -12.16
N VAL I 172 40.13 14.19 -12.26
CA VAL I 172 41.34 13.39 -12.44
C VAL I 172 41.52 13.21 -13.93
N THR I 173 40.55 12.59 -14.56
CA THR I 173 40.45 12.56 -16.00
C THR I 173 39.41 13.58 -16.41
N GLY I 174 39.12 13.61 -17.70
CA GLY I 174 38.14 14.52 -18.26
C GLY I 174 36.79 13.94 -18.54
N LEU I 175 36.56 12.68 -18.19
CA LEU I 175 35.30 12.03 -18.47
C LEU I 175 34.20 12.61 -17.59
N PRO I 176 32.93 12.47 -17.99
CA PRO I 176 31.86 12.97 -17.12
C PRO I 176 31.73 12.06 -15.90
N ALA I 177 31.72 12.67 -14.74
CA ALA I 177 31.74 11.96 -13.49
C ALA I 177 30.53 12.33 -12.64
N PRO I 178 29.79 11.38 -12.16
CA PRO I 178 28.57 11.72 -11.43
C PRO I 178 28.68 11.76 -9.90
N TYR I 179 29.77 11.36 -9.25
CA TYR I 179 29.76 11.34 -7.79
C TYR I 179 31.13 11.59 -7.17
N LEU I 180 31.14 12.28 -6.02
CA LEU I 180 32.35 12.72 -5.34
C LEU I 180 32.68 11.86 -4.11
N ASP I 181 33.63 12.31 -3.30
CA ASP I 181 34.15 11.59 -2.14
C ASP I 181 34.02 12.38 -0.85
N PRO I 182 34.00 11.70 0.30
CA PRO I 182 34.04 12.44 1.56
C PRO I 182 35.43 12.78 2.06
N LYS I 183 36.41 11.96 1.73
CA LYS I 183 37.74 12.17 2.29
C LYS I 183 38.49 13.26 1.55
N THR I 184 38.39 13.27 0.23
CA THR I 184 39.18 14.16 -0.58
C THR I 184 38.38 15.09 -1.49
N ARG I 185 37.08 14.85 -1.63
CA ARG I 185 36.15 15.69 -2.40
C ARG I 185 36.58 15.81 -3.86
N LEU I 186 36.76 14.66 -4.50
CA LEU I 186 37.16 14.61 -5.90
C LEU I 186 36.07 13.95 -6.73
N ARG I 187 35.66 14.61 -7.80
CA ARG I 187 34.79 13.97 -8.78
C ARG I 187 35.54 12.85 -9.47
N TYR I 188 34.91 11.70 -9.66
CA TYR I 188 35.66 10.59 -10.24
C TYR I 188 34.75 9.67 -11.03
N HIS I 189 35.31 9.02 -12.05
CA HIS I 189 34.49 8.32 -13.04
C HIS I 189 34.11 6.91 -12.59
N ASN I 190 35.10 6.08 -12.26
CA ASN I 190 34.76 4.72 -11.87
C ASN I 190 35.78 4.24 -10.83
N LYS I 191 35.83 2.93 -10.62
CA LYS I 191 36.55 2.40 -9.47
C LYS I 191 38.05 2.37 -9.66
N GLU I 192 38.53 2.39 -10.89
CA GLU I 192 39.97 2.54 -11.11
C GLU I 192 40.44 3.92 -10.68
N ILE I 193 39.66 4.95 -11.01
CA ILE I 193 40.03 6.29 -10.60
C ILE I 193 39.82 6.44 -9.11
N PHE I 194 38.87 5.71 -8.54
CA PHE I 194 38.73 5.72 -7.09
C PHE I 194 39.92 5.05 -6.41
N ALA I 195 40.44 3.99 -7.01
CA ALA I 195 41.63 3.34 -6.46
C ALA I 195 42.83 4.27 -6.51
N MET I 196 43.03 4.93 -7.65
CA MET I 196 44.15 5.84 -7.76
C MET I 196 43.98 7.10 -6.90
N ILE I 197 42.74 7.49 -6.58
CA ILE I 197 42.52 8.56 -5.61
C ILE I 197 42.86 8.12 -4.19
N ARG I 198 42.41 6.94 -3.79
CA ARG I 198 42.65 6.56 -2.40
C ARG I 198 44.03 6.02 -2.12
N ASN I 199 44.91 5.85 -3.10
CA ASN I 199 46.30 5.54 -2.79
C ASN I 199 47.27 6.53 -3.42
N LEU I 200 46.87 7.77 -3.60
CA LEU I 200 47.83 8.70 -4.16
C LEU I 200 48.70 9.27 -3.05
N PRO I 201 49.97 9.57 -3.34
CA PRO I 201 50.84 10.18 -2.34
C PRO I 201 50.37 11.57 -1.94
N GLN I 202 50.63 11.90 -0.67
CA GLN I 202 50.11 13.13 -0.09
C GLN I 202 50.76 14.36 -0.70
N GLY I 203 49.97 15.42 -0.78
CA GLY I 203 50.41 16.66 -1.38
C GLY I 203 49.93 16.85 -2.79
N MET I 204 49.13 15.94 -3.31
CA MET I 204 48.61 16.04 -4.65
C MET I 204 47.10 16.07 -4.68
N GLY I 205 46.45 15.47 -3.68
CA GLY I 205 45.00 15.53 -3.52
C GLY I 205 44.50 16.92 -3.29
N GLU I 206 45.36 17.81 -2.80
CA GLU I 206 45.06 19.22 -2.80
C GLU I 206 45.40 19.91 -4.12
N GLN I 207 46.32 19.37 -4.91
CA GLN I 207 46.63 20.01 -6.20
C GLN I 207 45.55 19.80 -7.24
N PHE I 208 44.78 18.73 -7.14
CA PHE I 208 43.64 18.59 -8.04
C PHE I 208 42.60 19.66 -7.78
N LEU I 209 42.30 19.94 -6.51
CA LEU I 209 41.41 21.04 -6.21
C LEU I 209 42.06 22.38 -6.50
N GLU I 210 43.39 22.43 -6.57
CA GLU I 210 44.04 23.66 -6.99
C GLU I 210 43.83 23.89 -8.48
N ALA I 211 43.90 22.82 -9.27
CA ALA I 211 43.66 22.96 -10.70
C ALA I 211 42.21 23.26 -10.98
N ARG I 212 41.29 22.69 -10.20
CA ARG I 212 39.89 23.01 -10.44
C ARG I 212 39.52 24.36 -9.82
N GLY I 213 40.26 24.80 -8.83
CA GLY I 213 39.92 26.00 -8.09
C GLY I 213 39.25 25.66 -6.77
N ALA I 214 39.17 26.70 -5.93
CA ALA I 214 38.72 26.59 -4.54
C ALA I 214 39.56 25.57 -3.77
N HIS I 215 40.88 25.73 -3.86
CA HIS I 215 41.80 24.97 -3.03
C HIS I 215 41.58 25.27 -1.54
N THR I 216 41.48 26.57 -1.22
CA THR I 216 41.44 27.09 0.16
C THR I 216 42.63 26.60 0.97
N VAL I 217 43.83 27.03 0.58
CA VAL I 217 45.03 26.67 1.31
C VAL I 217 44.99 27.39 2.64
N LEU I 218 45.67 26.84 3.64
CA LEU I 218 45.81 27.50 4.92
C LEU I 218 46.57 28.81 4.81
N LYS I 219 46.47 29.61 5.86
CA LYS I 219 46.77 31.03 5.77
C LYS I 219 48.16 31.35 6.29
N ARG J 15 45.24 -12.56 -25.96
CA ARG J 15 44.81 -11.81 -27.12
C ARG J 15 45.89 -10.80 -27.54
N ASP J 16 46.47 -11.00 -28.70
CA ASP J 16 47.46 -10.09 -29.25
C ASP J 16 46.86 -9.15 -30.28
N GLU J 17 45.58 -9.32 -30.59
CA GLU J 17 44.93 -8.56 -31.65
C GLU J 17 44.89 -7.03 -31.51
N PRO J 18 44.60 -6.42 -30.34
CA PRO J 18 44.44 -4.96 -30.35
C PRO J 18 45.73 -4.17 -30.53
N TRP J 19 46.90 -4.80 -30.57
CA TRP J 19 48.10 -4.04 -30.86
C TRP J 19 49.05 -4.80 -31.76
N LYS J 20 48.53 -5.72 -32.55
CA LYS J 20 49.36 -6.42 -33.52
C LYS J 20 49.32 -5.74 -34.88
N ARG J 21 48.12 -5.44 -35.37
CA ARG J 21 47.95 -4.73 -36.63
C ARG J 21 47.87 -3.23 -36.44
N LEU J 22 48.27 -2.74 -35.29
CA LEU J 22 48.25 -1.30 -35.03
C LEU J 22 49.43 -0.62 -35.72
N PRO J 23 49.20 0.47 -36.44
CA PRO J 23 50.25 1.06 -37.27
C PRO J 23 51.33 1.73 -36.43
N PRO J 24 52.50 1.98 -37.00
CA PRO J 24 53.52 2.75 -36.28
C PRO J 24 53.07 4.18 -36.09
N PRO J 25 53.49 4.83 -34.99
CA PRO J 25 52.94 6.14 -34.66
C PRO J 25 53.54 7.25 -35.50
N THR J 26 52.70 8.25 -35.77
CA THR J 26 53.10 9.49 -36.43
C THR J 26 53.23 10.57 -35.37
N VAL J 27 54.45 11.00 -35.11
CA VAL J 27 54.74 11.79 -33.91
C VAL J 27 55.12 13.20 -34.33
N TYR J 28 54.76 14.16 -33.50
CA TYR J 28 55.09 15.55 -33.73
C TYR J 28 56.07 16.06 -32.68
N PRO J 29 57.10 16.80 -33.08
CA PRO J 29 58.07 17.32 -32.12
C PRO J 29 57.52 18.52 -31.36
N VAL J 30 58.34 19.05 -30.46
CA VAL J 30 57.99 20.23 -29.66
C VAL J 30 58.36 21.47 -30.46
N LYS J 31 57.41 22.39 -30.59
CA LYS J 31 57.65 23.69 -31.20
C LYS J 31 57.71 24.73 -30.08
N GLU J 32 58.87 24.86 -29.47
CA GLU J 32 59.06 25.87 -28.44
C GLU J 32 59.38 27.21 -29.08
N ALA J 33 58.86 28.29 -28.49
CA ALA J 33 59.03 29.63 -29.03
C ALA J 33 60.45 30.10 -28.81
N ARG J 34 61.33 29.74 -29.73
CA ARG J 34 62.73 30.11 -29.65
C ARG J 34 62.95 31.46 -30.34
N PHE J 35 64.22 31.79 -30.56
CA PHE J 35 64.60 33.02 -31.25
C PHE J 35 64.53 32.79 -32.75
N GLU J 36 64.95 33.80 -33.51
CA GLU J 36 65.10 33.66 -34.95
C GLU J 36 66.18 34.62 -35.41
N LYS J 37 67.06 34.14 -36.29
CA LYS J 37 68.29 34.84 -36.62
C LYS J 37 68.07 36.06 -37.53
N TYR J 38 67.53 37.14 -36.96
CA TYR J 38 67.32 38.36 -37.72
C TYR J 38 67.58 39.57 -36.84
N ILE J 39 68.47 40.44 -37.30
CA ILE J 39 68.59 41.80 -36.78
C ILE J 39 68.55 42.77 -37.97
N PRO J 40 67.37 43.21 -38.38
CA PRO J 40 67.31 44.26 -39.40
C PRO J 40 67.26 45.65 -38.79
N PRO J 41 68.15 46.53 -39.16
CA PRO J 41 67.96 47.96 -38.87
C PRO J 41 67.26 48.66 -40.03
N GLN J 42 65.97 48.39 -40.17
CA GLN J 42 65.20 48.85 -41.34
C GLN J 42 65.03 50.36 -41.36
N LEU J 43 65.70 51.01 -42.30
CA LEU J 43 65.66 52.45 -42.47
C LEU J 43 64.97 52.87 -43.76
N ASP J 44 64.36 51.92 -44.46
CA ASP J 44 63.67 52.20 -45.71
C ASP J 44 62.23 52.64 -45.51
N GLY J 45 61.78 52.73 -44.28
CA GLY J 45 60.42 53.20 -44.01
C GLY J 45 60.34 54.67 -43.76
N ARG J 46 61.39 55.24 -43.16
CA ARG J 46 61.43 56.68 -42.92
C ARG J 46 61.60 57.44 -44.23
N GLU J 47 62.33 56.87 -45.17
CA GLU J 47 62.52 57.51 -46.46
C GLU J 47 61.22 57.57 -47.25
N ARG J 48 60.35 56.56 -47.09
CA ARG J 48 59.03 56.63 -47.69
C ARG J 48 58.07 57.45 -46.87
N ALA J 49 58.28 57.54 -45.56
CA ALA J 49 57.37 58.30 -44.71
C ALA J 49 57.56 59.79 -44.86
N LEU J 50 58.80 60.23 -45.11
CA LEU J 50 59.05 61.65 -45.29
C LEU J 50 58.66 62.15 -46.68
N ALA J 51 58.29 61.24 -47.59
CA ALA J 51 57.91 61.64 -48.93
C ALA J 51 56.42 61.92 -49.07
N GLN J 52 55.61 61.44 -48.14
CA GLN J 52 54.17 61.66 -48.22
C GLN J 52 53.83 63.05 -47.73
N PRO J 53 52.68 63.60 -48.17
CA PRO J 53 52.25 64.91 -47.66
C PRO J 53 51.89 64.82 -46.18
N PRO J 54 51.99 65.94 -45.46
CA PRO J 54 51.68 65.92 -44.02
C PRO J 54 50.21 65.69 -43.75
N GLY J 55 49.94 65.23 -42.53
CA GLY J 55 48.61 64.85 -42.12
C GLY J 55 48.23 63.43 -42.47
N GLN J 56 49.00 62.78 -43.32
CA GLN J 56 48.73 61.40 -43.75
C GLN J 56 49.89 60.46 -43.43
N VAL J 57 50.65 60.77 -42.38
CA VAL J 57 51.73 59.90 -41.93
C VAL J 57 51.57 59.69 -40.44
N ALA J 58 51.45 58.44 -40.01
CA ALA J 58 51.35 58.12 -38.60
C ALA J 58 51.88 56.72 -38.34
N ILE J 59 52.43 56.54 -37.15
CA ILE J 59 52.98 55.26 -36.71
C ILE J 59 51.95 54.59 -35.83
N VAL J 60 51.54 53.38 -36.20
CA VAL J 60 50.49 52.64 -35.53
C VAL J 60 51.12 51.50 -34.74
N ILE J 61 50.82 51.44 -33.45
CA ILE J 61 51.34 50.42 -32.55
C ILE J 61 50.18 49.69 -31.90
N ASP J 62 50.01 48.42 -32.27
CA ASP J 62 49.09 47.54 -31.56
C ASP J 62 49.77 47.01 -30.31
N ASN J 63 49.29 47.45 -29.15
CA ASN J 63 49.92 47.08 -27.89
C ASN J 63 49.31 45.76 -27.41
N GLY J 64 49.59 44.70 -28.16
CA GLY J 64 49.05 43.40 -27.81
C GLY J 64 49.76 42.76 -26.66
N SER J 65 49.00 41.98 -25.88
CA SER J 65 49.60 41.35 -24.71
C SER J 65 50.50 40.19 -25.10
N HIS J 66 50.14 39.47 -26.14
CA HIS J 66 50.99 38.41 -26.63
C HIS J 66 52.02 38.91 -27.62
N SER J 67 51.67 39.90 -28.43
CA SER J 67 52.57 40.36 -29.48
C SER J 67 52.27 41.83 -29.76
N VAL J 68 53.12 42.71 -29.23
CA VAL J 68 53.11 44.12 -29.65
C VAL J 68 53.51 44.22 -31.10
N ARG J 69 52.68 44.89 -31.89
CA ARG J 69 52.95 45.09 -33.31
C ARG J 69 53.09 46.58 -33.56
N ALA J 70 53.89 46.92 -34.57
CA ALA J 70 54.16 48.32 -34.88
C ALA J 70 54.54 48.50 -36.33
N GLY J 71 54.09 49.60 -36.92
CA GLY J 71 54.42 49.91 -38.28
C GLY J 71 53.90 51.26 -38.68
N TRP J 72 54.00 51.54 -39.98
CA TRP J 72 53.49 52.78 -40.56
C TRP J 72 52.13 52.50 -41.19
N ASN J 73 51.32 53.56 -41.25
CA ASN J 73 49.92 53.39 -41.62
C ASN J 73 49.72 53.17 -43.12
N PHE J 74 50.68 53.55 -43.94
CA PHE J 74 50.49 53.45 -45.38
C PHE J 74 50.92 52.10 -45.94
N GLU J 75 51.07 51.09 -45.10
CA GLU J 75 51.37 49.75 -45.56
C GLU J 75 50.28 48.79 -45.12
N ASP J 76 50.49 47.50 -45.39
CA ASP J 76 49.53 46.47 -45.04
C ASP J 76 50.04 45.50 -43.99
N LYS J 77 51.34 45.24 -43.97
CA LYS J 77 51.85 44.37 -42.93
C LYS J 77 52.63 45.21 -41.92
N PRO J 78 52.58 44.86 -40.64
CA PRO J 78 53.36 45.58 -39.64
C PRO J 78 54.82 45.19 -39.73
N ARG J 79 55.68 46.15 -39.40
CA ARG J 79 57.12 45.89 -39.48
C ARG J 79 57.61 45.03 -38.32
N LEU J 80 57.32 45.43 -37.09
CA LEU J 80 57.79 44.74 -35.91
C LEU J 80 56.64 44.02 -35.24
N ALA J 81 56.87 42.75 -34.88
CA ALA J 81 55.90 41.93 -34.17
C ALA J 81 56.65 41.15 -33.10
N ILE J 82 56.74 41.72 -31.91
CA ILE J 82 57.57 41.16 -30.84
C ILE J 82 56.74 40.93 -29.59
N PRO J 83 57.16 39.99 -28.73
CA PRO J 83 56.60 39.90 -27.39
C PRO J 83 57.10 41.04 -26.52
N PRO J 84 56.48 41.30 -25.39
CA PRO J 84 57.00 42.33 -24.47
C PRO J 84 58.15 41.88 -23.58
N ILE J 85 58.81 40.79 -23.96
CA ILE J 85 59.92 40.25 -23.18
C ILE J 85 61.10 41.20 -23.25
N MET J 86 61.69 41.51 -22.10
CA MET J 86 62.99 42.15 -22.07
C MET J 86 63.87 41.41 -21.09
N SER J 87 65.16 41.71 -21.15
CA SER J 87 66.07 41.13 -20.17
C SER J 87 67.32 41.98 -20.10
N LYS J 88 67.76 42.25 -18.88
CA LYS J 88 68.96 43.02 -18.60
C LYS J 88 69.91 42.15 -17.77
N TYR J 89 71.21 42.35 -17.99
CA TYR J 89 72.29 41.61 -17.34
C TYR J 89 73.46 42.49 -16.98
N ARG J 90 74.30 41.94 -16.11
CA ARG J 90 75.65 42.43 -15.89
C ARG J 90 76.56 41.22 -15.81
N ASP J 91 77.65 41.27 -16.56
CA ASP J 91 78.65 40.23 -16.63
C ASP J 91 79.87 40.73 -15.87
N ARG J 92 80.30 39.99 -14.86
CA ARG J 92 81.53 40.34 -14.15
C ARG J 92 82.76 39.68 -14.76
N LYS J 93 82.58 38.57 -15.46
CA LYS J 93 83.63 37.97 -16.25
C LYS J 93 83.94 38.77 -17.51
N MET J 94 83.01 39.60 -17.96
CA MET J 94 83.27 40.56 -19.04
C MET J 94 83.32 42.01 -18.57
N GLY J 95 82.53 42.39 -17.59
CA GLY J 95 82.51 43.74 -17.04
C GLY J 95 81.70 44.68 -17.91
N LYS J 96 80.46 44.29 -18.20
CA LYS J 96 79.62 45.06 -19.10
C LYS J 96 78.16 44.80 -18.77
N THR J 97 77.35 45.84 -18.88
CA THR J 97 75.90 45.75 -18.65
C THR J 97 75.18 45.48 -19.97
N PHE J 98 74.45 44.38 -20.03
CA PHE J 98 73.63 44.09 -21.19
C PHE J 98 72.17 44.40 -20.90
N SER J 99 71.43 44.74 -21.96
CA SER J 99 69.98 44.93 -21.87
C SER J 99 69.43 44.81 -23.30
N PHE J 100 69.00 43.62 -23.67
CA PHE J 100 68.23 43.52 -24.90
C PHE J 100 66.83 43.00 -24.62
N ALA J 101 65.94 43.27 -25.57
CA ALA J 101 64.51 43.06 -25.35
C ALA J 101 63.89 42.44 -26.58
N GLY J 102 62.59 42.22 -26.51
CA GLY J 102 61.84 41.75 -27.65
C GLY J 102 62.06 40.27 -27.93
N SER J 103 62.05 39.95 -29.22
CA SER J 103 62.29 38.60 -29.69
C SER J 103 63.75 38.21 -29.61
N ASP J 104 64.64 39.15 -29.29
CA ASP J 104 66.05 38.86 -29.21
C ASP J 104 66.39 38.04 -27.98
N CYS J 105 65.56 38.08 -26.95
CA CYS J 105 65.66 37.08 -25.92
C CYS J 105 65.33 35.72 -26.50
N TYR J 106 66.00 34.69 -26.01
CA TYR J 106 65.92 33.38 -26.62
C TYR J 106 64.64 32.62 -26.27
N ALA J 107 63.78 33.19 -25.44
CA ALA J 107 62.50 32.58 -25.10
C ALA J 107 61.44 33.64 -24.89
N ALA J 111 70.90 31.97 -23.86
CA ALA J 111 70.51 30.84 -23.04
C ALA J 111 70.06 31.39 -21.70
N ARG J 112 70.46 32.61 -21.40
CA ARG J 112 70.11 33.23 -20.13
C ARG J 112 68.74 33.84 -20.15
N SER J 113 68.05 33.81 -19.01
CA SER J 113 66.70 34.37 -18.91
C SER J 113 66.53 35.10 -17.56
N HIS J 114 66.41 36.41 -17.61
CA HIS J 114 65.95 37.24 -16.49
C HIS J 114 64.68 37.96 -16.94
N ILE J 115 63.79 37.17 -17.52
CA ILE J 115 62.66 37.69 -18.25
C ILE J 115 61.59 38.24 -17.32
N ARG J 116 61.20 39.49 -17.53
CA ARG J 116 59.98 40.01 -16.94
C ARG J 116 59.19 40.79 -17.97
N ASN J 117 57.88 40.61 -17.96
CA ASN J 117 57.00 41.10 -19.02
C ASN J 117 56.33 42.40 -18.63
N ALA J 118 55.99 43.19 -19.66
CA ALA J 118 55.36 44.48 -19.42
C ALA J 118 53.91 44.33 -18.97
N PHE J 119 53.24 43.29 -19.43
CA PHE J 119 51.87 43.04 -19.04
C PHE J 119 51.83 42.19 -17.78
N GLU J 120 50.87 42.48 -16.93
CA GLU J 120 50.63 41.63 -15.78
C GLU J 120 50.05 40.31 -16.25
N ALA J 121 50.51 39.21 -15.65
CA ALA J 121 50.15 37.87 -16.08
C ALA J 121 48.68 37.61 -15.81
N GLY J 122 47.89 37.55 -16.87
CA GLY J 122 46.48 37.24 -16.75
C GLY J 122 45.56 38.39 -17.03
N THR J 123 46.07 39.59 -17.30
CA THR J 123 45.21 40.74 -17.52
C THR J 123 45.95 41.69 -18.45
N GLY J 124 45.24 42.19 -19.47
CA GLY J 124 45.86 43.07 -20.43
C GLY J 124 45.91 44.52 -19.99
N ILE J 125 46.41 44.76 -18.79
CA ILE J 125 46.59 46.11 -18.26
C ILE J 125 48.06 46.28 -17.94
N VAL J 126 48.70 47.27 -18.55
CA VAL J 126 50.15 47.42 -18.43
C VAL J 126 50.46 47.96 -17.05
N SER J 127 51.27 47.22 -16.28
CA SER J 127 51.67 47.66 -14.96
C SER J 127 53.11 47.30 -14.65
N ASN J 128 53.96 47.28 -15.66
CA ASN J 128 55.36 46.94 -15.49
C ASN J 128 56.21 47.91 -16.31
N TRP J 129 56.00 49.22 -16.05
CA TRP J 129 56.39 50.29 -16.97
C TRP J 129 57.87 50.34 -17.29
N ASP J 130 58.71 49.83 -16.41
CA ASP J 130 60.14 49.75 -16.71
C ASP J 130 60.43 48.77 -17.82
N VAL J 131 59.51 47.84 -18.08
CA VAL J 131 59.64 46.96 -19.23
C VAL J 131 59.03 47.58 -20.47
N MET J 132 57.89 48.24 -20.32
CA MET J 132 57.21 48.86 -21.45
C MET J 132 58.03 49.99 -22.05
N GLU J 133 58.79 50.70 -21.22
CA GLU J 133 59.67 51.74 -21.72
C GLU J 133 60.77 51.17 -22.63
N HIS J 134 61.36 50.06 -22.23
CA HIS J 134 62.39 49.45 -23.06
C HIS J 134 61.80 48.78 -24.29
N VAL J 135 60.56 48.30 -24.20
CA VAL J 135 59.91 47.71 -25.37
C VAL J 135 59.65 48.79 -26.42
N LEU J 136 59.11 49.93 -25.98
CA LEU J 136 58.93 51.06 -26.89
C LEU J 136 60.25 51.58 -27.40
N ASP J 137 61.29 51.52 -26.57
CA ASP J 137 62.63 51.90 -27.01
C ASP J 137 63.11 51.01 -28.15
N TYR J 138 62.91 49.70 -28.02
CA TYR J 138 63.28 48.77 -29.09
C TYR J 138 62.47 49.02 -30.35
N VAL J 139 61.20 49.39 -30.18
CA VAL J 139 60.35 49.68 -31.33
C VAL J 139 60.87 50.91 -32.07
N PHE J 140 61.11 52.01 -31.36
CA PHE J 140 61.58 53.22 -32.02
C PHE J 140 63.00 53.09 -32.55
N VAL J 141 63.80 52.19 -32.00
CA VAL J 141 65.11 51.95 -32.58
C VAL J 141 64.99 51.16 -33.88
N LYS J 142 64.24 50.05 -33.86
CA LYS J 142 64.19 49.22 -35.04
C LYS J 142 63.30 49.77 -36.13
N LEU J 143 62.47 50.77 -35.84
CA LEU J 143 61.82 51.48 -36.93
C LEU J 143 62.76 52.49 -37.55
N GLY J 144 63.62 53.11 -36.76
CA GLY J 144 64.51 54.11 -37.28
C GLY J 144 64.11 55.49 -36.82
N MET J 145 64.76 55.99 -35.77
CA MET J 145 64.48 57.32 -35.23
C MET J 145 65.82 57.97 -34.92
N ASN J 146 66.24 58.90 -35.79
CA ASN J 146 67.49 59.63 -35.62
C ASN J 146 67.18 61.11 -35.79
N GLU J 147 66.80 61.74 -34.69
CA GLU J 147 66.42 63.15 -34.69
C GLU J 147 66.58 63.77 -33.30
N ASP J 153 59.08 62.23 -34.49
CA ASP J 153 58.07 63.29 -34.39
C ASP J 153 56.86 63.02 -35.29
N MET J 154 56.39 61.80 -35.26
CA MET J 154 55.21 61.38 -35.99
C MET J 154 54.04 61.13 -35.04
N PRO J 155 52.81 61.27 -35.51
CA PRO J 155 51.66 60.92 -34.66
C PRO J 155 51.61 59.43 -34.39
N ILE J 156 51.00 59.08 -33.27
CA ILE J 156 50.99 57.72 -32.76
C ILE J 156 49.54 57.27 -32.58
N VAL J 157 49.18 56.17 -33.20
CA VAL J 157 47.90 55.54 -32.93
C VAL J 157 48.17 54.25 -32.21
N MET J 158 47.62 54.11 -31.01
CA MET J 158 48.00 53.03 -30.11
C MET J 158 46.76 52.40 -29.51
N THR J 159 46.82 51.09 -29.32
CA THR J 159 45.71 50.31 -28.79
C THR J 159 45.82 50.12 -27.28
N GLU J 160 44.69 49.79 -26.67
CA GLU J 160 44.63 49.52 -25.25
C GLU J 160 43.53 48.49 -25.00
N ALA J 161 43.27 48.21 -23.73
CA ALA J 161 42.24 47.24 -23.38
C ALA J 161 40.92 47.95 -23.09
N VAL J 162 39.85 47.16 -23.08
CA VAL J 162 38.52 47.71 -22.88
C VAL J 162 38.36 48.08 -21.42
N ALA J 163 37.85 49.29 -21.17
CA ALA J 163 37.64 49.84 -19.83
C ALA J 163 38.94 49.88 -19.04
N ASN J 164 39.93 50.52 -19.63
CA ASN J 164 41.27 50.55 -19.06
C ASN J 164 41.28 51.40 -17.81
N LEU J 165 42.19 51.07 -16.90
CA LEU J 165 42.33 51.84 -15.69
C LEU J 165 42.95 53.20 -16.01
N PRO J 166 42.55 54.25 -15.28
CA PRO J 166 43.04 55.60 -15.61
C PRO J 166 44.51 55.81 -15.30
N TYR J 167 45.03 55.13 -14.28
CA TYR J 167 46.42 55.30 -13.92
C TYR J 167 47.34 54.75 -14.99
N SER J 168 46.93 53.67 -15.64
CA SER J 168 47.73 53.09 -16.71
C SER J 168 47.77 53.99 -17.93
N ARG J 169 46.65 54.61 -18.26
CA ARG J 169 46.61 55.54 -19.38
C ARG J 169 47.42 56.79 -19.08
N LYS J 170 47.36 57.26 -17.83
CA LYS J 170 48.16 58.41 -17.43
C LYS J 170 49.65 58.12 -17.52
N SER J 171 50.06 56.93 -17.07
CA SER J 171 51.48 56.59 -17.11
C SER J 171 51.95 56.35 -18.55
N MET J 172 51.10 55.77 -19.39
CA MET J 172 51.46 55.56 -20.79
C MET J 172 51.59 56.88 -21.52
N SER J 173 50.67 57.81 -21.27
CA SER J 173 50.75 59.13 -21.89
C SER J 173 51.96 59.91 -21.38
N GLU J 174 52.31 59.72 -20.12
CA GLU J 174 53.50 60.35 -19.58
C GLU J 174 54.76 59.81 -20.21
N ILE J 175 54.80 58.51 -20.49
CA ILE J 175 55.98 57.97 -21.14
C ILE J 175 56.06 58.42 -22.61
N ILE J 176 54.91 58.60 -23.25
CA ILE J 176 54.90 59.02 -24.65
C ILE J 176 55.36 60.48 -24.77
N PHE J 177 54.81 61.36 -23.93
CA PHE J 177 55.19 62.75 -24.09
C PHE J 177 56.56 63.01 -23.48
N GLU J 178 56.78 62.60 -22.24
CA GLU J 178 57.95 63.08 -21.52
C GLU J 178 59.22 62.33 -21.92
N CYS J 179 59.15 61.01 -22.16
CA CYS J 179 60.37 60.28 -22.42
C CYS J 179 60.86 60.51 -23.84
N TYR J 180 59.99 60.33 -24.81
CA TYR J 180 60.36 60.34 -26.22
C TYR J 180 60.09 61.68 -26.88
N GLY J 181 58.90 62.23 -26.71
CA GLY J 181 58.56 63.47 -27.36
C GLY J 181 57.81 63.19 -28.65
N ALA J 182 56.50 63.43 -28.60
CA ALA J 182 55.62 63.09 -29.71
C ALA J 182 54.68 64.24 -29.99
N PRO J 183 54.27 64.42 -31.24
CA PRO J 183 53.25 65.41 -31.55
C PRO J 183 51.90 65.09 -30.94
N SER J 184 51.40 63.89 -31.19
CA SER J 184 50.10 63.50 -30.69
C SER J 184 49.98 61.99 -30.65
N LEU J 185 49.15 61.52 -29.72
CA LEU J 185 48.79 60.11 -29.68
C LEU J 185 47.31 59.99 -29.38
N VAL J 186 46.73 58.86 -29.76
CA VAL J 186 45.31 58.61 -29.55
C VAL J 186 45.08 57.13 -29.27
N TYR J 187 44.30 56.84 -28.23
CA TYR J 187 44.04 55.48 -27.80
C TYR J 187 42.77 54.93 -28.44
N GLY J 188 42.78 53.63 -28.72
CA GLY J 188 41.60 52.96 -29.25
C GLY J 188 41.57 51.48 -28.90
N ILE J 189 40.41 50.88 -29.07
CA ILE J 189 40.22 49.46 -28.82
C ILE J 189 40.46 48.69 -30.10
N ASP J 190 41.38 47.71 -30.06
CA ASP J 190 41.87 47.06 -31.27
C ASP J 190 40.82 46.18 -31.94
N SER J 191 39.93 45.56 -31.15
CA SER J 191 38.86 44.76 -31.72
C SER J 191 37.88 45.63 -32.49
N LEU J 192 37.65 46.84 -32.01
CA LEU J 192 36.80 47.75 -32.74
C LEU J 192 37.48 48.28 -33.99
N PHE J 193 38.82 48.37 -33.99
CA PHE J 193 39.50 48.70 -35.23
C PHE J 193 39.36 47.57 -36.24
N SER J 194 39.46 46.33 -35.79
CA SER J 194 39.25 45.21 -36.70
C SER J 194 37.80 45.12 -37.17
N PHE J 195 36.87 45.62 -36.37
CA PHE J 195 35.50 45.80 -36.84
C PHE J 195 35.43 46.83 -37.96
N ARG J 196 36.03 48.00 -37.74
CA ARG J 196 35.98 49.06 -38.74
C ARG J 196 36.74 48.71 -40.01
N HIS J 197 37.71 47.82 -39.93
CA HIS J 197 38.39 47.40 -41.14
C HIS J 197 37.58 46.34 -41.88
N ASN J 198 36.77 45.59 -41.14
CA ASN J 198 36.00 44.52 -41.76
C ASN J 198 34.72 45.04 -42.41
N GLN J 199 34.50 46.35 -42.38
CA GLN J 199 33.39 47.04 -43.04
C GLN J 199 32.04 46.58 -42.50
N GLY J 200 31.92 46.57 -41.19
CA GLY J 200 30.66 46.35 -40.54
C GLY J 200 30.07 47.66 -40.06
N GLN J 201 28.77 47.65 -39.80
CA GLN J 201 28.07 48.84 -39.34
C GLN J 201 27.43 48.63 -37.98
N THR J 202 26.70 47.54 -37.82
CA THR J 202 25.99 47.26 -36.57
C THR J 202 26.02 45.77 -36.35
N GLY J 203 26.59 45.34 -35.23
CA GLY J 203 26.66 43.93 -34.96
C GLY J 203 27.05 43.66 -33.53
N LEU J 204 27.59 42.46 -33.31
CA LEU J 204 27.97 42.02 -31.97
C LEU J 204 29.37 41.44 -32.07
N VAL J 205 30.37 42.27 -31.79
CA VAL J 205 31.75 41.85 -31.90
C VAL J 205 32.12 40.99 -30.71
N VAL J 206 32.41 39.72 -30.95
CA VAL J 206 32.93 38.82 -29.93
C VAL J 206 34.39 38.54 -30.27
N SER J 207 35.29 38.99 -29.41
CA SER J 207 36.72 38.90 -29.66
C SER J 207 37.42 38.21 -28.51
N SER J 208 37.98 37.03 -28.77
CA SER J 208 38.69 36.28 -27.75
C SER J 208 40.18 36.56 -27.90
N SER J 209 40.71 37.36 -26.99
CA SER J 209 42.08 37.83 -27.07
C SER J 209 43.01 36.89 -26.31
N TYR J 210 44.23 37.35 -26.07
CA TYR J 210 45.18 36.59 -25.28
C TYR J 210 44.95 36.74 -23.79
N SER J 211 44.32 37.82 -23.35
CA SER J 211 44.13 38.09 -21.94
C SER J 211 42.68 37.95 -21.49
N ALA J 212 41.72 38.38 -22.29
CA ALA J 212 40.32 38.26 -21.91
C ALA J 212 39.48 38.23 -23.16
N THR J 213 38.28 37.68 -23.04
CA THR J 213 37.36 37.54 -24.17
C THR J 213 36.24 38.56 -24.04
N HIS J 214 36.24 39.54 -24.92
CA HIS J 214 35.29 40.62 -24.86
C HIS J 214 34.08 40.35 -25.75
N VAL J 215 32.93 40.82 -25.32
CA VAL J 215 31.74 40.88 -26.15
C VAL J 215 31.24 42.31 -26.14
N ILE J 216 31.23 42.93 -27.31
CA ILE J 216 30.94 44.35 -27.44
C ILE J 216 29.85 44.56 -28.49
N PRO J 217 28.69 45.10 -28.12
CA PRO J 217 27.68 45.44 -29.13
C PRO J 217 27.98 46.80 -29.75
N VAL J 218 27.88 46.87 -31.08
CA VAL J 218 28.16 48.08 -31.83
C VAL J 218 26.92 48.47 -32.60
N TYR J 219 26.45 49.70 -32.42
CA TYR J 219 25.23 50.20 -33.06
C TYR J 219 25.56 51.40 -33.92
N ASN J 220 25.58 51.19 -35.24
CA ASN J 220 25.88 52.21 -36.25
C ASN J 220 27.24 52.85 -36.01
N ARG J 221 28.27 52.01 -36.11
CA ARG J 221 29.68 52.38 -35.99
C ARG J 221 30.00 53.03 -34.63
N LYS J 222 29.25 52.68 -33.60
CA LYS J 222 29.47 53.21 -32.26
C LYS J 222 29.39 52.09 -31.25
N ALA J 223 30.41 51.97 -30.42
CA ALA J 223 30.47 50.93 -29.41
C ALA J 223 29.60 51.30 -28.22
N LEU J 224 28.79 50.37 -27.77
CA LEU J 224 27.96 50.56 -26.58
C LEU J 224 28.71 50.02 -25.36
N LEU J 225 29.75 50.76 -24.97
CA LEU J 225 30.64 50.31 -23.92
C LEU J 225 30.03 50.39 -22.53
N SER J 226 28.81 50.90 -22.38
CA SER J 226 28.17 50.85 -21.07
C SER J 226 27.66 49.46 -20.73
N GLN J 227 27.65 48.53 -21.68
CA GLN J 227 27.08 47.22 -21.42
C GLN J 227 27.90 46.09 -22.05
N ALA J 228 29.12 46.35 -22.47
CA ALA J 228 30.00 45.28 -22.93
C ALA J 228 30.45 44.44 -21.75
N ILE J 229 30.64 43.15 -22.00
CA ILE J 229 30.99 42.19 -20.96
C ILE J 229 32.25 41.45 -21.38
N ARG J 230 33.24 41.41 -20.51
CA ARG J 230 34.46 40.66 -20.74
C ARG J 230 34.44 39.39 -19.89
N LEU J 231 34.61 38.25 -20.54
CA LEU J 231 34.94 37.01 -19.87
C LEU J 231 36.42 36.98 -19.52
N ASN J 232 36.72 36.43 -18.35
CA ASN J 232 38.06 36.52 -17.77
C ASN J 232 38.94 35.34 -18.17
N TRP J 233 38.77 34.83 -19.37
CA TRP J 233 39.51 33.68 -19.88
C TRP J 233 40.18 34.07 -21.19
N GLY J 234 41.30 33.43 -21.48
CA GLY J 234 42.03 33.79 -22.67
C GLY J 234 43.08 32.76 -23.02
N GLY J 235 43.89 33.10 -24.03
CA GLY J 235 44.90 32.17 -24.51
C GLY J 235 45.99 31.89 -23.50
N TRP J 236 46.31 32.89 -22.68
CA TRP J 236 47.24 32.66 -21.58
C TRP J 236 46.64 31.71 -20.56
N HIS J 237 45.35 31.84 -20.29
CA HIS J 237 44.68 30.90 -19.40
C HIS J 237 44.60 29.51 -20.01
N MET J 238 44.47 29.44 -21.34
CA MET J 238 44.57 28.17 -22.05
C MET J 238 45.92 27.53 -21.78
N ALA J 239 46.99 28.31 -21.92
CA ALA J 239 48.33 27.77 -21.74
C ALA J 239 48.58 27.33 -20.31
N GLU J 240 48.15 28.13 -19.34
CA GLU J 240 48.39 27.80 -17.94
C GLU J 240 47.55 26.61 -17.49
N TYR J 241 46.31 26.52 -17.95
CA TYR J 241 45.49 25.38 -17.56
C TYR J 241 45.94 24.10 -18.25
N MET J 242 46.43 24.22 -19.48
CA MET J 242 47.03 23.08 -20.16
C MET J 242 48.30 22.61 -19.47
N LEU J 243 49.08 23.55 -18.96
CA LEU J 243 50.27 23.19 -18.18
C LEU J 243 49.88 22.47 -16.90
N LYS J 244 48.84 22.96 -16.22
CA LYS J 244 48.39 22.29 -14.99
C LYS J 244 47.85 20.89 -15.27
N LEU J 245 47.13 20.70 -16.37
CA LEU J 245 46.64 19.36 -16.63
C LEU J 245 47.70 18.42 -17.15
N LEU J 246 48.73 18.91 -17.83
CA LEU J 246 49.82 17.99 -18.12
C LEU J 246 50.72 17.77 -16.94
N LYS J 247 50.71 18.66 -15.97
CA LYS J 247 51.45 18.41 -14.75
C LYS J 247 50.72 17.41 -13.87
N LEU J 248 49.40 17.40 -13.88
CA LEU J 248 48.67 16.43 -13.06
C LEU J 248 48.32 15.14 -13.79
N LYS J 249 48.37 15.11 -15.11
CA LYS J 249 48.17 13.85 -15.81
C LYS J 249 49.35 12.93 -15.60
N TYR J 250 50.53 13.39 -16.02
CA TYR J 250 51.77 12.65 -15.82
C TYR J 250 52.19 12.88 -14.38
N TYR J 251 51.74 11.98 -13.52
CA TYR J 251 51.62 12.15 -12.09
C TYR J 251 52.88 11.79 -11.32
N THR J 252 53.54 10.73 -11.72
CA THR J 252 54.66 10.20 -10.98
C THR J 252 55.96 10.92 -11.29
N GLY J 253 55.91 11.99 -12.07
CA GLY J 253 57.13 12.69 -12.41
C GLY J 253 57.51 12.49 -13.86
N PHE J 254 57.50 13.58 -14.62
CA PHE J 254 57.86 13.51 -16.03
C PHE J 254 59.24 14.08 -16.25
N PRO J 255 60.16 13.31 -16.79
CA PRO J 255 61.50 13.82 -17.02
C PRO J 255 61.55 14.79 -18.20
N GLY J 256 61.17 16.05 -17.95
CA GLY J 256 61.19 17.04 -19.00
C GLY J 256 60.78 18.41 -18.49
N LYS J 257 61.34 19.45 -19.06
CA LYS J 257 61.01 20.82 -18.66
C LYS J 257 59.66 21.18 -19.28
N LEU J 258 58.66 21.40 -18.44
CA LEU J 258 57.31 21.76 -18.90
C LEU J 258 57.17 23.27 -18.83
N ASN J 259 57.58 23.93 -19.90
CA ASN J 259 57.40 25.37 -20.03
C ASN J 259 55.95 25.69 -20.36
N SER J 260 55.61 26.97 -20.19
CA SER J 260 54.27 27.41 -20.53
C SER J 260 54.11 27.62 -22.02
N SER J 261 55.17 28.07 -22.68
CA SER J 261 55.08 28.41 -24.10
C SER J 261 54.95 27.17 -24.97
N GLN J 262 55.55 26.06 -24.58
CA GLN J 262 55.39 24.86 -25.37
C GLN J 262 54.00 24.26 -25.19
N THR J 263 53.39 24.46 -24.03
CA THR J 263 51.98 24.09 -23.89
C THR J 263 51.10 25.00 -24.71
N GLU J 264 51.48 26.27 -24.85
CA GLU J 264 50.74 27.17 -25.72
C GLU J 264 50.80 26.72 -27.18
N HIS J 265 51.97 26.29 -27.63
CA HIS J 265 52.06 25.76 -28.99
C HIS J 265 51.42 24.40 -29.15
N MET J 266 51.24 23.66 -28.07
CA MET J 266 50.39 22.47 -28.14
C MET J 266 48.93 22.85 -28.33
N VAL J 267 48.47 23.86 -27.59
CA VAL J 267 47.08 24.32 -27.70
C VAL J 267 46.79 24.89 -29.08
N ARG J 268 47.78 25.56 -29.67
CA ARG J 268 47.59 26.22 -30.97
C ARG J 268 47.31 25.23 -32.08
N ASP J 269 47.89 24.03 -32.02
CA ASP J 269 47.75 23.10 -33.12
C ASP J 269 47.19 21.73 -32.72
N PHE J 270 46.67 21.58 -31.50
CA PHE J 270 46.11 20.30 -31.12
C PHE J 270 44.83 20.44 -30.32
N CYS J 271 44.11 21.54 -30.47
CA CYS J 271 42.87 21.70 -29.75
C CYS J 271 41.77 22.21 -30.66
N TYR J 272 40.58 21.64 -30.51
CA TYR J 272 39.43 22.10 -31.27
C TYR J 272 38.18 21.99 -30.44
N VAL J 273 37.29 22.97 -30.59
CA VAL J 273 36.03 22.99 -29.85
C VAL J 273 35.09 21.98 -30.46
N SER J 274 34.64 21.02 -29.66
CA SER J 274 33.76 19.99 -30.16
C SER J 274 32.35 20.53 -30.30
N LEU J 275 31.61 19.96 -31.25
CA LEU J 275 30.28 20.47 -31.56
C LEU J 275 29.29 20.06 -30.49
N ASP J 276 29.18 18.77 -30.23
CA ASP J 276 28.27 18.26 -29.21
C ASP J 276 29.15 17.61 -28.15
N TYR J 277 29.30 18.30 -27.03
CA TYR J 277 30.40 18.00 -26.12
C TYR J 277 30.10 16.80 -25.24
N ASP J 278 28.88 16.69 -24.71
CA ASP J 278 28.59 15.64 -23.74
C ASP J 278 28.46 14.27 -24.39
N ARG J 279 28.31 14.19 -25.70
CA ARG J 279 28.33 12.90 -26.36
C ARG J 279 29.71 12.52 -26.83
N GLU J 280 30.45 13.51 -27.29
CA GLU J 280 31.82 13.28 -27.74
C GLU J 280 32.71 12.89 -26.58
N LEU J 281 32.45 13.44 -25.41
CA LEU J 281 33.36 13.29 -24.29
C LEU J 281 33.27 11.90 -23.66
N ALA J 282 32.04 11.42 -23.44
CA ALA J 282 31.85 10.19 -22.68
C ALA J 282 32.31 8.94 -23.41
N GLY J 283 32.34 8.98 -24.74
CA GLY J 283 32.81 7.84 -25.49
C GLY J 283 34.13 8.11 -26.15
N TYR J 284 34.91 9.00 -25.56
CA TYR J 284 36.16 9.40 -26.21
C TYR J 284 37.28 8.41 -25.92
N LEU J 285 37.38 7.93 -24.69
CA LEU J 285 38.48 7.05 -24.30
C LEU J 285 38.16 5.59 -24.50
N ASP J 286 37.27 5.26 -25.41
CA ASP J 286 37.06 3.87 -25.76
C ASP J 286 38.24 3.35 -26.55
N TRP J 287 38.45 2.03 -26.48
CA TRP J 287 39.61 1.42 -27.11
C TRP J 287 39.49 1.43 -28.63
N THR J 288 38.27 1.29 -29.13
CA THR J 288 38.06 1.19 -30.57
C THR J 288 38.23 2.58 -31.18
N GLY J 289 39.41 2.82 -31.74
CA GLY J 289 39.66 4.08 -32.42
C GLY J 289 40.42 5.12 -31.64
N LEU J 290 41.06 4.76 -30.53
CA LEU J 290 41.82 5.74 -29.79
C LEU J 290 43.10 6.13 -30.51
N GLU J 291 43.57 5.30 -31.44
CA GLU J 291 44.81 5.56 -32.16
C GLU J 291 44.72 6.78 -33.07
N ASP J 292 43.52 7.21 -33.46
CA ASP J 292 43.37 8.38 -34.30
C ASP J 292 42.92 9.61 -33.53
N ARG J 293 42.44 9.45 -32.31
CA ARG J 293 42.15 10.61 -31.48
C ARG J 293 43.38 11.13 -30.78
N GLU J 294 44.33 10.24 -30.48
CA GLU J 294 45.48 10.56 -29.66
C GLU J 294 46.51 11.36 -30.44
N ARG J 295 47.03 12.41 -29.81
CA ARG J 295 48.09 13.20 -30.42
C ARG J 295 49.29 13.17 -29.50
N ILE J 296 50.45 12.86 -30.06
CA ILE J 296 51.62 12.45 -29.31
C ILE J 296 52.76 13.44 -29.55
N VAL J 297 53.53 13.72 -28.52
CA VAL J 297 54.55 14.77 -28.55
C VAL J 297 55.86 14.19 -28.02
N GLN J 298 56.93 14.28 -28.80
CA GLN J 298 58.26 13.87 -28.35
C GLN J 298 58.87 14.87 -27.38
N TYR J 299 60.09 14.57 -26.99
CA TYR J 299 61.00 15.48 -26.31
C TYR J 299 62.42 15.05 -26.65
N PRO J 300 63.39 15.98 -26.67
CA PRO J 300 64.76 15.58 -26.95
C PRO J 300 65.41 14.83 -25.79
N UNK J 471 30.52 -31.48 -19.78
CA UNK J 471 29.93 -30.87 -18.61
C UNK J 471 30.85 -30.97 -17.40
N UNK J 472 31.58 -32.09 -17.30
CA UNK J 472 32.50 -32.27 -16.19
C UNK J 472 33.64 -31.27 -16.26
N UNK J 473 34.08 -30.93 -17.46
CA UNK J 473 34.99 -29.80 -17.61
C UNK J 473 34.28 -28.50 -17.32
N UNK J 474 33.01 -28.38 -17.72
CA UNK J 474 32.25 -27.17 -17.43
C UNK J 474 31.92 -27.08 -15.95
N UNK J 475 31.54 -28.20 -15.32
CA UNK J 475 31.27 -28.16 -13.89
C UNK J 475 32.57 -28.04 -13.10
N UNK J 476 33.67 -28.56 -13.63
CA UNK J 476 34.95 -28.39 -12.96
C UNK J 476 35.46 -26.98 -13.13
N UNK J 477 35.18 -26.36 -14.28
CA UNK J 477 35.56 -24.97 -14.48
C UNK J 477 34.62 -24.06 -13.72
N UNK J 478 33.36 -24.44 -13.57
CA UNK J 478 32.43 -23.65 -12.78
C UNK J 478 32.70 -23.85 -11.29
N UNK J 479 33.16 -25.03 -10.91
CA UNK J 479 33.55 -25.26 -9.52
C UNK J 479 34.90 -24.65 -9.23
N UNK J 480 35.79 -24.61 -10.22
CA UNK J 480 37.06 -23.95 -10.07
C UNK J 480 36.88 -22.44 -10.11
N UNK J 481 35.93 -21.97 -10.91
CA UNK J 481 35.63 -20.54 -10.94
C UNK J 481 34.80 -20.15 -9.74
N UNK J 482 33.98 -21.07 -9.22
CA UNK J 482 33.24 -20.79 -8.00
C UNK J 482 34.14 -20.92 -6.80
N UNK J 483 35.11 -21.82 -6.84
CA UNK J 483 36.09 -21.93 -5.78
C UNK J 483 37.09 -20.81 -5.88
N UNK J 484 37.36 -20.33 -7.09
CA UNK J 484 38.25 -19.20 -7.25
C UNK J 484 37.52 -17.90 -6.96
N UNK J 485 36.22 -17.86 -7.22
CA UNK J 485 35.43 -16.70 -6.86
C UNK J 485 35.14 -16.72 -5.38
N UNK J 486 34.98 -17.91 -4.79
CA UNK J 486 34.79 -18.02 -3.36
C UNK J 486 36.11 -17.83 -2.64
N UNK J 487 37.22 -18.19 -3.29
CA UNK J 487 38.53 -17.97 -2.70
C UNK J 487 38.96 -16.53 -2.93
N UNK J 488 38.56 -15.93 -4.04
CA UNK J 488 38.81 -14.52 -4.25
C UNK J 488 37.86 -13.69 -3.42
N UNK J 489 36.66 -14.21 -3.15
CA UNK J 489 35.73 -13.53 -2.29
C UNK J 489 36.07 -13.74 -0.83
N UNK J 490 36.64 -14.90 -0.51
CA UNK J 490 37.13 -15.12 0.84
C UNK J 490 38.44 -14.37 1.06
N UNK J 491 39.26 -14.29 0.02
CA UNK J 491 40.48 -13.50 0.10
C UNK J 491 40.15 -12.02 0.07
N UNK J 492 39.06 -11.65 -0.61
CA UNK J 492 38.64 -10.27 -0.63
C UNK J 492 37.93 -9.91 0.66
N UNK J 493 37.20 -10.85 1.23
CA UNK J 493 36.57 -10.61 2.52
C UNK J 493 37.59 -10.75 3.63
N UNK J 494 38.70 -11.44 3.36
CA UNK J 494 39.78 -11.51 4.32
C UNK J 494 40.64 -10.27 4.25
N UNK J 495 40.93 -9.81 3.03
CA UNK J 495 41.69 -8.59 2.85
C UNK J 495 40.85 -7.38 3.23
N UNK J 496 39.55 -7.41 2.92
CA UNK J 496 38.64 -6.39 3.39
C UNK J 496 38.46 -6.51 4.89
N UNK J 497 38.40 -7.74 5.39
CA UNK J 497 38.51 -7.97 6.82
C UNK J 497 39.82 -7.43 7.33
N UNK J 498 40.94 -7.99 6.90
CA UNK J 498 42.24 -7.42 7.31
C UNK J 498 42.58 -6.10 6.60
N UNK J 505 38.62 -5.91 9.99
CA UNK J 505 39.57 -5.96 11.09
C UNK J 505 38.92 -5.50 12.34
N UNK J 506 38.18 -4.40 12.26
CA UNK J 506 37.55 -3.84 13.45
C UNK J 506 36.52 -4.80 14.02
N UNK J 507 35.79 -5.49 13.13
CA UNK J 507 34.98 -6.60 13.60
C UNK J 507 35.86 -7.77 14.00
N UNK J 508 36.95 -8.00 13.27
CA UNK J 508 37.83 -9.11 13.60
C UNK J 508 38.60 -8.86 14.88
N UNK J 509 39.18 -7.67 15.03
CA UNK J 509 39.86 -7.33 16.28
C UNK J 509 38.86 -7.07 17.39
N UNK J 510 37.63 -6.68 17.04
CA UNK J 510 36.59 -6.54 18.06
C UNK J 510 36.18 -7.90 18.56
N UNK J 511 36.05 -8.87 17.66
CA UNK J 511 35.76 -10.23 18.07
C UNK J 511 36.97 -10.85 18.73
N UNK J 512 38.17 -10.44 18.32
CA UNK J 512 39.38 -10.93 18.95
C UNK J 512 39.55 -10.34 20.32
N UNK J 513 39.16 -9.08 20.49
CA UNK J 513 39.21 -8.44 21.79
C UNK J 513 38.07 -8.95 22.66
N UNK J 514 36.92 -9.24 22.06
CA UNK J 514 35.81 -9.83 22.80
C UNK J 514 36.16 -11.25 23.21
N UNK J 515 36.78 -12.00 22.32
CA UNK J 515 37.17 -13.36 22.63
C UNK J 515 38.35 -13.37 23.58
N UNK J 516 39.24 -12.39 23.46
CA UNK J 516 40.34 -12.26 24.39
C UNK J 516 39.82 -11.85 25.76
N UNK J 517 38.90 -10.89 25.79
CA UNK J 517 38.41 -10.35 27.04
C UNK J 517 37.33 -11.25 27.64
N UNK J 518 36.82 -12.18 26.85
CA UNK J 518 36.02 -13.25 27.42
C UNK J 518 36.93 -14.36 27.92
N UNK J 519 38.00 -14.64 27.16
CA UNK J 519 39.06 -15.50 27.65
C UNK J 519 39.72 -14.88 28.86
N UNK J 520 40.19 -13.65 28.73
CA UNK J 520 40.50 -12.87 29.91
C UNK J 520 39.21 -12.22 30.36
N UNK J 573 48.51 -18.69 -5.75
CA UNK J 573 48.90 -19.71 -6.72
C UNK J 573 47.75 -20.66 -6.99
N UNK J 574 46.99 -21.00 -5.93
CA UNK J 574 45.86 -21.90 -6.10
C UNK J 574 44.77 -21.28 -6.96
N UNK J 575 44.61 -19.96 -6.88
CA UNK J 575 43.77 -19.29 -7.84
C UNK J 575 44.42 -19.29 -9.22
N UNK J 576 45.75 -19.12 -9.27
CA UNK J 576 46.44 -19.17 -10.56
C UNK J 576 46.46 -20.59 -11.11
N UNK J 577 46.66 -21.58 -10.26
CA UNK J 577 46.61 -22.97 -10.73
C UNK J 577 45.19 -23.36 -11.09
N UNK J 578 44.20 -22.85 -10.36
CA UNK J 578 42.82 -23.15 -10.70
C UNK J 578 42.41 -22.44 -11.99
N UNK J 579 42.91 -21.22 -12.20
CA UNK J 579 42.65 -20.52 -13.44
C UNK J 579 43.39 -21.16 -14.60
N UNK J 580 44.61 -21.63 -14.36
CA UNK J 580 45.34 -22.35 -15.39
C UNK J 580 44.70 -23.69 -15.69
N UNK J 581 44.18 -24.36 -14.65
CA UNK J 581 43.50 -25.62 -14.84
C UNK J 581 42.14 -25.42 -15.50
N UNK J 582 41.49 -24.29 -15.21
CA UNK J 582 40.24 -23.98 -15.88
C UNK J 582 40.49 -23.61 -17.34
N UNK J 583 41.53 -22.81 -17.58
CA UNK J 583 41.85 -22.39 -18.94
C UNK J 583 42.34 -23.55 -19.78
N UNK J 584 43.17 -24.42 -19.19
CA UNK J 584 43.56 -25.66 -19.85
C UNK J 584 42.35 -26.57 -20.03
N UNK J 585 41.44 -26.55 -19.05
CA UNK J 585 40.19 -27.28 -19.19
C UNK J 585 39.30 -26.63 -20.24
N UNK J 586 39.15 -25.31 -20.18
CA UNK J 586 38.42 -24.61 -21.24
C UNK J 586 39.25 -24.60 -22.51
N ASP J 604 45.23 -7.19 -16.84
CA ASP J 604 46.45 -6.50 -17.26
C ASP J 604 46.20 -5.03 -17.56
N TRP J 605 46.99 -4.49 -18.48
CA TRP J 605 46.85 -3.08 -18.82
C TRP J 605 45.71 -2.85 -19.80
N SER J 606 45.31 -3.87 -20.56
CA SER J 606 44.30 -3.67 -21.58
C SER J 606 42.89 -3.51 -21.01
N LYS J 607 42.70 -3.76 -19.73
CA LYS J 607 41.41 -3.59 -19.09
C LYS J 607 41.20 -2.18 -18.55
N SER J 608 42.21 -1.64 -17.88
CA SER J 608 42.08 -0.36 -17.22
C SER J 608 42.13 0.78 -18.22
N LEU J 609 41.40 1.84 -17.89
CA LEU J 609 41.39 3.01 -18.74
C LEU J 609 42.51 3.97 -18.44
N LEU J 610 43.16 3.85 -17.30
CA LEU J 610 44.23 4.78 -16.96
C LEU J 610 45.45 4.60 -17.84
N HIS J 611 45.72 3.39 -18.30
CA HIS J 611 46.77 3.20 -19.30
C HIS J 611 46.38 3.78 -20.65
N ALA J 612 45.11 3.71 -21.00
CA ALA J 612 44.66 4.35 -22.23
C ALA J 612 44.66 5.86 -22.10
N PHE J 613 44.49 6.36 -20.88
CA PHE J 613 44.45 7.80 -20.66
C PHE J 613 45.86 8.38 -20.65
N ARG J 614 46.80 7.73 -19.99
CA ARG J 614 48.15 8.27 -19.97
C ARG J 614 48.93 7.90 -21.22
N TYR J 615 48.82 6.66 -21.66
CA TYR J 615 49.80 6.14 -22.61
C TYR J 615 49.23 5.81 -23.97
N GLY J 616 48.02 5.27 -24.02
CA GLY J 616 47.39 4.97 -25.29
C GLY J 616 47.15 3.49 -25.46
N PRO J 617 46.62 3.09 -26.62
CA PRO J 617 46.34 1.67 -26.84
C PRO J 617 47.56 0.83 -27.05
N ARG J 618 48.72 1.43 -27.33
CA ARG J 618 49.95 0.68 -27.40
C ARG J 618 50.34 0.18 -26.02
N PRO J 619 51.18 -0.86 -25.94
CA PRO J 619 51.60 -1.33 -24.61
C PRO J 619 52.47 -0.35 -23.84
N PHE J 620 52.88 -0.77 -22.65
CA PHE J 620 53.50 0.13 -21.68
C PHE J 620 54.87 0.59 -22.12
N ASP J 621 55.36 1.58 -21.41
CA ASP J 621 56.68 2.10 -21.62
C ASP J 621 57.73 1.20 -20.98
N PRO J 622 58.68 0.67 -21.74
CA PRO J 622 59.71 -0.21 -21.17
C PRO J 622 60.90 0.56 -20.62
N SER J 623 60.71 1.87 -20.38
CA SER J 623 61.73 2.81 -19.95
C SER J 623 62.89 2.85 -20.95
N SER J 624 62.54 3.25 -22.17
CA SER J 624 63.51 3.42 -23.25
C SER J 624 63.92 4.88 -23.35
N GLN J 625 64.74 5.19 -24.34
CA GLN J 625 65.18 6.57 -24.54
C GLN J 625 64.06 7.44 -25.10
N ALA J 626 63.52 7.06 -26.25
CA ALA J 626 62.49 7.84 -26.93
C ALA J 626 61.09 7.32 -26.64
N GLU J 627 60.87 6.79 -25.44
CA GLU J 627 59.56 6.32 -25.04
C GLU J 627 59.07 6.97 -23.76
N THR J 628 59.95 7.16 -22.78
CA THR J 628 59.55 7.83 -21.56
C THR J 628 59.29 9.31 -21.81
N HIS J 629 60.06 9.91 -22.70
CA HIS J 629 59.93 11.33 -22.99
C HIS J 629 58.85 11.56 -24.05
N ARG J 630 57.62 11.18 -23.70
CA ARG J 630 56.49 11.39 -24.59
C ARG J 630 55.29 11.87 -23.77
N VAL J 631 54.54 12.79 -24.35
CA VAL J 631 53.28 13.27 -23.78
C VAL J 631 52.16 12.91 -24.74
N HIS J 632 51.18 12.18 -24.23
CA HIS J 632 50.02 11.79 -25.02
C HIS J 632 48.87 12.72 -24.69
N LEU J 633 48.09 13.08 -25.71
CA LEU J 633 46.97 13.99 -25.53
C LEU J 633 45.72 13.32 -26.04
N ASN J 634 44.78 13.07 -25.15
CA ASN J 634 43.47 12.58 -25.54
C ASN J 634 42.37 13.57 -25.23
N VAL J 635 42.16 13.85 -23.96
CA VAL J 635 40.99 14.62 -23.58
C VAL J 635 41.30 16.10 -23.67
N GLU J 636 42.58 16.46 -23.50
CA GLU J 636 43.04 17.83 -23.54
C GLU J 636 42.79 18.53 -24.87
N ARG J 637 42.51 17.77 -25.93
CA ARG J 637 42.14 18.37 -27.19
C ARG J 637 40.80 19.08 -27.10
N ILE J 638 39.84 18.49 -26.39
CA ILE J 638 38.49 19.03 -26.35
C ILE J 638 38.08 19.53 -24.99
N ARG J 639 38.92 19.37 -23.98
CA ARG J 639 38.59 19.87 -22.65
C ARG J 639 39.08 21.29 -22.46
N VAL J 640 40.25 21.61 -22.97
CA VAL J 640 40.85 22.92 -22.80
C VAL J 640 40.14 24.00 -23.62
N PRO J 641 39.83 23.85 -24.91
CA PRO J 641 39.05 24.90 -25.57
C PRO J 641 37.57 24.88 -25.24
N GLU J 642 37.12 24.07 -24.29
CA GLU J 642 35.72 24.05 -23.91
C GLU J 642 35.44 24.99 -22.75
N VAL J 643 36.47 25.56 -22.13
CA VAL J 643 36.25 26.40 -20.97
C VAL J 643 35.60 27.73 -21.34
N LEU J 644 35.71 28.15 -22.61
CA LEU J 644 34.98 29.32 -23.09
C LEU J 644 33.47 29.17 -23.01
N PHE J 645 32.96 27.96 -23.00
CA PHE J 645 31.52 27.77 -22.99
C PHE J 645 30.98 27.27 -21.66
N GLN J 646 31.77 26.54 -20.89
CA GLN J 646 31.36 26.06 -19.57
C GLN J 646 32.45 26.36 -18.55
N PRO J 647 32.58 27.61 -18.13
CA PRO J 647 33.76 27.99 -17.35
C PRO J 647 33.63 27.55 -15.91
N ALA J 648 32.41 27.55 -15.39
CA ALA J 648 32.19 27.32 -13.97
C ALA J 648 32.37 25.86 -13.56
N ALA J 649 32.50 24.95 -14.49
CA ALA J 649 32.57 23.54 -14.15
C ALA J 649 33.92 22.93 -14.49
N ILE J 650 34.52 23.30 -15.61
CA ILE J 650 35.76 22.68 -16.03
C ILE J 650 36.93 23.26 -15.25
N ALA J 651 37.01 24.58 -15.17
CA ALA J 651 38.13 25.22 -14.53
C ALA J 651 37.75 26.05 -13.32
N GLY J 652 36.47 26.12 -12.97
CA GLY J 652 36.08 26.77 -11.75
C GLY J 652 36.09 28.28 -11.75
N VAL J 653 36.29 28.92 -12.89
CA VAL J 653 36.12 30.35 -12.97
C VAL J 653 34.64 30.67 -12.82
N ASP J 654 34.29 31.38 -11.76
CA ASP J 654 32.89 31.63 -11.42
C ASP J 654 32.29 32.78 -12.24
N GLN J 655 32.22 32.55 -13.54
CA GLN J 655 31.61 33.49 -14.46
C GLN J 655 30.72 32.69 -15.40
N ALA J 656 30.21 33.34 -16.43
CA ALA J 656 29.27 32.71 -17.35
C ALA J 656 29.96 32.32 -18.64
N GLY J 657 29.31 31.45 -19.38
CA GLY J 657 29.82 31.02 -20.66
C GLY J 657 29.63 32.06 -21.73
N LEU J 658 30.31 31.85 -22.86
CA LEU J 658 30.25 32.79 -23.97
C LEU J 658 28.85 32.80 -24.59
N VAL J 659 28.24 31.63 -24.71
CA VAL J 659 26.89 31.53 -25.24
C VAL J 659 25.91 32.22 -24.32
N GLU J 660 26.09 32.05 -23.01
CA GLU J 660 25.16 32.64 -22.07
C GLU J 660 25.32 34.16 -21.98
N ILE J 661 26.56 34.67 -22.14
CA ILE J 661 26.77 36.11 -22.20
C ILE J 661 26.16 36.71 -23.46
N ALA J 662 26.33 36.03 -24.60
CA ALA J 662 25.76 36.53 -25.84
C ALA J 662 24.24 36.52 -25.79
N GLY J 663 23.66 35.50 -25.17
CA GLY J 663 22.22 35.47 -25.01
C GLY J 663 21.70 36.48 -24.04
N ASP J 664 22.45 36.75 -22.97
CA ASP J 664 22.05 37.79 -22.02
C ASP J 664 22.05 39.17 -22.65
N ILE J 665 22.99 39.43 -23.53
CA ILE J 665 23.04 40.73 -24.18
C ILE J 665 22.00 40.83 -25.28
N LEU J 666 21.81 39.78 -26.06
CA LEU J 666 20.90 39.89 -27.19
C LEU J 666 19.45 39.85 -26.74
N CYS J 667 19.13 39.07 -25.72
CA CYS J 667 17.73 38.85 -25.39
C CYS J 667 17.24 39.61 -24.16
N GLN J 668 18.11 40.15 -23.31
CA GLN J 668 17.62 40.72 -22.06
C GLN J 668 18.02 42.15 -21.82
N ARG J 669 19.07 42.65 -22.47
CA ARG J 669 19.48 44.03 -22.32
C ARG J 669 19.17 44.89 -23.53
N LEU J 670 19.47 44.43 -24.73
CA LEU J 670 19.23 45.22 -25.92
C LEU J 670 17.76 45.50 -26.27
N PRO J 671 16.79 44.59 -26.04
CA PRO J 671 15.39 45.03 -26.18
C PRO J 671 14.96 46.00 -25.10
N SER J 672 15.66 46.06 -23.97
CA SER J 672 15.29 46.96 -22.89
C SER J 672 16.08 48.26 -22.91
N LEU J 673 16.76 48.56 -24.01
CA LEU J 673 17.55 49.79 -24.08
C LEU J 673 16.84 50.77 -25.00
N PRO J 674 16.46 51.95 -24.51
CA PRO J 674 15.81 52.93 -25.38
C PRO J 674 16.81 53.66 -26.25
N GLY J 675 16.37 53.97 -27.46
CA GLY J 675 17.17 54.70 -28.43
C GLY J 675 17.57 53.89 -29.65
N ILE J 676 17.29 52.59 -29.66
CA ILE J 676 17.61 51.75 -30.80
C ILE J 676 16.32 51.14 -31.32
N GLN J 677 16.31 50.84 -32.62
CA GLN J 677 15.09 50.43 -33.30
C GLN J 677 14.83 48.95 -33.11
N ASP J 678 15.72 48.10 -33.63
CA ASP J 678 15.48 46.66 -33.70
C ASP J 678 16.58 45.95 -32.93
N ALA J 679 16.20 45.29 -31.85
CA ALA J 679 17.20 44.52 -31.11
C ALA J 679 17.51 43.16 -31.75
N PRO J 680 16.53 42.33 -32.18
CA PRO J 680 16.97 41.10 -32.86
C PRO J 680 17.18 41.27 -34.36
N ASP J 681 16.53 42.25 -34.99
CA ASP J 681 16.58 42.32 -36.44
C ASP J 681 17.80 43.03 -36.97
N ALA J 682 18.62 43.63 -36.11
CA ALA J 682 19.78 44.37 -36.55
C ALA J 682 21.07 43.77 -36.03
N PHE J 683 21.13 43.44 -34.75
CA PHE J 683 22.36 42.92 -34.16
C PHE J 683 22.68 41.50 -34.62
N LEU J 684 21.72 40.80 -35.17
CA LEU J 684 21.97 39.44 -35.63
C LEU J 684 22.37 39.38 -37.08
N ARG J 685 22.47 40.52 -37.75
CA ARG J 685 22.86 40.51 -39.14
C ARG J 685 24.33 40.18 -39.31
N ASP J 686 25.18 40.57 -38.36
CA ASP J 686 26.62 40.36 -38.49
C ASP J 686 27.19 40.17 -37.08
N VAL J 687 27.36 38.93 -36.67
CA VAL J 687 28.09 38.58 -35.47
C VAL J 687 29.39 37.92 -35.92
N PHE J 688 30.51 38.60 -35.80
CA PHE J 688 31.75 38.03 -36.29
C PHE J 688 32.80 37.99 -35.20
N LEU J 689 33.78 37.13 -35.42
CA LEU J 689 34.75 36.73 -34.41
C LEU J 689 36.14 37.25 -34.79
N THR J 690 36.77 37.96 -33.86
CA THR J 690 37.94 38.79 -34.16
C THR J 690 39.25 38.22 -33.64
N GLY J 691 39.32 37.90 -32.35
CA GLY J 691 40.57 37.80 -31.64
C GLY J 691 41.46 36.63 -32.05
N GLY J 692 42.63 36.60 -31.42
CA GLY J 692 43.61 35.58 -31.73
C GLY J 692 43.22 34.21 -31.20
N ASN J 693 42.54 34.16 -30.07
CA ASN J 693 42.11 32.90 -29.50
C ASN J 693 40.79 32.46 -30.13
N THR J 694 40.76 32.40 -31.46
CA THR J 694 39.56 32.07 -32.20
C THR J 694 39.81 31.07 -33.31
N LEU J 695 41.05 30.96 -33.80
CA LEU J 695 41.33 30.10 -34.94
C LEU J 695 41.37 28.63 -34.56
N PHE J 696 40.31 28.15 -33.95
CA PHE J 696 40.11 26.75 -33.65
C PHE J 696 39.16 26.16 -34.68
N GLN J 697 39.31 24.87 -34.95
CA GLN J 697 38.39 24.20 -35.85
C GLN J 697 37.04 24.05 -35.15
N ASN J 698 35.97 24.44 -35.85
CA ASN J 698 34.60 24.42 -35.35
C ASN J 698 34.45 25.26 -34.09
N PHE J 699 34.68 26.56 -34.23
CA PHE J 699 34.39 27.51 -33.17
C PHE J 699 33.20 28.41 -33.47
N ASP J 700 33.04 28.82 -34.72
CA ASP J 700 31.89 29.63 -35.08
C ASP J 700 30.59 28.83 -35.09
N GLU J 701 30.69 27.54 -35.41
CA GLU J 701 29.51 26.70 -35.50
C GLU J 701 28.93 26.42 -34.12
N ARG J 702 29.78 26.30 -33.11
CA ARG J 702 29.30 26.12 -31.74
C ARG J 702 28.54 27.35 -31.26
N LEU J 703 29.07 28.53 -31.54
CA LEU J 703 28.38 29.75 -31.15
C LEU J 703 27.09 29.92 -31.92
N ARG J 704 27.08 29.50 -33.18
CA ARG J 704 25.86 29.59 -33.97
C ARG J 704 24.79 28.64 -33.45
N GLN J 705 25.18 27.44 -33.02
CA GLN J 705 24.18 26.54 -32.47
C GLN J 705 23.67 27.00 -31.12
N GLY J 706 24.55 27.61 -30.32
CA GLY J 706 24.09 28.16 -29.04
C GLY J 706 23.12 29.31 -29.22
N LEU J 707 23.45 30.24 -30.12
CA LEU J 707 22.55 31.36 -30.37
C LEU J 707 21.28 30.90 -31.07
N MET J 708 21.35 29.83 -31.86
CA MET J 708 20.15 29.29 -32.45
C MET J 708 19.27 28.67 -31.38
N ALA J 709 19.87 28.09 -30.35
CA ALA J 709 19.06 27.56 -29.26
C ALA J 709 18.48 28.68 -28.41
N LEU J 710 19.12 29.84 -28.38
CA LEU J 710 18.59 30.88 -27.53
C LEU J 710 17.60 31.81 -28.23
N LEU J 711 17.87 32.20 -29.47
CA LEU J 711 17.08 33.21 -30.16
C LEU J 711 15.73 32.66 -30.62
N PRO J 712 14.76 33.53 -30.87
CA PRO J 712 13.50 33.06 -31.43
C PRO J 712 13.67 32.54 -32.84
N VAL J 713 12.69 31.76 -33.27
CA VAL J 713 12.76 31.09 -34.57
C VAL J 713 12.54 32.11 -35.67
N GLY J 714 13.44 32.12 -36.65
CA GLY J 714 13.29 32.99 -37.78
C GLY J 714 14.27 34.15 -37.81
N ALA J 715 15.12 34.28 -36.81
CA ALA J 715 16.08 35.37 -36.80
C ALA J 715 17.18 35.08 -37.82
N PRO J 716 17.49 36.01 -38.69
CA PRO J 716 18.53 35.77 -39.70
C PRO J 716 19.93 35.79 -39.13
N LEU J 717 20.30 34.74 -38.41
CA LEU J 717 21.60 34.67 -37.76
C LEU J 717 22.66 34.27 -38.78
N ARG J 718 23.74 35.02 -38.84
CA ARG J 718 24.83 34.71 -39.77
C ARG J 718 26.16 35.04 -39.08
N VAL J 719 26.77 34.04 -38.48
CA VAL J 719 28.02 34.21 -37.77
C VAL J 719 29.17 33.87 -38.70
N ARG J 720 30.12 34.79 -38.81
CA ARG J 720 31.29 34.66 -39.66
C ARG J 720 32.50 35.10 -38.86
N ARG J 721 33.65 35.22 -39.52
CA ARG J 721 34.84 35.67 -38.82
C ARG J 721 35.61 36.63 -39.69
N ALA J 722 36.58 37.29 -39.08
CA ALA J 722 37.37 38.27 -39.80
C ALA J 722 38.32 37.59 -40.77
N GLN J 723 38.97 38.41 -41.58
CA GLN J 723 39.79 37.86 -42.66
C GLN J 723 41.19 37.50 -42.19
N ASP J 724 41.78 38.32 -41.33
CA ASP J 724 43.19 38.20 -40.91
C ASP J 724 43.30 38.37 -39.41
N ALA J 725 42.54 37.53 -38.68
CA ALA J 725 42.17 37.63 -37.27
C ALA J 725 43.23 38.12 -36.30
N ILE J 726 44.49 37.77 -36.51
CA ILE J 726 45.54 38.28 -35.63
C ILE J 726 46.17 39.56 -36.14
N LEU J 727 45.91 39.95 -37.38
CA LEU J 727 46.54 41.13 -37.96
C LEU J 727 45.57 42.25 -38.33
N ASP J 728 44.25 42.01 -38.31
CA ASP J 728 43.31 43.06 -38.63
C ASP J 728 43.15 44.10 -37.53
N ALA J 729 43.57 43.79 -36.31
CA ALA J 729 43.56 44.78 -35.24
C ALA J 729 44.57 45.88 -35.50
N TRP J 730 45.65 45.58 -36.21
CA TRP J 730 46.59 46.61 -36.62
C TRP J 730 46.09 47.35 -37.86
N ARG J 731 45.53 46.62 -38.82
CA ARG J 731 45.13 47.24 -40.07
C ARG J 731 43.96 48.18 -39.89
N GLY J 732 43.09 47.92 -38.90
CA GLY J 732 41.98 48.82 -38.66
C GLY J 732 42.42 50.17 -38.11
N ALA J 733 43.38 50.17 -37.21
CA ALA J 733 43.95 51.43 -36.79
C ALA J 733 44.89 52.02 -37.81
N ALA J 734 45.37 51.20 -38.75
CA ALA J 734 46.17 51.74 -39.83
C ALA J 734 45.29 52.54 -40.78
N GLY J 735 44.13 52.00 -41.13
CA GLY J 735 43.21 52.72 -41.98
C GLY J 735 42.52 53.87 -41.30
N TRP J 736 42.43 53.83 -39.97
CA TRP J 736 41.75 54.89 -39.23
C TRP J 736 42.65 56.09 -38.97
N ALA J 737 43.97 55.90 -39.08
CA ALA J 737 44.96 56.78 -38.44
C ALA J 737 44.97 58.20 -39.00
N CYS J 738 44.61 58.39 -40.25
CA CYS J 738 44.81 59.68 -40.88
C CYS J 738 43.52 60.16 -41.53
N THR J 739 42.44 60.09 -40.78
CA THR J 739 41.15 60.58 -41.24
C THR J 739 40.76 61.82 -40.45
N GLU J 740 39.58 62.35 -40.77
CA GLU J 740 39.10 63.57 -40.13
C GLU J 740 38.60 63.33 -38.71
N GLU J 741 38.01 62.17 -38.44
CA GLU J 741 37.59 61.87 -37.08
C GLU J 741 38.79 61.63 -36.17
N ALA J 742 39.86 61.05 -36.73
CA ALA J 742 41.08 60.89 -35.96
C ALA J 742 41.77 62.23 -35.78
N LYS J 743 41.70 63.10 -36.79
CA LYS J 743 42.27 64.42 -36.64
C LYS J 743 41.47 65.23 -35.63
N ALA J 744 40.17 64.95 -35.52
CA ALA J 744 39.33 65.57 -34.52
C ALA J 744 39.31 64.78 -33.21
N ALA J 745 40.28 63.88 -33.01
CA ALA J 745 40.33 63.14 -31.77
C ALA J 745 41.74 62.99 -31.23
N TRP J 746 42.72 63.67 -31.80
CA TRP J 746 44.08 63.62 -31.29
C TRP J 746 44.23 64.42 -29.99
N ILE J 747 45.31 64.14 -29.27
CA ILE J 747 45.70 64.90 -28.10
C ILE J 747 47.10 65.42 -28.34
N THR J 748 47.23 66.72 -28.56
CA THR J 748 48.55 67.30 -28.83
C THR J 748 49.31 67.48 -27.53
N ARG J 749 50.53 68.02 -27.64
CA ARG J 749 51.40 68.12 -26.48
C ARG J 749 50.94 69.21 -25.53
N GLU J 750 50.50 70.35 -26.06
CA GLU J 750 50.03 71.43 -25.22
C GLU J 750 48.69 71.09 -24.58
N GLU J 751 47.90 70.23 -25.21
CA GLU J 751 46.69 69.74 -24.56
C GLU J 751 47.03 68.82 -23.40
N TYR J 752 48.13 68.07 -23.51
CA TYR J 752 48.59 67.30 -22.38
C TYR J 752 49.16 68.18 -21.29
N LEU J 753 49.78 69.30 -21.67
CA LEU J 753 50.32 70.20 -20.67
C LEU J 753 49.22 70.97 -19.95
N GLU J 754 48.11 71.23 -20.62
CA GLU J 754 47.04 72.02 -20.03
C GLU J 754 45.96 71.18 -19.38
N LYS J 755 45.38 70.22 -20.11
CA LYS J 755 44.25 69.49 -19.59
C LYS J 755 44.66 68.47 -18.54
N GLY J 756 45.90 68.03 -18.54
CA GLY J 756 46.35 67.05 -17.57
C GLY J 756 46.78 65.77 -18.22
N GLY J 757 46.71 64.67 -17.48
CA GLY J 757 47.16 63.39 -17.99
C GLY J 757 46.03 62.48 -18.42
N GLU J 758 44.97 62.44 -17.62
CA GLU J 758 43.84 61.55 -17.87
C GLU J 758 42.76 62.24 -18.70
N TYR J 759 43.16 62.80 -19.83
CA TYR J 759 42.24 63.51 -20.70
C TYR J 759 41.83 62.61 -21.84
N ILE J 760 40.53 62.58 -22.14
CA ILE J 760 39.96 61.62 -23.06
C ILE J 760 39.21 62.38 -24.15
N LYS J 761 39.74 62.34 -25.36
CA LYS J 761 38.95 62.73 -26.52
C LYS J 761 37.92 61.64 -26.77
N GLU J 762 36.63 61.96 -26.57
CA GLU J 762 35.60 60.95 -26.69
C GLU J 762 35.38 60.56 -28.14
N HIS J 763 36.06 59.51 -28.56
CA HIS J 763 35.87 58.91 -29.86
C HIS J 763 34.93 57.72 -29.72
N ASP J 764 34.28 57.36 -30.82
CA ASP J 764 33.31 56.27 -30.80
C ASP J 764 33.96 54.90 -30.70
N LEU J 765 35.28 54.81 -30.77
CA LEU J 765 35.98 53.56 -30.54
C LEU J 765 36.63 53.49 -29.17
N GLY J 766 37.12 54.60 -28.66
CA GLY J 766 37.76 54.61 -27.36
C GLY J 766 36.76 54.49 -26.22
N ASN J 767 37.30 54.49 -25.01
CA ASN J 767 36.50 54.29 -23.83
C ASN J 767 35.73 55.57 -23.48
N ALA J 768 34.94 55.51 -22.41
CA ALA J 768 34.12 56.64 -22.01
C ALA J 768 34.96 57.74 -21.39
N PHE J 769 34.57 58.98 -21.64
CA PHE J 769 35.33 60.12 -21.20
C PHE J 769 35.17 60.34 -19.70
N ALA J 770 36.20 60.90 -19.09
CA ALA J 770 36.19 61.18 -17.67
C ALA J 770 37.02 62.42 -17.38
N ARG M 40 46.72 -34.34 42.28
CA ARG M 40 47.81 -33.43 41.96
C ARG M 40 47.88 -33.19 40.46
N TYR M 41 47.83 -31.91 40.06
CA TYR M 41 48.03 -31.56 38.66
C TYR M 41 49.49 -31.80 38.26
N ARG M 42 49.69 -32.04 36.97
CA ARG M 42 51.03 -32.17 36.42
C ARG M 42 51.73 -30.81 36.51
N PRO M 43 53.07 -30.77 36.68
CA PRO M 43 53.70 -29.48 36.97
C PRO M 43 53.79 -28.63 35.73
N GLY M 44 52.83 -27.71 35.63
CA GLY M 44 52.75 -26.77 34.55
C GLY M 44 51.35 -26.21 34.38
N THR M 45 50.35 -26.99 34.79
CA THR M 45 48.94 -26.59 34.64
C THR M 45 48.60 -25.41 35.54
N VAL M 46 48.92 -25.52 36.83
CA VAL M 46 48.62 -24.47 37.81
C VAL M 46 49.30 -23.16 37.42
N ALA M 47 50.52 -23.27 36.88
CA ALA M 47 51.27 -22.11 36.41
C ALA M 47 50.52 -21.38 35.31
N LEU M 48 50.05 -22.12 34.30
CA LEU M 48 49.30 -21.53 33.20
C LEU M 48 47.99 -20.93 33.70
N ARG M 49 47.35 -21.61 34.66
CA ARG M 49 46.13 -21.08 35.26
C ARG M 49 46.40 -19.76 35.96
N GLU M 50 47.55 -19.64 36.63
CA GLU M 50 47.93 -18.39 37.27
C GLU M 50 48.20 -17.31 36.24
N ILE M 51 48.85 -17.67 35.13
CA ILE M 51 49.11 -16.71 34.06
C ILE M 51 47.79 -16.17 33.51
N ARG M 52 46.83 -17.07 33.25
CA ARG M 52 45.52 -16.63 32.78
C ARG M 52 44.81 -15.81 33.85
N ARG M 53 45.05 -16.13 35.12
CA ARG M 53 44.40 -15.45 36.24
C ARG M 53 44.87 -14.01 36.37
N TYR M 54 46.18 -13.79 36.32
CA TYR M 54 46.72 -12.47 36.62
C TYR M 54 46.82 -11.59 35.38
N GLN M 55 46.71 -12.16 34.19
CA GLN M 55 46.72 -11.36 32.97
C GLN M 55 45.36 -10.72 32.77
N LYS M 56 44.33 -11.16 33.49
CA LYS M 56 43.00 -10.60 33.39
C LYS M 56 42.79 -9.52 34.44
N SER M 57 43.50 -9.62 35.54
CA SER M 57 43.38 -8.67 36.64
C SER M 57 44.22 -7.42 36.39
N THR M 58 43.89 -6.35 37.12
CA THR M 58 44.59 -5.09 36.98
C THR M 58 45.08 -4.52 38.30
N GLU M 59 44.58 -5.03 39.43
CA GLU M 59 44.97 -4.55 40.75
C GLU M 59 46.43 -4.84 41.03
N LEU M 60 47.00 -4.11 41.99
CA LEU M 60 48.40 -4.27 42.32
C LEU M 60 48.70 -5.63 42.93
N LEU M 61 49.91 -6.11 42.68
CA LEU M 61 50.32 -7.44 43.11
C LEU M 61 51.20 -7.40 44.35
N ILE M 62 52.18 -6.49 44.38
CA ILE M 62 53.05 -6.33 45.54
C ILE M 62 52.23 -5.72 46.67
N ARG M 63 52.44 -6.24 47.89
CA ARG M 63 51.75 -5.75 49.08
C ARG M 63 52.05 -4.27 49.30
N LYS M 64 51.07 -3.56 49.85
CA LYS M 64 51.16 -2.11 49.98
C LYS M 64 52.22 -1.67 50.99
N LEU M 65 52.04 -2.07 52.26
CA LEU M 65 52.92 -1.65 53.34
C LEU M 65 54.40 -2.01 53.13
N PRO M 66 54.79 -3.24 52.71
CA PRO M 66 56.23 -3.49 52.47
C PRO M 66 56.82 -2.59 51.41
N PHE M 67 56.05 -2.34 50.34
CA PHE M 67 56.53 -1.46 49.29
C PHE M 67 56.70 -0.05 49.83
N GLN M 68 55.79 0.38 50.72
CA GLN M 68 55.89 1.69 51.34
C GLN M 68 57.15 1.79 52.19
N ARG M 69 57.41 0.75 52.98
CA ARG M 69 58.60 0.70 53.82
C ARG M 69 59.86 0.73 52.96
N LEU M 70 59.85 0.03 51.83
CA LEU M 70 60.97 0.05 50.91
C LEU M 70 61.19 1.43 50.33
N VAL M 71 60.10 2.09 49.93
CA VAL M 71 60.14 3.44 49.38
C VAL M 71 60.77 4.40 50.38
N ARG M 72 60.33 4.33 51.64
CA ARG M 72 60.87 5.23 52.66
C ARG M 72 62.32 4.89 52.98
N GLU M 73 62.66 3.61 52.96
CA GLU M 73 64.05 3.21 53.21
C GLU M 73 64.97 3.73 52.11
N ILE M 74 64.51 3.69 50.86
CA ILE M 74 65.33 4.20 49.77
C ILE M 74 65.35 5.72 49.81
N ALA M 75 64.28 6.34 50.26
CA ALA M 75 64.18 7.79 50.27
C ALA M 75 64.93 8.42 51.42
N GLN M 76 65.22 7.66 52.47
CA GLN M 76 65.86 8.21 53.65
C GLN M 76 67.34 8.52 53.42
N ASP M 77 67.85 8.30 52.21
CA ASP M 77 69.24 8.59 51.89
C ASP M 77 69.35 9.83 51.02
N PHE M 78 68.24 10.52 50.79
CA PHE M 78 68.21 11.72 49.99
C PHE M 78 67.69 12.90 50.78
N LYS M 79 66.73 12.69 51.68
CA LYS M 79 66.14 13.76 52.46
C LYS M 79 65.62 13.21 53.78
N THR M 80 66.03 13.86 54.86
CA THR M 80 65.66 13.44 56.21
C THR M 80 64.24 13.85 56.52
N ASP M 81 63.54 13.00 57.28
CA ASP M 81 62.15 13.21 57.72
C ASP M 81 61.19 13.47 56.57
N LEU M 82 61.21 12.59 55.58
CA LEU M 82 60.36 12.75 54.40
C LEU M 82 58.91 12.35 54.67
N ARG M 83 58.00 13.17 54.16
CA ARG M 83 56.58 12.89 54.20
C ARG M 83 56.11 12.52 52.81
N PHE M 84 55.31 11.47 52.69
CA PHE M 84 54.88 10.95 51.41
C PHE M 84 53.37 11.03 51.24
N GLN M 85 52.91 11.58 50.12
CA GLN M 85 51.50 11.50 49.79
C GLN M 85 51.16 10.07 49.43
N SER M 86 49.94 9.65 49.80
CA SER M 86 49.48 8.30 49.48
C SER M 86 49.47 8.06 47.97
N SER M 87 49.01 9.07 47.22
CA SER M 87 48.94 8.98 45.77
C SER M 87 50.33 8.87 45.16
N ALA M 88 51.34 9.44 45.82
CA ALA M 88 52.72 9.35 45.34
C ALA M 88 53.23 7.92 45.45
N VAL M 89 53.01 7.31 46.61
CA VAL M 89 53.40 5.91 46.85
C VAL M 89 52.67 5.00 45.88
N MET M 90 51.36 5.24 45.67
CA MET M 90 50.57 4.44 44.75
C MET M 90 51.09 4.56 43.33
N ALA M 91 51.49 5.78 42.95
CA ALA M 91 52.06 6.01 41.63
C ALA M 91 53.36 5.25 41.48
N LEU M 92 54.22 5.33 42.50
CA LEU M 92 55.49 4.62 42.53
C LEU M 92 55.27 3.12 42.36
N GLN M 93 54.25 2.59 43.02
CA GLN M 93 53.99 1.16 42.94
C GLN M 93 53.43 0.76 41.59
N GLU M 94 52.57 1.61 41.02
CA GLU M 94 52.02 1.36 39.71
C GLU M 94 53.12 1.29 38.67
N ALA M 95 53.99 2.32 38.67
CA ALA M 95 55.10 2.37 37.73
C ALA M 95 56.09 1.24 37.95
N SER M 96 56.31 0.88 39.21
CA SER M 96 57.26 -0.18 39.55
C SER M 96 56.77 -1.53 39.02
N GLU M 97 55.53 -1.88 39.35
CA GLU M 97 54.97 -3.14 38.89
C GLU M 97 54.87 -3.20 37.38
N ALA M 98 54.48 -2.09 36.76
CA ALA M 98 54.43 -2.00 35.30
C ALA M 98 55.79 -2.28 34.69
N TYR M 99 56.83 -1.63 35.24
CA TYR M 99 58.19 -1.80 34.76
C TYR M 99 58.64 -3.24 34.92
N LEU M 100 58.34 -3.84 36.07
CA LEU M 100 58.76 -5.21 36.35
C LEU M 100 58.06 -6.20 35.42
N VAL M 101 56.77 -6.01 35.17
CA VAL M 101 56.05 -6.88 34.26
C VAL M 101 56.60 -6.75 32.85
N GLY M 102 56.77 -5.50 32.39
CA GLY M 102 57.34 -5.26 31.08
C GLY M 102 58.71 -5.91 30.92
N LEU M 103 59.49 -5.89 31.99
CA LEU M 103 60.81 -6.53 31.97
C LEU M 103 60.67 -8.04 31.96
N PHE M 104 59.65 -8.56 32.65
CA PHE M 104 59.44 -10.00 32.72
C PHE M 104 59.02 -10.58 31.39
N GLU M 105 58.31 -9.78 30.60
CA GLU M 105 57.93 -10.22 29.25
C GLU M 105 59.17 -10.44 28.40
N ASP M 106 60.03 -9.43 28.35
CA ASP M 106 61.26 -9.50 27.58
C ASP M 106 62.16 -10.60 28.10
N THR M 107 62.22 -10.76 29.43
CA THR M 107 63.00 -11.82 30.06
C THR M 107 62.51 -13.18 29.60
N ASN M 108 61.18 -13.37 29.61
CA ASN M 108 60.57 -14.60 29.15
C ASN M 108 60.90 -14.86 27.69
N LEU M 109 60.91 -13.80 26.87
CA LEU M 109 61.27 -13.92 25.46
C LEU M 109 62.72 -14.35 25.30
N CYS M 110 63.61 -13.85 26.17
CA CYS M 110 65.01 -14.27 26.14
C CYS M 110 65.15 -15.73 26.54
N ALA M 111 64.33 -16.15 27.50
CA ALA M 111 64.35 -17.55 27.95
C ALA M 111 63.88 -18.48 26.84
N ILE M 112 62.80 -18.11 26.15
CA ILE M 112 62.28 -18.93 25.06
C ILE M 112 63.24 -18.93 23.89
N HIS M 113 63.94 -17.82 23.67
CA HIS M 113 64.89 -17.72 22.57
C HIS M 113 66.04 -18.73 22.71
N ALA M 114 66.39 -19.08 23.95
CA ALA M 114 67.44 -20.05 24.20
C ALA M 114 66.88 -21.46 24.37
N LYS M 115 65.70 -21.71 23.78
CA LYS M 115 65.00 -23.00 23.80
C LYS M 115 64.75 -23.50 25.23
N ARG M 116 64.40 -22.60 26.12
CA ARG M 116 64.09 -22.92 27.50
C ARG M 116 62.76 -22.32 27.91
N VAL M 117 62.09 -22.98 28.86
CA VAL M 117 60.82 -22.49 29.38
C VAL M 117 60.99 -21.94 30.79
N THR M 118 62.22 -21.71 31.22
CA THR M 118 62.53 -21.20 32.56
C THR M 118 63.34 -19.91 32.46
N ILE M 119 62.86 -18.85 33.09
CA ILE M 119 63.58 -17.58 33.11
C ILE M 119 64.75 -17.71 34.07
N MET M 120 65.91 -17.23 33.65
CA MET M 120 67.11 -17.28 34.47
C MET M 120 67.74 -15.89 34.49
N PRO M 121 68.61 -15.58 35.49
CA PRO M 121 69.25 -14.23 35.55
C PRO M 121 69.93 -13.76 34.28
N LYS M 122 70.44 -14.71 33.47
CA LYS M 122 71.04 -14.39 32.18
C LYS M 122 70.04 -13.69 31.28
N ASP M 123 68.78 -14.14 31.31
CA ASP M 123 67.72 -13.57 30.48
C ASP M 123 67.43 -12.13 30.89
N ILE M 124 67.29 -11.89 32.20
CA ILE M 124 67.06 -10.53 32.71
C ILE M 124 68.21 -9.62 32.32
N GLN M 125 69.45 -10.09 32.53
CA GLN M 125 70.63 -9.27 32.21
C GLN M 125 70.70 -8.95 30.72
N LEU M 126 70.32 -9.92 29.88
CA LEU M 126 70.30 -9.69 28.44
C LEU M 126 69.24 -8.66 28.06
N ALA M 127 68.03 -8.81 28.63
CA ALA M 127 66.95 -7.85 28.37
C ALA M 127 67.36 -6.43 28.75
N ARG M 128 67.85 -6.26 29.98
CA ARG M 128 68.34 -4.96 30.45
C ARG M 128 69.44 -4.42 29.56
N ARG M 129 70.33 -5.29 29.10
CA ARG M 129 71.43 -4.91 28.24
C ARG M 129 70.92 -4.37 26.91
N ILE M 130 69.97 -5.08 26.28
CA ILE M 130 69.46 -4.64 24.98
C ILE M 130 68.64 -3.38 25.14
N ARG M 131 67.87 -3.27 26.22
CA ARG M 131 67.09 -2.06 26.49
C ARG M 131 67.98 -0.86 26.77
N GLY M 132 69.25 -1.09 27.11
CA GLY M 132 70.18 -0.03 27.36
C GLY M 132 70.12 0.54 28.75
N GLU M 133 70.05 -0.36 29.73
CA GLU M 133 69.97 0.03 31.12
C GLU M 133 71.17 -0.49 31.90
N ARG M 134 71.80 -1.56 31.43
CA ARG M 134 72.95 -2.15 32.10
C ARG M 134 74.22 -1.83 31.32
N ASP N 24 66.54 -3.18 55.71
CA ASP N 24 66.24 -4.48 55.13
C ASP N 24 64.76 -4.66 54.79
N ASN N 25 64.21 -3.70 54.08
CA ASN N 25 62.84 -3.80 53.60
C ASN N 25 62.78 -4.30 52.17
N ILE N 26 63.95 -4.51 51.54
CA ILE N 26 63.98 -5.06 50.19
C ILE N 26 63.51 -6.50 50.21
N GLN N 27 63.65 -7.18 51.36
CA GLN N 27 63.13 -8.52 51.50
C GLN N 27 61.64 -8.51 51.74
N GLY N 28 61.05 -7.32 51.90
CA GLY N 28 59.62 -7.19 52.01
C GLY N 28 58.93 -7.64 50.74
N ILE N 29 59.54 -7.34 49.60
CA ILE N 29 59.06 -7.87 48.34
C ILE N 29 59.36 -9.37 48.36
N THR N 30 58.31 -10.16 48.49
CA THR N 30 58.42 -11.59 48.75
C THR N 30 58.54 -12.37 47.46
N LYS N 31 58.95 -13.63 47.63
CA LYS N 31 59.04 -14.57 46.50
C LYS N 31 57.72 -14.77 45.76
N PRO N 32 56.56 -15.03 46.41
CA PRO N 32 55.34 -15.23 45.62
C PRO N 32 54.86 -13.96 44.93
N ALA N 33 55.24 -12.78 45.44
CA ALA N 33 54.88 -11.54 44.77
C ALA N 33 55.59 -11.43 43.43
N ILE N 34 56.91 -11.65 43.46
CA ILE N 34 57.70 -11.69 42.23
C ILE N 34 57.18 -12.76 41.29
N ARG N 35 56.77 -13.90 41.86
CA ARG N 35 56.15 -14.97 41.08
C ARG N 35 54.90 -14.48 40.37
N ARG N 36 54.04 -13.76 41.08
CA ARG N 36 52.80 -13.22 40.52
C ARG N 36 53.10 -12.26 39.38
N LEU N 37 54.06 -11.35 39.62
CA LEU N 37 54.48 -10.41 38.58
C LEU N 37 54.98 -11.15 37.34
N ALA N 38 55.68 -12.26 37.55
CA ALA N 38 56.17 -13.07 36.44
C ALA N 38 55.00 -13.73 35.72
N ARG N 39 53.96 -14.11 36.47
CA ARG N 39 52.78 -14.72 35.87
C ARG N 39 52.08 -13.71 34.97
N ARG N 40 51.90 -12.48 35.47
CA ARG N 40 51.31 -11.43 34.65
C ARG N 40 52.20 -11.15 33.44
N GLY N 41 53.51 -11.30 33.61
CA GLY N 41 54.44 -11.16 32.50
C GLY N 41 54.36 -12.31 31.52
N GLY N 42 53.76 -13.43 31.94
CA GLY N 42 53.61 -14.60 31.09
C GLY N 42 54.77 -15.56 31.22
N VAL N 43 55.11 -15.94 32.44
CA VAL N 43 56.21 -16.85 32.70
C VAL N 43 55.70 -18.12 33.35
N LYS N 44 56.06 -19.27 32.78
CA LYS N 44 55.63 -20.58 33.28
C LYS N 44 56.52 -21.11 34.39
N ARG N 45 57.85 -21.13 34.18
CA ARG N 45 58.78 -21.66 35.16
C ARG N 45 59.79 -20.58 35.56
N ILE N 46 60.03 -20.46 36.86
CA ILE N 46 60.89 -19.41 37.42
C ILE N 46 62.07 -20.02 38.16
N SER N 47 63.27 -19.50 37.90
CA SER N 47 64.47 -19.97 38.58
C SER N 47 64.54 -19.40 39.99
N GLY N 48 65.46 -19.96 40.79
CA GLY N 48 65.60 -19.51 42.16
C GLY N 48 66.40 -18.23 42.27
N LEU N 49 67.33 -18.01 41.35
CA LEU N 49 68.18 -16.82 41.33
C LEU N 49 67.47 -15.62 40.74
N ILE N 50 66.22 -15.79 40.33
CA ILE N 50 65.43 -14.72 39.73
C ILE N 50 65.02 -13.69 40.77
N TYR N 51 64.59 -14.15 41.94
CA TYR N 51 64.00 -13.30 42.96
C TYR N 51 64.96 -12.23 43.45
N GLU N 52 66.20 -12.62 43.79
CA GLU N 52 67.18 -11.66 44.29
C GLU N 52 67.53 -10.63 43.22
N GLU N 53 67.68 -11.10 41.97
CA GLU N 53 67.91 -10.21 40.82
C GLU N 53 66.79 -9.19 40.68
N THR N 54 65.55 -9.67 40.80
CA THR N 54 64.38 -8.80 40.70
C THR N 54 64.40 -7.74 41.78
N ARG N 55 64.73 -8.15 43.01
CA ARG N 55 64.84 -7.21 44.13
C ARG N 55 65.88 -6.15 43.82
N GLY N 56 67.00 -6.56 43.23
CA GLY N 56 68.05 -5.61 42.86
C GLY N 56 67.60 -4.62 41.81
N VAL N 57 66.99 -5.12 40.72
CA VAL N 57 66.50 -4.27 39.64
C VAL N 57 65.47 -3.28 40.15
N LEU N 58 64.51 -3.76 40.94
CA LEU N 58 63.50 -2.90 41.54
C LEU N 58 64.15 -1.85 42.42
N LYS N 59 65.18 -2.26 43.17
CA LYS N 59 65.90 -1.34 44.05
C LYS N 59 66.55 -0.21 43.26
N VAL N 60 67.19 -0.55 42.14
CA VAL N 60 67.84 0.47 41.31
C VAL N 60 66.80 1.42 40.70
N PHE N 61 65.75 0.85 40.11
CA PHE N 61 64.66 1.61 39.51
C PHE N 61 64.09 2.62 40.49
N LEU N 62 63.70 2.13 41.68
CA LEU N 62 63.16 2.97 42.73
C LEU N 62 64.17 4.02 43.19
N GLU N 63 65.46 3.65 43.25
CA GLU N 63 66.53 4.59 43.60
C GLU N 63 66.53 5.80 42.69
N ASN N 64 66.58 5.54 41.38
CA ASN N 64 66.59 6.63 40.40
C ASN N 64 65.33 7.48 40.48
N VAL N 65 64.16 6.84 40.38
CA VAL N 65 62.88 7.55 40.38
C VAL N 65 62.69 8.40 41.64
N ILE N 66 62.90 7.80 42.82
CA ILE N 66 62.76 8.52 44.08
C ILE N 66 63.80 9.61 44.22
N ARG N 67 65.02 9.40 43.69
CA ARG N 67 66.04 10.43 43.69
C ARG N 67 65.58 11.67 42.96
N ASP N 68 65.11 11.48 41.73
CA ASP N 68 64.60 12.60 40.94
C ASP N 68 63.39 13.24 41.60
N ALA N 69 62.51 12.42 42.18
CA ALA N 69 61.30 12.94 42.84
C ALA N 69 61.67 13.85 44.00
N VAL N 70 62.58 13.38 44.87
CA VAL N 70 63.02 14.16 46.01
C VAL N 70 63.74 15.43 45.56
N THR N 71 64.46 15.35 44.43
CA THR N 71 65.07 16.53 43.84
C THR N 71 64.02 17.58 43.48
N TYR N 72 62.95 17.14 42.79
CA TYR N 72 61.83 18.04 42.48
C TYR N 72 61.21 18.61 43.74
N THR N 73 61.13 17.80 44.78
CA THR N 73 60.53 18.22 46.05
C THR N 73 61.35 19.32 46.69
N GLU N 74 62.67 19.11 46.77
CA GLU N 74 63.57 20.07 47.38
C GLU N 74 63.65 21.35 46.56
N HIS N 75 63.47 21.24 45.25
CA HIS N 75 63.45 22.44 44.43
C HIS N 75 62.22 23.29 44.74
N ALA N 76 61.14 22.65 45.15
CA ALA N 76 59.90 23.34 45.45
C ALA N 76 59.85 23.80 46.90
N LYS N 77 60.95 23.65 47.63
CA LYS N 77 61.10 24.01 49.04
C LYS N 77 60.04 23.35 49.91
N ARG N 78 59.71 22.12 49.59
CA ARG N 78 58.73 21.36 50.35
C ARG N 78 59.40 20.19 51.05
N LYS N 79 58.81 19.75 52.15
CA LYS N 79 59.29 18.60 52.87
C LYS N 79 58.39 17.40 52.65
N THR N 80 57.42 17.52 51.74
CA THR N 80 56.52 16.44 51.40
C THR N 80 56.54 16.21 49.90
N VAL N 81 57.06 15.06 49.49
CA VAL N 81 57.09 14.70 48.08
C VAL N 81 55.69 14.34 47.62
N THR N 82 55.18 15.08 46.63
CA THR N 82 53.84 14.87 46.14
C THR N 82 53.82 13.88 44.99
N ALA N 83 52.60 13.56 44.54
CA ALA N 83 52.44 12.64 43.43
C ALA N 83 52.93 13.26 42.14
N MET N 84 52.78 14.58 42.02
CA MET N 84 53.23 15.28 40.83
C MET N 84 54.74 15.22 40.69
N ASP N 85 55.44 15.13 41.82
CA ASP N 85 56.89 14.98 41.78
C ASP N 85 57.25 13.62 41.18
N VAL N 86 56.49 12.59 41.56
CA VAL N 86 56.70 11.26 41.00
C VAL N 86 56.38 11.25 39.51
N VAL N 87 55.29 11.93 39.13
CA VAL N 87 54.89 12.01 37.73
C VAL N 87 55.97 12.69 36.89
N TYR N 88 56.49 13.81 37.38
CA TYR N 88 57.57 14.51 36.68
C TYR N 88 58.81 13.64 36.58
N ALA N 89 59.19 13.00 37.70
CA ALA N 89 60.37 12.13 37.72
C ALA N 89 60.25 11.00 36.71
N LEU N 90 59.08 10.38 36.65
CA LEU N 90 58.87 9.29 35.70
C LEU N 90 58.84 9.82 34.28
N LYS N 91 58.28 11.01 34.08
CA LYS N 91 58.18 11.59 32.75
C LYS N 91 59.55 11.93 32.20
N ARG N 92 60.44 12.40 33.08
CA ARG N 92 61.77 12.78 32.65
C ARG N 92 62.67 11.57 32.43
N GLN N 93 62.24 10.39 32.85
CA GLN N 93 62.99 9.16 32.62
C GLN N 93 62.45 8.44 31.40
N GLY N 94 61.47 9.02 30.72
CA GLY N 94 60.87 8.43 29.54
C GLY N 94 59.82 7.40 29.87
N ARG N 95 59.18 7.51 31.04
CA ARG N 95 58.14 6.57 31.48
C ARG N 95 56.92 7.34 31.99
N THR N 96 56.22 8.02 31.08
CA THR N 96 55.05 8.82 31.45
C THR N 96 53.96 7.97 32.08
N LEU N 97 53.32 8.51 33.12
CA LEU N 97 52.31 7.81 33.90
C LEU N 97 51.01 8.60 33.91
N TYR N 98 49.96 8.01 33.36
CA TYR N 98 48.63 8.61 33.34
C TYR N 98 47.83 8.19 34.56
N GLY N 99 46.98 9.10 35.02
CA GLY N 99 46.08 8.80 36.11
C GLY N 99 46.47 9.34 37.45
N PHE N 100 47.38 10.32 37.49
CA PHE N 100 47.78 10.93 38.75
C PHE N 100 48.01 12.42 38.57
N GLY N 101 47.72 12.96 37.41
CA GLY N 101 47.89 14.37 37.09
C GLY N 101 48.96 14.56 36.03
N GLY N 102 49.11 15.80 35.61
CA GLY N 102 50.08 16.13 34.59
C GLY N 102 49.46 16.13 33.21
N THR O 16 83.70 42.18 30.85
CA THR O 16 82.70 41.17 30.52
C THR O 16 82.29 40.39 31.74
N ARG O 17 81.10 39.79 31.68
CA ARG O 17 80.62 39.00 32.82
C ARG O 17 81.39 37.69 32.91
N SER O 18 81.94 37.20 31.80
CA SER O 18 82.72 35.97 31.82
C SER O 18 84.03 36.20 32.56
N SER O 19 84.60 37.39 32.39
CA SER O 19 85.83 37.75 33.07
C SER O 19 85.57 38.03 34.54
N ARG O 20 84.39 38.59 34.84
CA ARG O 20 84.05 38.90 36.22
C ARG O 20 83.74 37.63 37.01
N ALA O 21 83.40 36.55 36.31
CA ALA O 21 83.10 35.27 36.92
C ALA O 21 84.23 34.28 36.74
N GLY O 22 85.28 34.67 36.03
CA GLY O 22 86.42 33.82 35.79
C GLY O 22 86.09 32.67 34.86
N LEU O 23 85.19 32.90 33.91
CA LEU O 23 84.78 31.89 32.97
C LEU O 23 85.28 32.22 31.57
N GLN O 24 85.50 31.18 30.78
CA GLN O 24 85.94 31.36 29.41
C GLN O 24 84.75 31.40 28.45
N PHE O 25 83.70 30.68 28.78
CA PHE O 25 82.49 30.66 27.99
C PHE O 25 81.71 31.97 28.13
N PRO O 26 81.04 32.44 27.06
CA PRO O 26 80.37 33.74 27.07
C PRO O 26 79.10 33.80 27.91
N VAL O 27 79.15 34.52 29.04
CA VAL O 27 77.96 34.70 29.87
C VAL O 27 76.91 35.53 29.12
N GLY O 28 77.37 36.56 28.40
CA GLY O 28 76.46 37.42 27.66
C GLY O 28 75.70 36.68 26.57
N ARG O 29 76.41 35.88 25.79
CA ARG O 29 75.78 35.11 24.71
C ARG O 29 74.77 34.11 25.27
N VAL O 30 75.14 33.42 26.36
CA VAL O 30 74.23 32.48 27.01
C VAL O 30 72.99 33.21 27.50
N HIS O 31 73.18 34.41 28.06
CA HIS O 31 72.06 35.21 28.54
C HIS O 31 71.14 35.59 27.38
N ARG O 32 71.73 35.98 26.25
CA ARG O 32 70.92 36.33 25.08
C ARG O 32 70.15 35.12 24.57
N LEU O 33 70.80 33.96 24.54
CA LEU O 33 70.12 32.74 24.08
C LEU O 33 69.02 32.33 25.02
N LEU O 34 69.19 32.56 26.32
CA LEU O 34 68.16 32.24 27.28
C LEU O 34 67.02 33.23 27.17
N ARG O 35 67.32 34.47 26.78
CA ARG O 35 66.30 35.48 26.58
C ARG O 35 65.32 35.06 25.50
N LYS O 36 65.84 34.68 24.33
CA LYS O 36 65.02 34.14 23.27
C LYS O 36 64.81 32.65 23.51
N GLY O 37 64.29 31.94 22.51
CA GLY O 37 64.09 30.51 22.63
C GLY O 37 62.87 30.10 23.42
N ASN O 38 62.15 31.06 24.01
CA ASN O 38 60.92 30.86 24.77
C ASN O 38 61.08 29.84 25.90
N TYR O 39 61.93 30.17 26.86
CA TYR O 39 62.07 29.30 28.01
C TYR O 39 61.25 29.81 29.19
N ALA O 40 61.31 31.10 29.45
CA ALA O 40 60.51 31.71 30.49
C ALA O 40 60.36 33.19 30.15
N GLU O 41 59.57 33.88 30.97
CA GLU O 41 59.33 35.29 30.79
C GLU O 41 60.60 36.11 31.01
N ARG O 42 61.10 36.11 32.23
CA ARG O 42 62.34 36.80 32.57
C ARG O 42 63.38 35.78 33.01
N VAL O 43 64.65 36.14 32.83
CA VAL O 43 65.77 35.26 33.15
C VAL O 43 66.62 35.85 34.27
N GLY O 44 67.03 34.98 35.19
CA GLY O 44 67.86 35.38 36.32
C GLY O 44 69.19 35.95 35.89
N ALA O 45 69.80 36.72 36.79
CA ALA O 45 71.07 37.35 36.48
C ALA O 45 72.25 36.42 36.76
N GLY O 46 72.07 35.45 37.65
CA GLY O 46 73.12 34.50 37.96
C GLY O 46 72.97 33.22 37.18
N ALA O 47 71.83 33.11 36.50
CA ALA O 47 71.55 31.92 35.70
C ALA O 47 72.51 31.74 34.53
N PRO O 48 72.79 32.73 33.66
CA PRO O 48 73.72 32.43 32.56
C PRO O 48 75.13 32.20 33.04
N VAL O 49 75.50 32.78 34.17
CA VAL O 49 76.81 32.53 34.76
C VAL O 49 76.94 31.07 35.14
N TYR O 50 75.97 30.57 35.88
CA TYR O 50 75.92 29.18 36.33
C TYR O 50 75.93 28.23 35.15
N LEU O 51 75.09 28.52 34.15
CA LEU O 51 74.94 27.67 32.98
C LEU O 51 76.25 27.61 32.18
N ALA O 52 76.83 28.78 31.90
CA ALA O 52 78.10 28.85 31.19
C ALA O 52 79.20 28.14 31.96
N ALA O 53 79.14 28.20 33.29
CA ALA O 53 80.09 27.50 34.13
C ALA O 53 79.98 26.00 33.96
N VAL O 54 78.74 25.49 33.95
CA VAL O 54 78.51 24.06 33.77
C VAL O 54 79.01 23.62 32.40
N LEU O 55 78.67 24.39 31.35
CA LEU O 55 79.11 24.08 30.00
C LEU O 55 80.63 24.06 29.91
N GLU O 56 81.28 25.06 30.52
CA GLU O 56 82.74 25.11 30.53
C GLU O 56 83.35 23.93 31.25
N TYR O 57 82.72 23.49 32.35
CA TYR O 57 83.21 22.33 33.09
C TYR O 57 83.15 21.06 32.24
N LEU O 58 81.98 20.80 31.66
CA LEU O 58 81.78 19.61 30.84
C LEU O 58 82.72 19.60 29.65
N THR O 59 82.87 20.77 29.00
CA THR O 59 83.79 20.94 27.89
C THR O 59 85.21 20.62 28.32
N ALA O 60 85.59 21.10 29.52
CA ALA O 60 86.92 20.87 30.05
C ALA O 60 87.18 19.39 30.27
N GLU O 61 86.20 18.69 30.85
CA GLU O 61 86.35 17.27 31.13
C GLU O 61 86.53 16.47 29.85
N ILE O 62 85.62 16.67 28.88
CA ILE O 62 85.70 15.92 27.63
C ILE O 62 86.99 16.24 26.88
N LEU O 63 87.35 17.52 26.79
CA LEU O 63 88.58 17.88 26.09
C LEU O 63 89.81 17.34 26.80
N GLU O 64 89.74 17.18 28.12
CA GLU O 64 90.85 16.59 28.86
C GLU O 64 90.99 15.12 28.52
N LEU O 65 89.91 14.35 28.69
CA LEU O 65 89.93 12.92 28.42
C LEU O 65 90.27 12.64 26.97
N ALA O 66 89.77 13.46 26.05
CA ALA O 66 90.07 13.29 24.64
C ALA O 66 91.51 13.68 24.34
N GLY O 67 92.06 14.60 25.13
CA GLY O 67 93.47 14.97 24.97
C GLY O 67 94.35 13.81 25.35
N ASN O 68 94.01 13.16 26.47
CA ASN O 68 94.73 11.96 26.88
C ASN O 68 94.59 10.86 25.83
N ALA O 69 93.39 10.70 25.28
CA ALA O 69 93.15 9.71 24.23
C ALA O 69 93.98 10.02 22.99
N ALA O 70 94.17 11.31 22.70
CA ALA O 70 95.00 11.70 21.57
C ALA O 70 96.45 11.43 21.86
N ARG O 71 96.85 11.61 23.11
CA ARG O 71 98.22 11.32 23.56
C ARG O 71 98.52 9.84 23.39
N ASP O 72 97.56 8.97 23.76
CA ASP O 72 97.73 7.51 23.59
C ASP O 72 97.84 7.07 22.18
N ASN O 73 97.27 7.85 21.24
CA ASN O 73 97.33 7.48 19.84
C ASN O 73 98.48 8.18 19.13
N LYS O 74 99.40 8.78 19.91
CA LYS O 74 100.58 9.50 19.41
C LYS O 74 100.21 10.64 18.46
N LYS O 75 99.08 11.28 18.72
CA LYS O 75 98.60 12.40 17.93
C LYS O 75 98.55 13.67 18.78
N THR O 76 98.60 14.81 18.11
CA THR O 76 98.51 16.11 18.78
C THR O 76 97.19 16.81 18.47
N ARG O 77 96.57 16.50 17.35
CA ARG O 77 95.28 17.07 16.99
C ARG O 77 94.20 16.06 17.31
N ILE O 78 93.21 16.49 18.07
CA ILE O 78 92.12 15.61 18.51
C ILE O 78 91.17 15.37 17.35
N ILE O 79 91.00 14.11 16.98
CA ILE O 79 90.05 13.72 15.95
C ILE O 79 88.78 13.23 16.65
N PRO O 80 87.61 13.19 15.98
CA PRO O 80 86.37 12.68 16.59
C PRO O 80 86.48 11.30 17.23
N ARG O 81 87.36 10.46 16.70
CA ARG O 81 87.65 9.15 17.26
C ARG O 81 88.06 9.27 18.72
N HIS O 82 88.91 10.26 19.02
CA HIS O 82 89.36 10.49 20.39
C HIS O 82 88.19 10.89 21.29
N LEU O 83 87.28 11.70 20.75
CA LEU O 83 86.08 12.10 21.48
C LEU O 83 85.23 10.89 21.82
N GLN O 84 85.03 9.99 20.85
CA GLN O 84 84.26 8.77 21.07
C GLN O 84 84.91 7.91 22.14
N LEU O 85 86.22 7.73 22.04
CA LEU O 85 86.97 6.94 23.02
C LEU O 85 86.83 7.54 24.42
N ALA O 86 86.88 8.87 24.51
CA ALA O 86 86.79 9.54 25.80
C ALA O 86 85.40 9.38 26.42
N ILE O 87 84.37 9.55 25.61
CA ILE O 87 83.00 9.48 26.10
C ILE O 87 82.61 8.07 26.47
N ARG O 88 82.96 7.09 25.61
CA ARG O 88 82.45 5.76 25.88
C ARG O 88 83.24 5.08 27.02
N ASN O 89 84.42 5.58 27.38
CA ASN O 89 85.20 5.03 28.48
C ASN O 89 84.83 5.67 29.81
N ASP O 90 83.78 6.46 29.85
CA ASP O 90 83.30 7.11 31.08
C ASP O 90 81.81 6.83 31.17
N GLU O 91 81.43 6.03 32.19
CA GLU O 91 80.05 5.57 32.38
C GLU O 91 79.08 6.75 32.52
N GLU O 92 79.52 7.80 33.21
CA GLU O 92 78.69 8.98 33.40
C GLU O 92 78.51 9.72 32.08
N LEU O 93 79.61 9.99 31.38
CA LEU O 93 79.54 10.64 30.07
C LEU O 93 78.80 9.78 29.06
N ASN O 94 78.97 8.46 29.15
CA ASN O 94 78.26 7.56 28.25
C ASN O 94 76.76 7.61 28.52
N LYS O 95 76.39 7.68 29.80
CA LYS O 95 74.99 7.80 30.18
C LYS O 95 74.42 9.12 29.68
N LEU O 96 75.22 10.18 29.79
CA LEU O 96 74.79 11.50 29.33
C LEU O 96 74.57 11.50 27.82
N LEU O 97 75.42 10.78 27.10
CA LEU O 97 75.33 10.71 25.64
C LEU O 97 74.92 9.32 25.16
N GLY O 98 73.93 8.73 25.84
CA GLY O 98 73.48 7.40 25.48
C GLY O 98 72.77 7.37 24.14
N LYS O 99 71.91 8.36 23.89
CA LYS O 99 71.17 8.45 22.64
C LYS O 99 71.85 9.40 21.68
N VAL O 100 73.17 9.51 21.77
CA VAL O 100 73.95 10.42 20.94
C VAL O 100 74.91 9.62 20.08
N THR O 101 74.92 9.92 18.80
CA THR O 101 75.80 9.30 17.83
C THR O 101 76.89 10.26 17.40
N ILE O 102 78.14 9.91 17.70
CA ILE O 102 79.28 10.73 17.33
C ILE O 102 79.78 10.37 15.94
N ALA O 103 79.71 11.33 15.03
CA ALA O 103 80.15 11.13 13.65
C ALA O 103 81.64 10.86 13.62
N GLN O 104 82.05 9.89 12.79
CA GLN O 104 83.45 9.48 12.63
C GLN O 104 84.09 9.08 13.96
N GLY O 105 83.36 8.29 14.73
CA GLY O 105 83.82 7.86 16.03
C GLY O 105 84.13 6.38 16.14
N GLY O 106 83.48 5.56 15.32
CA GLY O 106 83.68 4.12 15.35
C GLY O 106 83.16 3.51 16.64
N VAL O 107 83.56 2.26 16.89
CA VAL O 107 83.14 1.55 18.08
C VAL O 107 84.37 1.15 18.89
N LEU O 108 84.16 0.97 20.20
CA LEU O 108 85.21 0.48 21.08
C LEU O 108 85.58 -0.96 20.72
N PRO O 109 86.87 -1.30 20.77
CA PRO O 109 87.31 -2.68 20.49
C PRO O 109 86.75 -3.65 21.52
N ASN O 110 85.91 -4.59 21.05
CA ASN O 110 85.28 -5.54 21.96
C ASN O 110 84.97 -6.82 21.21
N ILE O 111 85.65 -7.91 21.58
CA ILE O 111 85.39 -9.22 21.02
C ILE O 111 84.99 -10.16 22.15
N GLN O 112 83.82 -10.79 22.01
CA GLN O 112 83.29 -11.68 23.04
C GLN O 112 84.23 -12.87 23.27
N ALA O 113 84.24 -13.36 24.52
CA ALA O 113 85.15 -14.42 24.93
C ALA O 113 84.90 -15.73 24.18
N VAL O 114 83.64 -16.04 23.85
CA VAL O 114 83.32 -17.27 23.15
C VAL O 114 83.68 -17.22 21.67
N LEU O 115 84.07 -16.05 21.18
CA LEU O 115 84.46 -15.88 19.79
C LEU O 115 85.95 -16.09 19.59
N LEU O 116 86.73 -16.09 20.68
CA LEU O 116 88.16 -16.36 20.61
C LEU O 116 88.43 -17.78 20.10
N PRO O 117 89.50 -17.97 19.33
CA PRO O 117 89.80 -19.29 18.75
C PRO O 117 89.99 -20.39 19.79
N LYS O 118 89.53 -21.59 19.43
CA LYS O 118 89.65 -22.76 20.29
C LYS O 118 90.03 -23.94 19.42
N LYS O 119 90.10 -25.11 20.07
CA LYS O 119 90.49 -26.40 19.46
C LYS O 119 91.84 -26.34 18.76
N ARG P 31 76.11 36.10 4.32
CA ARG P 31 77.05 35.52 5.27
C ARG P 31 76.33 35.38 6.61
N SER P 32 75.73 36.48 7.03
CA SER P 32 74.92 36.64 8.25
C SER P 32 75.66 36.34 9.56
N ARG P 33 76.99 36.19 9.53
CA ARG P 33 77.84 35.93 10.71
C ARG P 33 77.35 34.72 11.52
N LYS P 34 77.53 33.55 10.94
CA LYS P 34 77.18 32.30 11.61
C LYS P 34 78.16 32.04 12.75
N GLU P 35 77.67 32.05 13.98
CA GLU P 35 78.50 31.93 15.17
C GLU P 35 78.44 30.53 15.75
N SER P 36 79.32 30.29 16.72
CA SER P 36 79.39 29.00 17.41
C SER P 36 80.11 29.19 18.73
N TYR P 37 80.55 28.08 19.32
CA TYR P 37 81.34 28.08 20.55
C TYR P 37 82.78 27.71 20.26
N SER P 38 83.25 28.03 19.05
CA SER P 38 84.58 27.62 18.57
C SER P 38 85.71 28.13 19.45
N VAL P 39 85.83 29.46 19.53
CA VAL P 39 86.93 30.14 20.22
C VAL P 39 86.99 29.73 21.70
N TYR P 40 85.83 29.51 22.31
CA TYR P 40 85.77 29.18 23.72
C TYR P 40 86.27 27.76 23.95
N VAL P 41 85.80 26.82 23.13
CA VAL P 41 86.27 25.44 23.16
C VAL P 41 87.77 25.39 22.94
N TYR P 42 88.27 26.22 22.03
CA TYR P 42 89.70 26.27 21.77
C TYR P 42 90.45 26.77 23.01
N LYS P 43 89.94 27.83 23.66
CA LYS P 43 90.57 28.36 24.88
C LYS P 43 90.64 27.31 25.99
N VAL P 44 89.51 26.66 26.27
CA VAL P 44 89.47 25.64 27.31
C VAL P 44 90.38 24.48 26.95
N LEU P 45 90.45 24.13 25.66
CA LEU P 45 91.35 23.09 25.19
C LEU P 45 92.80 23.45 25.49
N LYS P 46 93.18 24.70 25.21
CA LYS P 46 94.54 25.14 25.49
C LYS P 46 94.79 25.31 26.97
N GLN P 47 93.72 25.40 27.77
CA GLN P 47 93.88 25.42 29.22
C GLN P 47 94.21 24.03 29.74
N VAL P 48 93.40 23.04 29.37
CA VAL P 48 93.61 21.68 29.87
C VAL P 48 94.75 20.98 29.14
N HIS P 49 95.04 21.38 27.91
CA HIS P 49 96.11 20.77 27.14
C HIS P 49 96.75 21.81 26.24
N PRO P 50 97.88 22.39 26.68
CA PRO P 50 98.53 23.46 25.90
C PRO P 50 99.07 22.99 24.55
N ASP P 51 99.67 21.82 24.49
CA ASP P 51 100.27 21.29 23.27
C ASP P 51 99.40 20.20 22.64
N THR P 52 98.11 20.49 22.47
CA THR P 52 97.18 19.56 21.85
C THR P 52 96.17 20.32 21.01
N GLY P 53 96.01 19.93 19.75
CA GLY P 53 95.11 20.60 18.85
C GLY P 53 93.81 19.83 18.63
N ILE P 54 93.00 20.35 17.70
CA ILE P 54 91.71 19.74 17.40
C ILE P 54 91.34 20.00 15.95
N SER P 55 90.77 18.97 15.32
CA SER P 55 90.34 19.05 13.93
C SER P 55 89.01 19.80 13.84
N SER P 56 88.57 20.00 12.60
CA SER P 56 87.35 20.74 12.34
C SER P 56 86.11 19.94 12.73
N LYS P 57 86.09 18.65 12.34
CA LYS P 57 84.96 17.77 12.62
C LYS P 57 84.75 17.61 14.11
N ALA P 58 85.84 17.37 14.85
CA ALA P 58 85.78 17.23 16.30
C ALA P 58 85.29 18.51 16.94
N MET P 59 85.68 19.65 16.37
CA MET P 59 85.24 20.94 16.88
C MET P 59 83.74 21.09 16.68
N GLY P 60 83.25 20.70 15.51
CA GLY P 60 81.81 20.74 15.26
C GLY P 60 81.04 19.84 16.20
N ILE P 61 81.62 18.69 16.52
CA ILE P 61 80.99 17.76 17.46
C ILE P 61 80.93 18.36 18.85
N MET P 62 82.03 18.99 19.28
CA MET P 62 82.03 19.67 20.58
C MET P 62 80.99 20.78 20.62
N ASN P 63 80.87 21.52 19.53
CA ASN P 63 79.87 22.58 19.42
C ASN P 63 78.45 22.03 19.58
N SER P 64 78.18 20.94 18.86
CA SER P 64 76.88 20.27 18.93
C SER P 64 76.59 19.75 20.32
N PHE P 65 77.63 19.30 21.02
CA PHE P 65 77.52 18.83 22.39
C PHE P 65 77.11 19.98 23.31
N VAL P 66 77.83 21.11 23.20
CA VAL P 66 77.54 22.29 24.01
C VAL P 66 76.10 22.77 23.80
N ASN P 67 75.70 22.85 22.53
CA ASN P 67 74.34 23.27 22.18
C ASN P 67 73.29 22.32 22.73
N ASP P 68 73.55 21.02 22.62
CA ASP P 68 72.63 20.00 23.11
C ASP P 68 72.41 20.15 24.61
N ILE P 69 73.50 20.16 25.37
CA ILE P 69 73.42 20.30 26.83
C ILE P 69 72.74 21.59 27.21
N PHE P 70 73.03 22.66 26.46
CA PHE P 70 72.38 23.94 26.69
C PHE P 70 70.88 23.80 26.58
N GLU P 71 70.41 23.27 25.46
CA GLU P 71 68.96 23.11 25.24
C GLU P 71 68.34 22.19 26.28
N ARG P 72 69.07 21.16 26.70
CA ARG P 72 68.52 20.23 27.68
C ARG P 72 68.39 20.86 29.05
N ILE P 73 69.45 21.51 29.54
CA ILE P 73 69.42 22.17 30.83
C ILE P 73 68.39 23.29 30.83
N ALA P 74 68.42 24.16 29.81
CA ALA P 74 67.48 25.27 29.74
C ALA P 74 66.04 24.77 29.64
N GLY P 75 65.82 23.67 28.92
CA GLY P 75 64.49 23.11 28.80
C GLY P 75 63.98 22.60 30.13
N GLU P 76 64.80 21.78 30.79
CA GLU P 76 64.42 21.23 32.09
C GLU P 76 64.22 22.34 33.10
N ALA P 77 65.01 23.41 33.00
CA ALA P 77 64.86 24.55 33.89
C ALA P 77 63.55 25.27 33.62
N SER P 78 63.19 25.36 32.34
CA SER P 78 61.93 25.98 31.94
C SER P 78 60.76 25.20 32.50
N ARG P 79 60.80 23.88 32.34
CA ARG P 79 59.75 23.03 32.90
C ARG P 79 59.71 23.12 34.41
N LEU P 80 60.88 23.27 35.04
CA LEU P 80 60.97 23.43 36.49
C LEU P 80 60.22 24.69 36.93
N ALA P 81 60.53 25.81 36.28
CA ALA P 81 59.89 27.08 36.59
C ALA P 81 58.39 26.99 36.33
N HIS P 82 58.01 26.30 35.26
CA HIS P 82 56.61 26.19 34.89
C HIS P 82 55.84 25.33 35.88
N TYR P 83 56.48 24.30 36.44
CA TYR P 83 55.82 23.40 37.37
C TYR P 83 55.50 24.09 38.68
N ASN P 84 56.29 25.07 39.07
CA ASN P 84 56.12 25.75 40.34
C ASN P 84 55.47 27.11 40.18
N LYS P 85 54.83 27.36 39.03
CA LYS P 85 54.12 28.61 38.73
C LYS P 85 55.00 29.85 38.88
N ARG P 86 56.30 29.69 38.63
CA ARG P 86 57.26 30.78 38.71
C ARG P 86 57.73 31.16 37.32
N SER P 87 57.74 32.46 37.04
CA SER P 87 58.06 32.96 35.70
C SER P 87 59.49 33.47 35.62
N THR P 88 60.43 32.85 36.33
CA THR P 88 61.82 33.27 36.26
C THR P 88 62.75 32.07 36.38
N ILE P 89 63.72 31.98 35.47
CA ILE P 89 64.75 30.95 35.55
C ILE P 89 65.97 31.55 36.23
N THR P 90 66.08 31.33 37.53
CA THR P 90 67.24 31.80 38.29
C THR P 90 68.30 30.72 38.26
N SER P 91 69.39 30.95 38.99
CA SER P 91 70.46 29.97 39.08
C SER P 91 70.03 28.71 39.82
N ARG P 92 68.97 28.82 40.62
CA ARG P 92 68.40 27.70 41.36
C ARG P 92 67.83 26.65 40.43
N GLU P 93 67.01 27.10 39.47
CA GLU P 93 66.42 26.21 38.49
C GLU P 93 67.49 25.54 37.65
N ILE P 94 68.54 26.28 37.31
CA ILE P 94 69.66 25.73 36.55
C ILE P 94 70.36 24.66 37.36
N GLN P 95 70.59 24.93 38.65
CA GLN P 95 71.25 23.98 39.53
C GLN P 95 70.44 22.70 39.67
N THR P 96 69.13 22.84 39.89
CA THR P 96 68.26 21.67 39.99
C THR P 96 68.27 20.89 38.69
N ALA P 97 68.24 21.59 37.56
CA ALA P 97 68.30 20.95 36.24
C ALA P 97 69.57 20.15 36.07
N VAL P 98 70.70 20.69 36.54
CA VAL P 98 71.95 19.97 36.48
C VAL P 98 71.89 18.72 37.35
N ARG P 99 71.34 18.87 38.55
CA ARG P 99 71.17 17.75 39.47
C ARG P 99 70.28 16.66 38.87
N LEU P 100 69.35 17.04 38.01
CA LEU P 100 68.45 16.08 37.38
C LEU P 100 69.09 15.43 36.16
N LEU P 101 69.88 16.20 35.42
CA LEU P 101 70.41 15.73 34.14
C LEU P 101 71.74 15.00 34.28
N LEU P 102 72.76 15.70 34.76
CA LEU P 102 74.07 15.10 34.88
C LEU P 102 74.10 13.99 35.94
N PRO P 103 74.58 12.80 35.58
CA PRO P 103 74.60 11.66 36.50
C PRO P 103 75.84 11.62 37.38
N GLY P 104 75.62 11.28 38.65
CA GLY P 104 76.70 11.06 39.61
C GLY P 104 77.61 12.25 39.84
N GLU P 105 78.92 11.95 39.97
CA GLU P 105 79.96 12.95 40.25
C GLU P 105 79.93 14.11 39.28
N LEU P 106 79.65 13.81 37.99
CA LEU P 106 79.56 14.82 36.93
C LEU P 106 78.66 15.98 37.34
N ALA P 107 77.58 15.65 38.05
CA ALA P 107 76.67 16.65 38.59
C ALA P 107 77.37 17.45 39.67
N LYS P 108 77.85 16.76 40.71
CA LYS P 108 78.47 17.31 41.91
C LYS P 108 79.47 18.38 41.51
N HIS P 109 80.54 17.94 40.84
CA HIS P 109 81.58 18.83 40.34
C HIS P 109 80.98 20.02 39.59
N ALA P 110 80.06 19.74 38.64
CA ALA P 110 79.45 20.81 37.86
C ALA P 110 78.79 21.86 38.76
N VAL P 111 77.99 21.39 39.72
CA VAL P 111 77.30 22.24 40.69
C VAL P 111 78.29 23.12 41.41
N SER P 112 79.39 22.52 41.88
CA SER P 112 80.45 23.25 42.55
C SER P 112 80.98 24.36 41.65
N GLU P 113 81.35 23.99 40.42
CA GLU P 113 81.90 24.90 39.43
C GLU P 113 80.95 26.05 39.11
N GLY P 114 79.66 25.81 39.29
CA GLY P 114 78.61 26.80 39.16
C GLY P 114 78.62 27.72 40.35
N THR P 115 78.48 27.15 41.54
CA THR P 115 78.37 27.92 42.77
C THR P 115 79.59 28.81 42.96
N LYS P 116 80.74 28.32 42.48
CA LYS P 116 81.98 29.08 42.45
C LYS P 116 81.80 30.28 41.54
N ALA P 117 81.43 30.03 40.29
CA ALA P 117 81.33 31.09 39.29
C ALA P 117 80.40 32.19 39.78
N VAL P 118 79.15 31.82 40.11
CA VAL P 118 78.14 32.78 40.57
C VAL P 118 78.56 33.50 41.85
N THR P 119 79.55 32.97 42.58
CA THR P 119 80.07 33.67 43.74
C THR P 119 81.00 34.77 43.28
N LYS P 120 81.92 34.39 42.38
CA LYS P 120 82.91 35.34 41.88
C LYS P 120 82.22 36.48 41.14
N TYR P 121 81.13 36.18 40.42
CA TYR P 121 80.37 37.20 39.73
C TYR P 121 79.76 38.19 40.71
N THR P 122 79.51 37.75 41.94
CA THR P 122 78.94 38.61 42.96
C THR P 122 80.03 39.24 43.79
N SER P 123 81.28 39.01 43.40
CA SER P 123 82.40 39.63 44.08
C SER P 123 82.98 40.77 43.25
N SER P 124 82.41 41.03 42.08
CA SER P 124 82.86 42.09 41.18
C SER P 124 81.71 42.55 40.30
N LYS P 125 80.66 43.09 40.93
CA LYS P 125 79.50 43.57 40.19
C LYS P 125 78.78 44.67 40.98
N PRO Q 38 99.24 -26.22 -0.17
CA PRO Q 38 98.98 -24.87 -0.67
C PRO Q 38 99.07 -23.83 0.44
N HIS Q 39 98.02 -23.02 0.62
CA HIS Q 39 98.01 -22.02 1.69
C HIS Q 39 96.55 -21.73 2.05
N ARG Q 40 96.08 -22.37 3.12
CA ARG Q 40 94.72 -22.22 3.61
C ARG Q 40 94.74 -21.60 4.98
N TYR Q 41 93.57 -21.10 5.41
CA TYR Q 41 93.39 -20.55 6.74
C TYR Q 41 92.14 -21.16 7.35
N ARG Q 42 92.16 -21.38 8.66
CA ARG Q 42 91.02 -21.98 9.35
C ARG Q 42 89.82 -21.04 9.41
N PRO Q 43 88.61 -21.54 9.09
CA PRO Q 43 87.40 -20.70 9.08
C PRO Q 43 87.05 -20.04 10.41
N GLY Q 44 87.30 -18.75 10.52
CA GLY Q 44 86.98 -18.03 11.73
C GLY Q 44 88.18 -17.25 12.24
N THR Q 45 89.29 -17.37 11.53
CA THR Q 45 90.54 -16.71 11.91
C THR Q 45 90.60 -15.33 11.26
N VAL Q 46 90.59 -15.31 9.92
CA VAL Q 46 90.64 -14.04 9.19
C VAL Q 46 89.36 -13.25 9.40
N ALA Q 47 88.28 -13.90 9.82
CA ALA Q 47 87.05 -13.19 10.16
C ALA Q 47 87.26 -12.42 11.46
N LEU Q 48 87.88 -13.06 12.44
CA LEU Q 48 88.22 -12.40 13.69
C LEU Q 48 89.21 -11.27 13.45
N ARG Q 49 90.16 -11.48 12.53
CA ARG Q 49 91.11 -10.43 12.18
C ARG Q 49 90.37 -9.27 11.52
N GLU Q 50 89.30 -9.57 10.78
CA GLU Q 50 88.47 -8.55 10.17
C GLU Q 50 87.74 -7.76 11.24
N ILE Q 51 87.25 -8.46 12.28
CA ILE Q 51 86.63 -7.78 13.41
C ILE Q 51 87.62 -6.80 14.03
N ARG Q 52 88.82 -7.28 14.38
CA ARG Q 52 89.81 -6.42 15.03
C ARG Q 52 90.25 -5.26 14.14
N ARG Q 53 90.25 -5.47 12.83
CA ARG Q 53 90.67 -4.42 11.92
C ARG Q 53 89.59 -3.39 11.72
N TYR Q 54 88.33 -3.82 11.57
CA TYR Q 54 87.27 -2.86 11.32
C TYR Q 54 86.81 -2.18 12.58
N GLN Q 55 87.09 -2.76 13.75
CA GLN Q 55 86.76 -2.08 15.00
C GLN Q 55 87.77 -1.00 15.31
N LYS Q 56 88.99 -1.14 14.79
CA LYS Q 56 90.01 -0.13 15.00
C LYS Q 56 89.78 1.06 14.11
N SER Q 57 89.38 0.82 12.87
CA SER Q 57 89.15 1.88 11.90
C SER Q 57 87.92 2.69 12.25
N THR Q 58 87.79 3.84 11.60
CA THR Q 58 86.68 4.74 11.82
C THR Q 58 86.01 5.20 10.55
N GLU Q 59 86.55 4.86 9.39
CA GLU Q 59 85.97 5.25 8.11
C GLU Q 59 84.64 4.55 7.88
N LEU Q 60 83.85 5.10 6.96
CA LEU Q 60 82.56 4.53 6.65
C LEU Q 60 82.73 3.22 5.89
N LEU Q 61 81.73 2.35 6.01
CA LEU Q 61 81.81 1.01 5.46
C LEU Q 61 80.96 0.83 4.21
N ILE Q 62 79.69 1.27 4.24
CA ILE Q 62 78.81 1.15 3.09
C ILE Q 62 79.31 2.05 1.96
N ARG Q 63 79.27 1.53 0.74
CA ARG Q 63 79.69 2.28 -0.45
C ARG Q 63 78.84 3.53 -0.60
N LYS Q 64 79.50 4.67 -0.87
CA LYS Q 64 78.83 5.96 -0.85
C LYS Q 64 77.79 6.11 -1.96
N LEU Q 65 78.19 5.91 -3.21
CA LEU Q 65 77.30 6.15 -4.35
C LEU Q 65 76.02 5.32 -4.36
N PRO Q 66 76.04 3.97 -4.20
CA PRO Q 66 74.76 3.27 -4.24
C PRO Q 66 73.89 3.56 -3.04
N PHE Q 67 74.50 3.92 -1.91
CA PHE Q 67 73.73 4.31 -0.75
C PHE Q 67 73.01 5.61 -1.02
N GLN Q 68 73.71 6.56 -1.66
CA GLN Q 68 73.10 7.81 -2.05
C GLN Q 68 71.95 7.57 -3.00
N ARG Q 69 72.16 6.65 -3.95
CA ARG Q 69 71.11 6.27 -4.90
C ARG Q 69 69.90 5.69 -4.18
N LEU Q 70 70.16 4.90 -3.14
CA LEU Q 70 69.09 4.31 -2.32
C LEU Q 70 68.31 5.37 -1.59
N VAL Q 71 69.03 6.33 -1.00
CA VAL Q 71 68.41 7.43 -0.29
C VAL Q 71 67.50 8.22 -1.22
N ARG Q 72 68.02 8.59 -2.40
CA ARG Q 72 67.25 9.33 -3.38
C ARG Q 72 66.06 8.52 -3.89
N GLU Q 73 66.20 7.20 -3.90
CA GLU Q 73 65.11 6.34 -4.33
C GLU Q 73 64.01 6.30 -3.28
N ILE Q 74 64.38 6.29 -2.01
CA ILE Q 74 63.38 6.24 -0.96
C ILE Q 74 62.68 7.59 -0.82
N ALA Q 75 63.43 8.67 -1.00
CA ALA Q 75 62.88 10.02 -0.80
C ALA Q 75 61.84 10.40 -1.84
N GLN Q 76 61.80 9.71 -2.98
CA GLN Q 76 60.92 10.07 -4.09
C GLN Q 76 59.45 9.71 -3.83
N ASP Q 77 59.14 9.08 -2.72
CA ASP Q 77 57.81 8.68 -2.29
C ASP Q 77 57.20 9.66 -1.35
N PHE Q 78 57.88 10.75 -1.11
CA PHE Q 78 57.40 11.77 -0.22
C PHE Q 78 57.34 13.12 -0.91
N LYS Q 79 58.39 13.46 -1.66
CA LYS Q 79 58.42 14.72 -2.38
C LYS Q 79 59.15 14.51 -3.69
N THR Q 80 58.50 14.88 -4.78
CA THR Q 80 59.04 14.70 -6.12
C THR Q 80 60.11 15.74 -6.41
N ASP Q 81 61.15 15.32 -7.15
CA ASP Q 81 62.28 16.18 -7.54
C ASP Q 81 62.95 16.86 -6.35
N LEU Q 82 63.63 16.04 -5.56
CA LEU Q 82 64.30 16.55 -4.38
C LEU Q 82 65.76 16.81 -4.71
N ARG Q 83 66.33 17.81 -4.04
CA ARG Q 83 67.75 18.08 -4.13
C ARG Q 83 68.35 17.80 -2.76
N PHE Q 84 69.57 17.26 -2.70
CA PHE Q 84 70.20 16.90 -1.42
C PHE Q 84 71.56 17.52 -1.20
N GLN Q 85 71.79 18.08 -0.02
CA GLN Q 85 73.14 18.50 0.35
C GLN Q 85 74.02 17.27 0.56
N SER Q 86 75.32 17.41 0.22
CA SER Q 86 76.28 16.33 0.45
C SER Q 86 76.38 15.97 1.92
N SER Q 87 76.34 16.99 2.78
CA SER Q 87 76.40 16.79 4.23
C SER Q 87 75.18 16.04 4.74
N ALA Q 88 74.06 16.19 4.05
CA ALA Q 88 72.84 15.50 4.44
C ALA Q 88 72.97 14.02 4.17
N VAL Q 89 73.45 13.66 2.99
CA VAL Q 89 73.68 12.27 2.64
C VAL Q 89 74.72 11.66 3.56
N MET Q 90 75.78 12.41 3.86
CA MET Q 90 76.80 11.93 4.79
C MET Q 90 76.22 11.70 6.18
N ALA Q 91 75.33 12.58 6.62
CA ALA Q 91 74.69 12.44 7.92
C ALA Q 91 73.82 11.20 7.95
N LEU Q 92 73.02 11.00 6.90
CA LEU Q 92 72.18 9.81 6.79
C LEU Q 92 73.00 8.54 6.80
N GLN Q 93 74.17 8.58 6.15
CA GLN Q 93 75.00 7.38 6.11
C GLN Q 93 75.65 7.10 7.45
N GLU Q 94 76.07 8.16 8.14
CA GLU Q 94 76.63 8.00 9.49
C GLU Q 94 75.61 7.43 10.45
N ALA Q 95 74.39 8.00 10.45
CA ALA Q 95 73.32 7.53 11.32
C ALA Q 95 72.93 6.10 11.00
N SER Q 96 72.86 5.76 9.72
CA SER Q 96 72.48 4.42 9.30
C SER Q 96 73.52 3.39 9.72
N GLU Q 97 74.79 3.65 9.41
CA GLU Q 97 75.86 2.73 9.78
C GLU Q 97 75.97 2.58 11.29
N ALA Q 98 75.77 3.68 12.03
CA ALA Q 98 75.79 3.62 13.49
C ALA Q 98 74.65 2.77 14.01
N TYR Q 99 73.46 2.96 13.45
CA TYR Q 99 72.27 2.20 13.85
C TYR Q 99 72.49 0.72 13.60
N LEU Q 100 72.98 0.38 12.41
CA LEU Q 100 73.17 -1.01 12.05
C LEU Q 100 74.28 -1.65 12.88
N VAL Q 101 75.39 -0.93 13.11
CA VAL Q 101 76.48 -1.50 13.89
C VAL Q 101 76.09 -1.61 15.36
N GLY Q 102 75.12 -0.82 15.82
CA GLY Q 102 74.63 -0.96 17.17
C GLY Q 102 73.68 -2.13 17.24
N LEU Q 103 72.93 -2.34 16.17
CA LEU Q 103 71.98 -3.45 16.15
C LEU Q 103 72.69 -4.78 16.06
N PHE Q 104 73.80 -4.83 15.32
CA PHE Q 104 74.54 -6.08 15.14
C PHE Q 104 75.16 -6.57 16.43
N GLU Q 105 75.44 -5.67 17.37
CA GLU Q 105 75.97 -6.07 18.66
C GLU Q 105 74.92 -6.83 19.46
N ASP Q 106 73.74 -6.22 19.59
CA ASP Q 106 72.63 -6.87 20.30
C ASP Q 106 72.25 -8.17 19.62
N THR Q 107 72.32 -8.21 18.28
CA THR Q 107 72.05 -9.42 17.52
C THR Q 107 73.05 -10.51 17.90
N ASN Q 108 74.33 -10.14 17.95
CA ASN Q 108 75.40 -11.07 18.31
C ASN Q 108 75.19 -11.60 19.72
N LEU Q 109 74.77 -10.73 20.64
CA LEU Q 109 74.46 -11.15 22.01
C LEU Q 109 73.29 -12.11 22.04
N CYS Q 110 72.28 -11.87 21.20
CA CYS Q 110 71.13 -12.77 21.11
C CYS Q 110 71.54 -14.12 20.53
N ALA Q 111 72.59 -14.12 19.72
CA ALA Q 111 73.09 -15.36 19.14
C ALA Q 111 73.86 -16.15 20.19
N ILE Q 112 74.70 -15.47 20.98
CA ILE Q 112 75.49 -16.14 22.01
C ILE Q 112 74.58 -16.65 23.11
N HIS Q 113 73.50 -15.91 23.40
CA HIS Q 113 72.55 -16.30 24.44
C HIS Q 113 71.90 -17.65 24.13
N ALA Q 114 71.76 -17.98 22.85
CA ALA Q 114 71.18 -19.25 22.42
C ALA Q 114 72.24 -20.30 22.15
N LYS Q 115 73.40 -20.17 22.80
CA LYS Q 115 74.54 -21.10 22.70
C LYS Q 115 75.01 -21.25 21.25
N ARG Q 116 75.02 -20.15 20.51
CA ARG Q 116 75.47 -20.16 19.13
C ARG Q 116 76.49 -19.06 18.88
N VAL Q 117 77.20 -19.20 17.77
CA VAL Q 117 78.22 -18.23 17.37
C VAL Q 117 77.82 -17.54 16.07
N THR Q 118 76.80 -18.04 15.38
CA THR Q 118 76.31 -17.48 14.14
C THR Q 118 75.03 -16.69 14.40
N ILE Q 119 74.98 -15.48 13.87
CA ILE Q 119 73.80 -14.64 14.01
C ILE Q 119 72.73 -15.16 13.06
N MET Q 120 71.48 -15.07 13.47
CA MET Q 120 70.36 -15.56 12.69
C MET Q 120 69.26 -14.51 12.66
N PRO Q 121 68.34 -14.57 11.66
CA PRO Q 121 67.23 -13.60 11.58
C PRO Q 121 66.43 -13.46 12.88
N LYS Q 122 66.22 -14.56 13.58
CA LYS Q 122 65.48 -14.54 14.83
C LYS Q 122 66.20 -13.72 15.89
N ASP Q 123 67.53 -13.65 15.82
CA ASP Q 123 68.30 -12.83 16.75
C ASP Q 123 68.03 -11.35 16.49
N ILE Q 124 67.99 -10.95 15.22
CA ILE Q 124 67.67 -9.57 14.87
C ILE Q 124 66.25 -9.24 15.29
N GLN Q 125 65.32 -10.18 15.05
CA GLN Q 125 63.92 -9.99 15.44
C GLN Q 125 63.78 -9.79 16.95
N LEU Q 126 64.47 -10.63 17.73
CA LEU Q 126 64.44 -10.51 19.18
C LEU Q 126 65.05 -9.19 19.65
N ALA Q 127 66.20 -8.82 19.05
CA ALA Q 127 66.90 -7.58 19.39
C ALA Q 127 66.00 -6.38 19.18
N ARG Q 128 65.41 -6.27 17.98
CA ARG Q 128 64.53 -5.16 17.68
C ARG Q 128 63.25 -5.21 18.49
N ARG Q 129 62.84 -6.42 18.90
CA ARG Q 129 61.65 -6.57 19.73
C ARG Q 129 61.89 -5.99 21.11
N ILE Q 130 62.99 -6.37 21.75
CA ILE Q 130 63.34 -5.89 23.08
C ILE Q 130 63.70 -4.41 23.04
N ARG Q 131 64.34 -4.00 21.95
CA ARG Q 131 64.67 -2.61 21.67
C ARG Q 131 63.43 -1.72 21.67
N GLY Q 132 62.28 -2.29 21.29
CA GLY Q 132 61.03 -1.57 21.22
C GLY Q 132 60.82 -0.89 19.90
N GLU Q 133 60.80 -1.66 18.83
CA GLU Q 133 60.63 -1.16 17.49
C GLU Q 133 59.45 -1.77 16.77
N ARG Q 134 59.07 -2.99 17.13
CA ARG Q 134 57.93 -3.64 16.51
C ARG Q 134 57.00 -4.20 17.57
N VAL R 21 63.17 7.90 -12.08
CA VAL R 21 63.02 6.74 -11.21
C VAL R 21 63.90 5.62 -11.71
N LEU R 22 64.96 5.30 -10.95
CA LEU R 22 65.85 4.24 -11.37
C LEU R 22 65.24 2.87 -11.08
N ARG R 23 66.04 1.84 -11.26
CA ARG R 23 65.65 0.50 -10.84
C ARG R 23 65.92 0.33 -9.35
N ASP R 24 65.94 -0.94 -8.91
CA ASP R 24 66.03 -1.48 -7.54
C ASP R 24 66.76 -0.54 -6.56
N ASN R 25 68.01 -0.79 -6.18
CA ASN R 25 68.97 -0.14 -5.29
C ASN R 25 68.91 -0.69 -3.87
N ILE R 26 68.01 -1.62 -3.58
CA ILE R 26 68.03 -2.20 -2.25
C ILE R 26 69.18 -3.19 -2.20
N GLN R 27 69.59 -3.67 -3.36
CA GLN R 27 70.72 -4.58 -3.49
C GLN R 27 72.03 -3.83 -3.52
N GLY R 28 71.96 -2.49 -3.50
CA GLY R 28 73.17 -1.68 -3.44
C GLY R 28 73.90 -1.91 -2.13
N ILE R 29 73.15 -2.18 -1.07
CA ILE R 29 73.74 -2.58 0.20
C ILE R 29 74.24 -4.01 0.02
N THR R 30 75.43 -4.14 -0.57
CA THR R 30 75.96 -5.42 -0.98
C THR R 30 76.29 -6.31 0.22
N LYS R 31 76.52 -7.59 -0.10
CA LYS R 31 76.90 -8.58 0.90
C LYS R 31 78.18 -8.22 1.67
N PRO R 32 79.33 -7.89 1.04
CA PRO R 32 80.53 -7.61 1.85
C PRO R 32 80.41 -6.38 2.72
N ALA R 33 79.54 -5.44 2.36
CA ALA R 33 79.32 -4.24 3.16
C ALA R 33 78.62 -4.61 4.46
N ILE R 34 77.55 -5.38 4.37
CA ILE R 34 76.84 -5.86 5.55
C ILE R 34 77.78 -6.71 6.40
N ARG R 35 78.61 -7.52 5.74
CA ARG R 35 79.63 -8.29 6.44
C ARG R 35 80.58 -7.39 7.21
N ARG R 36 81.02 -6.29 6.59
CA ARG R 36 81.87 -5.29 7.25
C ARG R 36 81.20 -4.73 8.49
N LEU R 37 79.92 -4.35 8.35
CA LEU R 37 79.15 -3.80 9.46
C LEU R 37 79.09 -4.80 10.61
N ALA R 38 78.91 -6.08 10.28
CA ALA R 38 78.88 -7.12 11.29
C ALA R 38 80.24 -7.28 11.94
N ARG R 39 81.31 -7.12 11.16
CA ARG R 39 82.67 -7.21 11.68
C ARG R 39 82.93 -6.09 12.68
N ARG R 40 82.51 -4.87 12.33
CA ARG R 40 82.66 -3.75 13.25
C ARG R 40 81.76 -3.93 14.46
N GLY R 41 80.66 -4.66 14.29
CA GLY R 41 79.77 -4.94 15.38
C GLY R 41 80.24 -6.08 16.25
N GLY R 42 81.23 -6.84 15.77
CA GLY R 42 81.80 -7.94 16.51
C GLY R 42 81.09 -9.25 16.27
N VAL R 43 80.88 -9.60 15.01
CA VAL R 43 80.20 -10.84 14.63
C VAL R 43 81.18 -11.76 13.93
N LYS R 44 81.30 -12.97 14.46
CA LYS R 44 82.24 -13.95 13.90
C LYS R 44 81.65 -14.67 12.69
N ARG R 45 80.42 -15.18 12.83
CA ARG R 45 79.78 -15.96 11.77
C ARG R 45 78.40 -15.37 11.47
N ILE R 46 78.12 -15.22 10.17
CA ILE R 46 76.90 -14.59 9.67
C ILE R 46 76.10 -15.60 8.86
N SER R 47 74.79 -15.65 9.10
CA SER R 47 73.91 -16.52 8.32
C SER R 47 73.70 -15.94 6.92
N GLY R 48 73.02 -16.71 6.08
CA GLY R 48 72.76 -16.27 4.73
C GLY R 48 71.51 -15.41 4.66
N LEU R 49 70.55 -15.66 5.54
CA LEU R 49 69.30 -14.90 5.57
C LEU R 49 69.43 -13.62 6.38
N ILE R 50 70.64 -13.29 6.80
CA ILE R 50 70.89 -12.06 7.56
C ILE R 50 70.84 -10.86 6.64
N TYR R 51 71.40 -11.00 5.43
CA TYR R 51 71.58 -9.88 4.51
C TYR R 51 70.25 -9.28 4.08
N GLU R 52 69.29 -10.12 3.66
CA GLU R 52 67.99 -9.62 3.24
C GLU R 52 67.25 -8.94 4.40
N GLU R 53 67.33 -9.55 5.58
CA GLU R 53 66.73 -8.99 6.79
C GLU R 53 67.32 -7.61 7.09
N THR R 54 68.64 -7.51 6.99
CA THR R 54 69.35 -6.26 7.22
C THR R 54 68.91 -5.20 6.21
N ARG R 55 68.75 -5.60 4.95
CA ARG R 55 68.26 -4.70 3.92
C ARG R 55 66.87 -4.18 4.27
N GLY R 56 66.03 -5.07 4.77
CA GLY R 56 64.69 -4.67 5.18
C GLY R 56 64.71 -3.67 6.33
N VAL R 57 65.48 -4.00 7.38
CA VAL R 57 65.59 -3.13 8.56
C VAL R 57 66.13 -1.76 8.16
N LEU R 58 67.20 -1.74 7.36
CA LEU R 58 67.76 -0.48 6.89
C LEU R 58 66.76 0.30 6.06
N LYS R 59 65.96 -0.41 5.25
CA LYS R 59 64.92 0.24 4.45
C LYS R 59 63.91 0.94 5.34
N VAL R 60 63.40 0.23 6.36
CA VAL R 60 62.44 0.79 7.30
C VAL R 60 63.02 2.00 8.03
N PHE R 61 64.27 1.85 8.49
CA PHE R 61 64.97 2.92 9.19
C PHE R 61 65.06 4.17 8.33
N LEU R 62 65.67 4.03 7.14
CA LEU R 62 65.83 5.14 6.20
C LEU R 62 64.49 5.75 5.83
N GLU R 63 63.44 4.94 5.70
CA GLU R 63 62.10 5.46 5.43
C GLU R 63 61.64 6.37 6.55
N ASN R 64 61.72 5.88 7.78
CA ASN R 64 61.30 6.63 8.96
C ASN R 64 62.07 7.94 9.10
N VAL R 65 63.37 7.92 8.80
CA VAL R 65 64.16 9.15 8.93
C VAL R 65 63.85 10.13 7.81
N ILE R 66 63.94 9.67 6.56
CA ILE R 66 63.74 10.52 5.39
C ILE R 66 62.34 11.12 5.35
N ARG R 67 61.33 10.40 5.85
CA ARG R 67 59.98 10.93 5.91
C ARG R 67 59.93 12.22 6.72
N ASP R 68 60.43 12.16 7.94
CA ASP R 68 60.45 13.32 8.81
C ASP R 68 61.36 14.41 8.27
N ALA R 69 62.48 14.02 7.65
CA ALA R 69 63.41 14.99 7.08
C ALA R 69 62.72 15.78 5.97
N VAL R 70 62.06 15.09 5.05
CA VAL R 70 61.31 15.71 3.98
C VAL R 70 60.17 16.56 4.52
N THR R 71 59.56 16.13 5.62
CA THR R 71 58.52 16.91 6.28
C THR R 71 59.08 18.25 6.73
N TYR R 72 60.23 18.23 7.40
CA TYR R 72 60.89 19.46 7.84
C TYR R 72 61.25 20.33 6.64
N THR R 73 61.65 19.70 5.54
CA THR R 73 62.01 20.44 4.33
C THR R 73 60.79 21.13 3.74
N GLU R 74 59.64 20.45 3.76
CA GLU R 74 58.41 20.99 3.20
C GLU R 74 57.86 22.12 4.06
N HIS R 75 57.97 22.00 5.37
CA HIS R 75 57.51 23.06 6.24
C HIS R 75 58.32 24.32 6.05
N ALA R 76 59.57 24.19 5.65
CA ALA R 76 60.40 25.34 5.39
C ALA R 76 60.23 25.86 3.98
N LYS R 77 59.34 25.22 3.20
CA LYS R 77 59.04 25.55 1.81
C LYS R 77 60.31 25.54 0.95
N ARG R 78 61.12 24.52 1.13
CA ARG R 78 62.35 24.37 0.37
C ARG R 78 62.29 23.11 -0.47
N LYS R 79 62.98 23.14 -1.59
CA LYS R 79 63.04 21.99 -2.49
C LYS R 79 64.33 21.22 -2.31
N THR R 80 65.17 21.63 -1.37
CA THR R 80 66.44 20.97 -1.12
C THR R 80 66.51 20.50 0.32
N VAL R 81 66.66 19.20 0.51
CA VAL R 81 66.79 18.62 1.86
C VAL R 81 68.15 18.96 2.43
N THR R 82 68.17 19.77 3.48
CA THR R 82 69.42 20.17 4.11
C THR R 82 69.85 19.16 5.15
N ALA R 83 71.08 19.31 5.61
CA ALA R 83 71.62 18.43 6.64
C ALA R 83 70.90 18.66 7.96
N MET R 84 70.52 19.91 8.23
CA MET R 84 69.84 20.24 9.48
C MET R 84 68.48 19.56 9.57
N ASP R 85 67.84 19.31 8.43
CA ASP R 85 66.58 18.57 8.41
C ASP R 85 66.81 17.16 8.91
N VAL R 86 67.88 16.52 8.43
CA VAL R 86 68.25 15.19 8.86
C VAL R 86 68.56 15.18 10.36
N VAL R 87 69.30 16.19 10.82
CA VAL R 87 69.67 16.30 12.23
C VAL R 87 68.43 16.42 13.10
N TYR R 88 67.49 17.27 12.69
CA TYR R 88 66.24 17.45 13.44
C TYR R 88 65.43 16.16 13.46
N ALA R 89 65.37 15.47 12.31
CA ALA R 89 64.64 14.21 12.21
C ALA R 89 65.22 13.17 13.16
N LEU R 90 66.54 13.01 13.13
CA LEU R 90 67.21 12.07 14.02
C LEU R 90 67.02 12.44 15.48
N LYS R 91 67.06 13.74 15.79
CA LYS R 91 66.94 14.18 17.17
C LYS R 91 65.54 13.92 17.72
N ARG R 92 64.52 14.17 16.92
CA ARG R 92 63.15 13.93 17.35
C ARG R 92 62.79 12.45 17.29
N GLN R 93 63.58 11.65 16.58
CA GLN R 93 63.37 10.22 16.54
C GLN R 93 64.05 9.55 17.73
N GLY R 94 64.94 10.28 18.39
CA GLY R 94 65.62 9.81 19.58
C GLY R 94 67.03 9.33 19.35
N ARG R 95 67.69 9.78 18.27
CA ARG R 95 69.07 9.41 17.94
C ARG R 95 69.86 10.65 17.54
N THR R 96 70.21 11.49 18.52
CA THR R 96 70.93 12.74 18.26
C THR R 96 72.27 12.47 17.56
N LEU R 97 72.57 13.28 16.54
CA LEU R 97 73.78 13.15 15.74
C LEU R 97 74.64 14.39 15.84
N TYR R 98 75.87 14.23 16.29
CA TYR R 98 76.84 15.31 16.43
C TYR R 98 77.70 15.43 15.19
N GLY R 99 78.13 16.66 14.90
CA GLY R 99 79.06 16.89 13.81
C GLY R 99 78.45 17.46 12.56
N PHE R 100 77.25 18.02 12.66
CA PHE R 100 76.58 18.62 11.52
C PHE R 100 75.84 19.88 11.88
N GLY R 101 75.57 20.13 13.15
CA GLY R 101 74.89 21.29 13.65
C GLY R 101 73.87 20.88 14.69
N GLY R 102 73.06 21.85 15.11
CA GLY R 102 72.03 21.60 16.10
C GLY R 102 72.51 21.83 17.52
N ALA S 12 26.40 42.36 22.25
CA ALA S 12 26.48 42.16 20.80
C ALA S 12 26.36 40.68 20.44
N LYS S 13 25.72 39.91 21.33
CA LYS S 13 25.41 38.48 21.14
C LYS S 13 26.66 37.65 20.91
N ALA S 14 27.51 37.52 21.94
CA ALA S 14 28.77 36.79 21.82
C ALA S 14 28.55 35.30 21.59
N LYS S 15 29.49 34.68 20.88
CA LYS S 15 29.48 33.26 20.64
C LYS S 15 30.90 32.72 20.83
N THR S 16 30.99 31.43 21.14
CA THR S 16 32.29 30.85 21.43
C THR S 16 33.04 30.53 20.15
N ARG S 17 34.36 30.47 20.27
CA ARG S 17 35.18 30.12 19.12
C ARG S 17 35.08 28.64 18.82
N SER S 18 34.71 27.84 19.82
CA SER S 18 34.55 26.41 19.60
C SER S 18 33.30 26.12 18.78
N SER S 19 32.25 26.92 19.00
CA SER S 19 31.01 26.76 18.26
C SER S 19 31.19 27.17 16.82
N ARG S 20 31.99 28.21 16.58
CA ARG S 20 32.23 28.67 15.22
C ARG S 20 33.08 27.67 14.46
N ALA S 21 33.93 26.94 15.15
CA ALA S 21 34.80 25.96 14.52
C ALA S 21 34.13 24.60 14.44
N GLY S 22 32.95 24.47 15.04
CA GLY S 22 32.21 23.22 15.06
C GLY S 22 32.90 22.16 15.86
N LEU S 23 33.52 22.54 16.97
CA LEU S 23 34.24 21.63 17.85
C LEU S 23 33.61 21.66 19.22
N GLN S 24 34.09 20.76 20.07
CA GLN S 24 33.69 20.66 21.46
C GLN S 24 34.77 21.14 22.41
N PHE S 25 36.02 20.82 22.09
CA PHE S 25 37.16 21.21 22.91
C PHE S 25 37.32 22.73 22.90
N PRO S 26 37.67 23.33 24.05
CA PRO S 26 37.74 24.80 24.16
C PRO S 26 38.86 25.40 23.32
N VAL S 27 38.48 26.24 22.36
CA VAL S 27 39.48 26.89 21.52
C VAL S 27 40.19 28.00 22.29
N GLY S 28 39.41 28.82 23.00
CA GLY S 28 39.96 29.93 23.76
C GLY S 28 40.93 29.48 24.84
N ARG S 29 40.61 28.37 25.51
CA ARG S 29 41.48 27.84 26.55
C ARG S 29 42.81 27.39 25.95
N VAL S 30 42.74 26.66 24.83
CA VAL S 30 43.93 26.20 24.13
C VAL S 30 44.78 27.39 23.70
N HIS S 31 44.12 28.44 23.20
CA HIS S 31 44.81 29.66 22.79
C HIS S 31 45.55 30.30 23.96
N ARG S 32 44.87 30.39 25.11
CA ARG S 32 45.50 30.93 26.31
C ARG S 32 46.72 30.12 26.73
N LEU S 33 46.58 28.78 26.72
CA LEU S 33 47.69 27.92 27.11
C LEU S 33 48.86 28.07 26.16
N LEU S 34 48.59 28.21 24.87
CA LEU S 34 49.66 28.43 23.89
C LEU S 34 50.35 29.76 24.13
N ARG S 35 49.57 30.81 24.43
CA ARG S 35 50.15 32.12 24.68
C ARG S 35 51.00 32.13 25.94
N LYS S 36 50.46 31.64 27.04
CA LYS S 36 51.14 31.67 28.32
C LYS S 36 51.85 30.37 28.62
N GLY S 37 52.24 29.63 27.59
CA GLY S 37 52.93 28.37 27.76
C GLY S 37 54.37 28.42 27.33
N ASN S 38 54.91 29.61 27.06
CA ASN S 38 56.28 29.84 26.60
C ASN S 38 56.62 29.02 25.36
N TYR S 39 55.78 29.14 24.34
CA TYR S 39 56.01 28.41 23.10
C TYR S 39 56.48 29.30 21.97
N ALA S 40 55.98 30.53 21.91
CA ALA S 40 56.38 31.50 20.91
C ALA S 40 55.96 32.87 21.36
N GLU S 41 56.56 33.88 20.74
CA GLU S 41 56.17 35.26 21.02
C GLU S 41 54.74 35.54 20.58
N ARG S 42 54.38 35.09 19.39
CA ARG S 42 53.04 35.27 18.85
C ARG S 42 52.49 33.93 18.40
N VAL S 43 51.17 33.84 18.32
CA VAL S 43 50.54 32.60 17.88
C VAL S 43 49.40 32.92 16.92
N GLY S 44 49.34 32.18 15.82
CA GLY S 44 48.33 32.40 14.80
C GLY S 44 46.92 32.08 15.28
N ALA S 45 45.95 32.54 14.49
CA ALA S 45 44.55 32.34 14.82
C ALA S 45 44.04 30.96 14.42
N GLY S 46 44.78 30.24 13.58
CA GLY S 46 44.37 28.92 13.13
C GLY S 46 44.91 27.84 14.04
N ALA S 47 45.96 28.20 14.76
CA ALA S 47 46.60 27.27 15.68
C ALA S 47 45.65 26.74 16.76
N PRO S 48 44.87 27.57 17.50
CA PRO S 48 44.04 26.97 18.56
C PRO S 48 42.92 26.09 18.02
N VAL S 49 42.26 26.49 16.93
CA VAL S 49 41.19 25.67 16.38
C VAL S 49 41.74 24.36 15.82
N TYR S 50 42.90 24.41 15.15
CA TYR S 50 43.52 23.21 14.60
C TYR S 50 43.91 22.24 15.71
N LEU S 51 44.60 22.76 16.73
CA LEU S 51 45.05 21.94 17.85
C LEU S 51 43.88 21.33 18.60
N ALA S 52 42.85 22.14 18.88
CA ALA S 52 41.64 21.64 19.54
C ALA S 52 40.98 20.54 18.72
N ALA S 53 40.97 20.70 17.39
CA ALA S 53 40.39 19.70 16.50
C ALA S 53 41.14 18.38 16.58
N VAL S 54 42.48 18.44 16.58
CA VAL S 54 43.28 17.22 16.65
C VAL S 54 43.08 16.52 17.98
N LEU S 55 43.10 17.29 19.08
CA LEU S 55 42.89 16.71 20.40
C LEU S 55 41.52 16.06 20.53
N GLU S 56 40.48 16.73 20.03
CA GLU S 56 39.12 16.19 20.08
C GLU S 56 38.99 14.93 19.23
N TYR S 57 39.63 14.92 18.06
CA TYR S 57 39.61 13.73 17.20
C TYR S 57 40.25 12.53 17.90
N LEU S 58 41.46 12.72 18.42
CA LEU S 58 42.18 11.64 19.11
C LEU S 58 41.38 11.12 20.30
N THR S 59 40.77 12.05 21.05
CA THR S 59 39.89 11.73 22.17
C THR S 59 38.78 10.81 21.70
N ALA S 60 38.13 11.17 20.60
CA ALA S 60 37.05 10.37 20.04
C ALA S 60 37.55 8.98 19.65
N GLU S 61 38.69 8.90 18.96
CA GLU S 61 39.22 7.60 18.52
C GLU S 61 39.50 6.67 19.68
N ILE S 62 40.02 7.20 20.78
CA ILE S 62 40.24 6.34 21.93
C ILE S 62 38.92 5.94 22.60
N LEU S 63 38.04 6.93 22.85
CA LEU S 63 36.77 6.66 23.53
C LEU S 63 35.91 5.67 22.76
N GLU S 64 36.03 5.65 21.43
CA GLU S 64 35.24 4.72 20.62
C GLU S 64 35.67 3.29 20.88
N LEU S 65 36.95 2.99 20.67
CA LEU S 65 37.49 1.65 20.90
C LEU S 65 37.35 1.25 22.35
N ALA S 66 37.48 2.22 23.27
CA ALA S 66 37.30 1.96 24.68
C ALA S 66 35.86 1.56 24.97
N GLY S 67 34.90 2.20 24.28
CA GLY S 67 33.51 1.84 24.43
C GLY S 67 33.26 0.44 23.89
N ASN S 68 33.94 0.09 22.82
CA ASN S 68 33.84 -1.26 22.27
C ASN S 68 34.38 -2.28 23.27
N ALA S 69 35.57 -2.04 23.82
CA ALA S 69 36.16 -2.94 24.81
C ALA S 69 35.31 -3.02 26.06
N ALA S 70 34.62 -1.93 26.41
CA ALA S 70 33.72 -1.90 27.55
C ALA S 70 32.49 -2.75 27.28
N ARG S 71 31.99 -2.70 26.06
CA ARG S 71 30.84 -3.48 25.63
C ARG S 71 31.16 -4.96 25.65
N ASP S 72 32.43 -5.28 25.31
CA ASP S 72 32.88 -6.66 25.31
C ASP S 72 32.88 -7.26 26.72
N ASN S 73 33.18 -6.47 27.74
CA ASN S 73 33.19 -6.95 29.11
C ASN S 73 31.87 -6.77 29.81
N LYS S 74 30.79 -6.51 29.04
CA LYS S 74 29.42 -6.36 29.58
C LYS S 74 29.35 -5.27 30.65
N LYS S 75 30.10 -4.19 30.45
CA LYS S 75 30.11 -3.06 31.38
C LYS S 75 29.78 -1.78 30.64
N THR S 76 28.91 -0.96 31.26
CA THR S 76 28.48 0.29 30.66
C THR S 76 29.24 1.50 31.21
N ARG S 77 30.39 1.27 31.82
CA ARG S 77 31.24 2.36 32.29
C ARG S 77 32.68 2.04 31.91
N ILE S 78 33.30 2.92 31.14
CA ILE S 78 34.66 2.69 30.66
C ILE S 78 35.63 2.82 31.83
N ILE S 79 36.39 1.77 32.07
CA ILE S 79 37.40 1.73 33.13
C ILE S 79 38.79 1.76 32.50
N PRO S 80 39.87 2.09 33.27
CA PRO S 80 41.24 2.06 32.72
C PRO S 80 41.63 0.82 31.95
N ARG S 81 41.11 -0.35 32.35
CA ARG S 81 41.36 -1.61 31.66
C ARG S 81 40.88 -1.53 30.21
N HIS S 82 39.71 -0.92 29.99
CA HIS S 82 39.18 -0.79 28.64
C HIS S 82 40.04 0.14 27.81
N LEU S 83 40.54 1.22 28.42
CA LEU S 83 41.45 2.14 27.73
C LEU S 83 42.73 1.41 27.33
N GLN S 84 43.28 0.61 28.23
CA GLN S 84 44.50 -0.14 27.95
C GLN S 84 44.28 -1.12 26.81
N LEU S 85 43.18 -1.86 26.86
CA LEU S 85 42.84 -2.80 25.78
C LEU S 85 42.64 -2.08 24.45
N ALA S 86 42.13 -0.85 24.50
CA ALA S 86 41.90 -0.06 23.30
C ALA S 86 43.21 0.41 22.69
N ILE S 87 44.14 0.85 23.53
CA ILE S 87 45.38 1.43 23.02
C ILE S 87 46.34 0.34 22.59
N ARG S 88 46.49 -0.72 23.37
CA ARG S 88 47.50 -1.72 23.07
C ARG S 88 47.12 -2.58 21.86
N ASN S 89 45.86 -2.54 21.42
CA ASN S 89 45.51 -3.26 20.20
C ASN S 89 45.69 -2.40 18.96
N ASP S 90 45.39 -1.11 19.04
CA ASP S 90 45.59 -0.18 17.92
C ASP S 90 47.09 0.14 17.82
N GLU S 91 47.73 -0.40 16.78
CA GLU S 91 49.17 -0.29 16.58
C GLU S 91 49.63 1.16 16.59
N GLU S 92 48.89 2.04 15.90
CA GLU S 92 49.27 3.45 15.82
C GLU S 92 49.13 4.10 17.19
N LEU S 93 48.00 3.87 17.85
CA LEU S 93 47.79 4.40 19.19
C LEU S 93 48.82 3.84 20.17
N ASN S 94 49.22 2.58 19.96
CA ASN S 94 50.23 1.96 20.81
C ASN S 94 51.57 2.64 20.61
N LYS S 95 51.93 2.90 19.36
CA LYS S 95 53.18 3.61 19.06
C LYS S 95 53.14 5.02 19.66
N LEU S 96 51.95 5.65 19.62
CA LEU S 96 51.79 6.97 20.20
C LEU S 96 52.01 6.95 21.70
N LEU S 97 51.54 5.91 22.37
CA LEU S 97 51.68 5.79 23.81
C LEU S 97 52.60 4.64 24.19
N GLY S 98 53.71 4.51 23.48
CA GLY S 98 54.65 3.44 23.75
C GLY S 98 55.42 3.63 25.04
N LYS S 99 55.77 4.87 25.35
CA LYS S 99 56.50 5.18 26.57
C LYS S 99 55.56 5.69 27.66
N VAL S 100 54.28 5.36 27.56
CA VAL S 100 53.25 5.78 28.50
C VAL S 100 52.71 4.56 29.23
N THR S 101 52.68 4.63 30.56
CA THR S 101 52.14 3.59 31.41
C THR S 101 50.76 3.98 31.91
N ILE S 102 49.75 3.20 31.55
CA ILE S 102 48.39 3.46 31.99
C ILE S 102 48.13 2.79 33.33
N ALA S 103 47.80 3.60 34.33
CA ALA S 103 47.59 3.10 35.68
C ALA S 103 46.35 2.23 35.73
N GLN S 104 46.44 1.11 36.46
CA GLN S 104 45.35 0.14 36.65
C GLN S 104 44.78 -0.38 35.33
N GLY S 105 45.64 -0.49 34.33
CA GLY S 105 45.22 -0.95 33.02
C GLY S 105 45.59 -2.39 32.74
N GLY S 106 46.51 -2.93 33.53
CA GLY S 106 46.97 -4.29 33.36
C GLY S 106 47.69 -4.45 32.04
N VAL S 107 47.80 -5.70 31.60
CA VAL S 107 48.45 -6.03 30.34
C VAL S 107 47.50 -6.83 29.44
N LEU S 108 47.91 -6.95 28.18
CA LEU S 108 47.16 -7.75 27.22
C LEU S 108 47.28 -9.23 27.53
N PRO S 109 46.18 -9.98 27.51
CA PRO S 109 46.25 -11.43 27.70
C PRO S 109 47.00 -12.08 26.54
N ASN S 110 48.27 -12.42 26.74
CA ASN S 110 49.08 -12.99 25.67
C ASN S 110 49.99 -14.07 26.23
N ILE S 111 49.76 -15.31 25.84
CA ILE S 111 50.57 -16.44 26.26
C ILE S 111 51.27 -17.02 25.04
N GLN S 112 52.58 -17.23 25.16
CA GLN S 112 53.39 -17.78 24.08
C GLN S 112 52.98 -19.21 23.75
N ALA S 113 53.23 -19.60 22.49
CA ALA S 113 52.83 -20.93 22.02
C ALA S 113 53.66 -22.04 22.66
N VAL S 114 54.91 -21.74 23.03
CA VAL S 114 55.79 -22.76 23.60
C VAL S 114 55.31 -23.17 24.99
N LEU S 115 54.74 -22.23 25.74
CA LEU S 115 54.28 -22.51 27.09
C LEU S 115 52.96 -23.25 27.11
N LEU S 116 52.31 -23.39 25.96
CA LEU S 116 51.03 -24.09 25.88
C LEU S 116 51.22 -25.59 26.14
N PRO S 117 50.20 -26.26 26.70
CA PRO S 117 50.30 -27.70 26.99
C PRO S 117 50.60 -28.54 25.77
N LYS S 118 51.36 -29.61 25.99
CA LYS S 118 51.73 -30.53 24.92
C LYS S 118 50.55 -31.37 24.47
N ARG T 31 38.60 29.48 47.07
CA ARG T 31 38.48 28.05 46.81
C ARG T 31 39.50 27.59 45.78
N SER T 32 39.99 28.52 44.95
CA SER T 32 40.98 28.29 43.90
C SER T 32 40.58 27.17 42.94
N ARG T 33 39.73 27.49 41.96
CA ARG T 33 39.26 26.49 41.02
C ARG T 33 40.37 25.97 40.11
N LYS T 34 40.44 24.66 39.96
CA LYS T 34 41.39 23.99 39.08
C LYS T 34 40.70 23.48 37.82
N GLU T 35 41.13 23.97 36.66
CA GLU T 35 40.54 23.62 35.38
C GLU T 35 40.87 22.18 34.99
N SER T 36 40.03 21.62 34.12
CA SER T 36 40.22 20.26 33.63
C SER T 36 39.47 20.09 32.32
N TYR T 37 39.79 19.01 31.61
CA TYR T 37 39.16 18.71 30.34
C TYR T 37 37.99 17.74 30.50
N SER T 38 37.46 17.63 31.72
CA SER T 38 36.44 16.63 32.06
C SER T 38 35.16 16.78 31.24
N VAL T 39 34.59 17.98 31.23
CA VAL T 39 33.31 18.22 30.55
C VAL T 39 33.45 17.99 29.04
N TYR T 40 34.63 18.28 28.50
CA TYR T 40 34.84 18.15 27.07
C TYR T 40 34.92 16.69 26.65
N VAL T 41 35.75 15.90 27.32
CA VAL T 41 35.85 14.47 27.02
C VAL T 41 34.53 13.78 27.33
N TYR T 42 33.76 14.33 28.28
CA TYR T 42 32.43 13.80 28.56
C TYR T 42 31.51 14.03 27.37
N LYS T 43 31.51 15.25 26.82
CA LYS T 43 30.71 15.56 25.64
C LYS T 43 31.07 14.67 24.47
N VAL T 44 32.37 14.49 24.23
CA VAL T 44 32.85 13.59 23.17
C VAL T 44 32.35 12.18 23.41
N LEU T 45 32.38 11.73 24.66
CA LEU T 45 31.90 10.40 25.04
C LEU T 45 30.44 10.25 24.71
N LYS T 46 29.64 11.29 25.00
CA LYS T 46 28.22 11.25 24.69
C LYS T 46 27.98 11.26 23.19
N GLN T 47 28.90 11.87 22.43
CA GLN T 47 28.75 11.90 20.99
C GLN T 47 29.03 10.54 20.35
N VAL T 48 30.09 9.88 20.78
CA VAL T 48 30.47 8.62 20.15
C VAL T 48 29.76 7.43 20.78
N HIS T 49 29.46 7.48 22.08
CA HIS T 49 28.78 6.38 22.77
C HIS T 49 27.79 6.95 23.76
N PRO T 50 26.57 7.22 23.31
CA PRO T 50 25.55 7.85 24.18
C PRO T 50 25.14 7.02 25.39
N ASP T 51 25.29 5.70 25.32
CA ASP T 51 24.84 4.80 26.38
C ASP T 51 25.99 4.12 27.13
N THR T 52 27.12 4.77 27.25
CA THR T 52 28.23 4.25 28.04
C THR T 52 28.66 5.30 29.05
N GLY T 53 29.33 4.84 30.12
CA GLY T 53 29.79 5.71 31.18
C GLY T 53 31.30 5.82 31.20
N ILE T 54 31.80 6.44 32.27
CA ILE T 54 33.22 6.65 32.43
C ILE T 54 33.57 6.75 33.91
N SER T 55 34.64 6.08 34.30
CA SER T 55 35.10 6.08 35.68
C SER T 55 36.01 7.28 35.93
N SER T 56 36.13 7.63 37.21
CA SER T 56 36.95 8.78 37.63
C SER T 56 38.42 8.57 37.27
N LYS T 57 38.91 7.35 37.47
CA LYS T 57 40.28 7.02 37.15
C LYS T 57 40.55 7.18 35.67
N ALA T 58 39.70 6.59 34.84
CA ALA T 58 39.82 6.69 33.39
C ALA T 58 39.64 8.13 32.93
N MET T 59 38.84 8.91 33.66
CA MET T 59 38.68 10.33 33.37
C MET T 59 40.01 11.05 33.54
N GLY T 60 40.66 10.84 34.68
CA GLY T 60 41.96 11.45 34.93
C GLY T 60 43.00 11.00 33.92
N ILE T 61 42.90 9.73 33.49
CA ILE T 61 43.81 9.18 32.49
C ILE T 61 43.63 9.90 31.16
N MET T 62 42.38 10.06 30.73
CA MET T 62 42.10 10.79 29.50
C MET T 62 42.58 12.23 29.59
N ASN T 63 42.38 12.86 30.75
CA ASN T 63 42.83 14.23 30.96
C ASN T 63 44.35 14.34 30.80
N SER T 64 45.08 13.44 31.46
CA SER T 64 46.54 13.40 31.35
C SER T 64 46.99 13.12 29.93
N PHE T 65 46.22 12.31 29.21
CA PHE T 65 46.50 12.00 27.82
C PHE T 65 46.43 13.26 26.96
N VAL T 66 45.30 13.97 27.04
CA VAL T 66 45.11 15.19 26.26
C VAL T 66 46.18 16.22 26.60
N ASN T 67 46.50 16.33 27.89
CA ASN T 67 47.57 17.23 28.33
C ASN T 67 48.91 16.87 27.70
N ASP T 68 49.25 15.58 27.72
CA ASP T 68 50.52 15.13 27.18
C ASP T 68 50.62 15.45 25.69
N ILE T 69 49.60 15.10 24.91
CA ILE T 69 49.62 15.37 23.46
C ILE T 69 49.68 16.86 23.18
N PHE T 70 48.97 17.65 23.98
CA PHE T 70 49.02 19.11 23.85
C PHE T 70 50.46 19.57 24.00
N GLU T 71 51.13 19.15 25.08
CA GLU T 71 52.51 19.56 25.31
C GLU T 71 53.42 19.09 24.17
N ARG T 72 53.17 17.89 23.65
CA ARG T 72 53.97 17.35 22.55
C ARG T 72 53.84 18.18 21.29
N ILE T 73 52.60 18.35 20.80
CA ILE T 73 52.37 19.08 19.55
C ILE T 73 52.82 20.53 19.68
N ALA T 74 52.48 21.18 20.81
CA ALA T 74 52.87 22.57 21.01
C ALA T 74 54.39 22.71 21.08
N GLY T 75 55.06 21.74 21.71
CA GLY T 75 56.51 21.76 21.78
C GLY T 75 57.14 21.65 20.42
N GLU T 76 56.72 20.64 19.65
CA GLU T 76 57.24 20.42 18.32
C GLU T 76 56.94 21.59 17.41
N ALA T 77 55.79 22.24 17.60
CA ALA T 77 55.44 23.40 16.81
C ALA T 77 56.34 24.57 17.18
N SER T 78 56.66 24.69 18.47
CA SER T 78 57.56 25.73 18.94
C SER T 78 58.94 25.54 18.32
N ARG T 79 59.46 24.31 18.36
CA ARG T 79 60.74 24.03 17.74
C ARG T 79 60.72 24.30 16.25
N LEU T 80 59.59 24.02 15.60
CA LEU T 80 59.46 24.32 14.17
C LEU T 80 59.55 25.81 13.91
N ALA T 81 58.88 26.60 14.73
CA ALA T 81 58.91 28.05 14.58
C ALA T 81 60.32 28.58 14.83
N HIS T 82 61.02 27.98 15.78
CA HIS T 82 62.35 28.45 16.12
C HIS T 82 63.33 28.06 15.03
N TYR T 83 63.12 26.93 14.39
CA TYR T 83 64.03 26.46 13.35
C TYR T 83 64.02 27.38 12.14
N ASN T 84 62.88 27.97 11.80
CA ASN T 84 62.78 28.79 10.60
C ASN T 84 62.82 30.27 10.88
N LYS T 85 63.37 30.66 12.04
CA LYS T 85 63.49 32.05 12.48
C LYS T 85 62.15 32.79 12.48
N ARG T 86 61.10 32.10 12.89
CA ARG T 86 59.77 32.68 12.95
C ARG T 86 59.34 32.81 14.40
N SER T 87 58.60 33.88 14.69
CA SER T 87 58.13 34.13 16.04
C SER T 87 56.62 33.96 16.16
N THR T 88 56.02 33.20 15.26
CA THR T 88 54.58 33.01 15.27
C THR T 88 54.23 31.57 14.91
N ILE T 89 53.45 30.92 15.76
CA ILE T 89 52.97 29.57 15.50
C ILE T 89 51.59 29.66 14.87
N THR T 90 51.52 29.41 13.57
CA THR T 90 50.28 29.42 12.83
C THR T 90 49.77 27.99 12.71
N SER T 91 48.69 27.81 11.95
CA SER T 91 48.13 26.47 11.75
C SER T 91 49.05 25.55 10.97
N ARG T 92 49.97 26.13 10.21
CA ARG T 92 50.91 25.34 9.41
C ARG T 92 51.88 24.58 10.29
N GLU T 93 52.42 25.25 11.30
CA GLU T 93 53.33 24.62 12.25
C GLU T 93 52.63 23.49 12.99
N ILE T 94 51.38 23.70 13.37
CA ILE T 94 50.60 22.66 14.06
C ILE T 94 50.41 21.47 13.15
N GLN T 95 50.06 21.72 11.88
CA GLN T 95 49.86 20.63 10.94
C GLN T 95 51.12 19.81 10.72
N THR T 96 52.25 20.49 10.52
CA THR T 96 53.52 19.77 10.34
C THR T 96 53.88 18.97 11.59
N ALA T 97 53.63 19.55 12.76
CA ALA T 97 53.89 18.86 14.01
C ALA T 97 53.05 17.59 14.12
N VAL T 98 51.78 17.66 13.71
CA VAL T 98 50.91 16.50 13.74
C VAL T 98 51.38 15.46 12.75
N ARG T 99 51.85 15.90 11.58
CA ARG T 99 52.41 14.98 10.60
C ARG T 99 53.65 14.28 11.13
N LEU T 100 54.40 14.94 12.00
CA LEU T 100 55.60 14.34 12.55
C LEU T 100 55.31 13.41 13.71
N LEU T 101 54.32 13.74 14.54
CA LEU T 101 54.07 12.97 15.76
C LEU T 101 53.16 11.78 15.54
N LEU T 102 51.95 12.01 15.07
CA LEU T 102 51.00 10.93 14.90
C LEU T 102 51.39 10.05 13.71
N PRO T 103 51.29 8.75 13.86
CA PRO T 103 51.68 7.81 12.80
C PRO T 103 50.57 7.39 11.86
N GLY T 104 50.88 7.43 10.56
CA GLY T 104 50.03 6.89 9.50
C GLY T 104 48.63 7.47 9.40
N GLU T 105 47.63 6.58 9.35
CA GLU T 105 46.24 6.97 9.13
C GLU T 105 45.70 7.87 10.24
N LEU T 106 46.21 7.71 11.46
CA LEU T 106 45.81 8.56 12.57
C LEU T 106 46.14 10.00 12.24
N ALA T 107 47.35 10.22 11.74
CA ALA T 107 47.78 11.55 11.32
C ALA T 107 46.93 12.08 10.17
N LYS T 108 46.59 11.20 9.21
CA LYS T 108 45.77 11.60 8.06
C LYS T 108 44.42 12.14 8.51
N HIS T 109 43.71 11.36 9.32
CA HIS T 109 42.39 11.78 9.81
C HIS T 109 42.52 13.01 10.69
N ALA T 110 43.62 13.10 11.44
CA ALA T 110 43.85 14.26 12.29
C ALA T 110 43.96 15.52 11.45
N VAL T 111 44.80 15.48 10.42
CA VAL T 111 44.95 16.61 9.51
C VAL T 111 43.63 16.93 8.82
N SER T 112 42.86 15.89 8.49
CA SER T 112 41.55 16.08 7.88
C SER T 112 40.60 16.87 8.79
N GLU T 113 40.44 16.39 10.03
CA GLU T 113 39.57 17.05 11.01
C GLU T 113 40.03 18.45 11.31
N GLY T 114 41.35 18.64 11.40
CA GLY T 114 41.91 19.95 11.67
C GLY T 114 41.61 20.93 10.55
N THR T 115 41.82 20.50 9.31
CA THR T 115 41.55 21.34 8.15
C THR T 115 40.08 21.70 8.07
N LYS T 116 39.21 20.71 8.31
CA LYS T 116 37.76 20.96 8.32
C LYS T 116 37.40 22.01 9.36
N ALA T 117 37.95 21.87 10.56
CA ALA T 117 37.64 22.79 11.65
C ALA T 117 38.13 24.19 11.37
N VAL T 118 39.36 24.33 10.88
CA VAL T 118 39.91 25.66 10.63
C VAL T 118 39.23 26.29 9.43
N THR T 119 38.74 25.48 8.48
CA THR T 119 38.02 26.02 7.34
C THR T 119 36.64 26.52 7.77
N LYS T 120 35.92 25.70 8.54
CA LYS T 120 34.61 26.07 9.04
C LYS T 120 34.71 27.28 9.95
N TYR T 121 35.81 27.40 10.71
CA TYR T 121 36.01 28.57 11.55
C TYR T 121 36.31 29.79 10.71
N THR T 122 37.06 29.60 9.63
CA THR T 122 37.40 30.72 8.74
C THR T 122 36.15 31.27 8.08
N SER T 123 35.27 30.39 7.61
CA SER T 123 34.03 30.79 6.97
C SER T 123 33.10 31.52 7.94
N SER T 124 32.65 30.82 8.98
CA SER T 124 31.76 31.40 9.98
C SER T 124 32.55 32.36 10.86
N LYS T 125 32.42 33.66 10.59
CA LYS T 125 33.13 34.66 11.37
C LYS T 125 32.49 34.83 12.75
#